data_1ORW
#
_entry.id   1ORW
#
_cell.length_a   61.970
_cell.length_b   117.710
_cell.length_c   133.560
_cell.angle_alpha   112.65
_cell.angle_beta   94.81
_cell.angle_gamma   91.17
#
_symmetry.space_group_name_H-M   'P 1'
#
loop_
_entity.id
_entity.type
_entity.pdbx_description
1 polymer 'dipeptidyl peptidase IV'
2 branched 2-acetamido-2-deoxy-beta-D-glucopyranose-(1-4)-2-acetamido-2-deoxy-beta-D-glucopyranose
3 branched beta-D-mannopyranose-(1-4)-2-acetamido-2-deoxy-beta-D-glucopyranose-(1-4)-2-acetamido-2-deoxy-beta-D-glucopyranose
4 non-polymer 2-acetamido-2-deoxy-beta-D-glucopyranose
5 non-polymer 'SULFATE ION'
6 non-polymer IODO-PHENYLALANINE
7 non-polymer (2S)-PYRROLIDIN-2-YLMETHYLAMINE
8 water water
#
_entity_poly.entity_id   1
_entity_poly.type   'polypeptide(L)'
_entity_poly.pdbx_seq_one_letter_code
;SRRTYTLTDYLKSTFRVKFYTLQWISDHEYLYKQENNILLFNAEYGNSSIFLENSTFDELGYSTNDYSVSPDRQFILFEY
NYVKQWRHSYTASYDIYDLNKRQLITEERIPNNTQWITWSPVGHKLAYVWNNDIYVKNEPNLSSQRITWTGKENVIYNGV
TDWVYEEEVFSAYSALWWSPNGTFLAYAQFNDTEVPLIEYSFYSDESLQYPKTVRIPYPKAGAENPTVKFFVVDTRTLSP
NASVTSYQIVPPASVLIGDHYLCGVTWVTEERISLQWIRRAQNYSIIDICDYDESTGRWISSVARQHIEISTTGWVGRFR
PAEPHFTSDGNSFYKIISNEEGYKHICHFQTDKSNCTFITKGAWEVIGIEALTSDYLYYISNEHKGMPGGRNLYRIQLND
YTKVTCLSCELNPERCQYYSASFSNKAKYYQLRCFGPGLPLYTLHSSSSDKELRVLEDNSALDKMLQDVQMPSKKLDVIN
LHGTKFWYQMILPPHFDKSKKYPLLIEVYAGPCSQKVDTVFRLSWATYLASTENIIVASFDGRGSGYQGDKIMHAINRRL
GTFEVEDQIEATRQFSKMGFVDDKRIAIWGWSYGGYVTSMVLGAGSGVFKCGIAVAPVSKWEYYDSVYTERYMGLPTPED
NLDYYRNSTVMSRAENFKQVEYLLIHGTADDNVHFQQSAQLSKALVDAGVDFQTMWYTDEDHGIASNMAHQHIYTHMSHF
LKQCFSLP
;
_entity_poly.pdbx_strand_id   A,B,C,D
#
# COMPACT_ATOMS: atom_id res chain seq x y z
N SER A 1 -47.08 -62.00 -7.74
CA SER A 1 -46.64 -60.94 -8.69
C SER A 1 -47.84 -60.26 -9.32
N ARG A 2 -47.84 -58.94 -9.24
CA ARG A 2 -48.88 -58.06 -9.77
C ARG A 2 -48.39 -56.74 -9.23
N ARG A 3 -47.10 -56.74 -8.93
CA ARG A 3 -46.36 -55.64 -8.37
C ARG A 3 -45.22 -55.33 -9.35
N THR A 4 -45.02 -54.05 -9.64
CA THR A 4 -43.96 -53.67 -10.57
C THR A 4 -42.89 -52.83 -9.88
N TYR A 5 -41.84 -52.51 -10.61
CA TYR A 5 -40.77 -51.69 -10.06
C TYR A 5 -41.25 -50.26 -10.08
N THR A 6 -41.50 -49.69 -8.90
CA THR A 6 -42.01 -48.34 -8.83
C THR A 6 -40.93 -47.25 -8.74
N LEU A 7 -41.36 -46.00 -8.84
CA LEU A 7 -40.45 -44.87 -8.76
C LEU A 7 -39.96 -44.76 -7.34
N THR A 8 -40.79 -45.20 -6.41
CA THR A 8 -40.45 -45.17 -4.99
C THR A 8 -39.38 -46.22 -4.70
N ASP A 9 -39.52 -47.39 -5.31
CA ASP A 9 -38.52 -48.45 -5.13
C ASP A 9 -37.19 -47.93 -5.64
N TYR A 10 -37.23 -47.20 -6.76
CA TYR A 10 -36.01 -46.65 -7.32
C TYR A 10 -35.44 -45.53 -6.44
N LEU A 11 -36.26 -44.53 -6.15
CA LEU A 11 -35.82 -43.40 -5.34
C LEU A 11 -35.38 -43.77 -3.93
N LYS A 12 -35.93 -44.84 -3.37
CA LYS A 12 -35.57 -45.24 -2.01
C LYS A 12 -34.63 -46.43 -2.02
N SER A 13 -34.46 -47.04 -3.18
CA SER A 13 -33.58 -48.20 -3.26
C SER A 13 -34.10 -49.27 -2.33
N THR A 14 -35.39 -49.57 -2.46
CA THR A 14 -36.02 -50.59 -1.65
C THR A 14 -35.35 -51.93 -1.95
N PHE A 15 -34.89 -52.08 -3.18
CA PHE A 15 -34.20 -53.30 -3.63
C PHE A 15 -32.72 -52.96 -3.63
N ARG A 16 -31.99 -53.61 -2.73
CA ARG A 16 -30.55 -53.36 -2.55
C ARG A 16 -29.64 -54.23 -3.39
N VAL A 17 -28.65 -53.63 -4.02
CA VAL A 17 -27.67 -54.37 -4.81
C VAL A 17 -26.41 -54.42 -3.96
N LYS A 18 -26.13 -55.57 -3.36
CA LYS A 18 -24.96 -55.73 -2.51
C LYS A 18 -23.67 -55.86 -3.32
N PHE A 19 -22.57 -55.44 -2.72
CA PHE A 19 -21.27 -55.53 -3.36
C PHE A 19 -20.26 -56.00 -2.31
N TYR A 20 -18.99 -56.06 -2.66
CA TYR A 20 -17.96 -56.52 -1.74
C TYR A 20 -16.63 -55.81 -1.97
N THR A 21 -16.34 -54.84 -1.12
CA THR A 21 -15.12 -54.07 -1.26
C THR A 21 -14.02 -54.57 -0.33
N LEU A 22 -12.80 -54.61 -0.84
CA LEU A 22 -11.72 -55.07 -0.03
C LEU A 22 -10.43 -54.34 -0.37
N GLN A 23 -9.44 -54.50 0.49
CA GLN A 23 -8.14 -53.88 0.27
C GLN A 23 -7.08 -54.95 0.41
N TRP A 24 -6.29 -55.11 -0.64
CA TRP A 24 -5.21 -56.09 -0.56
C TRP A 24 -4.13 -55.37 0.23
N ILE A 25 -3.43 -56.09 1.10
CA ILE A 25 -2.38 -55.49 1.88
C ILE A 25 -1.11 -56.31 1.77
N SER A 26 -1.21 -57.42 1.06
CA SER A 26 -0.07 -58.31 0.82
C SER A 26 -0.38 -59.06 -0.47
N ASP A 27 0.36 -60.12 -0.76
CA ASP A 27 0.05 -60.83 -1.97
C ASP A 27 -0.91 -61.96 -1.67
N HIS A 28 -1.41 -62.02 -0.44
CA HIS A 28 -2.35 -63.08 -0.08
C HIS A 28 -3.31 -62.69 1.06
N GLU A 29 -3.31 -61.43 1.42
CA GLU A 29 -4.18 -60.97 2.49
C GLU A 29 -4.90 -59.68 2.12
N TYR A 30 -6.18 -59.60 2.50
CA TYR A 30 -6.98 -58.40 2.25
C TYR A 30 -7.81 -58.04 3.47
N LEU A 31 -8.07 -56.74 3.62
CA LEU A 31 -8.87 -56.24 4.74
C LEU A 31 -10.30 -56.05 4.23
N TYR A 32 -11.26 -56.44 5.05
CA TYR A 32 -12.67 -56.30 4.70
C TYR A 32 -13.48 -55.89 5.91
N LYS A 33 -14.34 -54.89 5.73
CA LYS A 33 -15.16 -54.43 6.81
C LYS A 33 -16.43 -55.25 6.85
N GLN A 34 -16.67 -55.92 7.97
CA GLN A 34 -17.89 -56.72 8.10
C GLN A 34 -18.59 -56.38 9.40
N GLU A 35 -19.75 -55.76 9.28
CA GLU A 35 -20.54 -55.37 10.44
C GLU A 35 -19.76 -54.37 11.28
N ASN A 36 -19.12 -53.45 10.56
CA ASN A 36 -18.34 -52.37 11.14
C ASN A 36 -16.89 -52.69 11.52
N ASN A 37 -16.54 -53.96 11.67
CA ASN A 37 -15.17 -54.28 12.04
C ASN A 37 -14.32 -54.80 10.89
N ILE A 38 -13.07 -54.36 10.85
CA ILE A 38 -12.16 -54.76 9.80
C ILE A 38 -11.57 -56.14 10.08
N LEU A 39 -11.79 -57.06 9.14
CA LEU A 39 -11.28 -58.42 9.25
C LEU A 39 -10.14 -58.61 8.26
N LEU A 40 -9.25 -59.53 8.58
CA LEU A 40 -8.11 -59.83 7.72
C LEU A 40 -8.31 -61.18 7.07
N PHE A 41 -9.05 -61.20 5.97
CA PHE A 41 -9.33 -62.43 5.27
C PHE A 41 -8.09 -62.90 4.56
N ASN A 42 -7.91 -64.20 4.51
CA ASN A 42 -6.76 -64.80 3.83
C ASN A 42 -7.31 -65.47 2.57
N ALA A 43 -6.94 -64.92 1.41
CA ALA A 43 -7.39 -65.46 0.14
C ALA A 43 -7.24 -66.96 0.14
N GLU A 44 -5.99 -67.42 0.18
CA GLU A 44 -5.66 -68.84 0.18
C GLU A 44 -6.74 -69.72 0.83
N TYR A 45 -6.79 -69.69 2.16
CA TYR A 45 -7.73 -70.52 2.93
C TYR A 45 -9.10 -69.89 3.15
N GLY A 46 -9.09 -68.60 3.47
CA GLY A 46 -10.34 -67.91 3.71
C GLY A 46 -10.58 -67.80 5.19
N ASN A 47 -9.61 -68.27 5.98
CA ASN A 47 -9.75 -68.19 7.42
C ASN A 47 -9.62 -66.70 7.75
N SER A 48 -10.64 -66.15 8.40
CA SER A 48 -10.63 -64.73 8.76
C SER A 48 -10.43 -64.50 10.24
N SER A 49 -9.60 -63.50 10.55
CA SER A 49 -9.31 -63.11 11.91
C SER A 49 -9.63 -61.64 12.02
N ILE A 50 -9.88 -61.16 13.23
CA ILE A 50 -10.20 -59.75 13.40
C ILE A 50 -8.92 -58.94 13.47
N PHE A 51 -8.86 -57.90 12.64
CA PHE A 51 -7.71 -57.00 12.58
C PHE A 51 -8.03 -55.77 13.41
N LEU A 52 -9.31 -55.38 13.43
CA LEU A 52 -9.77 -54.24 14.22
C LEU A 52 -11.26 -54.37 14.46
N GLU A 53 -11.63 -54.61 15.72
CA GLU A 53 -13.03 -54.79 16.12
C GLU A 53 -13.94 -53.59 15.89
N ASN A 54 -15.23 -53.88 15.71
CA ASN A 54 -16.21 -52.82 15.53
C ASN A 54 -16.27 -52.21 16.92
N SER A 55 -17.24 -51.33 17.16
CA SER A 55 -17.39 -50.68 18.46
C SER A 55 -16.16 -49.84 18.79
N THR A 56 -15.00 -50.20 18.24
CA THR A 56 -13.77 -49.41 18.46
C THR A 56 -14.07 -48.12 17.73
N PHE A 57 -15.26 -48.08 17.15
CA PHE A 57 -15.77 -46.93 16.43
C PHE A 57 -16.55 -46.11 17.45
N ASP A 58 -15.83 -45.23 18.15
CA ASP A 58 -16.40 -44.33 19.17
C ASP A 58 -16.90 -43.06 18.48
N GLU A 59 -17.73 -43.25 17.45
CA GLU A 59 -18.29 -42.15 16.67
C GLU A 59 -17.54 -40.83 16.88
N LEU A 60 -16.24 -40.86 16.65
CA LEU A 60 -15.39 -39.69 16.79
C LEU A 60 -15.94 -38.53 15.97
N GLY A 61 -16.53 -37.56 16.65
CA GLY A 61 -17.10 -36.42 15.95
C GLY A 61 -18.38 -36.82 15.24
N TYR A 62 -18.23 -37.52 14.13
CA TYR A 62 -19.37 -37.97 13.35
C TYR A 62 -19.33 -39.48 13.13
N SER A 63 -19.10 -39.89 11.90
CA SER A 63 -19.04 -41.30 11.54
C SER A 63 -17.88 -41.58 10.57
N THR A 64 -16.99 -42.50 10.96
CA THR A 64 -15.82 -42.85 10.15
C THR A 64 -16.21 -43.35 8.75
N ASN A 65 -16.11 -42.46 7.77
CA ASN A 65 -16.45 -42.83 6.39
C ASN A 65 -15.34 -43.51 5.59
N ASP A 66 -14.28 -43.97 6.27
CA ASP A 66 -13.17 -44.68 5.62
C ASP A 66 -11.91 -44.85 6.48
N TYR A 67 -11.16 -45.91 6.20
CA TYR A 67 -9.94 -46.22 6.94
C TYR A 67 -8.78 -46.59 6.01
N SER A 68 -7.56 -46.35 6.48
CA SER A 68 -6.37 -46.66 5.69
C SER A 68 -5.28 -47.19 6.62
N VAL A 69 -4.92 -48.46 6.46
CA VAL A 69 -3.88 -49.09 7.30
C VAL A 69 -2.49 -48.94 6.68
N SER A 70 -1.55 -48.41 7.46
CA SER A 70 -0.17 -48.21 7.02
C SER A 70 0.45 -49.52 6.52
N PRO A 71 1.19 -49.46 5.39
CA PRO A 71 1.80 -50.69 4.86
C PRO A 71 2.47 -51.62 5.88
N ASP A 72 3.17 -51.06 6.87
CA ASP A 72 3.83 -51.91 7.87
C ASP A 72 2.87 -52.46 8.92
N ARG A 73 1.58 -52.15 8.77
CA ARG A 73 0.52 -52.62 9.66
C ARG A 73 0.56 -52.13 11.10
N GLN A 74 1.35 -51.12 11.38
CA GLN A 74 1.47 -50.59 12.72
C GLN A 74 0.43 -49.53 13.10
N PHE A 75 -0.05 -48.78 12.11
CA PHE A 75 -1.02 -47.73 12.38
C PHE A 75 -2.22 -47.85 11.47
N ILE A 76 -3.23 -47.03 11.71
CA ILE A 76 -4.41 -47.02 10.87
C ILE A 76 -5.04 -45.64 10.84
N LEU A 77 -5.39 -45.20 9.64
CA LEU A 77 -6.01 -43.90 9.46
C LEU A 77 -7.52 -44.02 9.53
N PHE A 78 -8.14 -43.11 10.27
CA PHE A 78 -9.59 -43.07 10.39
C PHE A 78 -10.03 -41.77 9.75
N GLU A 79 -10.77 -41.87 8.65
CA GLU A 79 -11.25 -40.69 7.97
C GLU A 79 -12.66 -40.38 8.41
N TYR A 80 -12.89 -39.15 8.83
CA TYR A 80 -14.22 -38.74 9.25
C TYR A 80 -14.35 -37.24 9.06
N ASN A 81 -15.56 -36.72 9.25
CA ASN A 81 -15.83 -35.30 9.09
C ASN A 81 -15.79 -34.91 7.62
N TYR A 82 -16.18 -35.84 6.77
CA TYR A 82 -16.18 -35.61 5.33
C TYR A 82 -16.89 -34.29 5.01
N VAL A 83 -16.41 -33.58 3.99
CA VAL A 83 -17.03 -32.33 3.56
C VAL A 83 -16.68 -32.13 2.10
N LYS A 84 -17.44 -32.78 1.23
CA LYS A 84 -17.26 -32.72 -0.21
C LYS A 84 -17.03 -31.32 -0.79
N GLN A 85 -16.38 -31.30 -1.95
CA GLN A 85 -16.14 -30.05 -2.67
C GLN A 85 -16.54 -30.29 -4.13
N TRP A 86 -15.59 -30.75 -4.95
CA TRP A 86 -15.92 -31.00 -6.34
C TRP A 86 -16.21 -32.47 -6.57
N ARG A 87 -15.98 -32.97 -7.78
CA ARG A 87 -16.31 -34.36 -8.05
C ARG A 87 -15.50 -35.38 -7.26
N HIS A 88 -14.24 -35.06 -6.97
CA HIS A 88 -13.39 -35.98 -6.25
C HIS A 88 -12.90 -35.36 -4.96
N SER A 89 -12.56 -34.08 -5.03
CA SER A 89 -12.04 -33.36 -3.90
C SER A 89 -12.99 -33.23 -2.71
N TYR A 90 -12.40 -33.02 -1.54
CA TYR A 90 -13.12 -32.85 -0.29
C TYR A 90 -12.10 -32.77 0.83
N THR A 91 -12.50 -32.18 1.95
CA THR A 91 -11.63 -32.06 3.12
C THR A 91 -12.19 -32.90 4.26
N ALA A 92 -11.31 -33.42 5.11
CA ALA A 92 -11.78 -34.20 6.23
C ALA A 92 -10.83 -34.07 7.41
N SER A 93 -11.17 -34.77 8.49
CA SER A 93 -10.35 -34.77 9.70
C SER A 93 -9.86 -36.19 9.88
N TYR A 94 -8.66 -36.36 10.40
CA TYR A 94 -8.14 -37.71 10.55
C TYR A 94 -7.53 -38.04 11.91
N ASP A 95 -7.73 -39.29 12.33
CA ASP A 95 -7.19 -39.80 13.57
C ASP A 95 -6.29 -40.97 13.26
N ILE A 96 -5.08 -40.93 13.84
CA ILE A 96 -4.12 -41.99 13.65
C ILE A 96 -4.24 -42.86 14.90
N TYR A 97 -4.32 -44.17 14.69
CA TYR A 97 -4.46 -45.10 15.78
C TYR A 97 -3.28 -46.06 15.79
N ASP A 98 -2.54 -46.08 16.89
CA ASP A 98 -1.40 -46.96 17.02
C ASP A 98 -1.91 -48.38 17.25
N LEU A 99 -1.70 -49.26 16.28
CA LEU A 99 -2.15 -50.64 16.38
C LEU A 99 -1.41 -51.44 17.44
N ASN A 100 -0.14 -51.15 17.64
CA ASN A 100 0.63 -51.87 18.64
C ASN A 100 0.09 -51.54 20.02
N LYS A 101 0.28 -50.29 20.41
CA LYS A 101 -0.17 -49.80 21.70
C LYS A 101 -1.69 -49.75 21.73
N ARG A 102 -2.30 -49.97 20.58
CA ARG A 102 -3.75 -49.92 20.50
C ARG A 102 -4.20 -48.68 21.23
N GLN A 103 -3.55 -47.57 20.88
CA GLN A 103 -3.82 -46.26 21.44
C GLN A 103 -4.13 -45.33 20.28
N LEU A 104 -4.51 -44.12 20.59
CA LEU A 104 -4.89 -43.14 19.59
C LEU A 104 -3.95 -41.96 19.67
N ILE A 105 -3.07 -41.80 18.68
CA ILE A 105 -2.14 -40.68 18.69
C ILE A 105 -2.92 -39.41 19.05
N THR A 106 -2.49 -38.71 20.09
CA THR A 106 -3.18 -37.50 20.53
C THR A 106 -2.32 -36.23 20.40
N GLU A 107 -1.01 -36.38 20.45
CA GLU A 107 -0.11 -35.24 20.29
C GLU A 107 0.19 -35.18 18.80
N GLU A 108 0.53 -34.00 18.30
CA GLU A 108 0.83 -33.85 16.87
C GLU A 108 -0.23 -34.50 15.98
N ARG A 109 -1.47 -34.07 16.14
CA ARG A 109 -2.60 -34.61 15.38
C ARG A 109 -2.64 -34.05 13.95
N ILE A 110 -3.35 -34.75 13.06
CA ILE A 110 -3.50 -34.28 11.69
C ILE A 110 -4.54 -33.16 11.71
N PRO A 111 -4.22 -32.01 11.10
CA PRO A 111 -5.09 -30.83 11.04
C PRO A 111 -6.54 -31.06 10.67
N ASN A 112 -7.32 -30.01 10.82
CA ASN A 112 -8.73 -30.04 10.50
C ASN A 112 -8.85 -29.48 9.08
N ASN A 113 -9.65 -30.14 8.24
CA ASN A 113 -9.85 -29.69 6.88
C ASN A 113 -8.67 -30.13 6.04
N THR A 114 -8.29 -31.38 6.19
CA THR A 114 -7.17 -31.87 5.43
C THR A 114 -7.67 -32.20 4.03
N GLN A 115 -7.05 -31.56 3.04
CA GLN A 115 -7.39 -31.73 1.63
C GLN A 115 -7.00 -33.11 1.06
N TRP A 116 -5.93 -33.69 1.59
CA TRP A 116 -5.49 -35.00 1.16
C TRP A 116 -4.42 -35.54 2.11
N ILE A 117 -4.44 -36.86 2.31
CA ILE A 117 -3.46 -37.52 3.16
C ILE A 117 -3.10 -38.89 2.57
N THR A 118 -1.90 -39.37 2.88
CA THR A 118 -1.46 -40.64 2.35
C THR A 118 -0.21 -41.24 3.03
N TRP A 119 -0.24 -42.56 3.20
CA TRP A 119 0.87 -43.29 3.80
C TRP A 119 1.91 -43.51 2.71
N SER A 120 3.19 -43.63 3.09
CA SER A 120 4.22 -43.92 2.12
C SER A 120 3.97 -45.39 1.72
N PRO A 121 4.52 -45.85 0.60
CA PRO A 121 4.31 -47.23 0.14
C PRO A 121 4.78 -48.28 1.13
N VAL A 122 5.76 -47.90 1.94
CA VAL A 122 6.30 -48.80 2.96
C VAL A 122 6.45 -48.04 4.26
N GLY A 123 6.36 -48.75 5.37
CA GLY A 123 6.52 -48.13 6.65
C GLY A 123 5.25 -47.41 7.08
N HIS A 124 5.44 -46.21 7.62
CA HIS A 124 4.33 -45.42 8.10
C HIS A 124 4.56 -43.92 8.02
N LYS A 125 5.38 -43.46 7.06
CA LYS A 125 5.57 -42.03 6.91
C LYS A 125 4.21 -41.54 6.42
N LEU A 126 3.96 -40.24 6.55
CA LEU A 126 2.68 -39.69 6.12
C LEU A 126 2.92 -38.39 5.36
N ALA A 127 2.15 -38.18 4.30
CA ALA A 127 2.24 -36.94 3.54
C ALA A 127 0.81 -36.43 3.47
N TYR A 128 0.63 -35.15 3.72
CA TYR A 128 -0.73 -34.62 3.66
C TYR A 128 -0.79 -33.16 3.23
N VAL A 129 -1.94 -32.76 2.72
CA VAL A 129 -2.13 -31.40 2.27
C VAL A 129 -3.11 -30.67 3.17
N TRP A 130 -2.79 -29.42 3.47
CA TRP A 130 -3.62 -28.60 4.33
C TRP A 130 -3.39 -27.15 3.91
N ASN A 131 -4.48 -26.44 3.63
CA ASN A 131 -4.38 -25.06 3.21
C ASN A 131 -3.41 -24.95 2.06
N ASN A 132 -3.54 -25.89 1.13
CA ASN A 132 -2.72 -25.93 -0.07
C ASN A 132 -1.23 -26.17 0.10
N ASP A 133 -0.81 -26.62 1.27
CA ASP A 133 0.59 -26.90 1.46
C ASP A 133 0.84 -28.34 1.86
N ILE A 134 2.04 -28.82 1.57
CA ILE A 134 2.43 -30.20 1.88
C ILE A 134 3.10 -30.36 3.24
N TYR A 135 2.75 -31.45 3.91
CA TYR A 135 3.30 -31.79 5.21
C TYR A 135 3.73 -33.25 5.29
N VAL A 136 4.89 -33.49 5.87
CA VAL A 136 5.35 -34.86 6.02
C VAL A 136 5.55 -35.21 7.49
N LYS A 137 5.14 -36.41 7.87
CA LYS A 137 5.29 -36.88 9.23
C LYS A 137 5.99 -38.21 9.15
N ASN A 138 7.24 -38.26 9.60
CA ASN A 138 8.00 -39.50 9.57
C ASN A 138 7.37 -40.49 10.55
N GLU A 139 7.06 -40.00 11.75
CA GLU A 139 6.41 -40.83 12.75
C GLU A 139 5.05 -40.20 13.05
N PRO A 140 4.03 -41.02 13.34
CA PRO A 140 2.69 -40.53 13.63
C PRO A 140 2.62 -39.57 14.84
N ASN A 141 3.36 -39.88 15.89
CA ASN A 141 3.37 -39.04 17.09
C ASN A 141 4.41 -37.93 17.00
N LEU A 142 5.00 -37.71 15.84
CA LEU A 142 5.99 -36.67 15.68
C LEU A 142 5.36 -35.42 15.07
N SER A 143 6.11 -34.32 15.06
CA SER A 143 5.58 -33.10 14.47
C SER A 143 5.84 -33.17 12.96
N SER A 144 4.87 -32.74 12.17
CA SER A 144 5.03 -32.79 10.74
C SER A 144 5.95 -31.67 10.28
N GLN A 145 6.63 -31.91 9.17
CA GLN A 145 7.56 -30.95 8.59
C GLN A 145 6.91 -30.32 7.38
N ARG A 146 6.89 -28.99 7.34
CA ARG A 146 6.28 -28.27 6.22
C ARG A 146 7.18 -28.29 4.98
N ILE A 147 6.61 -28.75 3.87
CA ILE A 147 7.32 -28.88 2.60
C ILE A 147 7.25 -27.67 1.69
N THR A 148 6.07 -27.06 1.61
CA THR A 148 5.88 -25.89 0.75
C THR A 148 5.32 -24.77 1.58
N TRP A 149 5.55 -23.54 1.11
CA TRP A 149 5.08 -22.37 1.83
C TRP A 149 4.41 -21.42 0.87
N THR A 150 4.13 -21.90 -0.34
CA THR A 150 3.50 -21.08 -1.38
C THR A 150 1.97 -21.22 -1.47
N GLY A 151 1.42 -22.23 -0.79
CA GLY A 151 -0.01 -22.46 -0.82
C GLY A 151 -0.83 -21.21 -0.67
N LYS A 152 -1.85 -21.08 -1.50
CA LYS A 152 -2.74 -19.92 -1.49
C LYS A 152 -4.06 -20.33 -2.10
N GLU A 153 -5.15 -19.98 -1.42
CA GLU A 153 -6.50 -20.32 -1.86
C GLU A 153 -6.82 -19.73 -3.22
N ASN A 154 -7.33 -20.58 -4.11
CA ASN A 154 -7.68 -20.16 -5.45
C ASN A 154 -6.53 -19.64 -6.27
N VAL A 155 -5.30 -19.84 -5.80
CA VAL A 155 -4.16 -19.36 -6.56
C VAL A 155 -3.06 -20.40 -6.72
N ILE A 156 -2.49 -20.86 -5.61
CA ILE A 156 -1.40 -21.83 -5.64
C ILE A 156 -1.77 -23.14 -4.97
N TYR A 157 -1.63 -24.25 -5.69
CA TYR A 157 -1.96 -25.56 -5.12
C TYR A 157 -0.73 -26.48 -5.07
N ASN A 158 -0.40 -26.95 -3.87
CA ASN A 158 0.73 -27.86 -3.70
C ASN A 158 0.24 -29.18 -3.17
N GLY A 159 0.31 -30.22 -3.98
CA GLY A 159 -0.10 -31.53 -3.50
C GLY A 159 -1.45 -32.01 -3.94
N VAL A 160 -2.32 -31.06 -4.28
CA VAL A 160 -3.66 -31.35 -4.77
C VAL A 160 -3.90 -30.52 -6.03
N THR A 161 -4.78 -31.02 -6.88
CA THR A 161 -5.17 -30.42 -8.16
C THR A 161 -6.12 -29.24 -8.04
N ASP A 162 -6.16 -28.36 -9.03
CA ASP A 162 -7.12 -27.27 -9.02
C ASP A 162 -8.35 -27.84 -9.75
N TRP A 163 -9.37 -27.01 -9.97
CA TRP A 163 -10.61 -27.45 -10.62
C TRP A 163 -10.44 -28.29 -11.91
N VAL A 164 -9.79 -27.72 -12.92
CA VAL A 164 -9.63 -28.38 -14.20
C VAL A 164 -8.80 -29.67 -14.16
N TYR A 165 -7.72 -29.67 -13.38
CA TYR A 165 -6.90 -30.87 -13.30
C TYR A 165 -7.66 -31.97 -12.57
N GLU A 166 -8.48 -31.58 -11.60
CA GLU A 166 -9.23 -32.56 -10.85
C GLU A 166 -10.27 -33.22 -11.75
N GLU A 167 -11.06 -32.38 -12.40
CA GLU A 167 -12.12 -32.86 -13.25
C GLU A 167 -11.67 -33.41 -14.58
N GLU A 168 -10.77 -32.69 -15.25
CA GLU A 168 -10.33 -33.05 -16.58
C GLU A 168 -9.06 -33.87 -16.83
N VAL A 169 -8.08 -33.89 -15.93
CA VAL A 169 -6.91 -34.66 -16.29
C VAL A 169 -6.41 -35.76 -15.32
N PHE A 170 -6.60 -35.60 -14.01
CA PHE A 170 -6.18 -36.63 -13.07
C PHE A 170 -7.35 -37.42 -12.53
N SER A 171 -8.55 -36.87 -12.64
CA SER A 171 -9.74 -37.51 -12.11
C SER A 171 -9.44 -37.74 -10.65
N ALA A 172 -8.76 -36.76 -10.08
CA ALA A 172 -8.36 -36.84 -8.70
C ALA A 172 -8.01 -35.50 -8.12
N TYR A 173 -8.09 -35.43 -6.79
CA TYR A 173 -7.73 -34.20 -6.08
C TYR A 173 -6.24 -34.31 -5.77
N SER A 174 -5.80 -35.54 -5.54
CA SER A 174 -4.43 -35.82 -5.18
C SER A 174 -3.34 -35.61 -6.26
N ALA A 175 -2.24 -34.97 -5.86
CA ALA A 175 -1.09 -34.71 -6.73
C ALA A 175 0.24 -34.87 -5.92
N LEU A 176 0.32 -36.01 -5.23
CA LEU A 176 1.44 -36.41 -4.40
C LEU A 176 1.74 -37.87 -4.71
N TRP A 177 2.98 -38.19 -5.05
CA TRP A 177 3.36 -39.57 -5.34
C TRP A 177 4.65 -39.98 -4.62
N TRP A 178 4.51 -40.82 -3.58
CA TRP A 178 5.67 -41.32 -2.85
C TRP A 178 6.42 -42.29 -3.77
N SER A 179 7.75 -42.35 -3.64
CA SER A 179 8.55 -43.29 -4.43
C SER A 179 8.34 -44.63 -3.74
N PRO A 180 8.53 -45.75 -4.45
CA PRO A 180 8.33 -47.07 -3.84
C PRO A 180 8.76 -47.23 -2.39
N ASN A 181 10.00 -46.90 -2.05
CA ASN A 181 10.45 -47.04 -0.67
C ASN A 181 10.34 -45.79 0.20
N GLY A 182 9.65 -44.78 -0.29
CA GLY A 182 9.48 -43.56 0.49
C GLY A 182 10.68 -42.64 0.60
N THR A 183 11.70 -42.84 -0.24
CA THR A 183 12.86 -41.96 -0.18
C THR A 183 12.39 -40.61 -0.71
N PHE A 184 11.71 -40.66 -1.85
CA PHE A 184 11.24 -39.46 -2.49
C PHE A 184 9.73 -39.25 -2.47
N LEU A 185 9.34 -37.98 -2.40
CA LEU A 185 7.94 -37.61 -2.44
C LEU A 185 7.79 -36.66 -3.62
N ALA A 186 7.15 -37.15 -4.66
CA ALA A 186 6.92 -36.36 -5.86
C ALA A 186 5.61 -35.56 -5.69
N TYR A 187 5.52 -34.39 -6.31
CA TYR A 187 4.31 -33.60 -6.22
C TYR A 187 4.21 -32.53 -7.30
N ALA A 188 2.97 -32.23 -7.67
CA ALA A 188 2.73 -31.20 -8.68
C ALA A 188 2.26 -29.93 -7.98
N GLN A 189 2.57 -28.79 -8.58
CA GLN A 189 2.17 -27.49 -8.07
C GLN A 189 1.36 -26.85 -9.18
N PHE A 190 0.17 -26.39 -8.87
CA PHE A 190 -0.65 -25.74 -9.89
C PHE A 190 -0.81 -24.26 -9.57
N ASN A 191 -0.60 -23.44 -10.58
CA ASN A 191 -0.69 -21.99 -10.45
C ASN A 191 -1.85 -21.45 -11.30
N ASP A 192 -2.90 -20.94 -10.65
CA ASP A 192 -4.06 -20.40 -11.34
C ASP A 192 -4.06 -18.89 -11.51
N THR A 193 -3.08 -18.22 -10.92
CA THR A 193 -2.99 -16.76 -10.97
C THR A 193 -3.68 -16.04 -12.12
N GLU A 194 -3.59 -16.57 -13.33
CA GLU A 194 -4.22 -15.91 -14.48
C GLU A 194 -5.45 -16.58 -15.09
N VAL A 195 -5.99 -17.59 -14.39
CA VAL A 195 -7.17 -18.29 -14.87
C VAL A 195 -8.40 -17.48 -14.42
N PRO A 196 -9.24 -17.05 -15.39
CA PRO A 196 -10.43 -16.28 -15.04
C PRO A 196 -11.30 -17.02 -14.05
N LEU A 197 -12.09 -16.28 -13.29
CA LEU A 197 -12.94 -16.88 -12.27
C LEU A 197 -14.40 -17.06 -12.69
N ILE A 198 -14.94 -18.26 -12.51
CA ILE A 198 -16.35 -18.46 -12.79
C ILE A 198 -17.00 -18.06 -11.46
N GLU A 199 -18.00 -17.20 -11.51
CA GLU A 199 -18.67 -16.81 -10.29
C GLU A 199 -20.15 -17.13 -10.38
N TYR A 200 -20.72 -17.65 -9.30
CA TYR A 200 -22.14 -17.95 -9.26
C TYR A 200 -22.61 -17.81 -7.82
N SER A 201 -23.92 -17.88 -7.60
CA SER A 201 -24.45 -17.71 -6.25
C SER A 201 -24.77 -18.99 -5.48
N PHE A 202 -24.44 -18.99 -4.20
CA PHE A 202 -24.75 -20.13 -3.35
C PHE A 202 -25.64 -19.47 -2.32
N TYR A 203 -26.89 -19.93 -2.25
CA TYR A 203 -27.88 -19.33 -1.35
C TYR A 203 -27.82 -19.87 0.06
N SER A 204 -27.30 -21.08 0.18
CA SER A 204 -27.15 -21.68 1.48
C SER A 204 -28.46 -21.81 2.23
N ASP A 205 -28.31 -22.09 3.52
CA ASP A 205 -29.41 -22.26 4.45
C ASP A 205 -30.30 -21.02 4.56
N GLU A 206 -31.61 -21.27 4.60
CA GLU A 206 -32.61 -20.22 4.67
C GLU A 206 -32.27 -19.07 5.62
N SER A 207 -31.59 -19.39 6.71
CA SER A 207 -31.19 -18.39 7.70
C SER A 207 -30.15 -17.39 7.20
N LEU A 208 -29.46 -17.70 6.10
CA LEU A 208 -28.43 -16.80 5.57
C LEU A 208 -29.07 -15.60 4.90
N GLN A 209 -28.96 -14.43 5.51
CA GLN A 209 -29.58 -13.24 4.93
C GLN A 209 -29.08 -12.83 3.53
N TYR A 210 -27.77 -12.87 3.30
CA TYR A 210 -27.22 -12.51 2.00
C TYR A 210 -26.58 -13.70 1.31
N PRO A 211 -26.86 -13.88 0.01
CA PRO A 211 -26.26 -15.01 -0.69
C PRO A 211 -24.75 -14.85 -0.75
N LYS A 212 -24.06 -15.97 -0.86
CA LYS A 212 -22.60 -15.99 -0.93
C LYS A 212 -22.21 -16.21 -2.39
N THR A 213 -21.16 -15.53 -2.86
CA THR A 213 -20.72 -15.75 -4.23
C THR A 213 -19.52 -16.71 -4.28
N VAL A 214 -19.71 -17.88 -4.90
CA VAL A 214 -18.62 -18.82 -5.02
C VAL A 214 -17.77 -18.37 -6.21
N ARG A 215 -16.46 -18.33 -6.03
CA ARG A 215 -15.54 -17.95 -7.11
C ARG A 215 -14.55 -19.09 -7.30
N ILE A 216 -14.49 -19.60 -8.51
CA ILE A 216 -13.60 -20.71 -8.80
C ILE A 216 -12.74 -20.41 -10.00
N PRO A 217 -11.42 -20.67 -9.92
CA PRO A 217 -10.57 -20.41 -11.10
C PRO A 217 -10.98 -21.55 -12.05
N TYR A 218 -11.54 -21.21 -13.20
CA TYR A 218 -12.02 -22.19 -14.16
C TYR A 218 -11.75 -21.65 -15.55
N PRO A 219 -10.91 -22.35 -16.32
CA PRO A 219 -10.60 -21.89 -17.68
C PRO A 219 -11.60 -22.42 -18.71
N LYS A 220 -12.16 -21.53 -19.50
CA LYS A 220 -13.12 -21.94 -20.52
C LYS A 220 -12.39 -22.05 -21.88
N ALA A 221 -12.99 -22.72 -22.85
CA ALA A 221 -12.34 -22.89 -24.14
C ALA A 221 -11.50 -21.68 -24.56
N GLY A 222 -10.21 -21.93 -24.76
CA GLY A 222 -9.31 -20.89 -25.22
C GLY A 222 -8.87 -19.86 -24.21
N ALA A 223 -9.33 -19.97 -22.98
CA ALA A 223 -8.94 -19.01 -21.95
C ALA A 223 -7.58 -19.34 -21.37
N GLU A 224 -7.05 -18.44 -20.54
CA GLU A 224 -5.76 -18.65 -19.92
C GLU A 224 -5.82 -19.87 -19.01
N ASN A 225 -4.94 -20.84 -19.24
CA ASN A 225 -4.92 -22.05 -18.43
C ASN A 225 -3.99 -21.99 -17.23
N PRO A 226 -4.21 -22.88 -16.26
CA PRO A 226 -3.33 -22.89 -15.08
C PRO A 226 -1.99 -23.53 -15.53
N THR A 227 -0.89 -23.15 -14.88
CA THR A 227 0.40 -23.74 -15.24
C THR A 227 0.76 -24.74 -14.15
N VAL A 228 1.67 -25.65 -14.47
CA VAL A 228 2.08 -26.70 -13.54
C VAL A 228 3.59 -26.80 -13.36
N LYS A 229 4.01 -27.37 -12.25
CA LYS A 229 5.41 -27.57 -11.94
C LYS A 229 5.56 -28.89 -11.18
N PHE A 230 6.37 -29.79 -11.71
CA PHE A 230 6.57 -31.05 -11.03
C PHE A 230 7.85 -31.02 -10.20
N PHE A 231 7.77 -31.49 -8.96
CA PHE A 231 8.92 -31.51 -8.06
C PHE A 231 9.09 -32.88 -7.45
N VAL A 232 10.34 -33.26 -7.25
CA VAL A 232 10.64 -34.52 -6.61
C VAL A 232 11.38 -34.10 -5.35
N VAL A 233 10.91 -34.59 -4.21
CA VAL A 233 11.48 -34.24 -2.93
C VAL A 233 12.17 -35.38 -2.20
N ASP A 234 13.42 -35.13 -1.78
CA ASP A 234 14.22 -36.09 -1.04
C ASP A 234 13.83 -35.94 0.42
N THR A 235 12.99 -36.85 0.89
CA THR A 235 12.49 -36.80 2.26
C THR A 235 13.53 -37.15 3.31
N ARG A 236 14.68 -37.65 2.87
CA ARG A 236 15.74 -38.03 3.78
C ARG A 236 16.34 -36.87 4.56
N THR A 237 16.40 -35.68 3.98
CA THR A 237 17.00 -34.56 4.70
C THR A 237 15.97 -33.68 5.37
N LEU A 238 14.74 -34.18 5.51
CA LEU A 238 13.71 -33.38 6.12
C LEU A 238 13.96 -33.19 7.60
N SER A 239 14.24 -31.96 7.99
CA SER A 239 14.50 -31.66 9.38
C SER A 239 14.15 -30.20 9.66
N PRO A 240 13.59 -29.94 10.85
CA PRO A 240 13.18 -28.60 11.28
C PRO A 240 14.14 -27.46 10.96
N ASN A 241 15.46 -27.70 11.08
CA ASN A 241 16.44 -26.65 10.80
C ASN A 241 17.10 -26.83 9.43
N ALA A 242 16.49 -27.67 8.60
CA ALA A 242 16.98 -27.96 7.27
C ALA A 242 16.01 -27.41 6.23
N SER A 243 16.54 -26.99 5.09
CA SER A 243 15.72 -26.49 4.01
C SER A 243 15.17 -27.74 3.34
N VAL A 244 14.28 -27.57 2.37
CA VAL A 244 13.75 -28.74 1.70
C VAL A 244 14.58 -29.05 0.45
N THR A 245 15.03 -30.30 0.34
CA THR A 245 15.84 -30.69 -0.80
C THR A 245 14.92 -31.24 -1.90
N SER A 246 14.86 -30.52 -3.02
CA SER A 246 14.04 -30.98 -4.13
C SER A 246 14.53 -30.54 -5.49
N TYR A 247 14.07 -31.27 -6.50
CA TYR A 247 14.46 -31.00 -7.86
C TYR A 247 13.21 -30.85 -8.72
N GLN A 248 13.17 -29.79 -9.53
CA GLN A 248 12.02 -29.61 -10.40
C GLN A 248 12.28 -30.25 -11.76
N ILE A 249 11.48 -31.25 -12.13
CA ILE A 249 11.66 -31.88 -13.44
C ILE A 249 10.75 -31.20 -14.48
N VAL A 250 11.35 -30.60 -15.50
CA VAL A 250 10.58 -29.92 -16.55
C VAL A 250 10.31 -30.91 -17.70
N PRO A 251 9.29 -30.63 -18.53
CA PRO A 251 8.96 -31.52 -19.64
C PRO A 251 9.94 -31.39 -20.79
N PRO A 252 9.96 -32.40 -21.67
CA PRO A 252 10.85 -32.40 -22.85
C PRO A 252 10.60 -31.14 -23.66
N ALA A 253 11.63 -30.62 -24.31
CA ALA A 253 11.53 -29.40 -25.10
C ALA A 253 10.41 -29.36 -26.13
N SER A 254 10.08 -30.51 -26.72
CA SER A 254 9.00 -30.55 -27.70
C SER A 254 7.66 -30.18 -27.07
N VAL A 255 7.60 -30.17 -25.75
CA VAL A 255 6.35 -29.82 -25.07
C VAL A 255 6.48 -28.51 -24.32
N LEU A 256 7.56 -28.35 -23.57
CA LEU A 256 7.85 -27.15 -22.78
C LEU A 256 7.71 -25.88 -23.62
N ILE A 257 7.75 -26.08 -24.93
CA ILE A 257 7.67 -25.00 -25.90
C ILE A 257 6.40 -24.16 -25.80
N GLY A 258 5.26 -24.79 -25.51
CA GLY A 258 4.02 -24.05 -25.39
C GLY A 258 3.21 -24.51 -24.19
N ASP A 259 1.93 -24.12 -24.15
CA ASP A 259 1.07 -24.51 -23.04
C ASP A 259 1.00 -26.01 -22.96
N HIS A 260 0.93 -26.55 -21.75
CA HIS A 260 0.86 -27.98 -21.61
C HIS A 260 0.20 -28.43 -20.35
N TYR A 261 0.14 -29.75 -20.20
CA TYR A 261 -0.42 -30.38 -19.03
C TYR A 261 0.41 -31.60 -18.66
N LEU A 262 0.66 -31.73 -17.36
CA LEU A 262 1.34 -32.90 -16.87
C LEU A 262 0.13 -33.82 -16.75
N CYS A 263 0.17 -35.03 -17.27
CA CYS A 263 -1.00 -35.88 -17.13
C CYS A 263 -0.78 -37.28 -16.59
N GLY A 264 0.44 -37.60 -16.18
CA GLY A 264 0.69 -38.92 -15.65
C GLY A 264 2.02 -38.99 -14.91
N VAL A 265 2.03 -39.69 -13.79
CA VAL A 265 3.26 -39.85 -13.01
C VAL A 265 3.33 -41.29 -12.55
N THR A 266 4.40 -41.98 -12.94
CA THR A 266 4.54 -43.37 -12.52
C THR A 266 5.94 -43.64 -11.98
N TRP A 267 6.01 -44.19 -10.77
CA TRP A 267 7.30 -44.54 -10.20
C TRP A 267 7.66 -45.92 -10.74
N VAL A 268 8.87 -46.03 -11.31
CA VAL A 268 9.36 -47.29 -11.87
C VAL A 268 10.18 -48.01 -10.79
N THR A 269 11.13 -47.28 -10.20
CA THR A 269 11.99 -47.77 -9.13
C THR A 269 12.42 -46.54 -8.31
N GLU A 270 12.91 -46.75 -7.09
CA GLU A 270 13.32 -45.61 -6.27
C GLU A 270 14.21 -44.59 -6.95
N GLU A 271 14.77 -44.95 -8.10
CA GLU A 271 15.64 -44.00 -8.79
C GLU A 271 15.19 -43.66 -10.21
N ARG A 272 14.01 -44.16 -10.58
CA ARG A 272 13.46 -43.91 -11.91
C ARG A 272 11.97 -43.55 -11.88
N ILE A 273 11.64 -42.35 -12.36
CA ILE A 273 10.25 -41.90 -12.38
C ILE A 273 9.80 -41.63 -13.82
N SER A 274 8.56 -41.98 -14.12
CA SER A 274 8.02 -41.80 -15.47
C SER A 274 6.95 -40.70 -15.53
N LEU A 275 7.31 -39.54 -16.10
CA LEU A 275 6.36 -38.43 -16.23
C LEU A 275 5.79 -38.44 -17.64
N GLN A 276 4.48 -38.31 -17.76
CA GLN A 276 3.81 -38.29 -19.06
C GLN A 276 3.19 -36.92 -19.26
N TRP A 277 3.68 -36.18 -20.26
CA TRP A 277 3.17 -34.85 -20.55
C TRP A 277 2.41 -34.83 -21.87
N ILE A 278 1.56 -33.84 -22.02
CA ILE A 278 0.78 -33.68 -23.24
C ILE A 278 0.64 -32.19 -23.52
N ARG A 279 0.75 -31.81 -24.79
CA ARG A 279 0.60 -30.41 -25.20
C ARG A 279 -0.86 -29.97 -25.04
N ARG A 280 -1.09 -28.67 -24.99
CA ARG A 280 -2.45 -28.16 -24.81
C ARG A 280 -3.42 -28.71 -25.86
N ALA A 281 -2.96 -28.80 -27.10
CA ALA A 281 -3.78 -29.29 -28.20
C ALA A 281 -4.25 -30.71 -27.94
N GLN A 282 -3.45 -31.45 -27.19
CA GLN A 282 -3.72 -32.84 -26.81
C GLN A 282 -3.69 -33.91 -27.90
N ASN A 283 -2.88 -33.67 -28.93
CA ASN A 283 -2.73 -34.65 -30.01
C ASN A 283 -1.24 -35.00 -30.09
N TYR A 284 -0.53 -34.61 -29.05
CA TYR A 284 0.90 -34.87 -28.94
C TYR A 284 1.26 -35.04 -27.47
N SER A 285 1.59 -36.27 -27.09
CA SER A 285 1.97 -36.55 -25.71
C SER A 285 3.33 -37.25 -25.68
N ILE A 286 4.12 -37.00 -24.65
CA ILE A 286 5.42 -37.62 -24.55
C ILE A 286 5.73 -38.16 -23.16
N ILE A 287 6.14 -39.42 -23.10
CA ILE A 287 6.51 -40.05 -21.84
C ILE A 287 7.99 -39.78 -21.62
N ASP A 288 8.33 -39.21 -20.47
CA ASP A 288 9.72 -38.92 -20.17
C ASP A 288 10.16 -39.69 -18.94
N ILE A 289 11.08 -40.62 -19.15
CA ILE A 289 11.60 -41.47 -18.09
C ILE A 289 12.92 -40.90 -17.57
N CYS A 290 12.88 -40.36 -16.35
CA CYS A 290 14.05 -39.75 -15.72
C CYS A 290 14.69 -40.59 -14.64
N ASP A 291 16.02 -40.56 -14.61
CA ASP A 291 16.83 -41.29 -13.64
C ASP A 291 17.50 -40.40 -12.60
N TYR A 292 17.56 -40.88 -11.37
CA TYR A 292 18.17 -40.14 -10.26
C TYR A 292 19.70 -40.20 -10.37
N ASP A 293 20.36 -39.07 -10.23
CA ASP A 293 21.81 -38.99 -10.29
C ASP A 293 22.28 -38.75 -8.86
N GLU A 294 22.69 -39.84 -8.21
CA GLU A 294 23.13 -39.84 -6.81
C GLU A 294 24.13 -38.79 -6.37
N SER A 295 25.03 -38.42 -7.26
CA SER A 295 26.06 -37.46 -6.89
C SER A 295 25.61 -36.01 -6.89
N THR A 296 24.41 -35.74 -7.40
CA THR A 296 23.93 -34.36 -7.49
C THR A 296 22.52 -34.12 -6.94
N GLY A 297 21.70 -35.16 -6.96
CA GLY A 297 20.33 -35.01 -6.50
C GLY A 297 19.39 -34.78 -7.68
N ARG A 298 19.96 -34.49 -8.85
CA ARG A 298 19.19 -34.24 -10.07
C ARG A 298 18.50 -35.50 -10.59
N TRP A 299 17.43 -35.28 -11.35
CA TRP A 299 16.68 -36.34 -12.00
C TRP A 299 16.86 -35.98 -13.46
N ILE A 300 17.60 -36.83 -14.15
CA ILE A 300 17.96 -36.58 -15.53
C ILE A 300 17.16 -37.32 -16.59
N SER A 301 17.03 -36.66 -17.73
CA SER A 301 16.32 -37.24 -18.86
C SER A 301 17.23 -37.34 -20.09
N SER A 302 16.86 -38.19 -21.02
CA SER A 302 17.65 -38.37 -22.22
C SER A 302 16.70 -38.73 -23.34
N VAL A 303 16.98 -38.20 -24.53
CA VAL A 303 16.13 -38.48 -25.66
C VAL A 303 15.87 -39.98 -25.84
N ALA A 304 16.87 -40.80 -25.54
CA ALA A 304 16.71 -42.24 -25.70
C ALA A 304 15.55 -42.77 -24.87
N ARG A 305 15.35 -42.19 -23.70
CA ARG A 305 14.29 -42.62 -22.81
C ARG A 305 12.95 -41.91 -23.02
N GLN A 306 12.79 -41.23 -24.14
CA GLN A 306 11.54 -40.51 -24.43
C GLN A 306 10.68 -41.19 -25.50
N HIS A 307 9.36 -41.23 -25.25
CA HIS A 307 8.42 -41.88 -26.16
C HIS A 307 7.27 -40.99 -26.57
N ILE A 308 7.26 -40.59 -27.85
CA ILE A 308 6.22 -39.72 -28.36
C ILE A 308 4.98 -40.45 -28.82
N GLU A 309 3.84 -39.84 -28.58
CA GLU A 309 2.57 -40.40 -28.99
C GLU A 309 1.77 -39.26 -29.58
N ILE A 310 1.31 -39.41 -30.82
CA ILE A 310 0.56 -38.34 -31.48
C ILE A 310 -0.62 -38.83 -32.31
N SER A 311 -1.66 -38.00 -32.35
CA SER A 311 -2.85 -38.33 -33.14
C SER A 311 -3.02 -37.27 -34.23
N THR A 312 -3.15 -37.75 -35.47
CA THR A 312 -3.30 -36.88 -36.62
C THR A 312 -4.74 -36.76 -37.01
N THR A 313 -5.55 -37.70 -36.57
CA THR A 313 -6.97 -37.70 -36.87
C THR A 313 -7.86 -37.32 -35.68
N GLY A 314 -7.24 -37.14 -34.52
CA GLY A 314 -8.03 -36.80 -33.34
C GLY A 314 -7.19 -36.47 -32.13
N TRP A 315 -7.46 -37.15 -31.02
CA TRP A 315 -6.71 -36.89 -29.81
C TRP A 315 -6.01 -38.15 -29.29
N VAL A 316 -5.02 -37.94 -28.42
CA VAL A 316 -4.28 -39.04 -27.83
C VAL A 316 -5.12 -39.76 -26.77
N GLY A 317 -5.07 -41.10 -26.77
CA GLY A 317 -5.83 -41.86 -25.79
C GLY A 317 -7.32 -41.70 -25.89
N ARG A 318 -8.04 -42.33 -24.96
CA ARG A 318 -9.49 -42.23 -24.93
C ARG A 318 -9.88 -40.88 -24.38
N PHE A 319 -9.50 -40.60 -23.13
CA PHE A 319 -9.80 -39.31 -22.51
C PHE A 319 -8.50 -38.65 -22.14
N ARG A 320 -7.41 -39.41 -22.27
CA ARG A 320 -6.06 -38.96 -21.99
C ARG A 320 -5.17 -40.12 -22.40
N PRO A 321 -3.87 -39.88 -22.58
CA PRO A 321 -3.03 -41.01 -22.96
C PRO A 321 -3.10 -42.14 -21.93
N ALA A 322 -2.86 -43.37 -22.37
CA ALA A 322 -2.89 -44.49 -21.45
C ALA A 322 -1.63 -44.46 -20.59
N GLU A 323 -1.76 -45.01 -19.38
CA GLU A 323 -0.66 -45.05 -18.43
C GLU A 323 0.31 -46.16 -18.78
N PRO A 324 1.60 -45.91 -18.59
CA PRO A 324 2.58 -46.94 -18.91
C PRO A 324 2.76 -47.88 -17.71
N HIS A 325 2.86 -49.17 -17.98
CA HIS A 325 3.05 -50.18 -16.93
C HIS A 325 4.42 -50.84 -17.05
N PHE A 326 5.36 -50.40 -16.23
CA PHE A 326 6.72 -50.91 -16.24
C PHE A 326 6.93 -52.29 -15.61
N THR A 327 8.06 -52.90 -15.94
CA THR A 327 8.42 -54.20 -15.38
C THR A 327 9.23 -53.92 -14.11
N SER A 328 9.26 -54.89 -13.21
CA SER A 328 9.99 -54.74 -11.97
C SER A 328 11.37 -54.05 -12.09
N ASP A 329 12.10 -54.35 -13.16
CA ASP A 329 13.41 -53.77 -13.36
C ASP A 329 13.34 -52.41 -14.04
N GLY A 330 12.19 -52.11 -14.61
CA GLY A 330 12.02 -50.82 -15.27
C GLY A 330 12.85 -50.62 -16.52
N ASN A 331 13.13 -51.70 -17.24
CA ASN A 331 13.89 -51.57 -18.47
C ASN A 331 13.00 -51.66 -19.70
N SER A 332 11.71 -51.91 -19.47
CA SER A 332 10.73 -52.01 -20.55
C SER A 332 9.35 -51.75 -19.95
N PHE A 333 8.33 -51.65 -20.79
CA PHE A 333 6.99 -51.41 -20.27
C PHE A 333 5.91 -51.68 -21.30
N TYR A 334 4.68 -51.81 -20.80
CA TYR A 334 3.54 -52.06 -21.67
C TYR A 334 2.54 -50.91 -21.61
N LYS A 335 2.10 -50.46 -22.77
CA LYS A 335 1.17 -49.36 -22.85
C LYS A 335 0.19 -49.58 -23.98
N ILE A 336 -1.05 -49.17 -23.75
CA ILE A 336 -2.10 -49.31 -24.75
C ILE A 336 -2.04 -48.13 -25.71
N ILE A 337 -2.02 -48.44 -27.00
CA ILE A 337 -2.02 -47.41 -28.03
C ILE A 337 -2.78 -47.91 -29.26
N SER A 338 -3.02 -46.98 -30.19
CA SER A 338 -3.78 -47.28 -31.39
C SER A 338 -3.02 -47.99 -32.50
N ASN A 339 -3.66 -49.06 -32.97
CA ASN A 339 -3.19 -49.91 -34.07
C ASN A 339 -3.03 -49.11 -35.33
N GLU A 340 -2.71 -49.84 -36.38
CA GLU A 340 -2.57 -49.28 -37.69
C GLU A 340 -4.02 -49.26 -38.17
N GLU A 341 -4.84 -50.10 -37.53
CA GLU A 341 -6.27 -50.22 -37.83
C GLU A 341 -7.11 -49.32 -36.93
N GLY A 342 -6.45 -48.51 -36.11
CA GLY A 342 -7.20 -47.64 -35.22
C GLY A 342 -7.71 -48.31 -33.94
N TYR A 343 -7.25 -49.51 -33.63
CA TYR A 343 -7.70 -50.18 -32.42
C TYR A 343 -6.72 -50.08 -31.26
N LYS A 344 -7.27 -49.89 -30.06
CA LYS A 344 -6.46 -49.75 -28.86
C LYS A 344 -6.01 -51.12 -28.35
N HIS A 345 -4.72 -51.40 -28.51
CA HIS A 345 -4.13 -52.66 -28.07
C HIS A 345 -2.86 -52.42 -27.28
N ILE A 346 -2.40 -53.44 -26.59
CA ILE A 346 -1.20 -53.32 -25.77
C ILE A 346 0.12 -53.43 -26.54
N CYS A 347 0.95 -52.40 -26.45
CA CYS A 347 2.24 -52.42 -27.13
C CYS A 347 3.31 -52.62 -26.07
N HIS A 348 4.42 -53.23 -26.47
CA HIS A 348 5.54 -53.47 -25.56
C HIS A 348 6.68 -52.52 -25.95
N PHE A 349 7.11 -51.69 -25.02
CA PHE A 349 8.18 -50.74 -25.29
C PHE A 349 9.45 -51.05 -24.53
N GLN A 350 10.58 -50.65 -25.10
CA GLN A 350 11.87 -50.80 -24.46
C GLN A 350 12.03 -49.42 -23.86
N THR A 351 12.38 -49.34 -22.58
CA THR A 351 12.53 -48.03 -21.97
C THR A 351 13.39 -47.07 -22.79
N ASP A 352 14.44 -47.56 -23.43
CA ASP A 352 15.30 -46.68 -24.22
C ASP A 352 15.33 -46.97 -25.72
N LYS A 353 14.23 -47.49 -26.26
CA LYS A 353 14.11 -47.80 -27.68
C LYS A 353 12.72 -47.32 -28.12
N SER A 354 12.69 -46.39 -29.09
CA SER A 354 11.43 -45.81 -29.58
C SER A 354 10.39 -46.75 -30.17
N ASN A 355 10.80 -47.79 -30.88
CA ASN A 355 9.83 -48.72 -31.45
C ASN A 355 9.23 -49.62 -30.39
N CYS A 356 8.00 -50.06 -30.63
CA CYS A 356 7.33 -50.97 -29.69
C CYS A 356 6.74 -52.15 -30.45
N THR A 357 6.33 -53.17 -29.71
CA THR A 357 5.76 -54.36 -30.32
C THR A 357 4.36 -54.65 -29.81
N PHE A 358 3.38 -54.59 -30.70
CA PHE A 358 2.02 -54.87 -30.29
C PHE A 358 1.94 -56.34 -29.89
N ILE A 359 1.46 -56.59 -28.67
CA ILE A 359 1.35 -57.94 -28.17
C ILE A 359 -0.11 -58.40 -28.26
N THR A 360 -0.96 -57.54 -28.85
CA THR A 360 -2.39 -57.82 -29.04
C THR A 360 -2.92 -57.17 -30.33
N LYS A 361 -3.83 -57.85 -31.01
CA LYS A 361 -4.43 -57.32 -32.22
C LYS A 361 -5.87 -57.77 -32.29
N GLY A 362 -6.66 -57.15 -33.16
CA GLY A 362 -8.06 -57.53 -33.28
C GLY A 362 -9.07 -56.39 -33.42
N ALA A 363 -10.26 -56.72 -33.92
CA ALA A 363 -11.30 -55.72 -34.09
C ALA A 363 -12.03 -55.55 -32.75
N TRP A 364 -11.28 -55.11 -31.76
CA TRP A 364 -11.80 -54.89 -30.43
C TRP A 364 -10.73 -54.12 -29.72
N GLU A 365 -10.98 -53.74 -28.47
CA GLU A 365 -9.95 -53.00 -27.77
C GLU A 365 -9.64 -53.45 -26.36
N VAL A 366 -8.45 -53.12 -25.91
CA VAL A 366 -8.02 -53.43 -24.56
C VAL A 366 -8.47 -52.26 -23.74
N ILE A 367 -9.21 -52.53 -22.67
CA ILE A 367 -9.69 -51.44 -21.86
C ILE A 367 -8.57 -51.02 -20.94
N GLY A 368 -7.96 -51.98 -20.25
CA GLY A 368 -6.86 -51.63 -19.37
C GLY A 368 -5.95 -52.76 -18.96
N ILE A 369 -4.76 -52.40 -18.51
CA ILE A 369 -3.78 -53.37 -18.03
C ILE A 369 -3.96 -53.43 -16.53
N GLU A 370 -4.47 -54.54 -16.03
CA GLU A 370 -4.72 -54.66 -14.59
C GLU A 370 -3.49 -55.00 -13.77
N ALA A 371 -2.88 -56.12 -14.08
CA ALA A 371 -1.70 -56.58 -13.35
C ALA A 371 -0.57 -56.97 -14.31
N LEU A 372 0.65 -56.93 -13.81
CA LEU A 372 1.79 -57.29 -14.63
C LEU A 372 2.82 -58.02 -13.79
N THR A 373 3.21 -59.21 -14.24
CA THR A 373 4.23 -60.00 -13.56
C THR A 373 5.39 -60.27 -14.52
N SER A 374 6.31 -61.15 -14.14
CA SER A 374 7.45 -61.44 -15.00
C SER A 374 7.14 -62.51 -16.02
N ASP A 375 5.93 -63.04 -15.97
CA ASP A 375 5.52 -64.07 -16.91
C ASP A 375 4.24 -63.68 -17.63
N TYR A 376 3.30 -63.14 -16.86
CA TYR A 376 2.01 -62.76 -17.41
C TYR A 376 1.64 -61.29 -17.30
N LEU A 377 0.69 -60.91 -18.14
CA LEU A 377 0.16 -59.56 -18.22
C LEU A 377 -1.33 -59.82 -18.18
N TYR A 378 -2.02 -59.18 -17.25
CA TYR A 378 -3.46 -59.36 -17.16
C TYR A 378 -4.08 -58.08 -17.64
N TYR A 379 -5.13 -58.23 -18.45
CA TYR A 379 -5.81 -57.06 -18.98
C TYR A 379 -7.29 -57.35 -19.19
N ILE A 380 -8.06 -56.29 -19.34
CA ILE A 380 -9.48 -56.39 -19.55
C ILE A 380 -9.76 -55.86 -20.94
N SER A 381 -10.60 -56.58 -21.68
CA SER A 381 -10.96 -56.16 -23.04
C SER A 381 -12.38 -56.60 -23.37
N ASN A 382 -12.94 -55.99 -24.40
CA ASN A 382 -14.29 -56.33 -24.82
C ASN A 382 -14.22 -57.20 -26.04
N GLU A 383 -13.26 -58.13 -26.05
CA GLU A 383 -13.10 -59.00 -27.19
C GLU A 383 -14.15 -60.09 -27.24
N HIS A 384 -14.35 -60.75 -26.12
CA HIS A 384 -15.29 -61.85 -26.03
C HIS A 384 -16.62 -61.60 -26.74
N LYS A 385 -16.99 -62.51 -27.62
CA LYS A 385 -18.26 -62.43 -28.34
C LYS A 385 -18.42 -61.27 -29.31
N GLY A 386 -17.36 -60.51 -29.49
CA GLY A 386 -17.42 -59.39 -30.40
C GLY A 386 -18.36 -58.27 -30.01
N MET A 387 -18.68 -58.15 -28.73
CA MET A 387 -19.56 -57.06 -28.29
C MET A 387 -18.78 -56.11 -27.40
N PRO A 388 -18.58 -54.87 -27.86
CA PRO A 388 -17.84 -53.84 -27.13
C PRO A 388 -18.47 -53.42 -25.80
N GLY A 389 -19.74 -53.70 -25.64
CA GLY A 389 -20.40 -53.34 -24.40
C GLY A 389 -20.13 -54.33 -23.29
N GLY A 390 -19.34 -55.36 -23.60
CA GLY A 390 -19.02 -56.35 -22.59
C GLY A 390 -17.56 -56.23 -22.18
N ARG A 391 -17.21 -56.74 -21.00
CA ARG A 391 -15.84 -56.68 -20.51
C ARG A 391 -15.44 -58.04 -19.91
N ASN A 392 -14.22 -58.46 -20.19
CA ASN A 392 -13.71 -59.73 -19.67
C ASN A 392 -12.23 -59.62 -19.30
N LEU A 393 -11.77 -60.51 -18.43
CA LEU A 393 -10.38 -60.53 -17.99
C LEU A 393 -9.52 -61.50 -18.79
N TYR A 394 -8.35 -61.05 -19.21
CA TYR A 394 -7.47 -61.88 -19.99
C TYR A 394 -6.05 -61.90 -19.47
N ARG A 395 -5.37 -63.01 -19.71
CA ARG A 395 -3.98 -63.19 -19.33
C ARG A 395 -3.22 -63.60 -20.57
N ILE A 396 -2.20 -62.83 -20.93
CA ILE A 396 -1.40 -63.17 -22.07
C ILE A 396 0.00 -63.46 -21.54
N GLN A 397 0.66 -64.46 -22.11
CA GLN A 397 1.99 -64.82 -21.64
C GLN A 397 3.06 -63.91 -22.21
N LEU A 398 3.86 -63.31 -21.33
CA LEU A 398 4.92 -62.39 -21.75
C LEU A 398 5.92 -62.86 -22.78
N ASN A 399 6.22 -64.16 -22.78
CA ASN A 399 7.21 -64.68 -23.74
C ASN A 399 6.59 -65.39 -24.93
N ASP A 400 5.26 -65.42 -24.98
CA ASP A 400 4.54 -66.02 -26.10
C ASP A 400 3.17 -65.36 -26.19
N TYR A 401 3.08 -64.32 -27.01
CA TYR A 401 1.86 -63.57 -27.19
C TYR A 401 0.76 -64.38 -27.84
N THR A 402 1.00 -65.67 -27.98
CA THR A 402 0.01 -66.57 -28.59
C THR A 402 -0.80 -67.19 -27.48
N LYS A 403 -0.17 -67.31 -26.32
CA LYS A 403 -0.83 -67.92 -25.16
C LYS A 403 -1.51 -66.82 -24.36
N VAL A 404 -2.76 -66.57 -24.72
CA VAL A 404 -3.56 -65.60 -24.01
C VAL A 404 -4.82 -66.36 -23.66
N THR A 405 -5.14 -66.39 -22.37
CA THR A 405 -6.31 -67.11 -21.91
C THR A 405 -7.30 -66.16 -21.23
N CYS A 406 -8.59 -66.40 -21.46
CA CYS A 406 -9.64 -65.58 -20.87
C CYS A 406 -10.04 -66.23 -19.54
N LEU A 407 -9.91 -65.49 -18.45
CA LEU A 407 -10.23 -66.06 -17.15
C LEU A 407 -11.69 -65.94 -16.72
N SER A 408 -12.39 -64.91 -17.21
CA SER A 408 -13.79 -64.70 -16.81
C SER A 408 -14.86 -65.15 -17.80
N CYS A 409 -14.49 -65.21 -19.09
CA CYS A 409 -15.40 -65.61 -20.17
C CYS A 409 -16.44 -66.65 -19.84
N GLU A 410 -15.98 -67.83 -19.45
CA GLU A 410 -16.87 -68.93 -19.18
C GLU A 410 -17.25 -69.25 -17.74
N LEU A 411 -16.90 -68.40 -16.79
CA LEU A 411 -17.25 -68.69 -15.40
C LEU A 411 -18.75 -68.73 -15.18
N ASN A 412 -19.48 -67.83 -15.83
CA ASN A 412 -20.94 -67.75 -15.75
C ASN A 412 -21.39 -66.95 -16.96
N PRO A 413 -21.17 -67.50 -18.16
CA PRO A 413 -21.51 -66.91 -19.47
C PRO A 413 -22.81 -66.12 -19.64
N GLU A 414 -23.89 -66.56 -19.00
CA GLU A 414 -25.16 -65.87 -19.13
C GLU A 414 -25.38 -64.77 -18.10
N ARG A 415 -24.88 -64.96 -16.90
CA ARG A 415 -25.04 -63.97 -15.86
C ARG A 415 -23.90 -62.95 -15.85
N CYS A 416 -22.73 -63.35 -16.35
CA CYS A 416 -21.55 -62.48 -16.36
C CYS A 416 -20.86 -62.22 -17.70
N GLN A 417 -20.94 -60.98 -18.16
CA GLN A 417 -20.33 -60.59 -19.42
C GLN A 417 -19.65 -59.24 -19.25
N TYR A 418 -19.64 -58.75 -18.01
CA TYR A 418 -19.04 -57.46 -17.72
C TYR A 418 -18.29 -57.53 -16.39
N TYR A 419 -16.95 -57.46 -16.45
CA TYR A 419 -16.12 -57.55 -15.26
C TYR A 419 -15.09 -56.43 -15.17
N SER A 420 -14.46 -56.39 -14.00
CA SER A 420 -13.38 -55.47 -13.67
C SER A 420 -12.64 -56.35 -12.67
N ALA A 421 -11.40 -56.03 -12.32
CA ALA A 421 -10.70 -56.89 -11.36
C ALA A 421 -9.72 -56.17 -10.44
N SER A 422 -9.44 -56.85 -9.33
CA SER A 422 -8.50 -56.36 -8.32
C SER A 422 -7.52 -57.49 -8.03
N PHE A 423 -6.24 -57.26 -8.30
CA PHE A 423 -5.20 -58.27 -8.05
C PHE A 423 -4.42 -57.98 -6.76
N SER A 424 -4.02 -59.03 -6.05
CA SER A 424 -3.24 -58.86 -4.82
C SER A 424 -1.84 -58.42 -5.23
N ASN A 425 -1.04 -57.98 -4.27
CA ASN A 425 0.32 -57.49 -4.53
C ASN A 425 1.10 -58.05 -5.71
N LYS A 426 1.36 -59.35 -5.73
CA LYS A 426 2.11 -59.92 -6.84
C LYS A 426 1.19 -60.71 -7.74
N ALA A 427 -0.06 -60.27 -7.81
CA ALA A 427 -1.04 -60.93 -8.65
C ALA A 427 -1.26 -62.40 -8.30
N LYS A 428 -0.84 -62.82 -7.11
CA LYS A 428 -1.02 -64.22 -6.72
C LYS A 428 -2.50 -64.56 -6.58
N TYR A 429 -3.33 -63.54 -6.45
CA TYR A 429 -4.77 -63.76 -6.31
C TYR A 429 -5.52 -62.56 -6.87
N TYR A 430 -6.80 -62.73 -7.15
CA TYR A 430 -7.59 -61.62 -7.66
C TYR A 430 -9.07 -61.79 -7.38
N GLN A 431 -9.77 -60.67 -7.41
CA GLN A 431 -11.21 -60.67 -7.18
C GLN A 431 -11.86 -60.24 -8.48
N LEU A 432 -12.82 -61.02 -8.95
CA LEU A 432 -13.52 -60.69 -10.17
C LEU A 432 -14.85 -60.09 -9.80
N ARG A 433 -15.16 -58.95 -10.40
CA ARG A 433 -16.42 -58.30 -10.13
C ARG A 433 -17.24 -58.31 -11.40
N CYS A 434 -18.35 -59.04 -11.35
CA CYS A 434 -19.27 -59.17 -12.47
C CYS A 434 -20.45 -58.24 -12.22
N PHE A 435 -20.65 -57.29 -13.13
CA PHE A 435 -21.72 -56.32 -12.98
C PHE A 435 -22.95 -56.57 -13.83
N GLY A 436 -22.96 -57.69 -14.53
CA GLY A 436 -24.11 -58.02 -15.36
C GLY A 436 -23.77 -58.92 -16.53
N PRO A 437 -24.75 -59.22 -17.39
CA PRO A 437 -26.14 -58.76 -17.35
C PRO A 437 -26.94 -59.21 -16.12
N GLY A 438 -26.49 -60.27 -15.46
CA GLY A 438 -27.19 -60.76 -14.29
C GLY A 438 -26.87 -59.94 -13.06
N LEU A 439 -27.42 -60.32 -11.91
CA LEU A 439 -27.18 -59.60 -10.66
C LEU A 439 -25.70 -59.69 -10.35
N PRO A 440 -25.09 -58.58 -9.89
CA PRO A 440 -23.66 -58.63 -9.59
C PRO A 440 -23.27 -59.87 -8.78
N LEU A 441 -22.03 -60.29 -8.95
CA LEU A 441 -21.53 -61.47 -8.27
C LEU A 441 -20.03 -61.35 -8.07
N TYR A 442 -19.63 -61.21 -6.82
CA TYR A 442 -18.21 -61.07 -6.48
C TYR A 442 -17.61 -62.41 -6.09
N THR A 443 -16.41 -62.69 -6.61
CA THR A 443 -15.75 -63.95 -6.31
C THR A 443 -14.25 -63.76 -6.13
N LEU A 444 -13.60 -64.76 -5.53
CA LEU A 444 -12.16 -64.74 -5.26
C LEU A 444 -11.42 -65.81 -6.07
N HIS A 445 -10.28 -65.45 -6.64
CA HIS A 445 -9.52 -66.38 -7.45
C HIS A 445 -8.03 -66.39 -7.14
N SER A 446 -7.41 -67.55 -7.36
CA SER A 446 -5.98 -67.71 -7.15
C SER A 446 -5.36 -67.74 -8.54
N SER A 447 -4.31 -66.98 -8.76
CA SER A 447 -3.70 -66.97 -10.06
C SER A 447 -3.13 -68.34 -10.41
N SER A 448 -2.92 -69.15 -9.37
CA SER A 448 -2.37 -70.49 -9.54
C SER A 448 -3.07 -71.33 -10.59
N SER A 449 -4.31 -71.73 -10.32
CA SER A 449 -5.06 -72.56 -11.26
C SER A 449 -6.35 -71.96 -11.79
N ASP A 450 -6.57 -70.68 -11.56
CA ASP A 450 -7.78 -70.03 -12.03
C ASP A 450 -8.99 -70.74 -11.42
N LYS A 451 -8.81 -71.29 -10.21
CA LYS A 451 -9.88 -71.98 -9.50
C LYS A 451 -10.88 -70.95 -8.94
N GLU A 452 -12.15 -71.34 -8.90
CA GLU A 452 -13.21 -70.46 -8.38
C GLU A 452 -12.92 -69.94 -6.98
N LEU A 453 -12.34 -70.80 -6.15
CA LEU A 453 -11.97 -70.47 -4.76
C LEU A 453 -13.12 -70.15 -3.80
N ARG A 454 -14.05 -69.29 -4.19
CA ARG A 454 -15.19 -68.95 -3.34
C ARG A 454 -15.96 -67.71 -3.80
N VAL A 455 -17.22 -67.63 -3.36
CA VAL A 455 -18.10 -66.51 -3.66
C VAL A 455 -18.07 -65.52 -2.49
N LEU A 456 -17.89 -64.23 -2.80
CA LEU A 456 -17.83 -63.18 -1.78
C LEU A 456 -19.19 -62.53 -1.55
N GLU A 457 -19.96 -62.45 -2.62
CA GLU A 457 -21.30 -61.86 -2.57
C GLU A 457 -21.96 -62.27 -3.86
N ASP A 458 -23.15 -62.84 -3.75
CA ASP A 458 -23.86 -63.31 -4.92
C ASP A 458 -25.20 -62.59 -5.06
N ASN A 459 -25.55 -61.78 -4.06
CA ASN A 459 -26.80 -61.03 -4.08
C ASN A 459 -28.02 -61.92 -4.03
N SER A 460 -27.86 -63.13 -3.53
CA SER A 460 -28.96 -64.08 -3.43
C SER A 460 -30.19 -63.44 -2.79
N ALA A 461 -29.98 -62.45 -1.93
CA ALA A 461 -31.08 -61.77 -1.27
C ALA A 461 -31.86 -60.94 -2.29
N LEU A 462 -31.15 -60.20 -3.13
CA LEU A 462 -31.81 -59.38 -4.16
C LEU A 462 -32.57 -60.28 -5.11
N ASP A 463 -31.99 -61.44 -5.41
CA ASP A 463 -32.62 -62.39 -6.31
C ASP A 463 -33.97 -62.88 -5.76
N LYS A 464 -34.02 -63.13 -4.45
CA LYS A 464 -35.25 -63.59 -3.81
C LYS A 464 -36.32 -62.52 -4.00
N MET A 465 -35.98 -61.28 -3.67
CA MET A 465 -36.93 -60.18 -3.82
C MET A 465 -37.47 -59.96 -5.24
N LEU A 466 -36.58 -59.76 -6.19
CA LEU A 466 -36.98 -59.48 -7.57
C LEU A 466 -37.90 -60.50 -8.23
N GLN A 467 -37.80 -61.77 -7.83
CA GLN A 467 -38.65 -62.79 -8.46
C GLN A 467 -40.12 -62.59 -8.14
N ASP A 468 -40.44 -61.56 -7.37
CA ASP A 468 -41.81 -61.27 -7.01
C ASP A 468 -42.31 -60.03 -7.77
N VAL A 469 -41.38 -59.21 -8.24
CA VAL A 469 -41.72 -58.01 -8.98
C VAL A 469 -41.60 -58.24 -10.47
N GLN A 470 -42.48 -57.60 -11.25
CA GLN A 470 -42.46 -57.75 -12.70
C GLN A 470 -41.35 -56.93 -13.34
N MET A 471 -40.14 -57.48 -13.32
CA MET A 471 -39.00 -56.78 -13.89
C MET A 471 -39.05 -56.64 -15.41
N PRO A 472 -38.46 -55.55 -15.93
CA PRO A 472 -38.46 -55.34 -17.38
C PRO A 472 -37.29 -56.15 -17.88
N SER A 473 -37.24 -56.44 -19.17
CA SER A 473 -36.12 -57.19 -19.70
C SER A 473 -35.27 -56.24 -20.53
N LYS A 474 -33.96 -56.47 -20.53
CA LYS A 474 -33.04 -55.63 -21.29
C LYS A 474 -32.34 -56.43 -22.39
N LYS A 475 -32.50 -55.99 -23.62
CA LYS A 475 -31.90 -56.67 -24.76
C LYS A 475 -30.87 -55.78 -25.43
N LEU A 476 -29.88 -56.40 -26.08
CA LEU A 476 -28.82 -55.70 -26.79
C LEU A 476 -28.78 -56.25 -28.19
N ASP A 477 -28.65 -55.37 -29.18
CA ASP A 477 -28.61 -55.81 -30.56
C ASP A 477 -27.83 -54.82 -31.38
N VAL A 478 -27.87 -54.97 -32.70
CA VAL A 478 -27.13 -54.08 -33.57
C VAL A 478 -28.04 -53.61 -34.69
N ILE A 479 -27.69 -52.48 -35.29
CA ILE A 479 -28.43 -51.95 -36.42
C ILE A 479 -27.39 -51.33 -37.33
N ASN A 480 -27.75 -51.12 -38.58
CA ASN A 480 -26.81 -50.57 -39.54
C ASN A 480 -27.04 -49.11 -39.90
N LEU A 481 -26.03 -48.28 -39.66
CA LEU A 481 -26.10 -46.87 -40.01
C LEU A 481 -24.94 -46.63 -40.94
N HIS A 482 -25.21 -45.99 -42.08
CA HIS A 482 -24.21 -45.72 -43.09
C HIS A 482 -23.18 -46.83 -43.24
N GLY A 483 -23.65 -48.04 -43.46
CA GLY A 483 -22.76 -49.17 -43.64
C GLY A 483 -22.10 -49.78 -42.43
N THR A 484 -22.17 -49.08 -41.30
CA THR A 484 -21.54 -49.55 -40.06
C THR A 484 -22.49 -50.20 -39.07
N LYS A 485 -22.02 -51.24 -38.39
CA LYS A 485 -22.81 -51.91 -37.38
C LYS A 485 -22.66 -51.08 -36.10
N PHE A 486 -23.74 -50.87 -35.38
CA PHE A 486 -23.69 -50.11 -34.14
C PHE A 486 -24.56 -50.82 -33.11
N TRP A 487 -24.29 -50.55 -31.83
CA TRP A 487 -25.06 -51.20 -30.78
C TRP A 487 -26.09 -50.30 -30.15
N TYR A 488 -27.16 -50.93 -29.68
CA TYR A 488 -28.23 -50.22 -29.02
C TYR A 488 -28.81 -51.18 -28.03
N GLN A 489 -29.53 -50.65 -27.05
CA GLN A 489 -30.13 -51.48 -26.04
C GLN A 489 -31.53 -51.01 -25.79
N MET A 490 -32.43 -51.95 -25.50
CA MET A 490 -33.81 -51.62 -25.22
C MET A 490 -34.23 -52.29 -23.93
N ILE A 491 -34.85 -51.52 -23.05
CA ILE A 491 -35.37 -52.02 -21.79
C ILE A 491 -36.83 -52.15 -22.15
N LEU A 492 -37.35 -53.37 -22.14
CA LEU A 492 -38.75 -53.59 -22.51
C LEU A 492 -39.61 -53.88 -21.30
N PRO A 493 -40.82 -53.31 -21.27
CA PRO A 493 -41.78 -53.48 -20.19
C PRO A 493 -42.15 -54.94 -20.01
N PRO A 494 -42.62 -55.33 -18.81
CA PRO A 494 -43.01 -56.70 -18.50
C PRO A 494 -44.13 -57.17 -19.43
N HIS A 495 -44.31 -58.48 -19.56
CA HIS A 495 -45.36 -59.03 -20.42
C HIS A 495 -45.52 -58.19 -21.67
N PHE A 496 -44.46 -58.12 -22.48
CA PHE A 496 -44.49 -57.31 -23.69
C PHE A 496 -45.49 -57.78 -24.75
N ASP A 497 -46.56 -57.01 -24.91
CA ASP A 497 -47.58 -57.33 -25.89
C ASP A 497 -47.29 -56.65 -27.23
N LYS A 498 -46.84 -57.44 -28.20
CA LYS A 498 -46.52 -56.92 -29.51
C LYS A 498 -47.67 -56.25 -30.26
N SER A 499 -48.89 -56.54 -29.85
CA SER A 499 -50.08 -55.97 -30.50
C SER A 499 -50.26 -54.53 -30.09
N LYS A 500 -49.54 -54.13 -29.05
CA LYS A 500 -49.63 -52.78 -28.54
C LYS A 500 -48.54 -51.88 -29.12
N LYS A 501 -48.77 -50.57 -29.06
CA LYS A 501 -47.79 -49.58 -29.52
C LYS A 501 -47.32 -48.82 -28.29
N TYR A 502 -46.12 -49.15 -27.81
CA TYR A 502 -45.53 -48.54 -26.62
C TYR A 502 -44.74 -47.26 -26.88
N PRO A 503 -44.89 -46.25 -25.99
CA PRO A 503 -44.13 -45.02 -26.19
C PRO A 503 -42.64 -45.33 -26.01
N LEU A 504 -41.78 -44.52 -26.61
CA LEU A 504 -40.33 -44.75 -26.56
C LEU A 504 -39.52 -43.63 -25.93
N LEU A 505 -38.61 -44.00 -25.02
CA LEU A 505 -37.76 -43.00 -24.38
C LEU A 505 -36.32 -43.31 -24.76
N ILE A 506 -35.68 -42.38 -25.44
CA ILE A 506 -34.29 -42.57 -25.82
C ILE A 506 -33.44 -41.88 -24.78
N GLU A 507 -32.66 -42.69 -24.06
CA GLU A 507 -31.74 -42.17 -23.04
C GLU A 507 -30.41 -42.04 -23.75
N VAL A 508 -29.90 -40.83 -23.79
CA VAL A 508 -28.68 -40.55 -24.51
C VAL A 508 -27.60 -39.83 -23.71
N TYR A 509 -26.34 -40.11 -24.07
CA TYR A 509 -25.20 -39.41 -23.51
C TYR A 509 -24.49 -38.94 -24.77
N ALA A 510 -23.95 -39.90 -25.52
CA ALA A 510 -23.27 -39.61 -26.79
C ALA A 510 -21.93 -38.91 -26.70
N GLY A 511 -21.44 -38.67 -25.49
CA GLY A 511 -20.16 -37.99 -25.37
C GLY A 511 -19.03 -38.69 -26.12
N PRO A 512 -17.98 -37.96 -26.53
CA PRO A 512 -16.88 -38.62 -27.23
C PRO A 512 -16.25 -39.74 -26.39
N CYS A 513 -16.27 -40.94 -26.94
CA CYS A 513 -15.73 -42.13 -26.34
C CYS A 513 -16.62 -42.67 -25.23
N SER A 514 -17.89 -42.29 -25.28
CA SER A 514 -18.87 -42.72 -24.30
C SER A 514 -19.45 -44.06 -24.73
N GLN A 515 -20.16 -44.70 -23.82
CA GLN A 515 -20.79 -45.98 -24.09
C GLN A 515 -22.05 -46.13 -23.27
N LYS A 516 -23.21 -46.01 -23.91
CA LYS A 516 -24.48 -46.16 -23.22
C LYS A 516 -24.96 -47.60 -23.28
N VAL A 517 -24.53 -48.34 -24.29
CA VAL A 517 -24.94 -49.73 -24.43
C VAL A 517 -23.92 -50.68 -23.83
N ASP A 518 -24.31 -51.41 -22.79
CA ASP A 518 -23.43 -52.38 -22.15
C ASP A 518 -24.25 -53.45 -21.46
N THR A 519 -23.59 -54.46 -20.90
CA THR A 519 -24.31 -55.54 -20.22
C THR A 519 -24.35 -55.33 -18.71
N VAL A 520 -24.24 -54.09 -18.28
CA VAL A 520 -24.24 -53.77 -16.87
C VAL A 520 -25.64 -53.73 -16.25
N PHE A 521 -25.89 -54.60 -15.28
CA PHE A 521 -27.18 -54.64 -14.63
C PHE A 521 -27.38 -53.32 -13.90
N ARG A 522 -28.61 -52.80 -13.98
CA ARG A 522 -28.95 -51.55 -13.33
C ARG A 522 -30.39 -51.52 -12.88
N LEU A 523 -30.61 -50.85 -11.75
CA LEU A 523 -31.93 -50.66 -11.17
C LEU A 523 -32.01 -49.14 -11.26
N SER A 524 -32.39 -48.68 -12.45
CA SER A 524 -32.48 -47.26 -12.77
C SER A 524 -33.89 -46.72 -12.87
N TRP A 525 -33.96 -45.46 -13.28
CA TRP A 525 -35.25 -44.78 -13.47
C TRP A 525 -35.95 -45.47 -14.65
N ALA A 526 -35.16 -45.91 -15.62
CA ALA A 526 -35.72 -46.58 -16.79
C ALA A 526 -36.43 -47.85 -16.35
N THR A 527 -35.82 -48.59 -15.43
CA THR A 527 -36.44 -49.81 -14.93
C THR A 527 -37.86 -49.48 -14.49
N TYR A 528 -38.00 -48.40 -13.73
CA TYR A 528 -39.31 -47.94 -13.27
C TYR A 528 -40.16 -47.57 -14.48
N LEU A 529 -39.59 -46.78 -15.39
CA LEU A 529 -40.30 -46.35 -16.59
C LEU A 529 -40.85 -47.46 -17.48
N ALA A 530 -40.25 -48.66 -17.43
CA ALA A 530 -40.75 -49.75 -18.25
C ALA A 530 -41.61 -50.72 -17.46
N SER A 531 -41.25 -50.95 -16.20
CA SER A 531 -42.01 -51.86 -15.34
C SER A 531 -43.36 -51.34 -14.87
N THR A 532 -43.43 -50.05 -14.58
CA THR A 532 -44.68 -49.47 -14.13
C THR A 532 -45.44 -48.70 -15.20
N GLU A 533 -44.78 -47.74 -15.86
CA GLU A 533 -45.44 -46.93 -16.87
C GLU A 533 -45.45 -47.50 -18.29
N ASN A 534 -44.94 -48.72 -18.45
CA ASN A 534 -44.85 -49.38 -19.76
C ASN A 534 -44.28 -48.50 -20.85
N ILE A 535 -43.07 -48.01 -20.61
CA ILE A 535 -42.39 -47.16 -21.58
C ILE A 535 -41.10 -47.86 -21.98
N ILE A 536 -40.89 -48.00 -23.28
CA ILE A 536 -39.68 -48.61 -23.77
C ILE A 536 -38.53 -47.62 -23.69
N VAL A 537 -37.43 -48.05 -23.07
CA VAL A 537 -36.27 -47.17 -22.95
C VAL A 537 -35.14 -47.76 -23.80
N ALA A 538 -34.66 -46.98 -24.75
CA ALA A 538 -33.59 -47.41 -25.62
C ALA A 538 -32.40 -46.48 -25.50
N SER A 539 -31.24 -46.96 -25.94
CA SER A 539 -29.98 -46.22 -25.92
C SER A 539 -29.23 -46.68 -27.15
N PHE A 540 -28.43 -45.81 -27.73
CA PHE A 540 -27.71 -46.14 -28.94
C PHE A 540 -26.34 -45.46 -28.99
N ASP A 541 -25.30 -46.23 -29.30
CA ASP A 541 -23.96 -45.66 -29.40
C ASP A 541 -23.58 -45.55 -30.88
N GLY A 542 -23.60 -44.34 -31.41
CA GLY A 542 -23.25 -44.16 -32.80
C GLY A 542 -21.87 -43.56 -32.97
N ARG A 543 -21.71 -42.74 -34.00
CA ARG A 543 -20.41 -42.11 -34.24
C ARG A 543 -20.03 -41.22 -33.08
N GLY A 544 -18.79 -41.42 -32.61
CA GLY A 544 -18.27 -40.66 -31.49
C GLY A 544 -18.05 -41.61 -30.34
N SER A 545 -18.89 -42.62 -30.17
CA SER A 545 -18.75 -43.56 -29.06
C SER A 545 -17.36 -44.21 -29.07
N GLY A 546 -17.00 -44.89 -27.99
CA GLY A 546 -15.68 -45.50 -27.92
C GLY A 546 -15.64 -47.00 -27.79
N TYR A 547 -14.45 -47.52 -27.53
CA TYR A 547 -14.20 -48.96 -27.35
C TYR A 547 -14.48 -49.76 -28.61
N GLN A 548 -14.63 -49.06 -29.72
CA GLN A 548 -14.89 -49.68 -31.01
C GLN A 548 -13.90 -49.22 -32.08
N GLY A 549 -12.76 -48.68 -31.66
CA GLY A 549 -11.81 -48.22 -32.64
C GLY A 549 -11.88 -46.72 -32.86
N ASP A 550 -10.83 -46.16 -33.46
CA ASP A 550 -10.72 -44.72 -33.69
C ASP A 550 -11.52 -44.21 -34.88
N LYS A 551 -11.88 -45.10 -35.79
CA LYS A 551 -12.63 -44.68 -36.96
C LYS A 551 -13.98 -44.18 -36.49
N ILE A 552 -14.56 -44.90 -35.53
CA ILE A 552 -15.83 -44.51 -34.98
C ILE A 552 -15.66 -43.39 -33.96
N MET A 553 -14.80 -43.62 -32.97
CA MET A 553 -14.60 -42.64 -31.93
C MET A 553 -14.09 -41.28 -32.40
N HIS A 554 -13.29 -41.23 -33.45
CA HIS A 554 -12.78 -39.95 -33.93
C HIS A 554 -13.64 -39.27 -35.01
N ALA A 555 -14.75 -39.91 -35.39
CA ALA A 555 -15.62 -39.36 -36.39
C ALA A 555 -16.04 -37.94 -36.07
N ILE A 556 -16.15 -37.61 -34.79
CA ILE A 556 -16.58 -36.27 -34.43
C ILE A 556 -15.50 -35.29 -34.04
N ASN A 557 -14.25 -35.61 -34.30
CA ASN A 557 -13.20 -34.70 -33.92
C ASN A 557 -13.45 -33.34 -34.54
N ARG A 558 -13.26 -32.30 -33.74
CA ARG A 558 -13.43 -30.90 -34.15
C ARG A 558 -14.81 -30.50 -34.65
N ARG A 559 -15.79 -31.37 -34.46
CA ARG A 559 -17.16 -31.09 -34.91
C ARG A 559 -18.18 -31.77 -33.98
N LEU A 560 -18.21 -31.33 -32.73
CA LEU A 560 -19.13 -31.87 -31.73
C LEU A 560 -20.55 -31.41 -31.98
N GLY A 561 -21.51 -32.28 -31.69
CA GLY A 561 -22.90 -31.92 -31.89
C GLY A 561 -23.41 -32.21 -33.29
N THR A 562 -22.60 -32.89 -34.11
CA THR A 562 -23.04 -33.20 -35.46
C THR A 562 -23.36 -34.68 -35.63
N PHE A 563 -22.35 -35.49 -35.93
CA PHE A 563 -22.59 -36.91 -36.15
C PHE A 563 -23.22 -37.71 -35.02
N GLU A 564 -22.84 -37.44 -33.78
CA GLU A 564 -23.44 -38.18 -32.67
C GLU A 564 -24.89 -37.76 -32.48
N VAL A 565 -25.22 -36.54 -32.90
CA VAL A 565 -26.59 -36.05 -32.80
C VAL A 565 -27.41 -36.67 -33.94
N GLU A 566 -26.89 -36.51 -35.15
CA GLU A 566 -27.52 -37.04 -36.34
C GLU A 566 -27.82 -38.55 -36.26
N ASP A 567 -26.87 -39.33 -35.73
CA ASP A 567 -27.09 -40.77 -35.62
C ASP A 567 -28.07 -41.14 -34.53
N GLN A 568 -28.28 -40.26 -33.55
CA GLN A 568 -29.25 -40.55 -32.51
C GLN A 568 -30.62 -40.47 -33.16
N ILE A 569 -30.76 -39.53 -34.09
CA ILE A 569 -32.01 -39.33 -34.81
C ILE A 569 -32.31 -40.48 -35.77
N GLU A 570 -31.31 -40.80 -36.59
CA GLU A 570 -31.43 -41.88 -37.57
C GLU A 570 -31.71 -43.22 -36.92
N ALA A 571 -30.99 -43.53 -35.84
CA ALA A 571 -31.16 -44.79 -35.15
C ALA A 571 -32.56 -44.86 -34.53
N THR A 572 -33.04 -43.73 -34.03
CA THR A 572 -34.38 -43.68 -33.45
C THR A 572 -35.39 -43.90 -34.56
N ARG A 573 -35.14 -43.23 -35.69
CA ARG A 573 -35.99 -43.35 -36.85
C ARG A 573 -36.15 -44.83 -37.21
N GLN A 574 -35.06 -45.58 -37.15
CA GLN A 574 -35.13 -47.00 -37.42
C GLN A 574 -35.99 -47.66 -36.35
N PHE A 575 -35.74 -47.33 -35.09
CA PHE A 575 -36.51 -47.92 -33.98
C PHE A 575 -38.02 -47.70 -34.14
N SER A 576 -38.38 -46.55 -34.69
CA SER A 576 -39.78 -46.19 -34.90
C SER A 576 -40.51 -47.08 -35.90
N LYS A 577 -39.77 -47.65 -36.84
CA LYS A 577 -40.36 -48.52 -37.83
C LYS A 577 -40.97 -49.76 -37.18
N MET A 578 -40.38 -50.22 -36.08
CA MET A 578 -40.87 -51.41 -35.38
C MET A 578 -42.34 -51.28 -34.98
N GLY A 579 -43.05 -52.40 -35.05
CA GLY A 579 -44.46 -52.39 -34.74
C GLY A 579 -44.88 -52.16 -33.31
N PHE A 580 -43.97 -52.38 -32.37
CA PHE A 580 -44.29 -52.20 -30.95
C PHE A 580 -43.93 -50.82 -30.42
N VAL A 581 -43.47 -49.95 -31.31
CA VAL A 581 -43.09 -48.58 -30.96
C VAL A 581 -44.15 -47.61 -31.50
N ASP A 582 -44.68 -46.76 -30.63
CA ASP A 582 -45.69 -45.78 -31.02
C ASP A 582 -45.04 -44.55 -31.62
N ASP A 583 -44.65 -44.64 -32.89
CA ASP A 583 -44.00 -43.54 -33.58
C ASP A 583 -44.51 -42.12 -33.32
N LYS A 584 -45.66 -41.99 -32.66
CA LYS A 584 -46.15 -40.64 -32.38
C LYS A 584 -45.91 -40.22 -30.92
N ARG A 585 -45.16 -41.04 -30.18
CA ARG A 585 -44.83 -40.78 -28.79
C ARG A 585 -43.40 -41.20 -28.44
N ILE A 586 -42.43 -40.45 -28.94
CA ILE A 586 -41.04 -40.75 -28.69
C ILE A 586 -40.33 -39.57 -28.08
N ALA A 587 -39.75 -39.79 -26.91
CA ALA A 587 -39.02 -38.75 -26.20
C ALA A 587 -37.54 -39.08 -26.17
N ILE A 588 -36.73 -38.09 -25.82
CA ILE A 588 -35.28 -38.25 -25.73
C ILE A 588 -34.78 -37.40 -24.56
N TRP A 589 -34.02 -38.02 -23.65
CA TRP A 589 -33.48 -37.28 -22.52
C TRP A 589 -32.01 -37.55 -22.26
N GLY A 590 -31.38 -36.63 -21.53
CA GLY A 590 -29.98 -36.79 -21.22
C GLY A 590 -29.48 -35.83 -20.16
N TRP A 591 -28.34 -36.16 -19.58
CA TRP A 591 -27.74 -35.35 -18.54
C TRP A 591 -26.37 -34.94 -19.06
N SER A 592 -26.00 -33.68 -18.85
CA SER A 592 -24.68 -33.17 -19.25
C SER A 592 -24.47 -33.10 -20.76
N TYR A 593 -23.67 -34.00 -21.29
CA TYR A 593 -23.41 -34.03 -22.72
C TYR A 593 -24.72 -34.57 -23.31
N GLY A 594 -25.31 -35.54 -22.64
CA GLY A 594 -26.56 -36.12 -23.12
C GLY A 594 -27.65 -35.07 -23.17
N GLY A 595 -27.58 -34.09 -22.28
CA GLY A 595 -28.57 -33.03 -22.26
C GLY A 595 -28.30 -32.12 -23.43
N TYR A 596 -27.02 -32.00 -23.79
CA TYR A 596 -26.62 -31.17 -24.92
C TYR A 596 -27.15 -31.81 -26.20
N VAL A 597 -26.90 -33.10 -26.34
CA VAL A 597 -27.34 -33.83 -27.50
C VAL A 597 -28.87 -33.86 -27.58
N THR A 598 -29.53 -34.17 -26.46
CA THR A 598 -30.99 -34.15 -26.43
C THR A 598 -31.44 -32.81 -27.00
N SER A 599 -30.82 -31.74 -26.55
CA SER A 599 -31.17 -30.41 -27.01
C SER A 599 -30.89 -30.23 -28.49
N MET A 600 -29.75 -30.72 -28.94
CA MET A 600 -29.39 -30.58 -30.34
C MET A 600 -30.37 -31.37 -31.20
N VAL A 601 -30.81 -32.51 -30.66
CA VAL A 601 -31.75 -33.36 -31.36
C VAL A 601 -33.13 -32.71 -31.44
N LEU A 602 -33.59 -32.18 -30.32
CA LEU A 602 -34.89 -31.54 -30.28
C LEU A 602 -34.97 -30.35 -31.22
N GLY A 603 -33.83 -29.71 -31.46
CA GLY A 603 -33.84 -28.55 -32.34
C GLY A 603 -33.35 -28.90 -33.74
N ALA A 604 -33.31 -30.19 -34.02
CA ALA A 604 -32.86 -30.65 -35.33
C ALA A 604 -33.96 -30.31 -36.30
N GLY A 605 -35.18 -30.66 -35.92
CA GLY A 605 -36.33 -30.42 -36.77
C GLY A 605 -36.66 -31.73 -37.47
N SER A 606 -36.16 -32.83 -36.92
CA SER A 606 -36.39 -34.15 -37.50
C SER A 606 -37.87 -34.52 -37.47
N GLY A 607 -38.65 -33.83 -36.66
CA GLY A 607 -40.05 -34.18 -36.58
C GLY A 607 -40.22 -35.59 -36.02
N VAL A 608 -39.13 -36.18 -35.53
CA VAL A 608 -39.18 -37.52 -34.99
C VAL A 608 -39.52 -37.58 -33.49
N PHE A 609 -39.17 -36.53 -32.74
CA PHE A 609 -39.42 -36.53 -31.31
C PHE A 609 -40.50 -35.55 -30.88
N LYS A 610 -41.36 -36.02 -29.98
CA LYS A 610 -42.44 -35.20 -29.47
C LYS A 610 -41.92 -34.26 -28.37
N CYS A 611 -41.24 -34.83 -27.40
CA CYS A 611 -40.70 -34.07 -26.28
C CYS A 611 -39.33 -34.59 -25.82
N GLY A 612 -38.69 -33.86 -24.92
CA GLY A 612 -37.38 -34.26 -24.41
C GLY A 612 -36.97 -33.50 -23.15
N ILE A 613 -36.11 -34.12 -22.35
CA ILE A 613 -35.64 -33.48 -21.13
C ILE A 613 -34.11 -33.38 -21.15
N ALA A 614 -33.61 -32.16 -20.99
CA ALA A 614 -32.17 -31.93 -20.98
C ALA A 614 -31.77 -31.58 -19.54
N VAL A 615 -30.97 -32.42 -18.90
CA VAL A 615 -30.55 -32.12 -17.54
C VAL A 615 -29.12 -31.53 -17.51
N ALA A 616 -28.98 -30.36 -16.87
CA ALA A 616 -27.70 -29.66 -16.77
C ALA A 616 -26.88 -29.83 -18.04
N PRO A 617 -27.44 -29.43 -19.18
CA PRO A 617 -26.78 -29.53 -20.49
C PRO A 617 -25.74 -28.47 -20.77
N VAL A 618 -24.93 -28.76 -21.79
CA VAL A 618 -23.91 -27.83 -22.26
C VAL A 618 -24.75 -27.19 -23.36
N SER A 619 -24.62 -25.89 -23.57
CA SER A 619 -25.40 -25.25 -24.61
C SER A 619 -24.50 -24.55 -25.62
N LYS A 620 -23.29 -24.25 -25.20
CA LYS A 620 -22.34 -23.56 -26.06
C LYS A 620 -20.96 -23.93 -25.56
N TRP A 621 -20.18 -24.58 -26.43
CA TRP A 621 -18.84 -25.05 -26.05
C TRP A 621 -17.85 -24.02 -25.51
N GLU A 622 -18.00 -22.76 -25.87
CA GLU A 622 -17.07 -21.77 -25.34
C GLU A 622 -17.33 -21.55 -23.85
N TYR A 623 -18.40 -22.15 -23.35
CA TYR A 623 -18.72 -22.00 -21.93
C TYR A 623 -18.07 -23.11 -21.12
N TYR A 624 -17.68 -24.19 -21.78
CA TYR A 624 -17.05 -25.30 -21.06
C TYR A 624 -15.54 -25.12 -20.87
N ASP A 625 -14.94 -25.98 -20.04
CA ASP A 625 -13.51 -25.85 -19.75
C ASP A 625 -12.54 -26.21 -20.86
N SER A 626 -11.47 -25.43 -20.91
CA SER A 626 -10.39 -25.55 -21.86
C SER A 626 -9.90 -26.98 -22.13
N VAL A 627 -9.60 -27.71 -21.07
CA VAL A 627 -9.07 -29.06 -21.27
C VAL A 627 -10.00 -29.98 -22.06
N TYR A 628 -11.21 -30.21 -21.58
CA TYR A 628 -12.11 -31.11 -22.29
C TYR A 628 -12.54 -30.58 -23.64
N THR A 629 -12.98 -29.33 -23.68
CA THR A 629 -13.44 -28.74 -24.91
C THR A 629 -12.37 -28.69 -26.00
N GLU A 630 -11.20 -28.17 -25.67
CA GLU A 630 -10.13 -28.05 -26.66
C GLU A 630 -9.60 -29.38 -27.19
N ARG A 631 -9.64 -30.41 -26.36
CA ARG A 631 -9.17 -31.70 -26.79
C ARG A 631 -9.96 -32.14 -28.02
N TYR A 632 -11.26 -31.87 -28.01
CA TYR A 632 -12.14 -32.27 -29.11
C TYR A 632 -12.44 -31.21 -30.17
N MET A 633 -12.42 -29.95 -29.78
CA MET A 633 -12.75 -28.87 -30.70
C MET A 633 -11.64 -27.92 -31.13
N GLY A 634 -10.46 -28.03 -30.53
CA GLY A 634 -9.41 -27.09 -30.91
C GLY A 634 -9.71 -25.76 -30.27
N LEU A 635 -9.17 -24.67 -30.79
CA LEU A 635 -9.42 -23.35 -30.23
C LEU A 635 -10.48 -22.55 -30.99
N PRO A 636 -11.43 -21.95 -30.26
CA PRO A 636 -12.52 -21.16 -30.85
C PRO A 636 -11.96 -19.84 -31.39
N THR A 637 -11.25 -19.94 -32.50
CA THR A 637 -10.66 -18.77 -33.11
C THR A 637 -10.84 -18.91 -34.60
N PRO A 638 -10.96 -17.80 -35.31
CA PRO A 638 -11.15 -17.93 -36.76
C PRO A 638 -9.98 -18.68 -37.40
N GLU A 639 -8.77 -18.46 -36.92
CA GLU A 639 -7.63 -19.17 -37.49
C GLU A 639 -7.81 -20.68 -37.31
N ASP A 640 -8.39 -21.08 -36.19
CA ASP A 640 -8.58 -22.50 -35.94
C ASP A 640 -9.97 -23.07 -36.18
N ASN A 641 -10.76 -23.25 -35.12
CA ASN A 641 -12.07 -23.86 -35.26
C ASN A 641 -13.29 -23.03 -34.87
N LEU A 642 -13.13 -21.71 -34.80
CA LEU A 642 -14.25 -20.85 -34.43
C LEU A 642 -15.58 -21.17 -35.09
N ASP A 643 -15.55 -21.57 -36.36
CA ASP A 643 -16.77 -21.87 -37.09
C ASP A 643 -17.63 -23.04 -36.61
N TYR A 644 -17.03 -24.17 -36.29
CA TYR A 644 -17.83 -25.31 -35.82
C TYR A 644 -18.21 -25.10 -34.37
N TYR A 645 -17.62 -24.07 -33.78
CA TYR A 645 -17.86 -23.68 -32.40
C TYR A 645 -19.18 -22.92 -32.37
N ARG A 646 -19.35 -22.02 -33.33
CA ARG A 646 -20.54 -21.20 -33.42
C ARG A 646 -21.80 -21.88 -33.91
N ASN A 647 -21.67 -22.83 -34.82
CA ASN A 647 -22.87 -23.48 -35.33
C ASN A 647 -23.21 -24.75 -34.58
N SER A 648 -22.55 -24.98 -33.44
CA SER A 648 -22.85 -26.17 -32.66
C SER A 648 -23.51 -25.81 -31.33
N THR A 649 -23.88 -24.54 -31.17
CA THR A 649 -24.55 -24.10 -29.97
C THR A 649 -26.01 -24.52 -30.09
N VAL A 650 -26.66 -24.75 -28.97
CA VAL A 650 -28.06 -25.14 -28.96
C VAL A 650 -28.93 -23.96 -29.39
N MET A 651 -28.52 -22.77 -28.97
CA MET A 651 -29.26 -21.57 -29.29
C MET A 651 -29.49 -21.37 -30.79
N SER A 652 -28.45 -21.60 -31.58
CA SER A 652 -28.56 -21.44 -33.02
C SER A 652 -29.70 -22.28 -33.61
N ARG A 653 -30.24 -23.22 -32.83
CA ARG A 653 -31.35 -24.05 -33.30
C ARG A 653 -32.63 -23.73 -32.55
N ALA A 654 -32.62 -22.60 -31.84
CA ALA A 654 -33.76 -22.15 -31.02
C ALA A 654 -35.13 -22.16 -31.69
N GLU A 655 -35.22 -21.57 -32.88
CA GLU A 655 -36.47 -21.50 -33.62
C GLU A 655 -37.15 -22.84 -33.76
N ASN A 656 -36.36 -23.91 -33.83
CA ASN A 656 -36.97 -25.23 -33.98
C ASN A 656 -37.64 -25.86 -32.76
N PHE A 657 -37.53 -25.23 -31.60
CA PHE A 657 -38.16 -25.82 -30.42
C PHE A 657 -39.64 -25.62 -30.39
N LYS A 658 -40.15 -24.75 -31.25
CA LYS A 658 -41.58 -24.50 -31.32
C LYS A 658 -42.26 -25.81 -31.69
N GLN A 659 -41.50 -26.71 -32.30
CA GLN A 659 -42.03 -28.00 -32.74
C GLN A 659 -42.17 -29.08 -31.65
N VAL A 660 -41.56 -28.86 -30.49
CA VAL A 660 -41.62 -29.87 -29.45
C VAL A 660 -41.82 -29.38 -28.04
N GLU A 661 -42.07 -30.32 -27.12
CA GLU A 661 -42.23 -30.01 -25.71
C GLU A 661 -40.86 -30.25 -25.07
N TYR A 662 -40.26 -29.19 -24.53
CA TYR A 662 -38.93 -29.24 -23.94
C TYR A 662 -38.92 -28.94 -22.43
N LEU A 663 -38.12 -29.70 -21.69
CA LEU A 663 -37.98 -29.50 -20.24
C LEU A 663 -36.49 -29.25 -19.95
N LEU A 664 -36.16 -28.05 -19.50
CA LEU A 664 -34.76 -27.71 -19.20
C LEU A 664 -34.49 -27.61 -17.67
N ILE A 665 -33.70 -28.54 -17.14
CA ILE A 665 -33.36 -28.59 -15.72
C ILE A 665 -31.88 -28.28 -15.44
N HIS A 666 -31.60 -27.60 -14.34
CA HIS A 666 -30.22 -27.27 -14.02
C HIS A 666 -30.02 -26.78 -12.60
N GLY A 667 -28.98 -27.31 -11.92
CA GLY A 667 -28.66 -26.88 -10.56
C GLY A 667 -28.02 -25.51 -10.62
N THR A 668 -28.39 -24.60 -9.72
CA THR A 668 -27.82 -23.27 -9.80
C THR A 668 -26.41 -23.22 -9.24
N ALA A 669 -25.96 -24.33 -8.67
CA ALA A 669 -24.62 -24.36 -8.10
C ALA A 669 -23.73 -25.38 -8.82
N ASP A 670 -24.04 -25.62 -10.10
CA ASP A 670 -23.25 -26.56 -10.89
C ASP A 670 -21.91 -25.86 -11.20
N ASP A 671 -20.83 -26.46 -10.74
CA ASP A 671 -19.48 -25.92 -10.97
C ASP A 671 -18.85 -26.53 -12.23
N ASN A 672 -19.47 -27.58 -12.74
CA ASN A 672 -18.95 -28.25 -13.92
C ASN A 672 -19.53 -27.56 -15.15
N VAL A 673 -20.82 -27.78 -15.38
CA VAL A 673 -21.54 -27.15 -16.47
C VAL A 673 -22.28 -26.03 -15.75
N HIS A 674 -21.75 -24.82 -15.89
CA HIS A 674 -22.32 -23.67 -15.22
C HIS A 674 -23.78 -23.40 -15.52
N PHE A 675 -24.49 -22.86 -14.53
CA PHE A 675 -25.89 -22.57 -14.71
C PHE A 675 -26.01 -21.69 -15.94
N GLN A 676 -24.97 -20.87 -16.13
CA GLN A 676 -24.88 -19.94 -17.26
C GLN A 676 -25.34 -20.62 -18.54
N GLN A 677 -24.79 -21.80 -18.80
CA GLN A 677 -25.14 -22.58 -19.97
C GLN A 677 -26.66 -22.62 -20.23
N SER A 678 -27.44 -22.98 -19.22
CA SER A 678 -28.88 -23.03 -19.39
C SER A 678 -29.52 -21.64 -19.37
N ALA A 679 -28.93 -20.71 -18.62
CA ALA A 679 -29.47 -19.37 -18.56
C ALA A 679 -29.43 -18.76 -19.97
N GLN A 680 -28.34 -19.01 -20.69
CA GLN A 680 -28.18 -18.47 -22.04
C GLN A 680 -29.10 -19.21 -23.01
N LEU A 681 -29.28 -20.50 -22.73
CA LEU A 681 -30.17 -21.30 -23.56
C LEU A 681 -31.61 -20.85 -23.45
N SER A 682 -32.09 -20.69 -22.24
CA SER A 682 -33.47 -20.28 -22.06
C SER A 682 -33.69 -18.89 -22.63
N LYS A 683 -32.75 -17.98 -22.36
CA LYS A 683 -32.85 -16.62 -22.86
C LYS A 683 -33.06 -16.65 -24.39
N ALA A 684 -32.29 -17.50 -25.07
CA ALA A 684 -32.41 -17.61 -26.52
C ALA A 684 -33.79 -18.08 -26.95
N LEU A 685 -34.25 -19.17 -26.33
CA LEU A 685 -35.57 -19.70 -26.64
C LEU A 685 -36.65 -18.61 -26.44
N VAL A 686 -36.48 -17.78 -25.42
CA VAL A 686 -37.42 -16.69 -25.13
C VAL A 686 -37.36 -15.65 -26.24
N ASP A 687 -36.19 -15.46 -26.84
CA ASP A 687 -36.06 -14.50 -27.91
C ASP A 687 -36.69 -15.05 -29.16
N ALA A 688 -36.78 -16.38 -29.22
CA ALA A 688 -37.34 -17.02 -30.39
C ALA A 688 -38.85 -17.15 -30.27
N GLY A 689 -39.39 -16.83 -29.10
CA GLY A 689 -40.82 -16.93 -28.90
C GLY A 689 -41.20 -18.38 -28.68
N VAL A 690 -40.21 -19.18 -28.32
CA VAL A 690 -40.43 -20.61 -28.07
C VAL A 690 -40.88 -20.78 -26.63
N ASP A 691 -41.88 -21.62 -26.41
CA ASP A 691 -42.38 -21.86 -25.06
C ASP A 691 -41.78 -23.19 -24.64
N PHE A 692 -41.50 -23.32 -23.36
CA PHE A 692 -40.92 -24.54 -22.83
C PHE A 692 -41.03 -24.45 -21.32
N GLN A 693 -40.58 -25.49 -20.65
CA GLN A 693 -40.63 -25.55 -19.20
C GLN A 693 -39.24 -25.63 -18.60
N THR A 694 -39.09 -25.12 -17.38
CA THR A 694 -37.81 -25.17 -16.71
C THR A 694 -37.94 -25.61 -15.28
N MET A 695 -36.78 -25.94 -14.69
CA MET A 695 -36.70 -26.39 -13.32
C MET A 695 -35.30 -26.14 -12.80
N TRP A 696 -35.16 -25.15 -11.93
CA TRP A 696 -33.86 -24.85 -11.34
C TRP A 696 -33.82 -25.53 -9.98
N TYR A 697 -32.64 -25.96 -9.55
CA TYR A 697 -32.48 -26.61 -8.25
C TYR A 697 -31.45 -25.85 -7.43
N THR A 698 -31.95 -25.04 -6.51
CA THR A 698 -31.14 -24.22 -5.64
C THR A 698 -30.02 -24.95 -4.90
N ASP A 699 -28.80 -24.44 -5.05
CA ASP A 699 -27.59 -24.98 -4.43
C ASP A 699 -27.18 -26.41 -4.78
N GLU A 700 -27.86 -27.06 -5.71
CA GLU A 700 -27.43 -28.40 -6.11
C GLU A 700 -26.33 -28.23 -7.16
N ASP A 701 -25.48 -29.24 -7.32
CA ASP A 701 -24.43 -29.15 -8.31
C ASP A 701 -24.75 -30.03 -9.51
N HIS A 702 -23.71 -30.38 -10.27
CA HIS A 702 -23.88 -31.18 -11.47
C HIS A 702 -24.61 -32.48 -11.25
N GLY A 703 -24.47 -33.04 -10.05
CA GLY A 703 -25.12 -34.30 -9.76
C GLY A 703 -26.57 -34.23 -9.30
N ILE A 704 -27.01 -33.06 -8.81
CA ILE A 704 -28.39 -32.92 -8.32
C ILE A 704 -28.57 -34.21 -7.51
N ALA A 705 -27.61 -34.43 -6.63
CA ALA A 705 -27.55 -35.65 -5.82
C ALA A 705 -28.12 -35.67 -4.41
N SER A 706 -28.28 -34.53 -3.76
CA SER A 706 -28.85 -34.55 -2.41
C SER A 706 -30.11 -35.42 -2.40
N ASN A 707 -30.43 -36.03 -1.27
CA ASN A 707 -31.63 -36.86 -1.16
C ASN A 707 -32.90 -36.25 -1.72
N MET A 708 -33.35 -35.16 -1.11
CA MET A 708 -34.57 -34.54 -1.59
C MET A 708 -34.51 -34.13 -3.06
N ALA A 709 -33.42 -33.46 -3.46
CA ALA A 709 -33.25 -33.03 -4.84
C ALA A 709 -33.27 -34.21 -5.80
N HIS A 710 -32.62 -35.30 -5.42
CA HIS A 710 -32.58 -36.49 -6.26
C HIS A 710 -33.99 -36.97 -6.52
N GLN A 711 -34.74 -37.18 -5.45
CA GLN A 711 -36.11 -37.66 -5.56
C GLN A 711 -36.97 -36.70 -6.37
N HIS A 712 -36.76 -35.42 -6.19
CA HIS A 712 -37.55 -34.41 -6.88
C HIS A 712 -37.43 -34.38 -8.40
N ILE A 713 -36.20 -34.46 -8.90
CA ILE A 713 -35.99 -34.41 -10.34
C ILE A 713 -36.52 -35.61 -11.10
N TYR A 714 -36.45 -36.79 -10.52
CA TYR A 714 -36.96 -37.96 -11.20
C TYR A 714 -38.48 -37.97 -11.15
N THR A 715 -39.05 -37.47 -10.07
CA THR A 715 -40.49 -37.42 -9.94
C THR A 715 -41.04 -36.40 -10.94
N HIS A 716 -40.35 -35.28 -11.06
CA HIS A 716 -40.73 -34.20 -11.97
C HIS A 716 -40.70 -34.74 -13.40
N MET A 717 -39.51 -35.17 -13.83
CA MET A 717 -39.33 -35.70 -15.18
C MET A 717 -40.35 -36.80 -15.49
N SER A 718 -40.66 -37.60 -14.49
CA SER A 718 -41.62 -38.69 -14.68
C SER A 718 -42.99 -38.13 -15.05
N HIS A 719 -43.44 -37.11 -14.30
CA HIS A 719 -44.72 -36.50 -14.56
C HIS A 719 -44.69 -35.87 -15.94
N PHE A 720 -43.64 -35.10 -16.22
CA PHE A 720 -43.48 -34.44 -17.50
C PHE A 720 -43.63 -35.48 -18.63
N LEU A 721 -42.99 -36.63 -18.46
CA LEU A 721 -43.08 -37.68 -19.47
C LEU A 721 -44.48 -38.24 -19.59
N LYS A 722 -45.05 -38.65 -18.45
CA LYS A 722 -46.40 -39.20 -18.45
C LYS A 722 -47.30 -38.19 -19.15
N GLN A 723 -47.09 -36.91 -18.87
CA GLN A 723 -47.86 -35.86 -19.51
C GLN A 723 -47.63 -35.89 -21.04
N CYS A 724 -46.38 -35.97 -21.48
CA CYS A 724 -46.06 -35.99 -22.91
C CYS A 724 -46.57 -37.24 -23.61
N PHE A 725 -46.65 -38.34 -22.86
CA PHE A 725 -47.11 -39.60 -23.42
C PHE A 725 -48.59 -39.83 -23.17
N SER A 726 -49.24 -38.83 -22.58
CA SER A 726 -50.67 -38.91 -22.27
C SER A 726 -50.91 -40.17 -21.45
N LEU A 727 -50.05 -40.40 -20.47
CA LEU A 727 -50.13 -41.56 -19.58
C LEU A 727 -50.78 -41.22 -18.24
N PRO A 728 -51.69 -42.09 -17.75
CA PRO A 728 -52.40 -41.92 -16.49
C PRO A 728 -51.52 -42.06 -15.25
N SER B 1 -70.41 -13.83 -34.89
CA SER B 1 -68.98 -14.23 -35.01
C SER B 1 -68.15 -13.48 -33.99
N ARG B 2 -67.86 -12.22 -34.33
CA ARG B 2 -67.05 -11.31 -33.52
C ARG B 2 -65.78 -11.89 -32.93
N ARG B 3 -64.76 -11.05 -32.95
CA ARG B 3 -63.45 -11.41 -32.45
C ARG B 3 -63.42 -11.12 -30.96
N THR B 4 -62.65 -11.89 -30.22
CA THR B 4 -62.53 -11.66 -28.79
C THR B 4 -61.22 -10.94 -28.56
N TYR B 5 -60.93 -10.60 -27.31
CA TYR B 5 -59.68 -9.95 -26.97
C TYR B 5 -58.73 -11.13 -26.82
N THR B 6 -57.71 -11.19 -27.67
CA THR B 6 -56.76 -12.31 -27.64
C THR B 6 -55.45 -12.05 -26.88
N LEU B 7 -54.80 -13.12 -26.45
CA LEU B 7 -53.54 -12.98 -25.73
C LEU B 7 -52.62 -12.15 -26.63
N THR B 8 -52.60 -12.49 -27.92
CA THR B 8 -51.79 -11.79 -28.91
C THR B 8 -52.14 -10.30 -28.94
N ASP B 9 -53.43 -10.02 -28.79
CA ASP B 9 -53.91 -8.65 -28.78
C ASP B 9 -53.31 -7.92 -27.60
N TYR B 10 -53.29 -8.59 -26.45
CA TYR B 10 -52.74 -8.00 -25.24
C TYR B 10 -51.26 -7.77 -25.42
N LEU B 11 -50.53 -8.83 -25.76
CA LEU B 11 -49.08 -8.76 -25.93
C LEU B 11 -48.60 -7.76 -26.98
N LYS B 12 -49.26 -7.70 -28.12
CA LYS B 12 -48.88 -6.78 -29.18
C LYS B 12 -49.53 -5.41 -29.03
N SER B 13 -50.49 -5.29 -28.11
CA SER B 13 -51.20 -4.04 -27.90
C SER B 13 -51.82 -3.53 -29.20
N THR B 14 -52.58 -4.39 -29.84
CA THR B 14 -53.24 -4.06 -31.09
C THR B 14 -54.17 -2.87 -30.87
N PHE B 15 -54.89 -2.92 -29.75
CA PHE B 15 -55.83 -1.86 -29.36
C PHE B 15 -55.12 -0.83 -28.51
N ARG B 16 -54.74 0.27 -29.14
CA ARG B 16 -54.01 1.34 -28.48
C ARG B 16 -54.86 2.41 -27.77
N VAL B 17 -54.70 2.48 -26.45
CA VAL B 17 -55.38 3.46 -25.62
C VAL B 17 -54.55 4.74 -25.60
N LYS B 18 -54.98 5.76 -26.34
CA LYS B 18 -54.23 7.02 -26.40
C LYS B 18 -54.28 7.85 -25.10
N PHE B 19 -53.48 8.89 -25.07
CA PHE B 19 -53.41 9.78 -23.91
C PHE B 19 -52.91 11.14 -24.36
N TYR B 20 -52.94 12.11 -23.45
CA TYR B 20 -52.49 13.46 -23.78
C TYR B 20 -51.52 13.94 -22.71
N THR B 21 -50.28 14.13 -23.09
CA THR B 21 -49.30 14.58 -22.12
C THR B 21 -48.86 15.98 -22.49
N LEU B 22 -48.99 16.89 -21.53
CA LEU B 22 -48.59 18.25 -21.75
C LEU B 22 -47.68 18.65 -20.61
N GLN B 23 -47.01 19.79 -20.75
CA GLN B 23 -46.11 20.29 -19.73
C GLN B 23 -46.32 21.79 -19.56
N TRP B 24 -46.95 22.16 -18.44
CA TRP B 24 -47.20 23.56 -18.17
C TRP B 24 -45.88 24.29 -18.01
N ILE B 25 -45.75 25.42 -18.68
CA ILE B 25 -44.52 26.20 -18.60
C ILE B 25 -44.80 27.63 -18.13
N SER B 26 -46.06 27.90 -17.79
CA SER B 26 -46.50 29.21 -17.29
C SER B 26 -47.91 29.03 -16.74
N ASP B 27 -48.64 30.12 -16.52
CA ASP B 27 -50.00 29.99 -16.01
C ASP B 27 -50.99 29.75 -17.14
N HIS B 28 -50.57 29.96 -18.39
CA HIS B 28 -51.47 29.74 -19.52
C HIS B 28 -50.92 29.04 -20.76
N GLU B 29 -49.65 28.64 -20.73
CA GLU B 29 -49.04 27.95 -21.88
C GLU B 29 -48.50 26.58 -21.50
N TYR B 30 -48.69 25.62 -22.39
CA TYR B 30 -48.19 24.29 -22.13
C TYR B 30 -47.57 23.69 -23.40
N LEU B 31 -46.57 22.82 -23.24
CA LEU B 31 -45.92 22.20 -24.40
C LEU B 31 -46.52 20.82 -24.58
N TYR B 32 -46.62 20.40 -25.83
CA TYR B 32 -47.18 19.10 -26.16
C TYR B 32 -46.42 18.55 -27.36
N LYS B 33 -46.00 17.29 -27.29
CA LYS B 33 -45.26 16.67 -28.39
C LYS B 33 -46.26 16.10 -29.40
N GLN B 34 -46.27 16.63 -30.61
CA GLN B 34 -47.21 16.17 -31.64
C GLN B 34 -46.54 15.92 -32.97
N GLU B 35 -46.56 14.66 -33.41
CA GLU B 35 -45.94 14.29 -34.68
C GLU B 35 -44.45 14.53 -34.56
N ASN B 36 -43.95 14.51 -33.34
CA ASN B 36 -42.54 14.74 -33.05
C ASN B 36 -42.18 16.21 -33.04
N ASN B 37 -43.19 17.05 -33.22
CA ASN B 37 -42.94 18.48 -33.17
C ASN B 37 -43.40 18.87 -31.80
N ILE B 38 -42.81 19.94 -31.25
CA ILE B 38 -43.19 20.43 -29.95
C ILE B 38 -44.01 21.69 -30.21
N LEU B 39 -45.30 21.61 -29.87
CA LEU B 39 -46.21 22.73 -30.06
C LEU B 39 -46.40 23.49 -28.76
N LEU B 40 -46.52 24.81 -28.84
CA LEU B 40 -46.75 25.63 -27.67
C LEU B 40 -48.20 26.06 -27.64
N PHE B 41 -49.01 25.38 -26.83
CA PHE B 41 -50.41 25.70 -26.74
C PHE B 41 -50.78 26.83 -25.79
N ASN B 42 -51.76 27.62 -26.21
CA ASN B 42 -52.25 28.74 -25.44
C ASN B 42 -53.61 28.33 -24.88
N ALA B 43 -53.69 28.12 -23.57
CA ALA B 43 -54.94 27.72 -22.94
C ALA B 43 -56.00 28.80 -23.03
N GLU B 44 -55.58 30.05 -22.84
CA GLU B 44 -56.48 31.21 -22.89
C GLU B 44 -57.46 31.20 -24.05
N TYR B 45 -57.01 30.84 -25.24
CA TYR B 45 -57.88 30.84 -26.43
C TYR B 45 -57.77 29.58 -27.28
N GLY B 46 -57.02 28.58 -26.82
CA GLY B 46 -56.89 27.36 -27.58
C GLY B 46 -55.95 27.40 -28.78
N ASN B 47 -55.42 28.57 -29.14
CA ASN B 47 -54.53 28.66 -30.29
C ASN B 47 -53.15 28.07 -29.98
N SER B 48 -52.44 27.68 -31.03
CA SER B 48 -51.13 27.04 -30.85
C SER B 48 -50.12 27.45 -31.90
N SER B 49 -48.85 27.08 -31.66
CA SER B 49 -47.76 27.38 -32.59
C SER B 49 -46.65 26.34 -32.42
N ILE B 50 -45.76 26.25 -33.40
CA ILE B 50 -44.65 25.30 -33.35
C ILE B 50 -43.49 25.84 -32.53
N PHE B 51 -43.06 25.05 -31.55
CA PHE B 51 -41.95 25.47 -30.70
C PHE B 51 -40.66 24.90 -31.27
N LEU B 52 -40.73 23.65 -31.73
CA LEU B 52 -39.58 22.99 -32.33
C LEU B 52 -40.11 22.00 -33.37
N GLU B 53 -39.78 22.25 -34.64
CA GLU B 53 -40.22 21.40 -35.74
C GLU B 53 -39.40 20.11 -35.76
N ASN B 54 -40.02 18.97 -36.05
CA ASN B 54 -39.30 17.72 -36.06
C ASN B 54 -38.10 17.70 -37.00
N SER B 55 -37.99 18.69 -37.87
CA SER B 55 -36.86 18.74 -38.78
C SER B 55 -35.57 18.82 -37.99
N THR B 56 -35.68 19.28 -36.75
CA THR B 56 -34.52 19.41 -35.86
C THR B 56 -34.05 18.05 -35.36
N PHE B 57 -34.99 17.18 -35.01
CA PHE B 57 -34.65 15.86 -34.50
C PHE B 57 -34.02 15.04 -35.60
N ASP B 58 -34.42 15.29 -36.84
CA ASP B 58 -33.88 14.56 -37.98
C ASP B 58 -32.41 14.91 -38.19
N GLU B 59 -32.01 16.08 -37.71
CA GLU B 59 -30.65 16.55 -37.86
C GLU B 59 -29.69 16.09 -36.77
N LEU B 60 -30.21 15.71 -35.61
CA LEU B 60 -29.37 15.28 -34.50
C LEU B 60 -28.74 13.94 -34.77
N GLY B 61 -29.35 13.17 -35.66
CA GLY B 61 -28.79 11.87 -35.99
C GLY B 61 -28.78 10.84 -34.88
N TYR B 62 -29.71 10.96 -33.94
CA TYR B 62 -29.80 9.98 -32.86
C TYR B 62 -31.23 9.94 -32.30
N SER B 63 -31.62 8.75 -31.84
CA SER B 63 -32.94 8.54 -31.28
C SER B 63 -33.05 9.35 -29.99
N THR B 64 -33.79 10.46 -30.05
CA THR B 64 -33.96 11.27 -28.86
C THR B 64 -34.96 10.62 -27.94
N ASN B 65 -34.49 10.12 -26.81
CA ASN B 65 -35.35 9.47 -25.82
C ASN B 65 -36.21 10.50 -25.07
N ASP B 66 -35.76 11.74 -25.02
CA ASP B 66 -36.53 12.78 -24.33
C ASP B 66 -35.87 14.14 -24.47
N TYR B 67 -36.58 15.18 -24.09
CA TYR B 67 -36.08 16.55 -24.15
C TYR B 67 -36.61 17.32 -22.96
N SER B 68 -36.02 18.50 -22.72
CA SER B 68 -36.43 19.35 -21.62
C SER B 68 -36.11 20.79 -22.00
N VAL B 69 -37.10 21.68 -21.88
CA VAL B 69 -36.91 23.08 -22.25
C VAL B 69 -36.64 23.97 -21.05
N SER B 70 -35.57 24.76 -21.11
CA SER B 70 -35.22 25.64 -20.00
C SER B 70 -36.40 26.53 -19.66
N PRO B 71 -36.65 26.80 -18.37
CA PRO B 71 -37.78 27.66 -18.02
C PRO B 71 -37.84 29.01 -18.73
N ASP B 72 -36.70 29.56 -19.13
CA ASP B 72 -36.71 30.85 -19.80
C ASP B 72 -36.87 30.68 -21.31
N ARG B 73 -37.23 29.46 -21.72
CA ARG B 73 -37.46 29.15 -23.13
C ARG B 73 -36.30 29.33 -24.09
N GLN B 74 -35.12 29.68 -23.59
CA GLN B 74 -33.96 29.89 -24.45
C GLN B 74 -33.15 28.67 -24.85
N PHE B 75 -33.32 27.56 -24.13
CA PHE B 75 -32.56 26.35 -24.42
C PHE B 75 -33.37 25.07 -24.30
N ILE B 76 -32.89 24.03 -24.97
CA ILE B 76 -33.53 22.74 -24.89
C ILE B 76 -32.46 21.66 -24.71
N LEU B 77 -32.78 20.72 -23.83
CA LEU B 77 -31.91 19.62 -23.47
C LEU B 77 -32.42 18.39 -24.22
N PHE B 78 -31.55 17.74 -24.98
CA PHE B 78 -31.95 16.54 -25.72
C PHE B 78 -31.29 15.35 -25.05
N GLU B 79 -32.08 14.32 -24.76
CA GLU B 79 -31.57 13.13 -24.09
C GLU B 79 -31.44 11.87 -24.97
N TYR B 80 -30.22 11.36 -25.15
CA TYR B 80 -30.05 10.15 -25.95
C TYR B 80 -29.12 9.15 -25.28
N ASN B 81 -29.06 7.94 -25.83
CA ASN B 81 -28.24 6.86 -25.27
C ASN B 81 -28.78 6.49 -23.90
N TYR B 82 -30.10 6.45 -23.78
CA TYR B 82 -30.72 6.11 -22.51
C TYR B 82 -30.42 4.68 -22.07
N VAL B 83 -29.72 4.53 -20.95
CA VAL B 83 -29.43 3.19 -20.41
C VAL B 83 -30.07 3.08 -19.04
N LYS B 84 -31.04 2.18 -18.93
CA LYS B 84 -31.77 1.97 -17.69
C LYS B 84 -30.93 1.39 -16.58
N GLN B 85 -31.33 1.66 -15.32
CA GLN B 85 -30.66 1.08 -14.18
C GLN B 85 -31.73 0.42 -13.30
N TRP B 86 -32.14 1.05 -12.21
CA TRP B 86 -33.17 0.45 -11.36
C TRP B 86 -34.55 0.89 -11.85
N ARG B 87 -35.51 1.02 -10.95
CA ARG B 87 -36.85 1.42 -11.36
C ARG B 87 -36.97 2.89 -11.82
N HIS B 88 -36.07 3.76 -11.38
CA HIS B 88 -36.14 5.16 -11.78
C HIS B 88 -34.81 5.67 -12.32
N SER B 89 -33.72 5.12 -11.78
CA SER B 89 -32.38 5.52 -12.19
C SER B 89 -31.99 5.08 -13.61
N TYR B 90 -31.09 5.85 -14.21
CA TYR B 90 -30.60 5.54 -15.55
C TYR B 90 -29.59 6.60 -15.95
N THR B 91 -28.69 6.27 -16.86
CA THR B 91 -27.70 7.23 -17.34
C THR B 91 -28.00 7.54 -18.80
N ALA B 92 -27.48 8.66 -19.28
CA ALA B 92 -27.68 9.06 -20.66
C ALA B 92 -26.74 10.17 -21.05
N SER B 93 -26.78 10.53 -22.34
CA SER B 93 -25.97 11.61 -22.89
C SER B 93 -26.92 12.79 -23.10
N TYR B 94 -26.39 14.00 -23.14
CA TYR B 94 -27.24 15.16 -23.33
C TYR B 94 -26.60 16.25 -24.18
N ASP B 95 -27.42 16.81 -25.07
CA ASP B 95 -27.00 17.91 -25.94
C ASP B 95 -27.82 19.11 -25.56
N ILE B 96 -27.19 20.27 -25.49
CA ILE B 96 -27.92 21.48 -25.16
C ILE B 96 -28.12 22.21 -26.48
N TYR B 97 -29.37 22.49 -26.82
CA TYR B 97 -29.67 23.16 -28.07
C TYR B 97 -30.10 24.61 -27.84
N ASP B 98 -29.50 25.51 -28.62
CA ASP B 98 -29.79 26.92 -28.52
C ASP B 98 -30.96 27.24 -29.45
N LEU B 99 -32.11 27.59 -28.87
CA LEU B 99 -33.32 27.88 -29.64
C LEU B 99 -33.32 29.21 -30.39
N ASN B 100 -32.47 30.14 -29.96
CA ASN B 100 -32.37 31.44 -30.61
C ASN B 100 -31.59 31.27 -31.90
N LYS B 101 -30.30 31.01 -31.77
CA LYS B 101 -29.45 30.83 -32.93
C LYS B 101 -29.65 29.45 -33.56
N ARG B 102 -30.66 28.74 -33.09
CA ARG B 102 -30.99 27.40 -33.58
C ARG B 102 -29.76 26.55 -33.94
N GLN B 103 -28.81 26.52 -33.01
CA GLN B 103 -27.60 25.75 -33.20
C GLN B 103 -27.39 24.84 -31.99
N LEU B 104 -26.64 23.76 -32.19
CA LEU B 104 -26.38 22.79 -31.13
C LEU B 104 -25.08 23.14 -30.39
N ILE B 105 -25.17 23.42 -29.10
CA ILE B 105 -24.00 23.73 -28.31
C ILE B 105 -23.04 22.55 -28.35
N THR B 106 -21.79 22.82 -28.68
CA THR B 106 -20.80 21.75 -28.77
C THR B 106 -19.59 21.99 -27.85
N GLU B 107 -19.52 23.20 -27.30
CA GLU B 107 -18.45 23.57 -26.40
C GLU B 107 -18.87 23.24 -24.98
N GLU B 108 -17.99 22.62 -24.22
CA GLU B 108 -18.29 22.27 -22.83
C GLU B 108 -19.56 21.41 -22.74
N ARG B 109 -19.70 20.48 -23.67
CA ARG B 109 -20.84 19.58 -23.70
C ARG B 109 -20.96 18.84 -22.37
N ILE B 110 -22.13 18.27 -22.12
CA ILE B 110 -22.39 17.52 -20.90
C ILE B 110 -21.83 16.11 -21.08
N PRO B 111 -21.15 15.58 -20.06
CA PRO B 111 -20.55 14.25 -20.10
C PRO B 111 -21.54 13.16 -20.50
N ASN B 112 -21.01 12.04 -20.99
CA ASN B 112 -21.86 10.90 -21.33
C ASN B 112 -22.02 10.22 -19.97
N ASN B 113 -22.91 9.25 -19.85
CA ASN B 113 -23.11 8.57 -18.57
C ASN B 113 -23.58 9.52 -17.46
N THR B 114 -24.34 10.55 -17.83
CA THR B 114 -24.84 11.47 -16.82
C THR B 114 -25.98 10.80 -16.09
N GLN B 115 -25.87 10.79 -14.77
CA GLN B 115 -26.84 10.16 -13.88
C GLN B 115 -28.12 10.96 -13.66
N TRP B 116 -28.00 12.28 -13.67
CA TRP B 116 -29.16 13.12 -13.47
C TRP B 116 -28.86 14.57 -13.83
N ILE B 117 -29.86 15.23 -14.42
CA ILE B 117 -29.70 16.61 -14.83
C ILE B 117 -31.01 17.40 -14.69
N THR B 118 -30.90 18.70 -14.46
CA THR B 118 -32.07 19.52 -14.28
C THR B 118 -31.79 21.01 -14.44
N TRP B 119 -32.71 21.73 -15.08
CA TRP B 119 -32.56 23.16 -15.24
C TRP B 119 -32.94 23.77 -13.90
N SER B 120 -32.54 25.00 -13.68
CA SER B 120 -32.90 25.71 -12.45
C SER B 120 -34.40 26.02 -12.58
N PRO B 121 -35.08 26.36 -11.49
CA PRO B 121 -36.51 26.65 -11.66
C PRO B 121 -36.73 27.81 -12.61
N VAL B 122 -35.72 28.67 -12.72
CA VAL B 122 -35.84 29.82 -13.59
C VAL B 122 -34.57 29.97 -14.41
N GLY B 123 -34.63 30.82 -15.42
CA GLY B 123 -33.47 31.05 -16.26
C GLY B 123 -33.06 29.81 -17.03
N HIS B 124 -31.77 29.63 -17.22
CA HIS B 124 -31.25 28.47 -17.93
C HIS B 124 -30.02 27.84 -17.27
N LYS B 125 -29.98 27.82 -15.94
CA LYS B 125 -28.86 27.21 -15.24
C LYS B 125 -29.04 25.70 -15.26
N LEU B 126 -27.93 24.98 -15.15
CA LEU B 126 -27.97 23.54 -15.15
C LEU B 126 -27.19 22.98 -14.00
N ALA B 127 -27.64 21.82 -13.52
CA ALA B 127 -27.00 21.10 -12.44
C ALA B 127 -27.13 19.66 -12.90
N TYR B 128 -26.06 18.90 -12.78
CA TYR B 128 -26.10 17.50 -13.20
C TYR B 128 -25.16 16.64 -12.34
N VAL B 129 -25.45 15.35 -12.30
CA VAL B 129 -24.64 14.43 -11.52
C VAL B 129 -23.89 13.54 -12.49
N TRP B 130 -22.58 13.45 -12.30
CA TRP B 130 -21.72 12.60 -13.11
C TRP B 130 -20.78 11.94 -12.11
N ASN B 131 -20.64 10.62 -12.20
CA ASN B 131 -19.79 9.89 -11.26
C ASN B 131 -20.11 10.31 -9.84
N ASN B 132 -21.37 10.15 -9.45
CA ASN B 132 -21.84 10.52 -8.11
C ASN B 132 -21.43 11.89 -7.59
N ASP B 133 -20.98 12.78 -8.48
CA ASP B 133 -20.63 14.13 -8.05
C ASP B 133 -21.52 15.14 -8.76
N ILE B 134 -21.76 16.28 -8.11
CA ILE B 134 -22.62 17.32 -8.66
C ILE B 134 -21.81 18.41 -9.37
N TYR B 135 -22.35 18.89 -10.49
CA TYR B 135 -21.71 19.95 -11.27
C TYR B 135 -22.79 20.95 -11.65
N VAL B 136 -22.42 22.22 -11.68
CA VAL B 136 -23.36 23.27 -12.02
C VAL B 136 -22.89 24.09 -13.20
N LYS B 137 -23.75 24.28 -14.19
CA LYS B 137 -23.39 25.07 -15.36
C LYS B 137 -24.29 26.30 -15.40
N ASN B 138 -23.69 27.48 -15.33
CA ASN B 138 -24.44 28.74 -15.37
C ASN B 138 -24.79 29.09 -16.80
N GLU B 139 -23.99 28.61 -17.75
CA GLU B 139 -24.26 28.89 -19.15
C GLU B 139 -24.11 27.61 -19.92
N PRO B 140 -25.06 27.33 -20.82
CA PRO B 140 -25.04 26.12 -21.64
C PRO B 140 -23.77 26.02 -22.47
N ASN B 141 -23.00 27.10 -22.54
CA ASN B 141 -21.79 27.10 -23.34
C ASN B 141 -20.54 27.31 -22.49
N LEU B 142 -20.72 27.61 -21.20
CA LEU B 142 -19.58 27.80 -20.32
C LEU B 142 -19.22 26.48 -19.64
N SER B 143 -17.99 26.38 -19.18
CA SER B 143 -17.56 25.18 -18.48
C SER B 143 -18.40 25.02 -17.23
N SER B 144 -18.57 23.78 -16.79
CA SER B 144 -19.35 23.54 -15.57
C SER B 144 -18.41 23.70 -14.38
N GLN B 145 -18.99 23.78 -13.18
CA GLN B 145 -18.22 23.94 -11.94
C GLN B 145 -18.48 22.78 -10.99
N ARG B 146 -17.45 21.97 -10.72
CA ARG B 146 -17.60 20.81 -9.82
C ARG B 146 -17.96 21.31 -8.44
N ILE B 147 -18.92 20.64 -7.81
CA ILE B 147 -19.39 21.06 -6.49
C ILE B 147 -19.00 20.09 -5.39
N THR B 148 -19.05 18.81 -5.69
CA THR B 148 -18.71 17.78 -4.73
C THR B 148 -17.54 16.95 -5.23
N TRP B 149 -16.75 16.42 -4.29
CA TRP B 149 -15.57 15.65 -4.65
C TRP B 149 -15.48 14.31 -3.98
N THR B 150 -16.57 13.86 -3.39
CA THR B 150 -16.54 12.57 -2.71
C THR B 150 -17.23 11.47 -3.50
N GLY B 151 -17.69 11.78 -4.70
CA GLY B 151 -18.34 10.77 -5.51
C GLY B 151 -17.56 9.46 -5.57
N LYS B 152 -18.21 8.35 -5.24
CA LYS B 152 -17.51 7.06 -5.31
C LYS B 152 -18.46 5.87 -5.50
N GLU B 153 -18.25 5.15 -6.59
CA GLU B 153 -19.05 3.99 -6.95
C GLU B 153 -19.40 3.09 -5.76
N ASN B 154 -20.68 2.72 -5.66
CA ASN B 154 -21.17 1.87 -4.59
C ASN B 154 -20.84 2.32 -3.16
N VAL B 155 -20.43 3.58 -3.02
CA VAL B 155 -20.06 4.09 -1.71
C VAL B 155 -20.67 5.44 -1.37
N ILE B 156 -20.23 6.48 -2.08
CA ILE B 156 -20.69 7.83 -1.83
C ILE B 156 -21.52 8.37 -2.99
N TYR B 157 -22.76 8.75 -2.71
CA TYR B 157 -23.65 9.29 -3.74
C TYR B 157 -24.04 10.73 -3.46
N ASN B 158 -23.58 11.65 -4.30
CA ASN B 158 -23.93 13.05 -4.14
C ASN B 158 -24.94 13.39 -5.22
N GLY B 159 -26.02 14.07 -4.84
CA GLY B 159 -27.00 14.49 -5.82
C GLY B 159 -27.92 13.42 -6.36
N VAL B 160 -27.71 12.16 -6.01
CA VAL B 160 -28.63 11.12 -6.46
C VAL B 160 -28.69 10.03 -5.41
N THR B 161 -29.86 9.42 -5.29
CA THR B 161 -30.08 8.41 -4.29
C THR B 161 -29.33 7.10 -4.48
N ASP B 162 -29.26 6.29 -3.43
CA ASP B 162 -28.61 5.01 -3.54
C ASP B 162 -29.78 4.08 -3.88
N TRP B 163 -29.63 2.76 -3.77
CA TRP B 163 -30.73 1.90 -4.16
C TRP B 163 -31.99 1.96 -3.29
N VAL B 164 -31.83 1.95 -1.97
CA VAL B 164 -33.00 1.97 -1.09
C VAL B 164 -33.73 3.29 -1.04
N TYR B 165 -33.02 4.40 -1.22
CA TYR B 165 -33.69 5.69 -1.20
C TYR B 165 -34.43 5.88 -2.51
N GLU B 166 -33.88 5.33 -3.58
CA GLU B 166 -34.51 5.44 -4.89
C GLU B 166 -35.79 4.68 -4.91
N GLU B 167 -35.72 3.41 -4.52
CA GLU B 167 -36.89 2.56 -4.52
C GLU B 167 -37.95 2.85 -3.48
N GLU B 168 -37.53 3.03 -2.23
CA GLU B 168 -38.48 3.21 -1.14
C GLU B 168 -38.68 4.58 -0.51
N VAL B 169 -37.76 5.51 -0.70
CA VAL B 169 -37.97 6.77 -0.04
C VAL B 169 -38.37 7.86 -1.03
N PHE B 170 -37.52 8.11 -2.02
CA PHE B 170 -37.79 9.15 -3.01
C PHE B 170 -38.53 8.70 -4.24
N SER B 171 -38.58 7.41 -4.51
CA SER B 171 -39.24 6.93 -5.73
C SER B 171 -38.70 7.77 -6.88
N ALA B 172 -37.42 8.07 -6.78
CA ALA B 172 -36.74 8.86 -7.79
C ALA B 172 -35.24 8.67 -7.57
N TYR B 173 -34.47 8.90 -8.63
CA TYR B 173 -33.03 8.77 -8.58
C TYR B 173 -32.48 10.10 -8.08
N SER B 174 -33.09 11.16 -8.59
CA SER B 174 -32.71 12.53 -8.27
C SER B 174 -32.66 12.84 -6.76
N ALA B 175 -31.65 13.61 -6.38
CA ALA B 175 -31.46 13.99 -4.99
C ALA B 175 -30.89 15.40 -4.90
N LEU B 176 -31.46 16.30 -5.69
CA LEU B 176 -31.02 17.69 -5.66
C LEU B 176 -32.26 18.55 -5.97
N TRP B 177 -32.34 19.67 -5.27
CA TRP B 177 -33.47 20.58 -5.35
C TRP B 177 -33.04 22.03 -5.45
N TRP B 178 -33.41 22.74 -6.52
CA TRP B 178 -33.06 24.16 -6.64
C TRP B 178 -34.10 24.98 -5.85
N SER B 179 -33.73 26.18 -5.43
CA SER B 179 -34.68 27.03 -4.72
C SER B 179 -35.47 27.77 -5.81
N PRO B 180 -36.68 28.26 -5.48
CA PRO B 180 -37.54 28.98 -6.44
C PRO B 180 -36.86 29.85 -7.49
N ASN B 181 -35.99 30.76 -7.07
CA ASN B 181 -35.30 31.64 -8.01
C ASN B 181 -33.90 31.16 -8.38
N GLY B 182 -33.54 29.98 -7.89
CA GLY B 182 -32.26 29.40 -8.23
C GLY B 182 -31.02 29.92 -7.55
N THR B 183 -31.18 30.51 -6.37
CA THR B 183 -30.03 31.03 -5.65
C THR B 183 -29.28 29.89 -4.98
N PHE B 184 -30.02 28.98 -4.35
CA PHE B 184 -29.44 27.86 -3.66
C PHE B 184 -29.74 26.55 -4.35
N LEU B 185 -28.84 25.60 -4.14
CA LEU B 185 -28.99 24.26 -4.69
C LEU B 185 -28.76 23.35 -3.50
N ALA B 186 -29.76 22.55 -3.18
CA ALA B 186 -29.66 21.65 -2.07
C ALA B 186 -29.56 20.28 -2.67
N TYR B 187 -28.86 19.40 -1.97
CA TYR B 187 -28.71 18.02 -2.41
C TYR B 187 -28.51 17.19 -1.18
N ALA B 188 -28.73 15.90 -1.31
CA ALA B 188 -28.53 15.01 -0.19
C ALA B 188 -27.35 14.12 -0.52
N GLN B 189 -26.59 13.75 0.50
CA GLN B 189 -25.47 12.87 0.26
C GLN B 189 -25.80 11.55 0.93
N PHE B 190 -25.57 10.48 0.19
CA PHE B 190 -25.82 9.17 0.76
C PHE B 190 -24.49 8.41 0.87
N ASN B 191 -24.27 7.79 2.03
CA ASN B 191 -23.06 7.03 2.32
C ASN B 191 -23.43 5.55 2.55
N ASP B 192 -23.04 4.67 1.64
CA ASP B 192 -23.36 3.24 1.77
C ASP B 192 -22.19 2.37 2.24
N THR B 193 -21.11 3.02 2.63
CA THR B 193 -19.92 2.32 3.11
C THR B 193 -20.20 1.01 3.85
N GLU B 194 -21.02 1.04 4.88
CA GLU B 194 -21.28 -0.15 5.67
C GLU B 194 -22.52 -0.96 5.30
N VAL B 195 -23.08 -0.70 4.12
CA VAL B 195 -24.26 -1.44 3.70
C VAL B 195 -23.85 -2.72 3.01
N PRO B 196 -24.33 -3.88 3.49
CA PRO B 196 -23.99 -5.17 2.88
C PRO B 196 -24.32 -5.17 1.39
N LEU B 197 -23.59 -5.96 0.63
CA LEU B 197 -23.83 -6.05 -0.80
C LEU B 197 -24.62 -7.29 -1.20
N ILE B 198 -25.62 -7.09 -2.05
CA ILE B 198 -26.38 -8.23 -2.56
C ILE B 198 -25.64 -8.55 -3.84
N GLU B 199 -25.56 -9.82 -4.19
CA GLU B 199 -24.85 -10.18 -5.41
C GLU B 199 -25.58 -11.24 -6.20
N TYR B 200 -25.55 -11.08 -7.51
CA TYR B 200 -26.17 -12.04 -8.41
C TYR B 200 -25.51 -11.98 -9.76
N SER B 201 -25.72 -13.05 -10.52
CA SER B 201 -25.15 -13.17 -11.85
C SER B 201 -25.94 -12.46 -12.94
N PHE B 202 -25.22 -11.87 -13.89
CA PHE B 202 -25.84 -11.23 -15.05
C PHE B 202 -25.13 -11.84 -16.25
N TYR B 203 -25.82 -12.73 -16.96
CA TYR B 203 -25.23 -13.43 -18.09
C TYR B 203 -24.95 -12.63 -19.33
N SER B 204 -25.65 -11.53 -19.48
CA SER B 204 -25.49 -10.66 -20.63
C SER B 204 -25.65 -11.38 -21.94
N ASP B 205 -25.09 -10.80 -22.98
CA ASP B 205 -25.17 -11.37 -24.30
C ASP B 205 -24.41 -12.70 -24.39
N GLU B 206 -24.96 -13.60 -25.20
CA GLU B 206 -24.39 -14.92 -25.44
C GLU B 206 -22.86 -14.90 -25.61
N SER B 207 -22.37 -13.97 -26.40
CA SER B 207 -20.94 -13.89 -26.63
C SER B 207 -20.11 -13.71 -25.36
N LEU B 208 -20.69 -13.19 -24.29
CA LEU B 208 -19.94 -13.00 -23.05
C LEU B 208 -19.59 -14.41 -22.53
N GLN B 209 -18.30 -14.68 -22.36
CA GLN B 209 -17.89 -16.01 -21.93
C GLN B 209 -17.99 -16.30 -20.44
N TYR B 210 -17.87 -15.26 -19.62
CA TYR B 210 -17.98 -15.42 -18.18
C TYR B 210 -19.03 -14.47 -17.65
N PRO B 211 -19.96 -14.99 -16.83
CA PRO B 211 -21.04 -14.20 -16.22
C PRO B 211 -20.40 -13.10 -15.41
N LYS B 212 -21.02 -11.92 -15.37
CA LYS B 212 -20.47 -10.84 -14.57
C LYS B 212 -21.27 -10.90 -13.30
N THR B 213 -20.73 -10.38 -12.22
CA THR B 213 -21.43 -10.40 -10.94
C THR B 213 -21.85 -8.99 -10.57
N VAL B 214 -23.15 -8.78 -10.49
CA VAL B 214 -23.67 -7.47 -10.12
C VAL B 214 -23.57 -7.33 -8.61
N ARG B 215 -23.15 -6.15 -8.18
CA ARG B 215 -23.01 -5.91 -6.76
C ARG B 215 -23.68 -4.60 -6.42
N ILE B 216 -24.65 -4.66 -5.51
CA ILE B 216 -25.39 -3.48 -5.11
C ILE B 216 -25.47 -3.36 -3.60
N PRO B 217 -25.15 -2.18 -3.07
CA PRO B 217 -25.23 -1.98 -1.62
C PRO B 217 -26.76 -1.96 -1.43
N TYR B 218 -27.28 -2.97 -0.74
CA TYR B 218 -28.72 -3.09 -0.55
C TYR B 218 -28.96 -3.61 0.85
N PRO B 219 -29.53 -2.78 1.73
CA PRO B 219 -29.78 -3.22 3.11
C PRO B 219 -31.06 -4.05 3.18
N LYS B 220 -30.99 -5.16 3.88
CA LYS B 220 -32.14 -6.02 4.05
C LYS B 220 -32.62 -5.79 5.48
N ALA B 221 -33.78 -6.30 5.83
CA ALA B 221 -34.35 -6.11 7.16
C ALA B 221 -33.36 -6.24 8.31
N GLY B 222 -33.22 -5.18 9.09
CA GLY B 222 -32.32 -5.20 10.24
C GLY B 222 -30.86 -4.92 9.93
N ALA B 223 -30.51 -4.94 8.65
CA ALA B 223 -29.14 -4.70 8.24
C ALA B 223 -28.70 -3.27 8.50
N GLU B 224 -27.45 -2.99 8.19
CA GLU B 224 -26.88 -1.67 8.35
C GLU B 224 -27.43 -0.80 7.20
N ASN B 225 -27.97 0.37 7.52
CA ASN B 225 -28.54 1.28 6.53
C ASN B 225 -27.60 2.36 6.05
N PRO B 226 -27.86 2.91 4.87
CA PRO B 226 -26.98 3.98 4.41
C PRO B 226 -27.24 5.20 5.31
N THR B 227 -26.31 6.16 5.35
CA THR B 227 -26.55 7.34 6.15
C THR B 227 -26.71 8.47 5.16
N VAL B 228 -27.23 9.60 5.60
CA VAL B 228 -27.48 10.71 4.70
C VAL B 228 -27.10 12.05 5.29
N LYS B 229 -26.80 13.00 4.41
CA LYS B 229 -26.47 14.35 4.82
C LYS B 229 -27.16 15.29 3.84
N PHE B 230 -27.60 16.46 4.31
CA PHE B 230 -28.30 17.41 3.45
C PHE B 230 -27.52 18.73 3.43
N PHE B 231 -27.21 19.23 2.25
CA PHE B 231 -26.48 20.50 2.18
C PHE B 231 -27.23 21.47 1.32
N VAL B 232 -26.97 22.75 1.54
CA VAL B 232 -27.59 23.78 0.75
C VAL B 232 -26.44 24.61 0.18
N VAL B 233 -26.23 24.50 -1.13
CA VAL B 233 -25.18 25.23 -1.75
C VAL B 233 -25.72 26.60 -2.15
N ASP B 234 -24.93 27.63 -1.91
CA ASP B 234 -25.29 28.99 -2.27
C ASP B 234 -24.61 29.26 -3.61
N THR B 235 -25.22 28.79 -4.69
CA THR B 235 -24.63 28.92 -6.02
C THR B 235 -24.29 30.32 -6.49
N ARG B 236 -24.46 31.32 -5.64
CA ARG B 236 -24.13 32.68 -6.04
C ARG B 236 -22.64 32.90 -5.97
N THR B 237 -21.97 32.19 -5.07
CA THR B 237 -20.52 32.35 -4.90
C THR B 237 -19.72 31.52 -5.88
N LEU B 238 -20.33 30.46 -6.40
CA LEU B 238 -19.66 29.58 -7.36
C LEU B 238 -18.76 30.31 -8.36
N SER B 239 -17.54 29.84 -8.50
CA SER B 239 -16.56 30.41 -9.44
C SER B 239 -15.36 29.48 -9.49
N PRO B 240 -14.67 29.41 -10.64
CA PRO B 240 -13.51 28.53 -10.77
C PRO B 240 -12.51 28.52 -9.61
N ASN B 241 -11.97 29.69 -9.28
CA ASN B 241 -11.00 29.77 -8.19
C ASN B 241 -11.62 30.18 -6.87
N ALA B 242 -12.77 29.60 -6.57
CA ALA B 242 -13.47 29.88 -5.32
C ALA B 242 -13.99 28.54 -4.78
N SER B 243 -14.13 28.43 -3.47
CA SER B 243 -14.60 27.21 -2.84
C SER B 243 -16.14 27.14 -2.81
N VAL B 244 -16.69 25.95 -2.62
CA VAL B 244 -18.12 25.83 -2.54
C VAL B 244 -18.61 26.31 -1.17
N THR B 245 -19.50 27.28 -1.16
CA THR B 245 -20.07 27.82 0.06
C THR B 245 -21.33 27.02 0.32
N SER B 246 -21.32 26.16 1.32
CA SER B 246 -22.49 25.35 1.58
C SER B 246 -22.72 25.15 3.06
N TYR B 247 -23.96 24.89 3.43
CA TYR B 247 -24.27 24.69 4.83
C TYR B 247 -24.98 23.36 4.98
N GLN B 248 -24.72 22.67 6.09
CA GLN B 248 -25.36 21.39 6.31
C GLN B 248 -26.49 21.47 7.33
N ILE B 249 -27.68 21.05 6.91
CA ILE B 249 -28.82 21.05 7.81
C ILE B 249 -28.94 19.62 8.33
N VAL B 250 -28.92 19.46 9.65
CA VAL B 250 -29.03 18.13 10.24
C VAL B 250 -30.42 17.96 10.87
N PRO B 251 -30.90 16.72 10.96
CA PRO B 251 -32.23 16.51 11.55
C PRO B 251 -32.35 17.05 12.99
N PRO B 252 -33.59 17.20 13.48
CA PRO B 252 -33.79 17.70 14.84
C PRO B 252 -33.42 16.61 15.83
N ALA B 253 -32.96 17.00 17.01
CA ALA B 253 -32.56 16.06 18.06
C ALA B 253 -33.39 14.78 18.15
N SER B 254 -34.69 14.94 18.38
CA SER B 254 -35.61 13.80 18.49
C SER B 254 -35.41 12.74 17.42
N VAL B 255 -34.74 13.10 16.33
CA VAL B 255 -34.49 12.19 15.22
C VAL B 255 -33.02 11.80 15.12
N LEU B 256 -32.14 12.72 15.47
CA LEU B 256 -30.69 12.51 15.43
C LEU B 256 -30.31 11.36 16.33
N ILE B 257 -30.97 11.26 17.48
CA ILE B 257 -30.66 10.23 18.46
C ILE B 257 -30.43 8.83 17.89
N GLY B 258 -30.87 8.60 16.65
CA GLY B 258 -30.70 7.28 16.06
C GLY B 258 -30.83 7.22 14.56
N ASP B 259 -31.04 6.02 14.03
CA ASP B 259 -31.18 5.82 12.59
C ASP B 259 -32.38 6.55 12.02
N HIS B 260 -32.14 7.33 10.97
CA HIS B 260 -33.21 8.08 10.34
C HIS B 260 -33.10 8.08 8.84
N TYR B 261 -34.11 8.67 8.20
CA TYR B 261 -34.16 8.80 6.76
C TYR B 261 -34.62 10.21 6.44
N LEU B 262 -34.06 10.81 5.41
CA LEU B 262 -34.53 12.13 4.99
C LEU B 262 -35.62 11.69 4.04
N CYS B 263 -36.85 12.15 4.20
CA CYS B 263 -37.85 11.67 3.26
C CYS B 263 -38.55 12.72 2.45
N GLY B 264 -38.30 13.99 2.76
CA GLY B 264 -38.95 15.02 2.00
C GLY B 264 -38.21 16.33 1.98
N VAL B 265 -38.22 17.00 0.84
CA VAL B 265 -37.55 18.28 0.70
C VAL B 265 -38.48 19.17 -0.10
N THR B 266 -38.89 20.27 0.51
CA THR B 266 -39.78 21.22 -0.12
C THR B 266 -39.30 22.65 0.08
N TRP B 267 -39.12 23.35 -1.04
CA TRP B 267 -38.70 24.73 -0.98
C TRP B 267 -39.92 25.62 -0.75
N VAL B 268 -39.86 26.43 0.29
CA VAL B 268 -40.94 27.33 0.66
C VAL B 268 -40.72 28.68 -0.01
N THR B 269 -39.54 29.25 0.21
CA THR B 269 -39.17 30.54 -0.38
C THR B 269 -37.64 30.54 -0.52
N GLU B 270 -37.08 31.49 -1.26
CA GLU B 270 -35.62 31.54 -1.43
C GLU B 270 -34.88 31.47 -0.12
N GLU B 271 -35.57 31.75 0.98
CA GLU B 271 -34.91 31.72 2.27
C GLU B 271 -35.57 30.80 3.27
N ARG B 272 -36.45 29.95 2.79
CA ARG B 272 -37.13 29.03 3.67
C ARG B 272 -37.28 27.70 2.98
N ILE B 273 -36.77 26.67 3.65
CA ILE B 273 -36.82 25.33 3.12
C ILE B 273 -37.35 24.42 4.22
N SER B 274 -38.14 23.43 3.82
CA SER B 274 -38.74 22.48 4.75
C SER B 274 -38.17 21.09 4.54
N LEU B 275 -37.67 20.50 5.62
CA LEU B 275 -37.09 19.17 5.54
C LEU B 275 -37.93 18.26 6.40
N GLN B 276 -38.25 17.09 5.86
CA GLN B 276 -39.08 16.13 6.57
C GLN B 276 -38.25 14.86 6.79
N TRP B 277 -37.99 14.55 8.06
CA TRP B 277 -37.23 13.37 8.41
C TRP B 277 -38.14 12.40 9.12
N ILE B 278 -37.62 11.21 9.37
CA ILE B 278 -38.38 10.17 10.03
C ILE B 278 -37.40 9.12 10.59
N ARG B 279 -37.69 8.63 11.79
CA ARG B 279 -36.87 7.63 12.44
C ARG B 279 -36.91 6.35 11.63
N ARG B 280 -35.86 5.56 11.75
CA ARG B 280 -35.81 4.31 11.03
C ARG B 280 -37.08 3.51 11.35
N ALA B 281 -37.65 3.75 12.52
CA ALA B 281 -38.85 3.04 12.93
C ALA B 281 -40.02 3.38 12.02
N GLN B 282 -40.11 4.66 11.64
CA GLN B 282 -41.16 5.14 10.74
C GLN B 282 -42.55 5.39 11.35
N ASN B 283 -42.62 5.47 12.67
CA ASN B 283 -43.88 5.78 13.30
C ASN B 283 -43.72 7.14 13.96
N TYR B 284 -42.70 7.86 13.50
CA TYR B 284 -42.38 9.17 14.03
C TYR B 284 -41.62 9.96 12.98
N SER B 285 -42.20 11.05 12.50
CA SER B 285 -41.53 11.87 11.52
C SER B 285 -41.60 13.28 12.03
N ILE B 286 -40.80 14.17 11.44
CA ILE B 286 -40.81 15.56 11.87
C ILE B 286 -40.53 16.46 10.69
N ILE B 287 -41.16 17.63 10.67
CA ILE B 287 -40.96 18.58 9.60
C ILE B 287 -40.25 19.74 10.25
N ASP B 288 -39.04 20.00 9.75
CA ASP B 288 -38.19 21.07 10.25
C ASP B 288 -38.12 22.16 9.17
N ILE B 289 -38.58 23.35 9.51
CA ILE B 289 -38.61 24.48 8.59
C ILE B 289 -37.47 25.44 8.91
N CYS B 290 -36.51 25.52 8.00
CA CYS B 290 -35.32 26.34 8.22
C CYS B 290 -35.23 27.65 7.45
N ASP B 291 -34.85 28.69 8.17
CA ASP B 291 -34.72 30.02 7.59
C ASP B 291 -33.28 30.47 7.39
N TYR B 292 -33.02 31.06 6.23
CA TYR B 292 -31.70 31.54 5.88
C TYR B 292 -31.36 32.78 6.67
N ASP B 293 -30.13 32.83 7.14
CA ASP B 293 -29.62 33.98 7.90
C ASP B 293 -28.65 34.77 7.01
N GLU B 294 -29.13 35.88 6.46
CA GLU B 294 -28.31 36.70 5.57
C GLU B 294 -26.93 37.07 6.13
N SER B 295 -26.86 37.23 7.44
CA SER B 295 -25.60 37.64 8.06
C SER B 295 -24.58 36.54 8.30
N THR B 296 -25.02 35.29 8.25
CA THR B 296 -24.10 34.19 8.51
C THR B 296 -24.16 33.10 7.45
N GLY B 297 -25.11 33.19 6.53
CA GLY B 297 -25.22 32.19 5.48
C GLY B 297 -25.68 30.82 5.92
N ARG B 298 -26.11 30.68 7.16
CA ARG B 298 -26.58 29.38 7.59
C ARG B 298 -28.10 29.27 7.66
N TRP B 299 -28.59 28.03 7.62
CA TRP B 299 -30.01 27.78 7.67
C TRP B 299 -30.37 27.37 9.08
N ILE B 300 -31.07 28.27 9.76
CA ILE B 300 -31.44 28.05 11.15
C ILE B 300 -32.74 27.33 11.37
N SER B 301 -32.77 26.55 12.44
CA SER B 301 -33.95 25.80 12.79
C SER B 301 -34.50 26.28 14.14
N SER B 302 -35.69 25.84 14.52
CA SER B 302 -36.27 26.23 15.81
C SER B 302 -37.47 25.36 16.14
N VAL B 303 -37.67 25.16 17.43
CA VAL B 303 -38.75 24.31 17.93
C VAL B 303 -40.14 24.85 17.58
N ALA B 304 -40.19 26.12 17.22
CA ALA B 304 -41.45 26.76 16.85
C ALA B 304 -41.86 26.23 15.49
N ARG B 305 -40.89 26.10 14.60
CA ARG B 305 -41.16 25.64 13.26
C ARG B 305 -41.05 24.13 13.03
N GLN B 306 -41.04 23.35 14.10
CA GLN B 306 -40.92 21.90 13.94
C GLN B 306 -42.25 21.27 14.23
N HIS B 307 -42.72 20.42 13.33
CA HIS B 307 -44.01 19.79 13.53
C HIS B 307 -43.91 18.30 13.50
N ILE B 308 -44.41 17.67 14.55
CA ILE B 308 -44.34 16.22 14.64
C ILE B 308 -45.60 15.55 14.13
N GLU B 309 -45.43 14.36 13.57
CA GLU B 309 -46.52 13.53 13.07
C GLU B 309 -46.15 12.13 13.51
N ILE B 310 -47.13 11.36 13.99
CA ILE B 310 -46.83 9.99 14.44
C ILE B 310 -48.02 9.07 14.26
N SER B 311 -47.80 7.80 14.56
CA SER B 311 -48.84 6.79 14.46
C SER B 311 -48.59 5.84 15.61
N THR B 312 -49.64 5.49 16.33
CA THR B 312 -49.52 4.58 17.46
C THR B 312 -50.06 3.21 17.06
N THR B 313 -50.79 3.16 15.96
CA THR B 313 -51.35 1.90 15.50
C THR B 313 -50.63 1.39 14.26
N GLY B 314 -49.63 2.14 13.80
CA GLY B 314 -48.90 1.70 12.62
C GLY B 314 -47.79 2.65 12.19
N TRP B 315 -47.76 2.94 10.89
CA TRP B 315 -46.75 3.82 10.31
C TRP B 315 -47.30 5.15 9.82
N VAL B 316 -46.43 6.14 9.65
CA VAL B 316 -46.82 7.47 9.17
C VAL B 316 -46.94 7.50 7.64
N GLY B 317 -48.02 8.11 7.15
CA GLY B 317 -48.27 8.20 5.72
C GLY B 317 -48.80 6.91 5.18
N ARG B 318 -49.13 6.86 3.89
CA ARG B 318 -49.63 5.62 3.30
C ARG B 318 -48.43 4.69 3.00
N PHE B 319 -47.36 5.29 2.50
CA PHE B 319 -46.14 4.54 2.20
C PHE B 319 -45.05 5.37 2.86
N ARG B 320 -45.18 6.69 2.70
CA ARG B 320 -44.26 7.67 3.26
C ARG B 320 -45.10 8.85 3.73
N PRO B 321 -44.62 9.56 4.76
CA PRO B 321 -45.41 10.71 5.23
C PRO B 321 -45.73 11.72 4.12
N ALA B 322 -46.98 12.20 4.10
CA ALA B 322 -47.45 13.16 3.10
C ALA B 322 -46.65 14.45 3.07
N GLU B 323 -46.58 15.05 1.90
CA GLU B 323 -45.82 16.28 1.70
C GLU B 323 -46.55 17.52 2.13
N PRO B 324 -45.87 18.43 2.85
CA PRO B 324 -46.57 19.63 3.26
C PRO B 324 -46.74 20.54 2.03
N HIS B 325 -47.80 21.36 2.00
CA HIS B 325 -48.01 22.27 0.88
C HIS B 325 -48.06 23.70 1.42
N PHE B 326 -47.01 24.48 1.16
CA PHE B 326 -46.95 25.85 1.66
C PHE B 326 -47.70 26.93 0.90
N THR B 327 -48.10 27.96 1.63
CA THR B 327 -48.79 29.08 1.02
C THR B 327 -47.66 29.85 0.39
N SER B 328 -48.00 30.76 -0.52
CA SER B 328 -46.99 31.56 -1.20
C SER B 328 -46.07 32.38 -0.29
N ASP B 329 -46.45 32.63 0.95
CA ASP B 329 -45.58 33.38 1.85
C ASP B 329 -44.91 32.43 2.85
N GLY B 330 -45.25 31.15 2.76
CA GLY B 330 -44.67 30.16 3.63
C GLY B 330 -44.91 30.30 5.12
N ASN B 331 -45.97 31.00 5.48
CA ASN B 331 -46.28 31.19 6.89
C ASN B 331 -47.23 30.15 7.43
N SER B 332 -47.79 29.36 6.53
CA SER B 332 -48.68 28.26 6.89
C SER B 332 -48.59 27.24 5.75
N PHE B 333 -49.12 26.04 5.97
CA PHE B 333 -49.05 25.01 4.96
C PHE B 333 -50.17 24.01 5.15
N TYR B 334 -50.51 23.30 4.09
CA TYR B 334 -51.56 22.31 4.18
C TYR B 334 -50.95 20.95 3.94
N LYS B 335 -51.38 19.97 4.73
CA LYS B 335 -50.86 18.62 4.62
C LYS B 335 -51.81 17.55 5.17
N ILE B 336 -51.72 16.36 4.58
CA ILE B 336 -52.55 15.24 4.96
C ILE B 336 -51.99 14.41 6.12
N ILE B 337 -52.85 14.13 7.09
CA ILE B 337 -52.49 13.34 8.26
C ILE B 337 -53.76 12.61 8.65
N SER B 338 -53.64 11.61 9.49
CA SER B 338 -54.82 10.88 9.96
C SER B 338 -55.51 11.74 11.01
N ASN B 339 -56.84 11.74 11.03
CA ASN B 339 -57.59 12.52 12.01
C ASN B 339 -57.99 11.61 13.16
N GLU B 340 -58.58 12.20 14.19
CA GLU B 340 -59.00 11.46 15.38
C GLU B 340 -59.74 10.18 15.03
N GLU B 341 -60.41 10.17 13.88
CA GLU B 341 -61.16 9.00 13.47
C GLU B 341 -60.35 8.01 12.63
N GLY B 342 -59.09 8.35 12.35
CA GLY B 342 -58.27 7.45 11.57
C GLY B 342 -58.48 7.56 10.06
N TYR B 343 -58.81 8.76 9.61
CA TYR B 343 -58.99 9.00 8.18
C TYR B 343 -58.04 10.10 7.74
N LYS B 344 -57.42 9.88 6.58
CA LYS B 344 -56.47 10.83 6.03
C LYS B 344 -57.18 12.03 5.44
N HIS B 345 -57.01 13.19 6.08
CA HIS B 345 -57.61 14.42 5.61
C HIS B 345 -56.61 15.57 5.63
N ILE B 346 -57.01 16.70 5.06
CA ILE B 346 -56.16 17.87 4.98
C ILE B 346 -56.21 18.71 6.24
N CYS B 347 -55.07 18.85 6.94
CA CYS B 347 -55.04 19.68 8.15
C CYS B 347 -54.32 20.96 7.76
N HIS B 348 -54.59 22.05 8.46
CA HIS B 348 -53.94 23.33 8.16
C HIS B 348 -53.01 23.69 9.29
N PHE B 349 -51.73 23.93 8.96
CA PHE B 349 -50.72 24.26 9.97
C PHE B 349 -50.17 25.64 9.84
N GLN B 350 -49.99 26.28 10.99
CA GLN B 350 -49.40 27.61 11.04
C GLN B 350 -47.92 27.23 11.07
N THR B 351 -47.13 27.74 10.14
CA THR B 351 -45.71 27.39 10.08
C THR B 351 -44.97 27.43 11.44
N ASP B 352 -45.31 28.39 12.30
CA ASP B 352 -44.66 28.49 13.61
C ASP B 352 -45.58 28.20 14.81
N LYS B 353 -46.55 27.30 14.65
CA LYS B 353 -47.48 26.93 15.72
C LYS B 353 -47.76 25.45 15.59
N SER B 354 -47.81 24.72 16.70
CA SER B 354 -48.01 23.27 16.62
C SER B 354 -49.40 22.70 16.40
N ASN B 355 -50.45 23.48 16.65
CA ASN B 355 -51.80 22.98 16.44
C ASN B 355 -52.25 23.17 14.99
N CYS B 356 -53.00 22.21 14.45
CA CYS B 356 -53.49 22.36 13.10
C CYS B 356 -55.00 22.21 13.10
N THR B 357 -55.60 22.63 12.00
CA THR B 357 -57.04 22.52 11.86
C THR B 357 -57.39 21.71 10.62
N PHE B 358 -58.32 20.78 10.77
CA PHE B 358 -58.74 19.98 9.65
C PHE B 358 -59.72 20.76 8.78
N ILE B 359 -59.49 20.76 7.47
CA ILE B 359 -60.37 21.46 6.58
C ILE B 359 -61.25 20.45 5.84
N THR B 360 -60.97 19.17 6.04
CA THR B 360 -61.75 18.11 5.43
C THR B 360 -62.02 17.07 6.50
N LYS B 361 -63.07 16.30 6.34
CA LYS B 361 -63.43 15.30 7.31
C LYS B 361 -64.41 14.33 6.68
N GLY B 362 -64.57 13.14 7.25
CA GLY B 362 -65.48 12.16 6.69
C GLY B 362 -64.94 10.74 6.65
N ALA B 363 -65.76 9.79 6.25
CA ALA B 363 -65.32 8.39 6.19
C ALA B 363 -64.97 8.07 4.76
N TRP B 364 -63.91 8.75 4.32
CA TRP B 364 -63.29 8.65 3.00
C TRP B 364 -61.98 9.38 3.26
N GLU B 365 -61.05 9.31 2.32
CA GLU B 365 -59.78 9.98 2.53
C GLU B 365 -59.35 10.86 1.38
N VAL B 366 -58.56 11.88 1.70
CA VAL B 366 -58.02 12.76 0.66
C VAL B 366 -56.78 12.04 0.12
N ILE B 367 -56.72 11.86 -1.19
CA ILE B 367 -55.61 11.19 -1.82
C ILE B 367 -54.36 12.07 -1.87
N GLY B 368 -54.56 13.37 -2.07
CA GLY B 368 -53.42 14.26 -2.12
C GLY B 368 -53.75 15.67 -2.58
N ILE B 369 -53.01 16.64 -2.08
CA ILE B 369 -53.22 18.04 -2.44
C ILE B 369 -52.64 18.30 -3.83
N GLU B 370 -53.45 18.86 -4.73
CA GLU B 370 -52.99 19.11 -6.09
C GLU B 370 -52.58 20.54 -6.44
N ALA B 371 -53.16 21.53 -5.79
CA ALA B 371 -52.79 22.90 -6.09
C ALA B 371 -53.22 23.82 -4.96
N LEU B 372 -52.53 24.95 -4.82
CA LEU B 372 -52.85 25.86 -3.76
C LEU B 372 -52.69 27.32 -4.12
N THR B 373 -53.80 28.05 -4.22
CA THR B 373 -53.74 29.48 -4.49
C THR B 373 -54.09 30.15 -3.18
N SER B 374 -54.06 31.47 -3.12
CA SER B 374 -54.37 32.17 -1.87
C SER B 374 -55.83 32.03 -1.45
N ASP B 375 -56.71 31.73 -2.40
CA ASP B 375 -58.12 31.60 -2.07
C ASP B 375 -58.64 30.17 -2.07
N TYR B 376 -57.96 29.26 -2.75
CA TYR B 376 -58.44 27.89 -2.75
C TYR B 376 -57.36 26.82 -2.67
N LEU B 377 -57.82 25.60 -2.44
CA LEU B 377 -56.98 24.43 -2.32
C LEU B 377 -57.64 23.37 -3.21
N TYR B 378 -56.91 22.82 -4.16
CA TYR B 378 -57.49 21.80 -5.01
C TYR B 378 -56.96 20.46 -4.53
N TYR B 379 -57.85 19.49 -4.38
CA TYR B 379 -57.42 18.17 -3.92
C TYR B 379 -58.17 17.02 -4.59
N ILE B 380 -57.82 15.80 -4.20
CA ILE B 380 -58.44 14.61 -4.76
C ILE B 380 -58.83 13.69 -3.59
N SER B 381 -59.93 12.97 -3.73
CA SER B 381 -60.37 12.07 -2.67
C SER B 381 -61.31 11.06 -3.26
N ASN B 382 -61.60 10.02 -2.50
CA ASN B 382 -62.50 8.98 -2.94
C ASN B 382 -63.85 9.16 -2.24
N GLU B 383 -64.19 10.42 -1.98
CA GLU B 383 -65.46 10.74 -1.31
C GLU B 383 -66.70 10.40 -2.13
N HIS B 384 -66.80 10.99 -3.31
CA HIS B 384 -67.94 10.74 -4.16
C HIS B 384 -68.50 9.33 -4.09
N LYS B 385 -69.81 9.22 -3.93
CA LYS B 385 -70.50 7.94 -3.86
C LYS B 385 -69.99 7.01 -2.78
N GLY B 386 -69.06 7.49 -1.96
CA GLY B 386 -68.53 6.65 -0.89
C GLY B 386 -67.77 5.43 -1.36
N MET B 387 -67.29 5.45 -2.60
CA MET B 387 -66.53 4.31 -3.12
C MET B 387 -65.04 4.69 -3.16
N PRO B 388 -64.22 4.01 -2.35
CA PRO B 388 -62.77 4.26 -2.27
C PRO B 388 -61.99 4.09 -3.57
N GLY B 389 -62.42 3.17 -4.42
CA GLY B 389 -61.74 2.96 -5.70
C GLY B 389 -62.03 4.01 -6.78
N GLY B 390 -62.56 5.16 -6.39
CA GLY B 390 -62.83 6.21 -7.36
C GLY B 390 -62.02 7.44 -6.99
N ARG B 391 -61.86 8.38 -7.91
CA ARG B 391 -61.08 9.58 -7.61
C ARG B 391 -61.68 10.80 -8.29
N ASN B 392 -61.78 11.89 -7.52
CA ASN B 392 -62.31 13.16 -8.03
C ASN B 392 -61.59 14.39 -7.51
N LEU B 393 -61.68 15.47 -8.29
CA LEU B 393 -61.05 16.73 -7.95
C LEU B 393 -62.05 17.63 -7.23
N TYR B 394 -61.62 18.21 -6.11
CA TYR B 394 -62.46 19.10 -5.32
C TYR B 394 -61.73 20.41 -5.11
N ARG B 395 -62.49 21.47 -4.79
CA ARG B 395 -61.91 22.75 -4.52
C ARG B 395 -62.50 23.28 -3.22
N ILE B 396 -61.68 23.38 -2.20
CA ILE B 396 -62.16 23.87 -0.93
C ILE B 396 -61.81 25.34 -0.86
N GLN B 397 -62.67 26.11 -0.19
CA GLN B 397 -62.48 27.55 -0.04
C GLN B 397 -61.69 27.88 1.21
N LEU B 398 -60.44 28.29 1.03
CA LEU B 398 -59.56 28.60 2.14
C LEU B 398 -60.13 29.42 3.28
N ASN B 399 -60.96 30.42 2.96
CA ASN B 399 -61.55 31.25 4.02
C ASN B 399 -62.82 30.66 4.62
N ASP B 400 -63.37 29.62 4.00
CA ASP B 400 -64.61 28.99 4.47
C ASP B 400 -64.57 27.50 4.12
N TYR B 401 -63.92 26.73 4.99
CA TYR B 401 -63.79 25.28 4.82
C TYR B 401 -65.09 24.56 4.55
N THR B 402 -66.21 25.26 4.56
CA THR B 402 -67.49 24.60 4.33
C THR B 402 -67.86 24.70 2.85
N LYS B 403 -67.30 25.68 2.17
CA LYS B 403 -67.57 25.84 0.75
C LYS B 403 -66.59 24.98 -0.05
N VAL B 404 -67.02 23.76 -0.37
CA VAL B 404 -66.18 22.85 -1.14
C VAL B 404 -66.95 22.38 -2.37
N THR B 405 -66.28 22.35 -3.52
CA THR B 405 -66.94 21.92 -4.76
C THR B 405 -66.26 20.74 -5.44
N CYS B 406 -67.05 19.87 -6.03
CA CYS B 406 -66.50 18.75 -6.74
C CYS B 406 -66.47 19.15 -8.21
N LEU B 407 -65.28 19.42 -8.74
CA LEU B 407 -65.12 19.84 -10.12
C LEU B 407 -65.27 18.76 -11.19
N SER B 408 -65.20 17.49 -10.82
CA SER B 408 -65.31 16.45 -11.84
C SER B 408 -66.37 15.36 -11.64
N CYS B 409 -67.07 15.39 -10.52
CA CYS B 409 -68.10 14.37 -10.23
C CYS B 409 -69.16 14.18 -11.31
N GLU B 410 -69.73 15.28 -11.80
CA GLU B 410 -70.79 15.19 -12.80
C GLU B 410 -70.41 15.40 -14.25
N LEU B 411 -69.15 15.66 -14.54
CA LEU B 411 -68.73 15.87 -15.91
C LEU B 411 -69.13 14.71 -16.81
N ASN B 412 -69.00 13.48 -16.31
CA ASN B 412 -69.35 12.30 -17.08
C ASN B 412 -69.57 11.12 -16.14
N PRO B 413 -70.45 11.29 -15.16
CA PRO B 413 -70.81 10.28 -14.15
C PRO B 413 -70.67 8.81 -14.50
N GLU B 414 -71.20 8.39 -15.64
CA GLU B 414 -71.11 6.98 -16.01
C GLU B 414 -69.73 6.59 -16.52
N ARG B 415 -69.19 7.40 -17.41
CA ARG B 415 -67.89 7.13 -18.02
C ARG B 415 -66.67 7.42 -17.15
N CYS B 416 -66.75 8.51 -16.36
CA CYS B 416 -65.64 8.94 -15.51
C CYS B 416 -65.82 8.96 -13.98
N GLN B 417 -65.13 8.06 -13.30
CA GLN B 417 -65.20 7.99 -11.86
C GLN B 417 -63.82 8.00 -11.20
N TYR B 418 -62.78 8.01 -12.03
CA TYR B 418 -61.42 7.98 -11.53
C TYR B 418 -60.61 9.08 -12.20
N TYR B 419 -60.40 10.17 -11.48
CA TYR B 419 -59.67 11.31 -12.03
C TYR B 419 -58.30 11.59 -11.43
N SER B 420 -57.51 12.36 -12.17
CA SER B 420 -56.19 12.82 -11.76
C SER B 420 -56.16 14.19 -12.40
N ALA B 421 -55.31 15.10 -11.93
CA ALA B 421 -55.27 16.44 -12.48
C ALA B 421 -53.88 17.01 -12.57
N SER B 422 -53.75 18.07 -13.35
CA SER B 422 -52.49 18.75 -13.59
C SER B 422 -52.79 20.23 -13.78
N PHE B 423 -52.49 21.05 -12.77
CA PHE B 423 -52.74 22.48 -12.85
C PHE B 423 -51.63 23.27 -13.49
N SER B 424 -51.98 24.39 -14.11
CA SER B 424 -50.99 25.24 -14.72
C SER B 424 -50.36 26.05 -13.59
N ASN B 425 -49.45 26.96 -13.93
CA ASN B 425 -48.85 27.77 -12.89
C ASN B 425 -49.93 28.67 -12.32
N LYS B 426 -49.85 28.88 -11.01
CA LYS B 426 -50.83 29.70 -10.30
C LYS B 426 -52.23 29.06 -10.35
N ALA B 427 -52.33 27.92 -11.01
CA ALA B 427 -53.58 27.18 -11.10
C ALA B 427 -54.70 27.84 -11.91
N LYS B 428 -54.36 28.68 -12.89
CA LYS B 428 -55.38 29.33 -13.70
C LYS B 428 -56.15 28.35 -14.58
N TYR B 429 -55.51 27.22 -14.86
CA TYR B 429 -56.13 26.20 -15.70
C TYR B 429 -55.72 24.84 -15.16
N TYR B 430 -56.41 23.82 -15.62
CA TYR B 430 -56.08 22.47 -15.20
C TYR B 430 -56.43 21.52 -16.30
N GLN B 431 -55.87 20.32 -16.21
CA GLN B 431 -56.13 19.30 -17.19
C GLN B 431 -56.63 18.10 -16.41
N LEU B 432 -57.86 17.69 -16.70
CA LEU B 432 -58.43 16.56 -16.00
C LEU B 432 -58.07 15.27 -16.71
N ARG B 433 -57.90 14.21 -15.94
CA ARG B 433 -57.53 12.94 -16.50
C ARG B 433 -58.39 11.84 -15.93
N CYS B 434 -59.32 11.40 -16.77
CA CYS B 434 -60.29 10.36 -16.46
C CYS B 434 -59.76 8.99 -16.90
N PHE B 435 -59.50 8.10 -15.95
CA PHE B 435 -58.98 6.80 -16.30
C PHE B 435 -59.99 5.67 -16.29
N GLY B 436 -61.28 6.01 -16.27
CA GLY B 436 -62.30 4.96 -16.27
C GLY B 436 -63.52 5.31 -15.45
N PRO B 437 -64.48 4.39 -15.33
CA PRO B 437 -64.44 3.04 -15.90
C PRO B 437 -64.53 2.97 -17.42
N GLY B 438 -64.89 4.08 -18.06
CA GLY B 438 -64.97 4.06 -19.51
C GLY B 438 -63.61 4.34 -20.14
N LEU B 439 -63.53 4.52 -21.46
CA LEU B 439 -62.25 4.79 -22.07
C LEU B 439 -61.69 6.12 -21.54
N PRO B 440 -60.39 6.17 -21.26
CA PRO B 440 -59.74 7.39 -20.75
C PRO B 440 -60.17 8.64 -21.54
N LEU B 441 -60.29 9.78 -20.84
CA LEU B 441 -60.69 11.04 -21.47
C LEU B 441 -59.93 12.25 -20.91
N TYR B 442 -59.16 12.92 -21.76
CA TYR B 442 -58.40 14.09 -21.37
C TYR B 442 -59.12 15.37 -21.75
N THR B 443 -59.24 16.29 -20.79
CA THR B 443 -59.92 17.56 -21.01
C THR B 443 -59.21 18.72 -20.32
N LEU B 444 -59.42 19.93 -20.84
CA LEU B 444 -58.80 21.15 -20.31
C LEU B 444 -59.88 22.11 -19.77
N HIS B 445 -59.63 22.72 -18.61
CA HIS B 445 -60.62 23.62 -18.03
C HIS B 445 -60.05 24.92 -17.51
N SER B 446 -60.93 25.88 -17.31
CA SER B 446 -60.58 27.20 -16.79
C SER B 446 -60.91 27.14 -15.30
N SER B 447 -60.03 27.68 -14.47
CA SER B 447 -60.28 27.66 -13.04
C SER B 447 -61.27 28.74 -12.63
N SER B 448 -61.24 29.86 -13.33
CA SER B 448 -62.11 30.98 -13.03
C SER B 448 -63.58 30.74 -13.40
N SER B 449 -63.82 29.94 -14.43
CA SER B 449 -65.20 29.68 -14.81
C SER B 449 -65.58 28.20 -14.69
N ASP B 450 -64.58 27.34 -14.55
CA ASP B 450 -64.82 25.90 -14.44
C ASP B 450 -65.49 25.41 -15.71
N LYS B 451 -65.30 26.16 -16.79
CA LYS B 451 -65.85 25.83 -18.11
C LYS B 451 -64.90 24.83 -18.77
N GLU B 452 -65.46 23.85 -19.48
CA GLU B 452 -64.66 22.83 -20.13
C GLU B 452 -64.06 23.24 -21.46
N LEU B 453 -63.20 24.24 -21.43
CA LEU B 453 -62.51 24.77 -22.62
C LEU B 453 -62.53 23.84 -23.83
N ARG B 454 -62.02 22.63 -23.69
CA ARG B 454 -62.02 21.67 -24.80
C ARG B 454 -61.59 20.25 -24.45
N VAL B 455 -61.77 19.34 -25.40
CA VAL B 455 -61.41 17.94 -25.21
C VAL B 455 -60.07 17.76 -25.91
N LEU B 456 -59.10 17.17 -25.22
CA LEU B 456 -57.76 16.97 -25.77
C LEU B 456 -57.61 15.57 -26.36
N GLU B 457 -58.37 14.62 -25.81
CA GLU B 457 -58.34 13.23 -26.25
C GLU B 457 -59.48 12.44 -25.64
N ASP B 458 -60.28 11.80 -26.49
CA ASP B 458 -61.41 11.00 -26.01
C ASP B 458 -61.32 9.54 -26.40
N ASN B 459 -60.29 9.19 -27.16
CA ASN B 459 -60.10 7.80 -27.59
C ASN B 459 -61.24 7.32 -28.49
N SER B 460 -61.67 8.19 -29.39
CA SER B 460 -62.75 7.86 -30.33
C SER B 460 -62.28 6.72 -31.23
N ALA B 461 -60.98 6.72 -31.54
CA ALA B 461 -60.36 5.71 -32.37
C ALA B 461 -60.38 4.34 -31.71
N LEU B 462 -60.27 4.30 -30.39
CA LEU B 462 -60.29 3.02 -29.69
C LEU B 462 -61.70 2.50 -29.55
N ASP B 463 -62.65 3.39 -29.28
CA ASP B 463 -64.04 2.95 -29.12
C ASP B 463 -64.55 2.24 -30.37
N LYS B 464 -64.26 2.82 -31.52
CA LYS B 464 -64.68 2.24 -32.80
C LYS B 464 -64.24 0.79 -32.88
N MET B 465 -62.94 0.55 -32.75
CA MET B 465 -62.37 -0.80 -32.82
C MET B 465 -63.00 -1.77 -31.83
N LEU B 466 -63.06 -1.39 -30.57
CA LEU B 466 -63.62 -2.23 -29.52
C LEU B 466 -65.05 -2.70 -29.76
N GLN B 467 -65.81 -1.96 -30.55
CA GLN B 467 -67.19 -2.34 -30.85
C GLN B 467 -67.30 -3.66 -31.59
N ASP B 468 -66.31 -3.92 -32.44
CA ASP B 468 -66.27 -5.13 -33.24
C ASP B 468 -65.75 -6.33 -32.46
N VAL B 469 -65.43 -6.14 -31.19
CA VAL B 469 -64.92 -7.24 -30.38
C VAL B 469 -65.77 -7.48 -29.12
N GLN B 470 -65.75 -8.72 -28.63
CA GLN B 470 -66.52 -9.09 -27.45
C GLN B 470 -65.79 -8.77 -26.15
N MET B 471 -65.69 -7.49 -25.82
CA MET B 471 -65.04 -7.11 -24.61
C MET B 471 -65.81 -7.63 -23.40
N PRO B 472 -65.09 -7.98 -22.32
CA PRO B 472 -65.72 -8.49 -21.10
C PRO B 472 -66.10 -7.27 -20.29
N SER B 473 -66.83 -7.45 -19.20
CA SER B 473 -67.23 -6.29 -18.39
C SER B 473 -66.60 -6.32 -16.99
N LYS B 474 -66.52 -5.16 -16.36
CA LYS B 474 -65.95 -5.07 -15.02
C LYS B 474 -67.01 -4.62 -14.03
N LYS B 475 -67.35 -5.50 -13.09
CA LYS B 475 -68.35 -5.17 -12.09
C LYS B 475 -67.75 -5.02 -10.70
N LEU B 476 -68.02 -3.88 -10.07
CA LEU B 476 -67.56 -3.62 -8.71
C LEU B 476 -68.72 -3.67 -7.72
N ASP B 477 -68.52 -4.34 -6.61
CA ASP B 477 -69.54 -4.40 -5.58
C ASP B 477 -68.83 -4.54 -4.25
N VAL B 478 -69.53 -5.00 -3.23
CA VAL B 478 -68.93 -5.12 -1.92
C VAL B 478 -69.42 -6.37 -1.21
N ILE B 479 -68.70 -6.77 -0.17
CA ILE B 479 -69.09 -7.90 0.65
C ILE B 479 -68.70 -7.57 2.07
N ASN B 480 -69.06 -8.42 3.01
CA ASN B 480 -68.74 -8.19 4.40
C ASN B 480 -67.84 -9.29 4.91
N LEU B 481 -66.90 -8.91 5.78
CA LEU B 481 -66.00 -9.85 6.39
C LEU B 481 -65.84 -9.29 7.78
N HIS B 482 -65.98 -10.14 8.79
CA HIS B 482 -65.85 -9.71 10.18
C HIS B 482 -66.63 -8.42 10.45
N GLY B 483 -67.77 -8.25 9.78
CA GLY B 483 -68.56 -7.07 10.02
C GLY B 483 -68.13 -5.78 9.33
N THR B 484 -67.24 -5.88 8.36
CA THR B 484 -66.79 -4.70 7.64
C THR B 484 -67.07 -4.91 6.16
N LYS B 485 -67.43 -3.84 5.47
CA LYS B 485 -67.69 -4.00 4.07
C LYS B 485 -66.40 -3.71 3.33
N PHE B 486 -66.05 -4.62 2.42
CA PHE B 486 -64.84 -4.47 1.63
C PHE B 486 -65.27 -4.53 0.18
N TRP B 487 -64.50 -3.87 -0.69
CA TRP B 487 -64.82 -3.88 -2.11
C TRP B 487 -64.06 -4.94 -2.89
N TYR B 488 -64.60 -5.32 -4.03
CA TYR B 488 -63.97 -6.31 -4.89
C TYR B 488 -64.44 -6.00 -6.29
N GLN B 489 -63.75 -6.55 -7.28
CA GLN B 489 -64.14 -6.35 -8.66
C GLN B 489 -64.08 -7.67 -9.41
N MET B 490 -64.78 -7.71 -10.54
CA MET B 490 -64.80 -8.91 -11.38
C MET B 490 -64.84 -8.52 -12.85
N ILE B 491 -63.99 -9.17 -13.65
CA ILE B 491 -64.03 -8.93 -15.08
C ILE B 491 -64.84 -10.15 -15.49
N LEU B 492 -66.04 -9.93 -16.01
CA LEU B 492 -66.90 -11.02 -16.41
C LEU B 492 -66.79 -11.24 -17.90
N PRO B 493 -66.78 -12.51 -18.33
CA PRO B 493 -66.68 -12.83 -19.75
C PRO B 493 -67.93 -12.35 -20.48
N PRO B 494 -67.81 -12.08 -21.80
CA PRO B 494 -68.93 -11.62 -22.63
C PRO B 494 -70.16 -12.53 -22.52
N HIS B 495 -71.33 -11.99 -22.87
CA HIS B 495 -72.59 -12.72 -22.80
C HIS B 495 -72.56 -13.54 -21.52
N PHE B 496 -72.39 -12.84 -20.41
CA PHE B 496 -72.30 -13.51 -19.12
C PHE B 496 -73.59 -14.18 -18.71
N ASP B 497 -73.65 -15.50 -18.86
CA ASP B 497 -74.85 -16.24 -18.47
C ASP B 497 -74.81 -16.51 -16.96
N LYS B 498 -75.65 -15.79 -16.22
CA LYS B 498 -75.78 -15.93 -14.76
C LYS B 498 -75.98 -17.37 -14.33
N SER B 499 -76.33 -18.22 -15.30
CA SER B 499 -76.63 -19.63 -15.09
C SER B 499 -75.44 -20.60 -15.18
N LYS B 500 -74.61 -20.41 -16.21
CA LYS B 500 -73.44 -21.25 -16.45
C LYS B 500 -72.41 -21.11 -15.31
N LYS B 501 -71.57 -22.14 -15.13
CA LYS B 501 -70.53 -22.07 -14.10
C LYS B 501 -69.19 -21.74 -14.77
N TYR B 502 -68.50 -20.73 -14.25
CA TYR B 502 -67.22 -20.32 -14.81
C TYR B 502 -66.09 -20.52 -13.84
N PRO B 503 -64.88 -20.73 -14.36
CA PRO B 503 -63.70 -20.92 -13.52
C PRO B 503 -63.32 -19.53 -13.01
N LEU B 504 -62.69 -19.47 -11.85
CA LEU B 504 -62.32 -18.19 -11.26
C LEU B 504 -60.82 -18.02 -11.11
N LEU B 505 -60.36 -16.79 -11.30
CA LEU B 505 -58.96 -16.49 -11.17
C LEU B 505 -58.85 -15.22 -10.33
N ILE B 506 -58.40 -15.37 -9.10
CA ILE B 506 -58.23 -14.23 -8.21
C ILE B 506 -56.91 -13.55 -8.56
N GLU B 507 -56.94 -12.30 -8.97
CA GLU B 507 -55.71 -11.59 -9.26
C GLU B 507 -55.46 -10.77 -8.00
N VAL B 508 -54.37 -11.06 -7.29
CA VAL B 508 -54.07 -10.38 -6.04
C VAL B 508 -52.74 -9.66 -5.86
N TYR B 509 -52.76 -8.61 -5.05
CA TYR B 509 -51.55 -7.88 -4.71
C TYR B 509 -51.63 -7.78 -3.19
N ALA B 510 -52.69 -7.14 -2.70
CA ALA B 510 -52.93 -7.03 -1.28
C ALA B 510 -51.81 -6.49 -0.43
N GLY B 511 -50.90 -5.73 -1.03
CA GLY B 511 -49.82 -5.17 -0.23
C GLY B 511 -50.35 -4.05 0.67
N PRO B 512 -49.69 -3.73 1.79
CA PRO B 512 -50.22 -2.64 2.62
C PRO B 512 -50.49 -1.39 1.82
N CYS B 513 -51.67 -0.81 2.08
CA CYS B 513 -52.13 0.41 1.42
C CYS B 513 -52.28 0.26 -0.10
N SER B 514 -52.57 -0.97 -0.51
CA SER B 514 -52.76 -1.28 -1.91
C SER B 514 -54.23 -1.18 -2.24
N GLN B 515 -54.51 -1.17 -3.54
CA GLN B 515 -55.85 -1.10 -4.03
C GLN B 515 -55.92 -1.79 -5.38
N LYS B 516 -56.38 -3.04 -5.39
CA LYS B 516 -56.52 -3.77 -6.64
C LYS B 516 -57.93 -3.63 -7.17
N VAL B 517 -58.74 -2.82 -6.47
CA VAL B 517 -60.12 -2.59 -6.87
C VAL B 517 -60.41 -1.10 -7.08
N ASP B 518 -60.39 -0.68 -8.34
CA ASP B 518 -60.68 0.69 -8.70
C ASP B 518 -61.57 0.71 -9.93
N THR B 519 -61.86 1.91 -10.41
CA THR B 519 -62.71 2.08 -11.57
C THR B 519 -61.88 2.50 -12.77
N VAL B 520 -60.63 2.04 -12.81
CA VAL B 520 -59.75 2.39 -13.91
C VAL B 520 -59.95 1.45 -15.09
N PHE B 521 -59.94 1.99 -16.30
CA PHE B 521 -60.11 1.15 -17.48
C PHE B 521 -58.76 0.58 -17.93
N ARG B 522 -58.74 -0.74 -18.17
CA ARG B 522 -57.54 -1.46 -18.57
C ARG B 522 -57.70 -2.60 -19.56
N LEU B 523 -56.81 -2.62 -20.53
CA LEU B 523 -56.73 -3.69 -21.51
C LEU B 523 -55.60 -4.50 -20.87
N SER B 524 -55.94 -5.64 -20.30
CA SER B 524 -54.93 -6.45 -19.63
C SER B 524 -55.01 -7.93 -19.92
N TRP B 525 -54.09 -8.68 -19.33
CA TRP B 525 -54.06 -10.12 -19.52
C TRP B 525 -55.41 -10.64 -19.04
N ALA B 526 -55.99 -9.99 -18.04
CA ALA B 526 -57.29 -10.39 -17.50
C ALA B 526 -58.38 -10.22 -18.58
N THR B 527 -58.32 -9.09 -19.28
CA THR B 527 -59.24 -8.77 -20.36
C THR B 527 -59.31 -9.95 -21.33
N TYR B 528 -58.16 -10.55 -21.61
CA TYR B 528 -58.08 -11.68 -22.51
C TYR B 528 -58.61 -12.94 -21.85
N LEU B 529 -58.28 -13.14 -20.59
CA LEU B 529 -58.72 -14.31 -19.86
C LEU B 529 -60.23 -14.38 -19.78
N ALA B 530 -60.88 -13.22 -19.79
CA ALA B 530 -62.34 -13.18 -19.72
C ALA B 530 -62.95 -13.27 -21.13
N SER B 531 -62.56 -12.34 -22.00
CA SER B 531 -63.07 -12.30 -23.37
C SER B 531 -62.89 -13.56 -24.21
N THR B 532 -61.72 -14.17 -24.13
CA THR B 532 -61.45 -15.36 -24.93
C THR B 532 -61.54 -16.70 -24.23
N GLU B 533 -61.10 -16.76 -22.98
CA GLU B 533 -61.10 -18.03 -22.28
C GLU B 533 -62.26 -18.15 -21.31
N ASN B 534 -63.18 -17.19 -21.36
CA ASN B 534 -64.35 -17.15 -20.47
C ASN B 534 -64.01 -17.47 -19.01
N ILE B 535 -62.93 -16.86 -18.54
CA ILE B 535 -62.48 -17.03 -17.16
C ILE B 535 -62.82 -15.74 -16.42
N ILE B 536 -63.40 -15.89 -15.23
CA ILE B 536 -63.72 -14.72 -14.42
C ILE B 536 -62.46 -14.37 -13.64
N VAL B 537 -62.13 -13.09 -13.61
CA VAL B 537 -60.96 -12.65 -12.86
C VAL B 537 -61.43 -11.60 -11.85
N ALA B 538 -61.23 -11.89 -10.57
CA ALA B 538 -61.65 -10.99 -9.52
C ALA B 538 -60.54 -10.55 -8.57
N SER B 539 -60.58 -9.28 -8.16
CA SER B 539 -59.64 -8.73 -7.22
C SER B 539 -60.43 -8.39 -5.96
N PHE B 540 -59.73 -8.22 -4.84
CA PHE B 540 -60.40 -7.92 -3.59
C PHE B 540 -59.47 -7.20 -2.61
N ASP B 541 -59.90 -6.04 -2.10
CA ASP B 541 -59.09 -5.29 -1.12
C ASP B 541 -59.63 -5.53 0.28
N GLY B 542 -58.97 -6.41 1.02
CA GLY B 542 -59.40 -6.71 2.37
C GLY B 542 -58.58 -5.94 3.36
N ARG B 543 -58.28 -6.52 4.51
CA ARG B 543 -57.50 -5.81 5.51
C ARG B 543 -56.09 -5.47 5.02
N GLY B 544 -55.60 -4.33 5.51
CA GLY B 544 -54.29 -3.89 5.11
C GLY B 544 -54.41 -2.94 3.94
N SER B 545 -55.37 -3.18 3.07
CA SER B 545 -55.57 -2.33 1.89
C SER B 545 -55.69 -0.86 2.24
N GLY B 546 -55.40 0.01 1.28
CA GLY B 546 -55.46 1.44 1.54
C GLY B 546 -56.72 2.23 1.22
N TYR B 547 -56.64 3.53 1.52
CA TYR B 547 -57.68 4.52 1.27
C TYR B 547 -59.01 4.34 1.99
N GLN B 548 -59.03 3.54 3.04
CA GLN B 548 -60.25 3.30 3.78
C GLN B 548 -60.02 3.55 5.26
N GLY B 549 -59.15 4.52 5.59
CA GLY B 549 -58.87 4.82 6.98
C GLY B 549 -57.84 3.85 7.55
N ASP B 550 -57.18 4.24 8.64
CA ASP B 550 -56.15 3.38 9.23
C ASP B 550 -56.62 2.13 9.94
N LYS B 551 -57.89 2.06 10.35
CA LYS B 551 -58.31 0.85 11.02
C LYS B 551 -58.19 -0.30 10.02
N ILE B 552 -58.47 -0.02 8.75
CA ILE B 552 -58.37 -1.05 7.71
C ILE B 552 -56.93 -1.29 7.31
N MET B 553 -56.19 -0.21 7.06
CA MET B 553 -54.80 -0.30 6.63
C MET B 553 -53.82 -0.85 7.66
N HIS B 554 -53.88 -0.34 8.88
CA HIS B 554 -52.97 -0.80 9.91
C HIS B 554 -53.37 -2.14 10.51
N ALA B 555 -54.44 -2.74 10.00
CA ALA B 555 -54.90 -4.01 10.51
C ALA B 555 -53.78 -5.04 10.50
N ILE B 556 -52.88 -4.92 9.52
CA ILE B 556 -51.75 -5.86 9.40
C ILE B 556 -50.43 -5.29 9.86
N ASN B 557 -50.45 -4.26 10.70
CA ASN B 557 -49.20 -3.71 11.18
C ASN B 557 -48.47 -4.76 11.98
N ARG B 558 -47.19 -4.94 11.65
CA ARG B 558 -46.31 -5.90 12.32
C ARG B 558 -46.75 -7.35 12.22
N ARG B 559 -47.59 -7.68 11.26
CA ARG B 559 -48.00 -9.06 11.11
C ARG B 559 -48.39 -9.39 9.67
N LEU B 560 -47.48 -9.09 8.74
CA LEU B 560 -47.71 -9.35 7.33
C LEU B 560 -47.94 -10.83 7.07
N GLY B 561 -48.67 -11.13 6.00
CA GLY B 561 -48.93 -12.51 5.68
C GLY B 561 -50.06 -13.11 6.49
N THR B 562 -50.73 -12.28 7.29
CA THR B 562 -51.85 -12.76 8.11
C THR B 562 -53.25 -12.39 7.60
N PHE B 563 -53.81 -11.28 8.06
CA PHE B 563 -55.15 -10.92 7.64
C PHE B 563 -55.35 -10.72 6.14
N GLU B 564 -54.47 -9.96 5.49
CA GLU B 564 -54.62 -9.75 4.05
C GLU B 564 -54.57 -11.08 3.30
N VAL B 565 -53.94 -12.09 3.89
CA VAL B 565 -53.87 -13.39 3.24
C VAL B 565 -55.17 -14.09 3.57
N GLU B 566 -55.56 -14.02 4.83
CA GLU B 566 -56.78 -14.66 5.28
C GLU B 566 -58.01 -14.10 4.59
N ASP B 567 -58.02 -12.79 4.34
CA ASP B 567 -59.16 -12.17 3.68
C ASP B 567 -59.30 -12.58 2.22
N GLN B 568 -58.20 -12.91 1.55
CA GLN B 568 -58.34 -13.32 0.17
C GLN B 568 -59.06 -14.66 0.16
N ILE B 569 -58.83 -15.47 1.19
CA ILE B 569 -59.48 -16.78 1.24
C ILE B 569 -60.97 -16.65 1.54
N GLU B 570 -61.32 -15.81 2.50
CA GLU B 570 -62.73 -15.58 2.86
C GLU B 570 -63.51 -15.02 1.68
N ALA B 571 -63.00 -13.95 1.09
CA ALA B 571 -63.65 -13.31 -0.04
C ALA B 571 -63.85 -14.29 -1.20
N THR B 572 -62.88 -15.19 -1.39
CA THR B 572 -62.97 -16.19 -2.47
C THR B 572 -64.03 -17.24 -2.14
N ARG B 573 -64.06 -17.65 -0.87
CA ARG B 573 -65.02 -18.64 -0.43
C ARG B 573 -66.42 -18.16 -0.76
N GLN B 574 -66.63 -16.86 -0.65
CA GLN B 574 -67.93 -16.30 -0.95
C GLN B 574 -68.13 -16.19 -2.45
N PHE B 575 -67.07 -15.88 -3.18
CA PHE B 575 -67.18 -15.81 -4.63
C PHE B 575 -67.59 -17.21 -5.10
N SER B 576 -67.05 -18.23 -4.47
CA SER B 576 -67.36 -19.61 -4.87
C SER B 576 -68.82 -19.99 -4.63
N LYS B 577 -69.47 -19.33 -3.67
CA LYS B 577 -70.86 -19.63 -3.36
C LYS B 577 -71.84 -18.83 -4.19
N MET B 578 -71.34 -18.05 -5.15
CA MET B 578 -72.22 -17.22 -5.97
C MET B 578 -73.02 -18.00 -7.02
N GLY B 579 -72.70 -19.26 -7.22
CA GLY B 579 -73.45 -20.05 -8.18
C GLY B 579 -72.99 -19.98 -9.62
N PHE B 580 -72.50 -18.82 -10.05
CA PHE B 580 -72.01 -18.71 -11.41
C PHE B 580 -70.51 -19.02 -11.41
N VAL B 581 -70.01 -19.38 -10.24
CA VAL B 581 -68.61 -19.72 -10.07
C VAL B 581 -68.44 -21.24 -9.96
N ASP B 582 -67.43 -21.77 -10.62
CA ASP B 582 -67.15 -23.19 -10.59
C ASP B 582 -66.15 -23.38 -9.46
N ASP B 583 -66.61 -23.79 -8.29
CA ASP B 583 -65.70 -23.96 -7.19
C ASP B 583 -64.68 -25.08 -7.43
N LYS B 584 -64.84 -25.83 -8.52
CA LYS B 584 -63.88 -26.90 -8.82
C LYS B 584 -62.70 -26.33 -9.58
N ARG B 585 -62.83 -25.10 -10.06
CA ARG B 585 -61.76 -24.45 -10.81
C ARG B 585 -61.52 -23.02 -10.37
N ILE B 586 -60.72 -22.86 -9.33
CA ILE B 586 -60.37 -21.54 -8.81
C ILE B 586 -58.85 -21.40 -8.66
N ALA B 587 -58.32 -20.29 -9.17
CA ALA B 587 -56.89 -20.02 -9.10
C ALA B 587 -56.61 -18.66 -8.49
N ILE B 588 -55.34 -18.38 -8.28
CA ILE B 588 -54.92 -17.10 -7.71
C ILE B 588 -53.53 -16.83 -8.24
N TRP B 589 -53.24 -15.58 -8.56
CA TRP B 589 -51.92 -15.22 -9.06
C TRP B 589 -51.60 -13.78 -8.67
N GLY B 590 -50.32 -13.52 -8.41
CA GLY B 590 -49.89 -12.20 -8.04
C GLY B 590 -48.43 -11.96 -8.40
N TRP B 591 -48.02 -10.71 -8.37
CA TRP B 591 -46.67 -10.34 -8.72
C TRP B 591 -46.13 -9.52 -7.54
N SER B 592 -44.88 -9.78 -7.13
CA SER B 592 -44.26 -9.08 -6.01
C SER B 592 -45.01 -9.44 -4.71
N TYR B 593 -45.60 -8.45 -4.03
CA TYR B 593 -46.36 -8.74 -2.81
C TYR B 593 -47.48 -9.72 -3.19
N GLY B 594 -48.00 -9.55 -4.41
CA GLY B 594 -49.06 -10.41 -4.90
C GLY B 594 -48.64 -11.85 -4.98
N GLY B 595 -47.37 -12.07 -5.32
CA GLY B 595 -46.86 -13.42 -5.42
C GLY B 595 -46.60 -13.98 -4.04
N TYR B 596 -46.31 -13.06 -3.11
CA TYR B 596 -46.07 -13.45 -1.73
C TYR B 596 -47.37 -13.98 -1.16
N VAL B 597 -48.44 -13.22 -1.39
CA VAL B 597 -49.75 -13.62 -0.89
C VAL B 597 -50.27 -14.84 -1.64
N THR B 598 -50.14 -14.83 -2.97
CA THR B 598 -50.58 -15.98 -3.77
C THR B 598 -49.99 -17.23 -3.12
N SER B 599 -48.68 -17.18 -2.86
CA SER B 599 -47.96 -18.30 -2.24
C SER B 599 -48.44 -18.60 -0.81
N MET B 600 -48.61 -17.55 -0.02
CA MET B 600 -49.08 -17.73 1.35
C MET B 600 -50.51 -18.33 1.36
N VAL B 601 -51.32 -18.01 0.34
CA VAL B 601 -52.67 -18.55 0.29
C VAL B 601 -52.60 -20.03 -0.04
N LEU B 602 -51.81 -20.39 -1.06
CA LEU B 602 -51.70 -21.80 -1.41
C LEU B 602 -51.11 -22.58 -0.24
N GLY B 603 -50.23 -21.94 0.52
CA GLY B 603 -49.63 -22.62 1.66
C GLY B 603 -50.60 -22.78 2.81
N ALA B 604 -51.79 -22.20 2.67
CA ALA B 604 -52.83 -22.24 3.70
C ALA B 604 -53.56 -23.60 3.80
N GLY B 605 -53.74 -24.28 2.67
CA GLY B 605 -54.44 -25.55 2.72
C GLY B 605 -55.94 -25.33 2.92
N SER B 606 -56.43 -24.22 2.39
CA SER B 606 -57.83 -23.86 2.47
C SER B 606 -58.70 -24.83 1.70
N GLY B 607 -58.15 -25.39 0.62
CA GLY B 607 -58.93 -26.31 -0.19
C GLY B 607 -59.66 -25.51 -1.25
N VAL B 608 -59.71 -24.20 -1.06
CA VAL B 608 -60.40 -23.32 -2.00
C VAL B 608 -59.73 -23.23 -3.37
N PHE B 609 -58.39 -23.17 -3.38
CA PHE B 609 -57.68 -23.01 -4.64
C PHE B 609 -57.06 -24.27 -5.27
N LYS B 610 -57.31 -24.45 -6.57
CA LYS B 610 -56.79 -25.61 -7.27
C LYS B 610 -55.33 -25.45 -7.71
N CYS B 611 -54.95 -24.24 -8.09
CA CYS B 611 -53.59 -23.95 -8.52
C CYS B 611 -53.32 -22.45 -8.35
N GLY B 612 -52.09 -22.04 -8.61
CA GLY B 612 -51.74 -20.63 -8.48
C GLY B 612 -50.41 -20.33 -9.17
N ILE B 613 -50.17 -19.06 -9.42
CA ILE B 613 -48.94 -18.63 -10.07
C ILE B 613 -48.36 -17.46 -9.29
N ALA B 614 -47.10 -17.57 -8.90
CA ALA B 614 -46.43 -16.51 -8.17
C ALA B 614 -45.28 -15.97 -9.02
N VAL B 615 -45.28 -14.66 -9.24
CA VAL B 615 -44.24 -14.04 -10.06
C VAL B 615 -43.38 -13.16 -9.18
N ALA B 616 -42.07 -13.46 -9.13
CA ALA B 616 -41.09 -12.71 -8.35
C ALA B 616 -41.64 -12.37 -6.97
N PRO B 617 -42.02 -13.40 -6.19
CA PRO B 617 -42.57 -13.19 -4.85
C PRO B 617 -41.55 -12.95 -3.74
N VAL B 618 -42.07 -12.42 -2.65
CA VAL B 618 -41.28 -12.24 -1.46
C VAL B 618 -41.55 -13.63 -0.84
N SER B 619 -40.60 -14.19 -0.10
CA SER B 619 -40.83 -15.50 0.51
C SER B 619 -40.45 -15.46 1.97
N LYS B 620 -39.60 -14.50 2.28
CA LYS B 620 -39.10 -14.31 3.63
C LYS B 620 -38.74 -12.83 3.77
N TRP B 621 -39.42 -12.14 4.67
CA TRP B 621 -39.21 -10.72 4.89
C TRP B 621 -37.81 -10.33 5.29
N GLU B 622 -37.07 -11.25 5.89
CA GLU B 622 -35.72 -10.91 6.28
C GLU B 622 -34.86 -10.77 5.02
N TYR B 623 -35.44 -11.09 3.86
CA TYR B 623 -34.75 -10.99 2.57
C TYR B 623 -35.06 -9.68 1.86
N TYR B 624 -36.09 -8.97 2.28
CA TYR B 624 -36.43 -7.73 1.60
C TYR B 624 -35.71 -6.54 2.21
N ASP B 625 -35.63 -5.41 1.51
CA ASP B 625 -34.91 -4.29 2.09
C ASP B 625 -35.50 -3.77 3.39
N SER B 626 -34.69 -3.03 4.15
CA SER B 626 -35.04 -2.46 5.44
C SER B 626 -36.16 -1.41 5.51
N VAL B 627 -36.11 -0.40 4.64
CA VAL B 627 -37.10 0.66 4.63
C VAL B 627 -38.53 0.15 4.47
N TYR B 628 -38.77 -0.65 3.45
CA TYR B 628 -40.10 -1.15 3.24
C TYR B 628 -40.48 -2.13 4.35
N THR B 629 -39.66 -3.16 4.52
CA THR B 629 -39.92 -4.20 5.49
C THR B 629 -40.13 -3.74 6.93
N GLU B 630 -39.15 -3.04 7.48
CA GLU B 630 -39.22 -2.56 8.84
C GLU B 630 -40.46 -1.70 9.08
N ARG B 631 -40.80 -0.88 8.09
CA ARG B 631 -41.97 -0.01 8.17
C ARG B 631 -43.20 -0.75 8.66
N TYR B 632 -43.37 -2.00 8.23
CA TYR B 632 -44.53 -2.76 8.63
C TYR B 632 -44.21 -3.82 9.68
N MET B 633 -43.03 -4.43 9.59
CA MET B 633 -42.67 -5.51 10.51
C MET B 633 -41.75 -5.14 11.67
N GLY B 634 -41.10 -3.98 11.57
CA GLY B 634 -40.18 -3.59 12.61
C GLY B 634 -38.88 -4.33 12.40
N LEU B 635 -38.12 -4.52 13.48
CA LEU B 635 -36.84 -5.20 13.40
C LEU B 635 -36.98 -6.70 13.66
N PRO B 636 -36.25 -7.52 12.89
CA PRO B 636 -36.31 -8.98 13.04
C PRO B 636 -35.47 -9.49 14.20
N THR B 637 -35.48 -8.73 15.29
CA THR B 637 -34.74 -9.10 16.48
C THR B 637 -35.67 -9.75 17.46
N PRO B 638 -35.13 -10.44 18.47
CA PRO B 638 -36.08 -11.05 19.40
C PRO B 638 -36.65 -10.02 20.37
N GLU B 639 -35.89 -8.96 20.65
CA GLU B 639 -36.37 -7.89 21.54
C GLU B 639 -37.54 -7.22 20.84
N ASP B 640 -37.67 -7.44 19.54
CA ASP B 640 -38.73 -6.81 18.79
C ASP B 640 -39.77 -7.74 18.20
N ASN B 641 -39.69 -7.97 16.90
CA ASN B 641 -40.67 -8.77 16.21
C ASN B 641 -40.21 -10.04 15.49
N LEU B 642 -39.01 -10.54 15.82
CA LEU B 642 -38.51 -11.75 15.19
C LEU B 642 -39.57 -12.83 15.05
N ASP B 643 -40.39 -12.99 16.10
CA ASP B 643 -41.45 -14.00 16.11
C ASP B 643 -42.38 -13.95 14.90
N TYR B 644 -42.88 -12.77 14.56
CA TYR B 644 -43.79 -12.68 13.43
C TYR B 644 -43.08 -12.73 12.08
N TYR B 645 -41.76 -12.54 12.09
CA TYR B 645 -40.99 -12.63 10.86
C TYR B 645 -40.88 -14.11 10.53
N ARG B 646 -40.61 -14.92 11.55
CA ARG B 646 -40.44 -16.36 11.37
C ARG B 646 -41.64 -17.17 10.90
N ASN B 647 -42.84 -16.85 11.36
CA ASN B 647 -43.98 -17.66 10.91
C ASN B 647 -44.74 -17.06 9.74
N SER B 648 -44.11 -16.10 9.05
CA SER B 648 -44.73 -15.49 7.89
C SER B 648 -43.99 -15.79 6.57
N THR B 649 -42.95 -16.63 6.65
CA THR B 649 -42.21 -17.01 5.46
C THR B 649 -43.07 -18.00 4.69
N VAL B 650 -42.90 -18.08 3.37
CA VAL B 650 -43.70 -19.01 2.58
C VAL B 650 -43.19 -20.41 2.85
N MET B 651 -41.89 -20.54 3.10
CA MET B 651 -41.34 -21.85 3.37
C MET B 651 -42.01 -22.52 4.58
N SER B 652 -42.46 -21.72 5.53
CA SER B 652 -43.10 -22.28 6.71
C SER B 652 -44.37 -23.05 6.36
N ARG B 653 -44.94 -22.79 5.19
CA ARG B 653 -46.16 -23.47 4.76
C ARG B 653 -45.90 -24.44 3.60
N ALA B 654 -44.64 -24.78 3.33
CA ALA B 654 -44.31 -25.68 2.20
C ALA B 654 -45.06 -27.00 2.16
N GLU B 655 -45.38 -27.56 3.32
CA GLU B 655 -46.08 -28.84 3.41
C GLU B 655 -47.45 -28.83 2.73
N ASN B 656 -48.13 -27.70 2.83
CA ASN B 656 -49.45 -27.56 2.26
C ASN B 656 -49.46 -27.44 0.75
N PHE B 657 -48.29 -27.19 0.15
CA PHE B 657 -48.24 -27.07 -1.30
C PHE B 657 -48.54 -28.39 -2.01
N LYS B 658 -48.30 -29.50 -1.32
CA LYS B 658 -48.54 -30.83 -1.86
C LYS B 658 -49.93 -30.95 -2.42
N GLN B 659 -50.83 -30.11 -1.93
CA GLN B 659 -52.22 -30.12 -2.34
C GLN B 659 -52.56 -29.23 -3.54
N VAL B 660 -51.64 -28.35 -3.94
CA VAL B 660 -51.91 -27.47 -5.07
C VAL B 660 -50.92 -27.54 -6.21
N GLU B 661 -51.32 -26.98 -7.36
CA GLU B 661 -50.48 -26.93 -8.54
C GLU B 661 -49.87 -25.54 -8.52
N TYR B 662 -48.57 -25.47 -8.29
CA TYR B 662 -47.89 -24.18 -8.17
C TYR B 662 -46.90 -23.85 -9.29
N LEU B 663 -46.90 -22.60 -9.72
CA LEU B 663 -46.01 -22.12 -10.76
C LEU B 663 -45.22 -20.93 -10.17
N LEU B 664 -43.93 -21.14 -9.94
CA LEU B 664 -43.05 -20.10 -9.37
C LEU B 664 -42.25 -19.44 -10.51
N ILE B 665 -42.19 -18.11 -10.53
CA ILE B 665 -41.48 -17.42 -11.59
C ILE B 665 -40.66 -16.27 -11.02
N HIS B 666 -39.45 -16.08 -11.54
CA HIS B 666 -38.59 -14.99 -11.04
C HIS B 666 -37.53 -14.63 -12.09
N GLY B 667 -37.21 -13.35 -12.20
CA GLY B 667 -36.21 -12.92 -13.15
C GLY B 667 -34.88 -12.97 -12.41
N THR B 668 -33.89 -13.67 -12.97
CA THR B 668 -32.61 -13.80 -12.30
C THR B 668 -31.94 -12.47 -12.02
N ALA B 669 -32.20 -11.47 -12.85
CA ALA B 669 -31.59 -10.18 -12.60
C ALA B 669 -32.49 -9.24 -11.78
N ASP B 670 -33.38 -9.82 -10.97
CA ASP B 670 -34.27 -9.03 -10.11
C ASP B 670 -33.45 -8.37 -8.98
N ASP B 671 -33.29 -7.05 -9.04
CA ASP B 671 -32.52 -6.33 -8.04
C ASP B 671 -33.36 -5.87 -6.84
N ASN B 672 -34.68 -5.91 -7.00
CA ASN B 672 -35.63 -5.49 -5.97
C ASN B 672 -35.97 -6.69 -5.07
N VAL B 673 -36.63 -7.69 -5.63
CA VAL B 673 -36.98 -8.91 -4.91
C VAL B 673 -35.99 -9.91 -5.46
N HIS B 674 -34.88 -10.08 -4.76
CA HIS B 674 -33.82 -10.97 -5.21
C HIS B 674 -34.27 -12.40 -5.54
N PHE B 675 -33.71 -12.94 -6.63
CA PHE B 675 -34.00 -14.29 -7.11
C PHE B 675 -33.88 -15.21 -5.89
N GLN B 676 -32.95 -14.85 -5.01
CA GLN B 676 -32.67 -15.58 -3.77
C GLN B 676 -33.98 -16.03 -3.10
N GLN B 677 -34.94 -15.12 -3.07
CA GLN B 677 -36.25 -15.37 -2.49
C GLN B 677 -36.92 -16.62 -3.05
N SER B 678 -37.05 -16.68 -4.38
CA SER B 678 -37.68 -17.84 -5.01
C SER B 678 -36.75 -19.02 -4.90
N ALA B 679 -35.46 -18.71 -4.91
CA ALA B 679 -34.42 -19.73 -4.79
C ALA B 679 -34.63 -20.46 -3.45
N GLN B 680 -34.76 -19.69 -2.38
CA GLN B 680 -34.98 -20.25 -1.07
C GLN B 680 -36.32 -20.97 -0.90
N LEU B 681 -37.32 -20.45 -1.57
CA LEU B 681 -38.64 -21.04 -1.53
C LEU B 681 -38.66 -22.43 -2.19
N SER B 682 -38.16 -22.55 -3.43
CA SER B 682 -38.14 -23.84 -4.13
C SER B 682 -37.37 -24.88 -3.34
N LYS B 683 -36.32 -24.42 -2.65
CA LYS B 683 -35.50 -25.32 -1.84
C LYS B 683 -36.31 -25.96 -0.71
N ALA B 684 -37.18 -25.17 -0.07
CA ALA B 684 -38.03 -25.69 1.00
C ALA B 684 -39.04 -26.68 0.41
N LEU B 685 -39.62 -26.31 -0.72
CA LEU B 685 -40.58 -27.15 -1.41
C LEU B 685 -39.94 -28.48 -1.79
N VAL B 686 -38.69 -28.43 -2.26
CA VAL B 686 -38.00 -29.66 -2.66
C VAL B 686 -37.71 -30.52 -1.43
N ASP B 687 -37.17 -29.90 -0.39
CA ASP B 687 -36.87 -30.60 0.86
C ASP B 687 -38.15 -31.15 1.45
N ALA B 688 -39.24 -30.43 1.20
CA ALA B 688 -40.53 -30.81 1.71
C ALA B 688 -41.14 -31.96 0.91
N GLY B 689 -40.65 -32.16 -0.30
CA GLY B 689 -41.16 -33.23 -1.14
C GLY B 689 -42.34 -32.74 -1.97
N VAL B 690 -42.42 -31.43 -2.18
CA VAL B 690 -43.50 -30.86 -2.94
C VAL B 690 -43.21 -30.71 -4.43
N ASP B 691 -43.98 -31.37 -5.30
CA ASP B 691 -43.72 -31.19 -6.73
C ASP B 691 -44.38 -29.87 -7.15
N PHE B 692 -43.79 -29.21 -8.14
CA PHE B 692 -44.30 -27.93 -8.62
C PHE B 692 -43.57 -27.54 -9.89
N GLN B 693 -44.01 -26.46 -10.51
CA GLN B 693 -43.38 -25.99 -11.74
C GLN B 693 -42.58 -24.73 -11.51
N THR B 694 -41.64 -24.49 -12.41
CA THR B 694 -40.77 -23.34 -12.27
C THR B 694 -40.53 -22.63 -13.60
N MET B 695 -39.94 -21.45 -13.53
CA MET B 695 -39.60 -20.73 -14.74
C MET B 695 -38.78 -19.53 -14.36
N TRP B 696 -37.53 -19.51 -14.78
CA TRP B 696 -36.69 -18.37 -14.47
C TRP B 696 -36.65 -17.54 -15.73
N TYR B 697 -36.21 -16.30 -15.61
CA TYR B 697 -36.07 -15.43 -16.75
C TYR B 697 -34.73 -14.74 -16.66
N THR B 698 -33.82 -15.28 -17.45
CA THR B 698 -32.46 -14.83 -17.56
C THR B 698 -32.30 -13.33 -17.79
N ASP B 699 -31.54 -12.72 -16.89
CA ASP B 699 -31.25 -11.30 -16.93
C ASP B 699 -32.45 -10.39 -16.87
N GLU B 700 -33.62 -10.93 -16.53
CA GLU B 700 -34.79 -10.07 -16.44
C GLU B 700 -34.86 -9.55 -15.01
N ASP B 701 -35.23 -8.28 -14.86
CA ASP B 701 -35.32 -7.72 -13.53
C ASP B 701 -36.72 -7.92 -12.95
N HIS B 702 -37.08 -7.12 -11.96
CA HIS B 702 -38.37 -7.24 -11.31
C HIS B 702 -39.57 -7.07 -12.23
N GLY B 703 -39.38 -6.33 -13.32
CA GLY B 703 -40.49 -6.13 -14.23
C GLY B 703 -40.68 -7.21 -15.27
N ILE B 704 -39.60 -7.90 -15.64
CA ILE B 704 -39.71 -8.91 -16.68
C ILE B 704 -40.42 -8.19 -17.83
N ALA B 705 -39.88 -7.01 -18.16
CA ALA B 705 -40.42 -6.14 -19.20
C ALA B 705 -39.78 -6.18 -20.58
N SER B 706 -38.68 -6.90 -20.76
CA SER B 706 -38.10 -6.96 -22.09
C SER B 706 -39.24 -7.47 -22.97
N ASN B 707 -39.27 -7.05 -24.22
CA ASN B 707 -40.33 -7.47 -25.11
C ASN B 707 -40.64 -8.95 -25.12
N MET B 708 -39.67 -9.77 -25.50
CA MET B 708 -39.92 -11.19 -25.58
C MET B 708 -40.24 -11.84 -24.25
N ALA B 709 -39.66 -11.34 -23.17
CA ALA B 709 -39.91 -11.90 -21.83
C ALA B 709 -41.36 -11.65 -21.47
N HIS B 710 -41.80 -10.42 -21.75
CA HIS B 710 -43.16 -9.97 -21.50
C HIS B 710 -44.14 -10.89 -22.22
N GLN B 711 -43.90 -11.10 -23.51
CA GLN B 711 -44.77 -11.96 -24.32
C GLN B 711 -44.69 -13.38 -23.79
N HIS B 712 -43.48 -13.80 -23.48
CA HIS B 712 -43.22 -15.15 -22.99
C HIS B 712 -43.92 -15.50 -21.66
N ILE B 713 -43.74 -14.68 -20.62
CA ILE B 713 -44.34 -15.02 -19.33
C ILE B 713 -45.87 -15.13 -19.35
N TYR B 714 -46.55 -14.22 -20.04
CA TYR B 714 -48.00 -14.28 -20.11
C TYR B 714 -48.41 -15.48 -20.95
N THR B 715 -47.68 -15.72 -22.04
CA THR B 715 -48.00 -16.89 -22.85
C THR B 715 -47.85 -18.12 -21.96
N HIS B 716 -46.77 -18.15 -21.17
CA HIS B 716 -46.51 -19.27 -20.28
C HIS B 716 -47.58 -19.47 -19.22
N MET B 717 -47.94 -18.39 -18.52
CA MET B 717 -48.95 -18.49 -17.47
C MET B 717 -50.32 -18.87 -18.05
N SER B 718 -50.59 -18.43 -19.27
CA SER B 718 -51.85 -18.75 -19.92
C SER B 718 -51.96 -20.26 -20.13
N HIS B 719 -50.91 -20.90 -20.65
CA HIS B 719 -50.92 -22.35 -20.87
C HIS B 719 -51.09 -23.07 -19.57
N PHE B 720 -50.46 -22.52 -18.54
CA PHE B 720 -50.54 -23.09 -17.20
C PHE B 720 -51.99 -23.03 -16.75
N LEU B 721 -52.58 -21.84 -16.76
CA LEU B 721 -53.96 -21.68 -16.33
C LEU B 721 -54.90 -22.59 -17.11
N LYS B 722 -54.86 -22.49 -18.43
CA LYS B 722 -55.73 -23.29 -19.26
C LYS B 722 -55.55 -24.78 -18.94
N GLN B 723 -54.35 -25.17 -18.58
CA GLN B 723 -54.11 -26.57 -18.26
C GLN B 723 -54.75 -26.88 -16.91
N CYS B 724 -54.56 -26.00 -15.95
CA CYS B 724 -55.13 -26.23 -14.63
C CYS B 724 -56.65 -26.21 -14.74
N PHE B 725 -57.18 -25.47 -15.71
CA PHE B 725 -58.63 -25.36 -15.85
C PHE B 725 -59.30 -26.31 -16.83
N SER B 726 -58.54 -27.22 -17.42
CA SER B 726 -59.09 -28.15 -18.38
C SER B 726 -59.71 -27.40 -19.54
N LEU B 727 -59.09 -26.27 -19.89
CA LEU B 727 -59.57 -25.44 -20.99
C LEU B 727 -58.71 -25.62 -22.23
N PRO B 728 -59.33 -26.10 -23.32
CA PRO B 728 -58.56 -26.29 -24.56
C PRO B 728 -58.20 -24.94 -25.18
N SER C 1 77.33 17.58 8.55
CA SER C 1 77.17 17.32 7.09
C SER C 1 75.75 16.84 6.72
N ARG C 2 75.61 15.53 6.59
CA ARG C 2 74.34 14.88 6.23
C ARG C 2 73.02 15.46 6.79
N ARG C 3 71.92 15.12 6.11
CA ARG C 3 70.58 15.58 6.45
C ARG C 3 69.88 14.95 7.66
N THR C 4 68.67 15.44 7.91
CA THR C 4 67.81 14.96 9.00
C THR C 4 66.49 14.53 8.36
N TYR C 5 65.79 13.58 8.98
CA TYR C 5 64.50 13.10 8.47
C TYR C 5 63.56 14.29 8.56
N THR C 6 63.06 14.74 7.40
CA THR C 6 62.16 15.90 7.34
C THR C 6 60.68 15.52 7.24
N LEU C 7 59.82 16.51 7.53
CA LEU C 7 58.40 16.26 7.47
C LEU C 7 58.06 15.82 6.06
N THR C 8 58.65 16.49 5.07
CA THR C 8 58.39 16.12 3.69
C THR C 8 58.85 14.70 3.41
N ASP C 9 59.91 14.27 4.10
CA ASP C 9 60.38 12.90 3.90
C ASP C 9 59.26 11.98 4.37
N TYR C 10 58.76 12.24 5.57
CA TYR C 10 57.69 11.43 6.13
C TYR C 10 56.41 11.50 5.29
N LEU C 11 55.97 12.72 4.96
CA LEU C 11 54.75 12.89 4.19
C LEU C 11 54.79 12.41 2.73
N LYS C 12 55.96 12.44 2.10
CA LYS C 12 56.08 11.99 0.72
C LYS C 12 56.71 10.62 0.60
N SER C 13 56.79 9.89 1.71
CA SER C 13 57.41 8.56 1.71
C SER C 13 58.62 8.50 0.79
N THR C 14 59.53 9.47 0.92
CA THR C 14 60.71 9.52 0.08
C THR C 14 61.70 8.41 0.46
N PHE C 15 61.56 7.90 1.67
CA PHE C 15 62.39 6.80 2.16
C PHE C 15 61.48 5.57 2.18
N ARG C 16 61.42 4.86 1.05
CA ARG C 16 60.57 3.69 0.95
C ARG C 16 61.07 2.45 1.70
N VAL C 17 60.13 1.72 2.28
CA VAL C 17 60.44 0.49 3.01
C VAL C 17 59.81 -0.64 2.21
N LYS C 18 60.62 -1.53 1.65
CA LYS C 18 60.05 -2.62 0.86
C LYS C 18 59.67 -3.83 1.69
N PHE C 19 58.74 -4.62 1.13
CA PHE C 19 58.28 -5.84 1.78
C PHE C 19 58.17 -6.91 0.70
N TYR C 20 57.82 -8.13 1.10
CA TYR C 20 57.71 -9.19 0.11
C TYR C 20 56.47 -10.06 0.31
N THR C 21 55.41 -9.74 -0.43
CA THR C 21 54.14 -10.46 -0.37
C THR C 21 54.11 -11.63 -1.33
N LEU C 22 53.90 -12.83 -0.80
CA LEU C 22 53.83 -14.01 -1.64
C LEU C 22 52.54 -14.74 -1.35
N GLN C 23 52.21 -15.70 -2.20
CA GLN C 23 50.99 -16.44 -2.04
C GLN C 23 51.20 -17.93 -2.25
N TRP C 24 51.39 -18.65 -1.16
CA TRP C 24 51.59 -20.09 -1.26
C TRP C 24 50.48 -20.71 -2.07
N ILE C 25 50.80 -21.75 -2.84
CA ILE C 25 49.82 -22.41 -3.69
C ILE C 25 50.08 -23.91 -3.74
N SER C 26 50.77 -24.41 -2.72
CA SER C 26 51.12 -25.82 -2.58
C SER C 26 51.99 -25.89 -1.34
N ASP C 27 52.41 -27.09 -0.94
CA ASP C 27 53.25 -27.22 0.23
C ASP C 27 54.65 -26.72 -0.07
N HIS C 28 54.97 -26.49 -1.35
CA HIS C 28 56.31 -26.03 -1.70
C HIS C 28 56.46 -25.01 -2.84
N GLU C 29 55.39 -24.37 -3.28
CA GLU C 29 55.49 -23.38 -4.36
C GLU C 29 54.73 -22.13 -3.97
N TYR C 30 55.11 -21.00 -4.53
CA TYR C 30 54.41 -19.77 -4.20
C TYR C 30 54.42 -18.74 -5.32
N LEU C 31 53.40 -17.90 -5.35
CA LEU C 31 53.26 -16.87 -6.37
C LEU C 31 53.70 -15.52 -5.82
N TYR C 32 54.31 -14.72 -6.68
CA TYR C 32 54.81 -13.42 -6.28
C TYR C 32 54.69 -12.51 -7.49
N LYS C 33 54.05 -11.36 -7.30
CA LYS C 33 53.85 -10.42 -8.38
C LYS C 33 54.94 -9.37 -8.38
N GLN C 34 55.78 -9.38 -9.41
CA GLN C 34 56.85 -8.40 -9.50
C GLN C 34 56.60 -7.43 -10.65
N GLU C 35 56.47 -6.16 -10.29
CA GLU C 35 56.21 -5.10 -11.26
C GLU C 35 54.77 -5.26 -11.73
N ASN C 36 54.44 -6.45 -12.23
CA ASN C 36 53.10 -6.75 -12.70
C ASN C 36 52.93 -8.17 -13.22
N ASN C 37 53.99 -8.97 -13.13
CA ASN C 37 53.91 -10.35 -13.60
C ASN C 37 53.99 -11.32 -12.43
N ILE C 38 53.08 -12.28 -12.43
CA ILE C 38 53.04 -13.29 -11.39
C ILE C 38 54.06 -14.36 -11.73
N LEU C 39 55.00 -14.58 -10.81
CA LEU C 39 56.05 -15.58 -10.99
C LEU C 39 55.86 -16.73 -10.02
N LEU C 40 56.10 -17.95 -10.50
CA LEU C 40 55.96 -19.10 -9.64
C LEU C 40 57.33 -19.57 -9.13
N PHE C 41 57.55 -19.40 -7.83
CA PHE C 41 58.81 -19.81 -7.21
C PHE C 41 58.63 -21.18 -6.60
N ASN C 42 59.62 -22.03 -6.81
CA ASN C 42 59.61 -23.38 -6.27
C ASN C 42 60.60 -23.33 -5.11
N ALA C 43 60.14 -23.61 -3.90
CA ALA C 43 61.01 -23.54 -2.73
C ALA C 43 61.84 -24.80 -2.53
N GLU C 44 61.49 -25.88 -3.21
CA GLU C 44 62.22 -27.13 -3.07
C GLU C 44 63.42 -27.23 -3.99
N TYR C 45 63.33 -26.65 -5.19
CA TYR C 45 64.44 -26.68 -6.13
C TYR C 45 65.10 -25.31 -6.32
N GLY C 46 64.48 -24.28 -5.76
CA GLY C 46 65.03 -22.95 -5.87
C GLY C 46 64.81 -22.27 -7.21
N ASN C 47 64.28 -23.00 -8.17
CA ASN C 47 64.04 -22.42 -9.49
C ASN C 47 62.70 -21.72 -9.52
N SER C 48 62.57 -20.74 -10.40
CA SER C 48 61.31 -20.00 -10.54
C SER C 48 60.96 -19.93 -12.03
N SER C 49 59.89 -19.21 -12.36
CA SER C 49 59.46 -19.08 -13.74
C SER C 49 58.14 -18.33 -13.87
N ILE C 50 58.13 -17.27 -14.68
CA ILE C 50 56.90 -16.48 -14.90
C ILE C 50 55.68 -17.38 -14.97
N PHE C 51 54.60 -16.97 -14.30
CA PHE C 51 53.34 -17.74 -14.29
C PHE C 51 52.38 -17.20 -15.35
N LEU C 52 52.53 -15.93 -15.66
CA LEU C 52 51.74 -15.28 -16.69
C LEU C 52 52.23 -13.83 -16.68
N GLU C 53 52.73 -13.40 -17.84
CA GLU C 53 53.33 -12.09 -18.02
C GLU C 53 52.51 -10.82 -17.78
N ASN C 54 53.24 -9.72 -17.81
CA ASN C 54 52.72 -8.37 -17.63
C ASN C 54 51.63 -8.10 -18.67
N SER C 55 51.80 -8.65 -19.86
CA SER C 55 50.87 -8.45 -20.97
C SER C 55 49.55 -9.25 -20.93
N THR C 56 48.74 -8.98 -19.92
CA THR C 56 47.43 -9.63 -19.74
C THR C 56 46.60 -8.80 -18.74
N PHE C 57 47.25 -7.84 -18.11
CA PHE C 57 46.63 -6.96 -17.12
C PHE C 57 46.12 -5.68 -17.78
N ASP C 58 45.11 -5.81 -18.63
CA ASP C 58 44.53 -4.68 -19.33
C ASP C 58 43.72 -3.77 -18.42
N GLU C 59 44.33 -2.65 -18.03
CA GLU C 59 43.68 -1.67 -17.17
C GLU C 59 42.29 -1.27 -17.70
N LEU C 60 41.24 -1.76 -17.03
CA LEU C 60 39.87 -1.47 -17.43
C LEU C 60 39.22 -0.39 -16.56
N GLY C 61 39.99 0.64 -16.24
CA GLY C 61 39.48 1.73 -15.42
C GLY C 61 40.56 2.75 -15.14
N TYR C 62 41.46 2.40 -14.21
CA TYR C 62 42.57 3.27 -13.84
C TYR C 62 43.78 2.35 -13.70
N SER C 63 44.03 1.92 -12.47
CA SER C 63 45.11 1.01 -12.16
C SER C 63 44.44 -0.35 -12.14
N THR C 64 45.00 -1.31 -11.40
CA THR C 64 44.40 -2.62 -11.35
C THR C 64 44.72 -3.49 -10.12
N ASN C 65 44.66 -4.77 -10.44
CA ASN C 65 44.91 -5.93 -9.62
C ASN C 65 45.09 -6.07 -8.11
N ASP C 66 45.17 -7.36 -7.85
CA ASP C 66 45.33 -8.11 -6.64
C ASP C 66 44.88 -9.35 -7.40
N TYR C 67 45.38 -10.52 -7.08
CA TYR C 67 44.96 -11.66 -7.86
C TYR C 67 44.72 -12.84 -6.97
N SER C 68 44.09 -13.85 -7.54
CA SER C 68 43.76 -15.05 -6.83
C SER C 68 43.72 -16.20 -7.84
N VAL C 69 44.62 -17.15 -7.69
CA VAL C 69 44.67 -18.26 -8.62
C VAL C 69 43.97 -19.49 -8.04
N SER C 70 42.98 -20.00 -8.77
CA SER C 70 42.24 -21.17 -8.36
C SER C 70 43.15 -22.32 -7.93
N PRO C 71 42.85 -22.96 -6.80
CA PRO C 71 43.72 -24.07 -6.36
C PRO C 71 44.18 -25.06 -7.44
N ASP C 72 43.33 -25.36 -8.43
CA ASP C 72 43.70 -26.30 -9.49
C ASP C 72 44.60 -25.64 -10.54
N ARG C 73 44.91 -24.37 -10.31
CA ARG C 73 45.76 -23.60 -11.19
C ARG C 73 45.28 -23.52 -12.63
N GLN C 74 43.99 -23.74 -12.84
CA GLN C 74 43.42 -23.68 -14.18
C GLN C 74 42.88 -22.30 -14.53
N PHE C 75 42.60 -21.51 -13.50
CA PHE C 75 42.06 -20.16 -13.68
C PHE C 75 42.76 -19.17 -12.76
N ILE C 76 42.49 -17.89 -13.00
CA ILE C 76 43.05 -16.83 -12.18
C ILE C 76 42.00 -15.73 -12.11
N LEU C 77 41.86 -15.16 -10.92
CA LEU C 77 40.87 -14.11 -10.66
C LEU C 77 41.59 -12.77 -10.57
N PHE C 78 41.12 -11.78 -11.33
CA PHE C 78 41.73 -10.45 -11.31
C PHE C 78 40.78 -9.42 -10.73
N GLU C 79 41.21 -8.74 -9.67
CA GLU C 79 40.39 -7.72 -9.03
C GLU C 79 40.90 -6.32 -9.34
N TYR C 80 39.96 -5.42 -9.59
CA TYR C 80 40.29 -4.03 -9.89
C TYR C 80 38.99 -3.27 -9.70
N ASN C 81 39.03 -1.96 -9.91
CA ASN C 81 37.83 -1.13 -9.77
C ASN C 81 37.41 -1.16 -8.31
N TYR C 82 38.41 -1.16 -7.44
CA TYR C 82 38.24 -1.20 -5.98
C TYR C 82 37.55 0.03 -5.42
N VAL C 83 36.42 -0.19 -4.74
CA VAL C 83 35.65 0.89 -4.10
C VAL C 83 35.64 0.61 -2.59
N LYS C 84 36.40 1.38 -1.84
CA LYS C 84 36.49 1.20 -0.40
C LYS C 84 35.22 1.61 0.36
N GLN C 85 34.92 0.87 1.42
CA GLN C 85 33.79 1.19 2.27
C GLN C 85 34.32 1.40 3.67
N TRP C 86 34.17 0.40 4.54
CA TRP C 86 34.67 0.53 5.91
C TRP C 86 36.15 0.13 5.96
N ARG C 87 36.61 -0.31 7.12
CA ARG C 87 38.01 -0.69 7.27
C ARG C 87 38.48 -1.85 6.39
N HIS C 88 37.73 -2.95 6.36
CA HIS C 88 38.09 -4.13 5.58
C HIS C 88 37.23 -4.29 4.34
N SER C 89 35.99 -3.87 4.44
CA SER C 89 35.01 -3.98 3.36
C SER C 89 35.23 -3.04 2.16
N TYR C 90 34.73 -3.48 1.01
CA TYR C 90 34.82 -2.70 -0.23
C TYR C 90 34.21 -3.51 -1.36
N THR C 91 33.87 -2.84 -2.47
CA THR C 91 33.36 -3.54 -3.64
C THR C 91 34.47 -3.42 -4.68
N ALA C 92 34.45 -4.30 -5.67
CA ALA C 92 35.44 -4.30 -6.73
C ALA C 92 34.90 -5.11 -7.88
N SER C 93 35.59 -5.05 -9.01
CA SER C 93 35.19 -5.80 -10.18
C SER C 93 36.19 -6.90 -10.44
N TYR C 94 35.71 -8.01 -10.99
CA TYR C 94 36.58 -9.13 -11.24
C TYR C 94 36.47 -9.67 -12.66
N ASP C 95 37.60 -10.16 -13.16
CA ASP C 95 37.68 -10.77 -14.48
C ASP C 95 38.36 -12.12 -14.30
N ILE C 96 37.75 -13.17 -14.83
CA ILE C 96 38.36 -14.49 -14.72
C ILE C 96 39.09 -14.76 -16.04
N TYR C 97 40.34 -15.17 -15.93
CA TYR C 97 41.14 -15.47 -17.09
C TYR C 97 41.45 -16.97 -17.09
N ASP C 98 41.17 -17.61 -18.22
CA ASP C 98 41.39 -19.04 -18.37
C ASP C 98 42.86 -19.30 -18.58
N LEU C 99 43.48 -20.08 -17.70
CA LEU C 99 44.92 -20.34 -17.84
C LEU C 99 45.23 -21.45 -18.83
N ASN C 100 44.19 -22.15 -19.30
CA ASN C 100 44.36 -23.23 -20.27
C ASN C 100 44.32 -22.60 -21.66
N LYS C 101 43.11 -22.30 -22.13
CA LYS C 101 42.94 -21.67 -23.43
C LYS C 101 43.65 -20.32 -23.39
N ARG C 102 43.98 -19.87 -22.20
CA ARG C 102 44.64 -18.58 -22.00
C ARG C 102 43.86 -17.45 -22.66
N GLN C 103 42.64 -17.26 -22.18
CA GLN C 103 41.73 -16.23 -22.67
C GLN C 103 40.89 -15.69 -21.52
N LEU C 104 40.44 -14.45 -21.65
CA LEU C 104 39.60 -13.86 -20.62
C LEU C 104 38.18 -14.34 -20.84
N ILE C 105 37.54 -14.83 -19.76
CA ILE C 105 36.16 -15.30 -19.81
C ILE C 105 35.25 -14.10 -19.99
N THR C 106 34.45 -14.11 -21.05
CA THR C 106 33.55 -13.01 -21.34
C THR C 106 32.08 -13.31 -21.04
N GLU C 107 31.72 -14.58 -21.11
CA GLU C 107 30.35 -15.01 -20.84
C GLU C 107 30.20 -15.32 -19.35
N GLU C 108 29.06 -14.96 -18.78
CA GLU C 108 28.78 -15.19 -17.37
C GLU C 108 29.81 -14.52 -16.45
N ARG C 109 30.17 -13.28 -16.77
CA ARG C 109 31.14 -12.54 -15.98
C ARG C 109 30.61 -12.30 -14.56
N ILE C 110 31.48 -11.85 -13.67
CA ILE C 110 31.10 -11.56 -12.28
C ILE C 110 30.62 -10.11 -12.16
N PRO C 111 29.43 -9.92 -11.57
CA PRO C 111 28.77 -8.63 -11.36
C PRO C 111 29.67 -7.46 -11.02
N ASN C 112 29.22 -6.25 -11.36
CA ASN C 112 29.99 -5.06 -11.02
C ASN C 112 29.54 -4.82 -9.57
N ASN C 113 30.48 -4.45 -8.71
CA ASN C 113 30.19 -4.21 -7.30
C ASN C 113 30.04 -5.50 -6.50
N THR C 114 30.88 -6.50 -6.79
CA THR C 114 30.80 -7.70 -6.01
C THR C 114 31.40 -7.30 -4.69
N GLN C 115 30.82 -7.82 -3.61
CA GLN C 115 31.25 -7.49 -2.27
C GLN C 115 32.29 -8.45 -1.77
N TRP C 116 32.27 -9.66 -2.27
CA TRP C 116 33.23 -10.65 -1.84
C TRP C 116 33.18 -11.84 -2.77
N ILE C 117 34.36 -12.35 -3.11
CA ILE C 117 34.45 -13.50 -4.01
C ILE C 117 35.55 -14.44 -3.48
N THR C 118 35.54 -15.70 -3.92
CA THR C 118 36.54 -16.65 -3.47
C THR C 118 36.46 -18.02 -4.13
N TRP C 119 37.62 -18.61 -4.41
CA TRP C 119 37.69 -19.95 -5.00
C TRP C 119 37.40 -20.94 -3.89
N SER C 120 36.90 -22.11 -4.25
CA SER C 120 36.66 -23.14 -3.26
C SER C 120 38.06 -23.52 -2.84
N PRO C 121 38.22 -24.30 -1.76
CA PRO C 121 39.59 -24.67 -1.36
C PRO C 121 40.29 -25.46 -2.47
N VAL C 122 39.55 -26.33 -3.14
CA VAL C 122 40.09 -27.15 -4.21
C VAL C 122 39.39 -26.81 -5.53
N GLY C 123 39.76 -27.53 -6.59
CA GLY C 123 39.16 -27.30 -7.90
C GLY C 123 39.10 -25.83 -8.27
N HIS C 124 38.06 -25.45 -9.01
CA HIS C 124 37.90 -24.06 -9.40
C HIS C 124 36.48 -23.52 -9.21
N LYS C 125 35.82 -23.86 -8.10
CA LYS C 125 34.48 -23.33 -7.83
C LYS C 125 34.60 -21.89 -7.31
N LEU C 126 33.51 -21.13 -7.43
CA LEU C 126 33.48 -19.75 -6.97
C LEU C 126 32.24 -19.52 -6.14
N ALA C 127 32.33 -18.58 -5.22
CA ALA C 127 31.21 -18.23 -4.36
C ALA C 127 31.38 -16.76 -4.06
N TYR C 128 30.40 -15.95 -4.45
CA TYR C 128 30.50 -14.53 -4.20
C TYR C 128 29.23 -13.92 -3.65
N VAL C 129 29.38 -12.73 -3.09
CA VAL C 129 28.27 -12.02 -2.51
C VAL C 129 28.13 -10.77 -3.33
N TRP C 130 26.91 -10.55 -3.82
CA TRP C 130 26.57 -9.38 -4.63
C TRP C 130 25.17 -8.94 -4.17
N ASN C 131 25.08 -7.72 -3.67
CA ASN C 131 23.82 -7.19 -3.16
C ASN C 131 23.31 -8.04 -2.00
N ASN C 132 24.20 -8.30 -1.06
CA ASN C 132 23.93 -9.09 0.14
C ASN C 132 23.44 -10.50 -0.05
N ASP C 133 23.54 -11.02 -1.26
CA ASP C 133 23.13 -12.41 -1.51
C ASP C 133 24.29 -13.26 -2.02
N ILE C 134 24.24 -14.55 -1.72
CA ILE C 134 25.29 -15.48 -2.12
C ILE C 134 24.99 -16.22 -3.44
N TYR C 135 25.99 -16.24 -4.32
CA TYR C 135 25.91 -16.91 -5.61
C TYR C 135 27.09 -17.88 -5.74
N VAL C 136 26.88 -18.99 -6.44
CA VAL C 136 27.94 -19.96 -6.61
C VAL C 136 28.14 -20.34 -8.08
N LYS C 137 29.40 -20.41 -8.51
CA LYS C 137 29.70 -20.80 -9.89
C LYS C 137 30.54 -22.07 -9.91
N ASN C 138 29.96 -23.15 -10.41
CA ASN C 138 30.68 -24.41 -10.52
C ASN C 138 31.74 -24.34 -11.61
N GLU C 139 31.56 -23.40 -12.54
CA GLU C 139 32.49 -23.19 -13.64
C GLU C 139 32.49 -21.71 -13.92
N PRO C 140 33.64 -21.17 -14.33
CA PRO C 140 33.74 -19.75 -14.62
C PRO C 140 32.89 -19.31 -15.79
N ASN C 141 32.59 -20.23 -16.71
CA ASN C 141 31.78 -19.87 -17.88
C ASN C 141 30.34 -20.38 -17.79
N LEU C 142 29.93 -20.77 -16.60
CA LEU C 142 28.57 -21.24 -16.36
C LEU C 142 27.83 -20.13 -15.60
N SER C 143 26.51 -20.25 -15.47
CA SER C 143 25.74 -19.24 -14.76
C SER C 143 25.69 -19.56 -13.28
N SER C 144 25.93 -18.55 -12.45
CA SER C 144 25.92 -18.77 -11.01
C SER C 144 24.53 -19.13 -10.50
N GLN C 145 24.51 -19.77 -9.33
CA GLN C 145 23.27 -20.18 -8.68
C GLN C 145 23.06 -19.27 -7.48
N ARG C 146 21.94 -18.56 -7.46
CA ARG C 146 21.68 -17.68 -6.33
C ARG C 146 21.37 -18.55 -5.14
N ILE C 147 22.06 -18.30 -4.03
CA ILE C 147 21.88 -19.10 -2.82
C ILE C 147 20.88 -18.50 -1.84
N THR C 148 20.94 -17.18 -1.68
CA THR C 148 20.05 -16.49 -0.78
C THR C 148 19.19 -15.47 -1.53
N TRP C 149 17.99 -15.21 -1.02
CA TRP C 149 17.11 -14.24 -1.67
C TRP C 149 16.66 -13.21 -0.67
N THR C 150 17.24 -13.26 0.53
CA THR C 150 16.91 -12.33 1.60
C THR C 150 17.75 -11.04 1.58
N GLY C 151 18.84 -11.04 0.82
CA GLY C 151 19.70 -9.87 0.75
C GLY C 151 18.94 -8.56 0.70
N LYS C 152 19.34 -7.60 1.52
CA LYS C 152 18.70 -6.30 1.56
C LYS C 152 19.58 -5.26 2.21
N GLU C 153 19.82 -4.19 1.47
CA GLU C 153 20.66 -3.12 1.93
C GLU C 153 20.28 -2.66 3.32
N ASN C 154 21.30 -2.42 4.13
CA ASN C 154 21.13 -1.98 5.51
C ASN C 154 20.18 -2.82 6.36
N VAL C 155 19.99 -4.09 6.02
CA VAL C 155 19.10 -4.93 6.81
C VAL C 155 19.50 -6.39 6.85
N ILE C 156 19.74 -6.99 5.70
CA ILE C 156 20.09 -8.40 5.69
C ILE C 156 21.34 -8.68 4.90
N TYR C 157 22.36 -9.20 5.59
CA TYR C 157 23.61 -9.53 4.94
C TYR C 157 23.80 -11.03 4.93
N ASN C 158 24.00 -11.59 3.74
CA ASN C 158 24.23 -13.00 3.63
C ASN C 158 25.63 -13.17 3.06
N GLY C 159 26.53 -13.78 3.83
CA GLY C 159 27.88 -14.00 3.35
C GLY C 159 28.88 -12.90 3.59
N VAL C 160 28.45 -11.73 4.07
CA VAL C 160 29.38 -10.64 4.39
C VAL C 160 28.89 -10.05 5.71
N THR C 161 29.78 -9.46 6.48
CA THR C 161 29.40 -8.93 7.77
C THR C 161 28.72 -7.56 7.75
N ASP C 162 28.06 -7.19 8.84
CA ASP C 162 27.44 -5.87 8.93
C ASP C 162 28.57 -4.98 9.48
N TRP C 163 28.30 -3.72 9.78
CA TRP C 163 29.38 -2.86 10.26
C TRP C 163 30.10 -3.30 11.54
N VAL C 164 29.33 -3.70 12.54
CA VAL C 164 29.92 -4.08 13.83
C VAL C 164 30.63 -5.43 13.77
N TYR C 165 30.17 -6.34 12.93
CA TYR C 165 30.86 -7.62 12.86
C TYR C 165 32.15 -7.50 12.08
N GLU C 166 32.15 -6.62 11.08
CA GLU C 166 33.35 -6.40 10.28
C GLU C 166 34.44 -5.86 11.18
N GLU C 167 34.10 -4.79 11.89
CA GLU C 167 35.00 -4.06 12.79
C GLU C 167 35.45 -4.69 14.11
N GLU C 168 34.51 -5.23 14.88
CA GLU C 168 34.85 -5.75 16.21
C GLU C 168 34.83 -7.26 16.43
N VAL C 169 34.35 -8.03 15.46
CA VAL C 169 34.28 -9.48 15.65
C VAL C 169 35.13 -10.31 14.68
N PHE C 170 34.92 -10.13 13.37
CA PHE C 170 35.64 -10.87 12.35
C PHE C 170 36.87 -10.12 11.84
N SER C 171 36.91 -8.82 12.03
CA SER C 171 38.04 -8.06 11.51
C SER C 171 38.12 -8.37 10.01
N ALA C 172 36.95 -8.47 9.38
CA ALA C 172 36.85 -8.77 7.97
C ALA C 172 35.42 -8.53 7.45
N TYR C 173 35.29 -8.49 6.12
CA TYR C 173 34.02 -8.27 5.47
C TYR C 173 33.42 -9.63 5.20
N SER C 174 34.29 -10.56 4.84
CA SER C 174 33.90 -11.93 4.51
C SER C 174 33.17 -12.68 5.62
N ALA C 175 32.11 -13.40 5.24
CA ALA C 175 31.31 -14.20 6.17
C ALA C 175 30.88 -15.54 5.57
N LEU C 176 31.73 -16.12 4.73
CA LEU C 176 31.44 -17.43 4.13
C LEU C 176 32.74 -18.25 4.14
N TRP C 177 32.60 -19.56 4.36
CA TRP C 177 33.72 -20.48 4.48
C TRP C 177 33.50 -21.81 3.73
N TRP C 178 34.36 -22.13 2.76
CA TRP C 178 34.23 -23.40 2.05
C TRP C 178 34.80 -24.53 2.92
N SER C 179 34.28 -25.74 2.74
CA SER C 179 34.80 -26.88 3.49
C SER C 179 36.04 -27.33 2.70
N PRO C 180 37.00 -27.99 3.36
CA PRO C 180 38.24 -28.48 2.73
C PRO C 180 38.16 -28.96 1.27
N ASN C 181 37.31 -29.93 0.98
CA ASN C 181 37.20 -30.43 -0.40
C ASN C 181 36.10 -29.72 -1.21
N GLY C 182 35.57 -28.63 -0.66
CA GLY C 182 34.57 -27.85 -1.35
C GLY C 182 33.16 -28.43 -1.44
N THR C 183 32.89 -29.42 -0.61
CA THR C 183 31.57 -30.03 -0.60
C THR C 183 30.56 -29.03 -0.03
N PHE C 184 30.91 -28.42 1.08
CA PHE C 184 30.03 -27.48 1.75
C PHE C 184 30.57 -26.07 1.76
N LEU C 185 29.65 -25.12 1.77
CA LEU C 185 29.97 -23.70 1.81
C LEU C 185 29.14 -23.18 2.97
N ALA C 186 29.79 -22.71 4.03
CA ALA C 186 29.08 -22.20 5.17
C ALA C 186 29.08 -20.69 5.15
N TYR C 187 28.03 -20.10 5.72
CA TYR C 187 27.94 -18.65 5.76
C TYR C 187 27.09 -18.20 6.91
N ALA C 188 27.20 -16.91 7.21
CA ALA C 188 26.46 -16.31 8.28
C ALA C 188 25.53 -15.24 7.72
N GLN C 189 24.34 -15.15 8.31
CA GLN C 189 23.38 -14.13 7.90
C GLN C 189 23.25 -13.19 9.08
N PHE C 190 23.33 -11.90 8.79
CA PHE C 190 23.21 -10.91 9.83
C PHE C 190 21.92 -10.13 9.54
N ASN C 191 21.21 -9.76 10.60
CA ASN C 191 19.95 -9.04 10.52
C ASN C 191 20.05 -7.77 11.32
N ASP C 192 19.99 -6.62 10.65
CA ASP C 192 20.08 -5.35 11.34
C ASP C 192 18.76 -4.62 11.53
N THR C 193 17.66 -5.30 11.27
CA THR C 193 16.32 -4.72 11.38
C THR C 193 16.10 -3.80 12.58
N GLU C 194 16.54 -4.21 13.76
CA GLU C 194 16.32 -3.39 14.95
C GLU C 194 17.50 -2.58 15.41
N VAL C 195 18.55 -2.58 14.61
CA VAL C 195 19.74 -1.81 14.98
C VAL C 195 19.56 -0.35 14.59
N PRO C 196 19.63 0.55 15.59
CA PRO C 196 19.47 1.98 15.32
C PRO C 196 20.44 2.40 14.22
N LEU C 197 20.26 3.61 13.70
CA LEU C 197 21.14 4.08 12.64
C LEU C 197 21.92 5.32 13.03
N ILE C 198 23.21 5.30 12.73
CA ILE C 198 24.04 6.47 12.95
C ILE C 198 23.90 7.19 11.61
N GLU C 199 23.87 8.51 11.65
CA GLU C 199 23.72 9.30 10.44
C GLU C 199 24.63 10.50 10.46
N TYR C 200 25.16 10.83 9.30
CA TYR C 200 26.01 12.00 9.20
C TYR C 200 26.04 12.49 7.76
N SER C 201 26.41 13.75 7.59
CA SER C 201 26.48 14.34 6.27
C SER C 201 27.76 13.93 5.58
N PHE C 202 27.68 13.73 4.26
CA PHE C 202 28.85 13.43 3.44
C PHE C 202 28.65 14.42 2.30
N TYR C 203 29.50 15.44 2.24
CA TYR C 203 29.34 16.49 1.24
C TYR C 203 29.73 16.16 -0.18
N SER C 204 30.57 15.13 -0.34
CA SER C 204 30.97 14.71 -1.66
C SER C 204 31.73 15.78 -2.42
N ASP C 205 31.77 15.63 -3.73
CA ASP C 205 32.47 16.57 -4.57
C ASP C 205 31.80 17.92 -4.54
N GLU C 206 32.63 18.96 -4.61
CA GLU C 206 32.19 20.34 -4.60
C GLU C 206 30.93 20.60 -5.43
N SER C 207 30.78 19.84 -6.51
CA SER C 207 29.66 20.00 -7.39
C SER C 207 28.33 19.41 -6.93
N LEU C 208 28.33 18.66 -5.83
CA LEU C 208 27.09 18.06 -5.30
C LEU C 208 26.39 19.23 -4.64
N GLN C 209 25.17 19.53 -5.07
CA GLN C 209 24.48 20.69 -4.51
C GLN C 209 23.90 20.53 -3.13
N TYR C 210 23.39 19.33 -2.83
CA TYR C 210 22.83 19.05 -1.50
C TYR C 210 23.66 17.95 -0.87
N PRO C 211 24.06 18.13 0.39
CA PRO C 211 24.86 17.06 1.00
C PRO C 211 23.99 15.83 1.13
N LYS C 212 24.59 14.66 1.10
CA LYS C 212 23.82 13.45 1.24
C LYS C 212 23.95 13.00 2.70
N THR C 213 23.04 12.15 3.16
CA THR C 213 23.13 11.67 4.55
C THR C 213 23.44 10.20 4.59
N VAL C 214 24.61 9.87 5.12
CA VAL C 214 24.99 8.47 5.24
C VAL C 214 24.27 7.88 6.45
N ARG C 215 23.67 6.72 6.23
CA ARG C 215 22.94 6.01 7.27
C ARG C 215 23.53 4.63 7.44
N ILE C 216 23.98 4.31 8.65
CA ILE C 216 24.56 2.99 8.93
C ILE C 216 23.98 2.37 10.20
N PRO C 217 23.68 1.06 10.17
CA PRO C 217 23.13 0.34 11.33
C PRO C 217 24.34 0.16 12.27
N TYR C 218 24.40 0.99 13.29
CA TYR C 218 25.51 0.98 14.24
C TYR C 218 25.01 0.90 15.69
N PRO C 219 25.26 -0.24 16.37
CA PRO C 219 24.78 -0.33 17.75
C PRO C 219 25.74 0.28 18.74
N LYS C 220 25.29 1.35 19.38
CA LYS C 220 26.10 2.02 20.40
C LYS C 220 25.84 1.25 21.69
N ALA C 221 26.70 1.46 22.69
CA ALA C 221 26.56 0.76 23.97
C ALA C 221 25.10 0.68 24.41
N GLY C 222 24.66 -0.51 24.80
CA GLY C 222 23.30 -0.70 25.25
C GLY C 222 22.26 -0.91 24.17
N ALA C 223 22.49 -0.34 23.01
CA ALA C 223 21.56 -0.45 21.90
C ALA C 223 21.22 -1.86 21.49
N GLU C 224 20.17 -1.96 20.69
CA GLU C 224 19.73 -3.24 20.18
C GLU C 224 20.80 -3.71 19.18
N ASN C 225 21.35 -4.90 19.39
CA ASN C 225 22.39 -5.45 18.52
C ASN C 225 21.84 -6.24 17.36
N PRO C 226 22.67 -6.51 16.36
CA PRO C 226 22.16 -7.29 15.23
C PRO C 226 22.08 -8.75 15.66
N THR C 227 21.20 -9.52 15.03
CA THR C 227 21.10 -10.94 15.36
C THR C 227 21.86 -11.64 14.22
N VAL C 228 22.03 -12.96 14.34
CA VAL C 228 22.77 -13.72 13.34
C VAL C 228 22.30 -15.17 13.27
N LYS C 229 22.50 -15.79 12.11
CA LYS C 229 22.13 -17.16 11.89
C LYS C 229 23.29 -17.74 11.11
N PHE C 230 23.47 -19.05 11.19
CA PHE C 230 24.57 -19.69 10.52
C PHE C 230 24.03 -20.83 9.69
N PHE C 231 24.53 -20.97 8.47
CA PHE C 231 24.06 -22.05 7.58
C PHE C 231 25.20 -22.80 6.94
N VAL C 232 24.89 -24.01 6.50
CA VAL C 232 25.84 -24.86 5.83
C VAL C 232 25.18 -25.42 4.57
N VAL C 233 25.61 -24.93 3.42
CA VAL C 233 25.06 -25.36 2.15
C VAL C 233 25.79 -26.57 1.57
N ASP C 234 25.01 -27.53 1.08
CA ASP C 234 25.59 -28.70 0.45
C ASP C 234 25.57 -28.34 -1.01
N THR C 235 26.71 -27.86 -1.51
CA THR C 235 26.84 -27.42 -2.90
C THR C 235 26.71 -28.53 -3.94
N ARG C 236 26.78 -29.78 -3.50
CA ARG C 236 26.66 -30.89 -4.42
C ARG C 236 25.35 -30.92 -5.19
N THR C 237 24.29 -30.39 -4.61
CA THR C 237 22.99 -30.41 -5.28
C THR C 237 22.66 -29.14 -6.05
N LEU C 238 23.52 -28.12 -5.95
CA LEU C 238 23.28 -26.89 -6.67
C LEU C 238 23.07 -27.16 -8.16
N SER C 239 21.90 -26.77 -8.66
CA SER C 239 21.53 -26.93 -10.08
C SER C 239 20.49 -25.87 -10.34
N PRO C 240 20.50 -25.28 -11.54
CA PRO C 240 19.51 -24.24 -11.82
C PRO C 240 18.05 -24.59 -11.47
N ASN C 241 17.66 -25.85 -11.60
CA ASN C 241 16.28 -26.21 -11.27
C ASN C 241 16.12 -27.03 -9.99
N ALA C 242 17.06 -26.88 -9.07
CA ALA C 242 17.01 -27.60 -7.82
C ALA C 242 16.98 -26.58 -6.70
N SER C 243 16.60 -27.00 -5.50
CA SER C 243 16.55 -26.10 -4.36
C SER C 243 17.88 -26.10 -3.62
N VAL C 244 18.21 -24.98 -2.96
CA VAL C 244 19.45 -24.91 -2.20
C VAL C 244 19.35 -25.80 -0.96
N THR C 245 20.12 -26.88 -0.91
CA THR C 245 20.08 -27.75 0.27
C THR C 245 20.93 -27.11 1.37
N SER C 246 20.36 -26.89 2.55
CA SER C 246 21.09 -26.25 3.62
C SER C 246 20.65 -26.70 4.98
N TYR C 247 21.41 -26.30 5.99
CA TYR C 247 21.07 -26.65 7.34
C TYR C 247 21.51 -25.50 8.21
N GLN C 248 20.68 -25.15 9.18
CA GLN C 248 21.02 -24.06 10.08
C GLN C 248 21.55 -24.60 11.41
N ILE C 249 22.77 -24.20 11.75
CA ILE C 249 23.35 -24.65 13.00
C ILE C 249 23.08 -23.54 13.99
N VAL C 250 22.38 -23.90 15.06
CA VAL C 250 22.03 -22.96 16.10
C VAL C 250 23.04 -23.04 17.22
N PRO C 251 23.30 -21.92 17.92
CA PRO C 251 24.26 -21.95 19.03
C PRO C 251 23.81 -22.83 20.20
N PRO C 252 24.74 -23.16 21.13
CA PRO C 252 24.37 -23.99 22.27
C PRO C 252 23.46 -23.24 23.24
N ALA C 253 22.62 -23.99 23.96
CA ALA C 253 21.69 -23.45 24.93
C ALA C 253 22.29 -22.36 25.81
N SER C 254 23.46 -22.63 26.38
CA SER C 254 24.11 -21.66 27.25
C SER C 254 24.29 -20.31 26.58
N VAL C 255 24.19 -20.29 25.26
CA VAL C 255 24.34 -19.04 24.52
C VAL C 255 23.01 -18.56 23.95
N LEU C 256 22.20 -19.47 23.41
CA LEU C 256 20.91 -19.08 22.86
C LEU C 256 20.15 -18.27 23.90
N ILE C 257 20.27 -18.66 25.16
CA ILE C 257 19.62 -17.97 26.25
C ILE C 257 19.41 -16.49 26.02
N GLY C 258 20.46 -15.76 25.66
CA GLY C 258 20.31 -14.33 25.43
C GLY C 258 21.08 -13.86 24.22
N ASP C 259 21.39 -12.56 24.19
CA ASP C 259 22.12 -11.98 23.07
C ASP C 259 23.51 -12.59 23.00
N HIS C 260 23.90 -13.00 21.79
CA HIS C 260 25.21 -13.60 21.58
C HIS C 260 25.84 -13.13 20.28
N TYR C 261 27.04 -13.64 20.02
CA TYR C 261 27.77 -13.30 18.82
C TYR C 261 28.41 -14.56 18.25
N LEU C 262 28.59 -14.55 16.94
CA LEU C 262 29.27 -15.64 16.26
C LEU C 262 30.67 -15.02 16.16
N CYS C 263 31.69 -15.66 16.72
CA CYS C 263 33.00 -15.05 16.62
C CYS C 263 34.06 -15.86 15.92
N GLY C 264 33.78 -17.12 15.60
CA GLY C 264 34.79 -17.90 14.89
C GLY C 264 34.24 -19.11 14.15
N VAL C 265 34.83 -19.40 12.99
CA VAL C 265 34.39 -20.55 12.19
C VAL C 265 35.63 -21.30 11.71
N THR C 266 35.68 -22.59 12.01
CA THR C 266 36.80 -23.39 11.60
C THR C 266 36.37 -24.75 11.04
N TRP C 267 36.79 -25.04 9.82
CA TRP C 267 36.46 -26.31 9.22
C TRP C 267 37.48 -27.33 9.69
N VAL C 268 36.99 -28.35 10.38
CA VAL C 268 37.87 -29.40 10.87
C VAL C 268 38.09 -30.40 9.77
N THR C 269 37.02 -30.96 9.24
CA THR C 269 37.09 -31.93 8.16
C THR C 269 35.84 -31.72 7.30
N GLU C 270 35.73 -32.42 6.16
CA GLU C 270 34.54 -32.24 5.33
C GLU C 270 33.31 -32.60 6.11
N GLU C 271 33.46 -33.51 7.07
CA GLU C 271 32.32 -33.91 7.87
C GLU C 271 32.30 -33.31 9.25
N ARG C 272 33.15 -32.32 9.51
CA ARG C 272 33.18 -31.71 10.84
C ARG C 272 33.57 -30.24 10.83
N ILE C 273 32.74 -29.40 11.45
CA ILE C 273 32.97 -27.96 11.51
C ILE C 273 32.95 -27.48 12.97
N SER C 274 33.67 -26.39 13.27
CA SER C 274 33.76 -25.84 14.62
C SER C 274 33.35 -24.38 14.70
N LEU C 275 32.30 -24.11 15.48
CA LEU C 275 31.78 -22.77 15.64
C LEU C 275 32.10 -22.25 17.03
N GLN C 276 32.46 -20.97 17.13
CA GLN C 276 32.80 -20.39 18.42
C GLN C 276 31.90 -19.21 18.72
N TRP C 277 31.03 -19.38 19.71
CA TRP C 277 30.09 -18.34 20.11
C TRP C 277 30.45 -17.68 21.43
N ILE C 278 29.92 -16.48 21.63
CA ILE C 278 30.15 -15.71 22.85
C ILE C 278 28.91 -14.93 23.23
N ARG C 279 28.53 -14.99 24.50
CA ARG C 279 27.39 -14.23 24.97
C ARG C 279 27.72 -12.77 24.78
N ARG C 280 26.70 -11.93 24.81
CA ARG C 280 26.92 -10.53 24.59
C ARG C 280 27.85 -9.92 25.64
N ALA C 281 27.84 -10.45 26.86
CA ALA C 281 28.71 -9.94 27.94
C ALA C 281 30.19 -10.10 27.59
N GLN C 282 30.51 -11.21 26.92
CA GLN C 282 31.85 -11.52 26.48
C GLN C 282 32.82 -12.05 27.56
N ASN C 283 32.28 -12.80 28.50
CA ASN C 283 33.09 -13.40 29.55
C ASN C 283 32.70 -14.86 29.62
N TYR C 284 32.00 -15.29 28.58
CA TYR C 284 31.54 -16.66 28.43
C TYR C 284 31.56 -16.96 26.93
N SER C 285 32.48 -17.83 26.54
CA SER C 285 32.66 -18.25 25.15
C SER C 285 32.42 -19.74 25.10
N ILE C 286 32.17 -20.29 23.92
CA ILE C 286 31.98 -21.74 23.83
C ILE C 286 32.25 -22.26 22.43
N ILE C 287 32.87 -23.43 22.35
CA ILE C 287 33.17 -24.01 21.06
C ILE C 287 32.30 -25.22 20.86
N ASP C 288 31.53 -25.20 19.77
CA ASP C 288 30.61 -26.27 19.44
C ASP C 288 31.12 -26.94 18.18
N ILE C 289 31.49 -28.21 18.29
CA ILE C 289 32.03 -28.96 17.15
C ILE C 289 30.98 -29.89 16.57
N CYS C 290 30.48 -29.52 15.41
CA CYS C 290 29.42 -30.28 14.75
C CYS C 290 29.86 -31.27 13.69
N ASP C 291 29.18 -32.42 13.71
CA ASP C 291 29.46 -33.50 12.79
C ASP C 291 28.32 -33.75 11.83
N TYR C 292 28.69 -34.01 10.57
CA TYR C 292 27.74 -34.24 9.51
C TYR C 292 27.15 -35.64 9.53
N ASP C 293 25.81 -35.72 9.62
CA ASP C 293 25.12 -37.00 9.61
C ASP C 293 24.82 -37.30 8.17
N GLU C 294 25.56 -38.23 7.59
CA GLU C 294 25.41 -38.60 6.19
C GLU C 294 24.02 -39.00 5.75
N SER C 295 23.33 -39.75 6.60
CA SER C 295 22.01 -40.23 6.26
C SER C 295 20.91 -39.19 6.36
N THR C 296 21.20 -38.03 6.94
CA THR C 296 20.14 -37.03 7.05
C THR C 296 20.54 -35.63 6.59
N GLY C 297 21.83 -35.42 6.33
CA GLY C 297 22.29 -34.13 5.86
C GLY C 297 22.31 -33.03 6.90
N ARG C 298 22.19 -33.39 8.18
CA ARG C 298 22.22 -32.36 9.20
C ARG C 298 23.45 -32.44 10.09
N TRP C 299 23.94 -31.26 10.48
CA TRP C 299 25.13 -31.15 11.33
C TRP C 299 24.76 -31.25 12.81
N ILE C 300 24.98 -32.44 13.38
CA ILE C 300 24.66 -32.70 14.78
C ILE C 300 25.67 -32.17 15.79
N SER C 301 25.16 -31.62 16.87
CA SER C 301 25.96 -31.04 17.93
C SER C 301 26.07 -32.03 19.10
N SER C 302 26.93 -31.74 20.07
CA SER C 302 27.09 -32.67 21.18
C SER C 302 27.74 -32.03 22.41
N VAL C 303 27.15 -32.25 23.59
CA VAL C 303 27.72 -31.70 24.82
C VAL C 303 29.15 -32.19 24.99
N ALA C 304 29.38 -33.45 24.63
CA ALA C 304 30.71 -34.03 24.72
C ALA C 304 31.72 -33.24 23.89
N ARG C 305 31.25 -32.60 22.82
CA ARG C 305 32.12 -31.82 21.93
C ARG C 305 32.04 -30.32 22.07
N GLN C 306 31.58 -29.83 23.22
CA GLN C 306 31.51 -28.39 23.40
C GLN C 306 32.54 -27.99 24.43
N HIS C 307 33.14 -26.82 24.29
CA HIS C 307 34.17 -26.39 25.22
C HIS C 307 33.98 -24.98 25.73
N ILE C 308 33.68 -24.87 27.00
CA ILE C 308 33.46 -23.57 27.57
C ILE C 308 34.74 -22.88 28.01
N GLU C 309 34.84 -21.61 27.69
CA GLU C 309 35.97 -20.82 28.10
C GLU C 309 35.34 -19.56 28.67
N ILE C 310 35.71 -19.19 29.89
CA ILE C 310 35.12 -17.99 30.49
C ILE C 310 36.22 -17.18 31.12
N SER C 311 35.85 -16.03 31.66
CA SER C 311 36.79 -15.15 32.33
C SER C 311 36.09 -14.56 33.53
N THR C 312 36.69 -14.73 34.71
CA THR C 312 36.09 -14.18 35.91
C THR C 312 36.73 -12.86 36.29
N THR C 313 37.84 -12.51 35.65
CA THR C 313 38.49 -11.24 36.00
C THR C 313 38.38 -10.19 34.92
N GLY C 314 37.82 -10.58 33.78
CA GLY C 314 37.65 -9.65 32.68
C GLY C 314 36.90 -10.28 31.54
N TRP C 315 37.44 -10.16 30.33
CA TRP C 315 36.79 -10.73 29.15
C TRP C 315 37.60 -11.89 28.64
N VAL C 316 36.96 -12.74 27.84
CA VAL C 316 37.63 -13.88 27.25
C VAL C 316 38.56 -13.48 26.10
N GLY C 317 39.83 -13.90 26.19
CA GLY C 317 40.79 -13.58 25.15
C GLY C 317 41.35 -12.19 25.20
N ARG C 318 42.05 -11.79 24.14
CA ARG C 318 42.65 -10.46 24.04
C ARG C 318 41.63 -9.48 23.47
N PHE C 319 41.33 -9.67 22.18
CA PHE C 319 40.37 -8.84 21.50
C PHE C 319 39.18 -9.72 21.11
N ARG C 320 39.35 -11.02 21.28
CA ARG C 320 38.32 -12.00 20.95
C ARG C 320 38.91 -13.32 21.37
N PRO C 321 38.08 -14.31 21.70
CA PRO C 321 38.68 -15.59 22.10
C PRO C 321 39.62 -16.16 21.02
N ALA C 322 40.67 -16.85 21.47
CA ALA C 322 41.65 -17.43 20.56
C ALA C 322 40.98 -18.49 19.73
N GLU C 323 41.45 -18.65 18.49
CA GLU C 323 40.85 -19.64 17.62
C GLU C 323 41.44 -20.99 17.92
N PRO C 324 40.70 -22.07 17.63
CA PRO C 324 41.27 -23.39 17.91
C PRO C 324 41.98 -23.86 16.63
N HIS C 325 43.01 -24.66 16.79
CA HIS C 325 43.75 -25.19 15.66
C HIS C 325 43.64 -26.69 15.78
N PHE C 326 42.85 -27.29 14.90
CA PHE C 326 42.63 -28.73 14.92
C PHE C 326 43.72 -29.55 14.22
N THR C 327 43.86 -30.79 14.67
CA THR C 327 44.82 -31.73 14.10
C THR C 327 44.19 -32.16 12.79
N SER C 328 44.90 -32.96 11.99
CA SER C 328 44.35 -33.40 10.72
C SER C 328 43.12 -34.31 10.86
N ASP C 329 43.16 -35.25 11.78
CA ASP C 329 42.05 -36.17 12.03
C ASP C 329 40.92 -35.42 12.75
N GLY C 330 41.20 -34.20 13.18
CA GLY C 330 40.21 -33.42 13.87
C GLY C 330 39.77 -33.99 15.22
N ASN C 331 40.50 -34.95 15.76
CA ASN C 331 40.11 -35.51 17.05
C ASN C 331 40.63 -34.76 18.23
N SER C 332 41.47 -33.75 17.98
CA SER C 332 42.00 -32.95 19.07
C SER C 332 42.41 -31.59 18.51
N PHE C 333 42.64 -30.62 19.39
CA PHE C 333 43.04 -29.31 18.90
C PHE C 333 43.85 -28.56 19.94
N TYR C 334 44.45 -27.45 19.52
CA TYR C 334 45.24 -26.62 20.40
C TYR C 334 44.67 -25.21 20.28
N LYS C 335 44.62 -24.51 21.39
CA LYS C 335 44.10 -23.16 21.40
C LYS C 335 44.76 -22.41 22.54
N ILE C 336 45.02 -21.12 22.34
CA ILE C 336 45.63 -20.32 23.38
C ILE C 336 44.59 -19.92 24.42
N ILE C 337 44.96 -19.97 25.69
CA ILE C 337 44.09 -19.57 26.78
C ILE C 337 44.95 -19.07 27.94
N SER C 338 44.31 -18.55 28.98
CA SER C 338 45.00 -18.06 30.16
C SER C 338 45.18 -19.21 31.13
N ASN C 339 46.37 -19.35 31.68
CA ASN C 339 46.63 -20.41 32.64
C ASN C 339 46.29 -19.93 34.05
N GLU C 340 46.51 -20.79 35.04
CA GLU C 340 46.23 -20.47 36.43
C GLU C 340 46.91 -19.16 36.85
N GLU C 341 47.98 -18.80 36.16
CA GLU C 341 48.74 -17.59 36.48
C GLU C 341 48.32 -16.34 35.70
N GLY C 342 47.39 -16.50 34.77
CA GLY C 342 46.93 -15.36 33.99
C GLY C 342 47.74 -15.11 32.73
N TYR C 343 48.58 -16.05 32.35
CA TYR C 343 49.36 -15.87 31.14
C TYR C 343 48.78 -16.65 29.99
N LYS C 344 48.87 -16.06 28.79
CA LYS C 344 48.34 -16.68 27.58
C LYS C 344 49.30 -17.75 27.03
N HIS C 345 48.89 -19.02 27.14
CA HIS C 345 49.68 -20.16 26.69
C HIS C 345 48.87 -21.19 25.91
N ILE C 346 49.56 -22.05 25.18
CA ILE C 346 48.90 -23.07 24.40
C ILE C 346 48.36 -24.23 25.23
N CYS C 347 47.10 -24.60 25.01
CA CYS C 347 46.50 -25.72 25.74
C CYS C 347 46.07 -26.75 24.70
N HIS C 348 46.21 -28.02 25.06
CA HIS C 348 45.85 -29.11 24.17
C HIS C 348 44.54 -29.68 24.63
N PHE C 349 43.56 -29.75 23.72
CA PHE C 349 42.26 -30.30 24.04
C PHE C 349 41.99 -31.47 23.12
N GLN C 350 41.13 -32.37 23.59
CA GLN C 350 40.72 -33.51 22.79
C GLN C 350 39.28 -33.16 22.45
N THR C 351 38.95 -33.23 21.17
CA THR C 351 37.63 -32.89 20.66
C THR C 351 36.44 -33.24 21.59
N ASP C 352 36.47 -34.40 22.23
CA ASP C 352 35.36 -34.79 23.12
C ASP C 352 35.67 -35.01 24.61
N LYS C 353 36.57 -34.20 25.14
CA LYS C 353 36.92 -34.25 26.56
C LYS C 353 37.04 -32.79 26.94
N SER C 354 36.57 -32.43 28.13
CA SER C 354 36.61 -31.04 28.55
C SER C 354 37.90 -30.51 29.21
N ASN C 355 38.77 -31.39 29.66
CA ASN C 355 40.01 -30.95 30.30
C ASN C 355 41.17 -30.84 29.29
N CYS C 356 41.97 -29.79 29.38
CA CYS C 356 43.09 -29.66 28.47
C CYS C 356 44.41 -29.68 29.20
N THR C 357 45.49 -29.72 28.43
CA THR C 357 46.82 -29.75 29.00
C THR C 357 47.63 -28.65 28.38
N PHE C 358 48.09 -27.72 29.21
CA PHE C 358 48.93 -26.65 28.69
C PHE C 358 50.21 -27.29 28.16
N ILE C 359 50.70 -26.79 27.03
CA ILE C 359 51.94 -27.33 26.47
C ILE C 359 53.04 -26.29 26.54
N THR C 360 52.75 -25.18 27.20
CA THR C 360 53.75 -24.12 27.41
C THR C 360 53.40 -23.41 28.71
N LYS C 361 54.38 -22.75 29.30
CA LYS C 361 54.17 -22.01 30.54
C LYS C 361 55.27 -20.97 30.63
N GLY C 362 55.07 -19.95 31.46
CA GLY C 362 56.07 -18.91 31.61
C GLY C 362 55.53 -17.51 31.84
N ALA C 363 56.40 -16.60 32.24
CA ALA C 363 56.00 -15.21 32.47
C ALA C 363 56.08 -14.47 31.14
N TRP C 364 55.43 -15.04 30.15
CA TRP C 364 55.36 -14.50 28.79
C TRP C 364 54.08 -15.10 28.20
N GLU C 365 53.69 -14.64 27.03
CA GLU C 365 52.47 -15.15 26.43
C GLU C 365 52.64 -15.58 24.98
N VAL C 366 51.94 -16.66 24.61
CA VAL C 366 51.97 -17.10 23.22
C VAL C 366 51.08 -16.11 22.46
N ILE C 367 51.66 -15.46 21.45
CA ILE C 367 50.92 -14.49 20.68
C ILE C 367 49.83 -15.09 19.81
N GLY C 368 50.11 -16.25 19.22
CA GLY C 368 49.16 -16.94 18.39
C GLY C 368 49.80 -18.18 17.81
N ILE C 369 48.98 -19.19 17.50
CA ILE C 369 49.47 -20.45 16.91
C ILE C 369 49.59 -20.23 15.39
N GLU C 370 50.66 -20.74 14.79
CA GLU C 370 50.88 -20.52 13.36
C GLU C 370 50.69 -21.69 12.42
N ALA C 371 51.21 -22.85 12.77
CA ALA C 371 51.08 -24.00 11.91
C ALA C 371 51.06 -25.24 12.76
N LEU C 372 50.46 -26.31 12.24
CA LEU C 372 50.36 -27.53 12.99
C LEU C 372 50.51 -28.69 12.04
N THR C 373 51.40 -29.62 12.38
CA THR C 373 51.61 -30.81 11.57
C THR C 373 51.32 -31.94 12.55
N SER C 374 51.74 -33.15 12.24
CA SER C 374 51.47 -34.25 13.17
C SER C 374 52.56 -34.37 14.25
N ASP C 375 53.70 -33.74 13.99
CA ASP C 375 54.81 -33.81 14.94
C ASP C 375 55.08 -32.50 15.65
N TYR C 376 54.93 -31.40 14.93
CA TYR C 376 55.21 -30.10 15.55
C TYR C 376 54.08 -29.08 15.48
N LEU C 377 54.25 -28.04 16.30
CA LEU C 377 53.33 -26.94 16.38
C LEU C 377 54.22 -25.71 16.40
N TYR C 378 53.96 -24.78 15.51
CA TYR C 378 54.77 -23.57 15.43
C TYR C 378 53.98 -22.41 15.95
N TYR C 379 54.60 -21.60 16.81
CA TYR C 379 53.87 -20.49 17.38
C TYR C 379 54.73 -19.23 17.48
N ILE C 380 54.10 -18.16 17.93
CA ILE C 380 54.78 -16.89 18.12
C ILE C 380 54.60 -16.47 19.57
N SER C 381 55.66 -15.93 20.17
CA SER C 381 55.60 -15.50 21.55
C SER C 381 56.59 -14.39 21.78
N ASN C 382 56.49 -13.76 22.93
CA ASN C 382 57.38 -12.66 23.27
C ASN C 382 58.31 -13.06 24.42
N GLU C 383 58.57 -14.36 24.49
CA GLU C 383 59.45 -14.94 25.50
C GLU C 383 60.87 -14.41 25.42
N HIS C 384 61.46 -14.50 24.23
CA HIS C 384 62.84 -14.09 24.01
C HIS C 384 63.29 -12.79 24.68
N LYS C 385 64.33 -12.90 25.50
CA LYS C 385 64.92 -11.79 26.25
C LYS C 385 63.93 -11.16 27.20
N GLY C 386 62.82 -11.86 27.43
CA GLY C 386 61.80 -11.39 28.34
C GLY C 386 61.19 -10.07 27.93
N MET C 387 61.25 -9.75 26.64
CA MET C 387 60.67 -8.49 26.14
C MET C 387 59.26 -8.69 25.61
N PRO C 388 58.24 -8.18 26.33
CA PRO C 388 56.86 -8.33 25.85
C PRO C 388 56.60 -7.65 24.50
N GLY C 389 57.51 -6.80 24.08
CA GLY C 389 57.36 -6.12 22.81
C GLY C 389 58.19 -6.73 21.71
N GLY C 390 58.44 -8.03 21.81
CA GLY C 390 59.22 -8.72 20.79
C GLY C 390 58.43 -9.94 20.35
N ARG C 391 58.72 -10.43 19.15
CA ARG C 391 58.01 -11.59 18.59
C ARG C 391 58.98 -12.53 17.90
N ASN C 392 58.89 -13.82 18.22
CA ASN C 392 59.75 -14.81 17.60
C ASN C 392 58.97 -16.08 17.29
N LEU C 393 59.43 -16.82 16.27
CA LEU C 393 58.79 -18.05 15.89
C LEU C 393 59.42 -19.24 16.64
N TYR C 394 58.58 -20.12 17.17
CA TYR C 394 59.06 -21.27 17.93
C TYR C 394 58.40 -22.54 17.45
N ARG C 395 59.06 -23.67 17.70
CA ARG C 395 58.49 -24.93 17.30
C ARG C 395 58.59 -25.86 18.49
N ILE C 396 57.52 -26.56 18.79
CA ILE C 396 57.47 -27.46 19.92
C ILE C 396 57.05 -28.84 19.43
N GLN C 397 57.71 -29.88 19.91
CA GLN C 397 57.38 -31.24 19.49
C GLN C 397 56.17 -31.71 20.23
N LEU C 398 55.16 -32.17 19.51
CA LEU C 398 53.91 -32.62 20.11
C LEU C 398 54.05 -33.82 21.05
N ASN C 399 55.11 -34.61 20.88
CA ASN C 399 55.32 -35.77 21.76
C ASN C 399 56.32 -35.52 22.88
N ASP C 400 56.74 -34.28 23.07
CA ASP C 400 57.68 -33.89 24.12
C ASP C 400 57.71 -32.37 24.21
N TYR C 401 56.88 -31.82 25.09
CA TYR C 401 56.78 -30.37 25.27
C TYR C 401 58.07 -29.79 25.82
N THR C 402 59.08 -30.65 25.92
CA THR C 402 60.39 -30.28 26.42
C THR C 402 61.19 -29.80 25.23
N LYS C 403 60.95 -30.42 24.08
CA LYS C 403 61.66 -30.04 22.87
C LYS C 403 61.05 -28.84 22.17
N VAL C 404 61.37 -27.65 22.67
CA VAL C 404 60.90 -26.42 22.07
C VAL C 404 62.14 -25.66 21.60
N THR C 405 62.11 -25.17 20.37
CA THR C 405 63.24 -24.46 19.80
C THR C 405 62.84 -23.15 19.18
N CYS C 406 63.69 -22.14 19.32
CA CYS C 406 63.38 -20.86 18.72
C CYS C 406 64.01 -20.79 17.33
N LEU C 407 63.15 -20.75 16.31
CA LEU C 407 63.60 -20.72 14.92
C LEU C 407 64.00 -19.36 14.39
N SER C 408 63.77 -18.28 15.14
CA SER C 408 64.12 -16.94 14.66
C SER C 408 64.96 -16.07 15.61
N CYS C 409 65.01 -16.44 16.88
CA CYS C 409 65.75 -15.67 17.88
C CYS C 409 67.14 -15.25 17.46
N GLU C 410 67.94 -16.20 16.99
CA GLU C 410 69.30 -15.88 16.62
C GLU C 410 69.64 -15.78 15.14
N LEU C 411 68.69 -15.42 14.30
CA LEU C 411 69.01 -15.30 12.88
C LEU C 411 69.75 -14.00 12.65
N ASN C 412 69.36 -12.96 13.37
CA ASN C 412 69.99 -11.63 13.30
C ASN C 412 69.62 -10.87 14.56
N PRO C 413 69.90 -11.47 15.73
CA PRO C 413 69.60 -10.93 17.06
C PRO C 413 69.62 -9.41 17.25
N GLU C 414 70.42 -8.69 16.48
CA GLU C 414 70.46 -7.25 16.65
C GLU C 414 69.46 -6.55 15.73
N ARG C 415 69.40 -6.98 14.48
CA ARG C 415 68.51 -6.38 13.51
C ARG C 415 67.07 -6.86 13.59
N CYS C 416 66.90 -8.13 13.95
CA CYS C 416 65.57 -8.75 14.00
C CYS C 416 65.13 -9.32 15.33
N GLN C 417 64.10 -8.71 15.90
CA GLN C 417 63.53 -9.12 17.19
C GLN C 417 62.00 -9.18 17.14
N TYR C 418 61.42 -8.89 15.97
CA TYR C 418 59.98 -8.88 15.81
C TYR C 418 59.53 -9.59 14.53
N TYR C 419 59.19 -10.86 14.62
CA TYR C 419 58.77 -11.59 13.42
C TYR C 419 57.31 -11.97 13.37
N SER C 420 56.89 -12.30 12.16
CA SER C 420 55.57 -12.82 11.86
C SER C 420 55.98 -13.89 10.84
N ALA C 421 55.26 -15.01 10.80
CA ALA C 421 55.61 -16.08 9.88
C ALA C 421 54.47 -16.42 8.95
N SER C 422 54.81 -17.05 7.84
CA SER C 422 53.83 -17.44 6.83
C SER C 422 54.22 -18.79 6.28
N PHE C 423 53.62 -19.87 6.79
CA PHE C 423 53.95 -21.21 6.33
C PHE C 423 53.28 -21.62 5.04
N SER C 424 53.82 -22.64 4.40
CA SER C 424 53.26 -23.19 3.17
C SER C 424 52.28 -24.25 3.66
N ASN C 425 51.69 -25.01 2.73
CA ASN C 425 50.76 -26.07 3.11
C ASN C 425 51.56 -27.16 3.77
N LYS C 426 50.92 -27.91 4.65
CA LYS C 426 51.61 -28.99 5.37
C LYS C 426 52.82 -28.42 6.12
N ALA C 427 53.01 -27.11 6.00
CA ALA C 427 54.10 -26.37 6.65
C ALA C 427 55.48 -26.94 6.38
N LYS C 428 55.81 -27.17 5.12
CA LYS C 428 57.13 -27.70 4.80
C LYS C 428 58.12 -26.59 4.47
N TYR C 429 57.63 -25.36 4.47
CA TYR C 429 58.46 -24.20 4.20
C TYR C 429 57.77 -22.98 4.80
N TYR C 430 58.53 -21.93 5.09
CA TYR C 430 57.92 -20.73 5.65
C TYR C 430 58.65 -19.46 5.31
N GLN C 431 57.89 -18.38 5.21
CA GLN C 431 58.47 -17.08 4.95
C GLN C 431 58.63 -16.48 6.33
N LEU C 432 59.74 -15.80 6.58
CA LEU C 432 59.94 -15.15 7.87
C LEU C 432 59.87 -13.68 7.57
N ARG C 433 59.08 -12.96 8.35
CA ARG C 433 58.95 -11.54 8.15
C ARG C 433 59.45 -10.88 9.42
N CYS C 434 60.51 -10.08 9.26
CA CYS C 434 61.14 -9.37 10.36
C CYS C 434 60.83 -7.88 10.22
N PHE C 435 60.26 -7.28 11.26
CA PHE C 435 59.88 -5.86 11.21
C PHE C 435 60.73 -4.88 12.01
N GLY C 436 61.80 -5.38 12.61
CA GLY C 436 62.68 -4.49 13.38
C GLY C 436 63.37 -5.25 14.50
N PRO C 437 64.13 -4.56 15.37
CA PRO C 437 64.35 -3.11 15.34
C PRO C 437 65.11 -2.55 14.16
N GLY C 438 65.83 -3.41 13.43
CA GLY C 438 66.58 -2.93 12.28
C GLY C 438 65.71 -2.95 11.03
N LEU C 439 66.21 -2.47 9.90
CA LEU C 439 65.42 -2.47 8.67
C LEU C 439 64.77 -3.84 8.49
N PRO C 440 63.53 -3.87 7.98
CA PRO C 440 62.74 -5.08 7.73
C PRO C 440 63.49 -6.09 6.86
N LEU C 441 63.27 -7.38 7.10
CA LEU C 441 63.96 -8.43 6.38
C LEU C 441 63.06 -9.67 6.14
N TYR C 442 62.86 -10.03 4.87
CA TYR C 442 62.04 -11.21 4.55
C TYR C 442 62.90 -12.35 3.99
N THR C 443 62.78 -13.53 4.60
CA THR C 443 63.56 -14.69 4.16
C THR C 443 62.74 -15.98 4.17
N LEU C 444 63.02 -16.86 3.22
CA LEU C 444 62.33 -18.14 3.09
C LEU C 444 63.16 -19.19 3.81
N HIS C 445 62.53 -20.19 4.41
CA HIS C 445 63.24 -21.25 5.13
C HIS C 445 62.61 -22.61 4.88
N SER C 446 63.39 -23.66 5.14
CA SER C 446 62.89 -25.02 4.99
C SER C 446 62.54 -25.44 6.39
N SER C 447 61.45 -26.19 6.54
CA SER C 447 61.02 -26.62 7.85
C SER C 447 61.82 -27.80 8.35
N SER C 448 62.27 -28.64 7.42
CA SER C 448 63.05 -29.81 7.78
C SER C 448 64.48 -29.44 8.18
N SER C 449 65.18 -28.73 7.30
CA SER C 449 66.55 -28.34 7.57
C SER C 449 66.71 -27.04 8.36
N ASP C 450 65.61 -26.33 8.56
CA ASP C 450 65.66 -25.04 9.26
C ASP C 450 66.68 -24.08 8.67
N LYS C 451 67.06 -24.32 7.41
CA LYS C 451 68.03 -23.49 6.71
C LYS C 451 67.37 -22.32 5.99
N GLU C 452 68.13 -21.26 5.75
CA GLU C 452 67.61 -20.08 5.06
C GLU C 452 67.74 -20.19 3.54
N LEU C 453 66.77 -20.85 2.92
CA LEU C 453 66.76 -21.05 1.48
C LEU C 453 67.10 -19.83 0.65
N ARG C 454 66.87 -18.63 1.18
CA ARG C 454 67.15 -17.40 0.43
C ARG C 454 66.65 -16.12 1.07
N VAL C 455 67.07 -14.99 0.52
CA VAL C 455 66.66 -13.69 1.03
C VAL C 455 65.66 -13.13 0.01
N LEU C 456 64.44 -12.83 0.45
CA LEU C 456 63.42 -12.32 -0.46
C LEU C 456 63.52 -10.82 -0.56
N GLU C 457 63.79 -10.18 0.56
CA GLU C 457 63.91 -8.75 0.59
C GLU C 457 64.74 -8.34 1.80
N ASP C 458 65.77 -7.54 1.55
CA ASP C 458 66.67 -7.08 2.61
C ASP C 458 66.65 -5.58 2.80
N ASN C 459 65.94 -4.87 1.95
CA ASN C 459 65.85 -3.43 2.08
C ASN C 459 67.21 -2.76 1.98
N SER C 460 68.20 -3.47 1.46
CA SER C 460 69.54 -2.90 1.33
C SER C 460 69.47 -1.52 0.66
N ALA C 461 68.52 -1.35 -0.27
CA ALA C 461 68.35 -0.08 -0.96
C ALA C 461 68.03 1.05 0.01
N LEU C 462 67.19 0.77 1.00
CA LEU C 462 66.82 1.77 2.00
C LEU C 462 68.01 2.01 2.92
N ASP C 463 68.80 0.96 3.13
CA ASP C 463 69.97 1.05 3.99
C ASP C 463 70.90 2.17 3.49
N LYS C 464 71.19 2.16 2.20
CA LYS C 464 72.06 3.18 1.62
C LYS C 464 71.42 4.51 1.92
N MET C 465 70.22 4.70 1.37
CA MET C 465 69.45 5.92 1.51
C MET C 465 69.50 6.54 2.91
N LEU C 466 69.53 5.71 3.94
CA LEU C 466 69.54 6.18 5.34
C LEU C 466 70.87 6.55 5.95
N GLN C 467 71.94 5.90 5.52
CA GLN C 467 73.26 6.17 6.08
C GLN C 467 73.67 7.61 5.83
N ASP C 468 73.02 8.23 4.87
CA ASP C 468 73.30 9.62 4.55
C ASP C 468 72.45 10.62 5.36
N VAL C 469 71.53 10.13 6.18
CA VAL C 469 70.68 10.99 6.99
C VAL C 469 70.88 10.76 8.48
N GLN C 470 70.58 11.77 9.28
CA GLN C 470 70.75 11.69 10.72
C GLN C 470 69.54 11.09 11.40
N MET C 471 69.46 9.77 11.38
CA MET C 471 68.35 9.08 12.00
C MET C 471 68.41 9.13 13.51
N PRO C 472 67.23 9.11 14.16
CA PRO C 472 67.14 9.13 15.63
C PRO C 472 67.21 7.67 16.06
N SER C 473 67.43 7.41 17.34
CA SER C 473 67.52 6.04 17.81
C SER C 473 66.37 5.73 18.77
N LYS C 474 65.89 4.50 18.71
CA LYS C 474 64.79 4.06 19.55
C LYS C 474 65.27 3.12 20.66
N LYS C 475 65.06 3.53 21.91
CA LYS C 475 65.47 2.72 23.04
C LYS C 475 64.27 2.21 23.83
N LEU C 476 64.33 0.96 24.28
CA LEU C 476 63.26 0.38 25.08
C LEU C 476 63.83 0.03 26.43
N ASP C 477 63.24 0.59 27.48
CA ASP C 477 63.70 0.31 28.84
C ASP C 477 62.54 0.01 29.78
N VAL C 478 62.77 0.15 31.07
CA VAL C 478 61.73 -0.17 32.04
C VAL C 478 61.69 0.76 33.24
N ILE C 479 60.50 0.96 33.78
CA ILE C 479 60.31 1.76 34.98
C ILE C 479 59.34 0.99 35.86
N ASN C 480 59.30 1.31 37.14
CA ASN C 480 58.41 0.60 38.03
C ASN C 480 57.30 1.46 38.55
N LEU C 481 56.09 0.90 38.51
CA LEU C 481 54.90 1.58 38.98
C LEU C 481 54.14 0.50 39.70
N HIS C 482 53.70 0.76 40.91
CA HIS C 482 52.94 -0.21 41.66
C HIS C 482 53.72 -1.51 41.90
N GLY C 483 55.04 -1.39 42.05
CA GLY C 483 55.87 -2.56 42.28
C GLY C 483 56.03 -3.42 41.04
N THR C 484 55.46 -2.97 39.92
CA THR C 484 55.53 -3.68 38.65
C THR C 484 56.42 -2.92 37.67
N LYS C 485 57.05 -3.65 36.76
CA LYS C 485 57.92 -3.03 35.76
C LYS C 485 57.16 -2.97 34.46
N PHE C 486 57.02 -1.76 33.94
CA PHE C 486 56.33 -1.56 32.68
C PHE C 486 57.34 -1.02 31.71
N TRP C 487 57.20 -1.42 30.45
CA TRP C 487 58.11 -1.00 29.40
C TRP C 487 57.76 0.32 28.76
N TYR C 488 58.78 1.05 28.33
CA TYR C 488 58.57 2.31 27.65
C TYR C 488 59.61 2.40 26.54
N GLN C 489 59.42 3.33 25.63
CA GLN C 489 60.35 3.51 24.55
C GLN C 489 60.46 4.99 24.29
N MET C 490 61.63 5.43 23.85
CA MET C 490 61.85 6.84 23.54
C MET C 490 62.55 6.92 22.18
N ILE C 491 62.09 7.82 21.33
CA ILE C 491 62.74 8.01 20.05
C ILE C 491 63.68 9.15 20.38
N LEU C 492 64.97 8.90 20.33
CA LEU C 492 65.94 9.93 20.67
C LEU C 492 66.53 10.62 19.46
N PRO C 493 66.62 11.96 19.53
CA PRO C 493 67.16 12.79 18.46
C PRO C 493 68.59 12.39 18.12
N PRO C 494 69.07 12.76 16.93
CA PRO C 494 70.42 12.46 16.46
C PRO C 494 71.46 13.10 17.39
N HIS C 495 72.53 12.34 17.67
CA HIS C 495 73.60 12.83 18.56
C HIS C 495 72.92 13.25 19.86
N PHE C 496 72.06 12.39 20.39
CA PHE C 496 71.31 12.68 21.61
C PHE C 496 72.17 13.32 22.67
N ASP C 497 72.20 14.65 22.67
CA ASP C 497 73.00 15.40 23.60
C ASP C 497 73.40 14.62 24.84
N LYS C 498 72.72 14.79 25.97
CA LYS C 498 73.17 14.05 27.13
C LYS C 498 72.41 14.34 28.40
N SER C 499 72.73 15.48 28.97
CA SER C 499 72.12 15.97 30.19
C SER C 499 71.44 17.26 29.73
N LYS C 500 71.61 17.57 28.45
CA LYS C 500 70.99 18.74 27.85
C LYS C 500 69.48 18.52 27.97
N LYS C 501 68.70 19.58 27.93
CA LYS C 501 67.24 19.45 28.06
C LYS C 501 66.45 19.53 26.76
N TYR C 502 65.64 18.49 26.50
CA TYR C 502 64.81 18.40 25.30
C TYR C 502 63.32 18.37 25.62
N PRO C 503 62.48 18.89 24.71
CA PRO C 503 61.03 18.88 24.96
C PRO C 503 60.57 17.42 24.78
N LEU C 504 59.56 17.02 25.54
CA LEU C 504 59.06 15.64 25.48
C LEU C 504 57.65 15.56 24.90
N LEU C 505 57.41 14.52 24.13
CA LEU C 505 56.10 14.28 23.54
C LEU C 505 55.73 12.84 23.80
N ILE C 506 54.65 12.64 24.54
CA ILE C 506 54.19 11.30 24.81
C ILE C 506 53.26 10.97 23.65
N GLU C 507 53.43 9.79 23.06
CA GLU C 507 52.57 9.35 21.99
C GLU C 507 51.87 8.17 22.64
N VAL C 508 50.57 8.29 22.81
CA VAL C 508 49.81 7.27 23.50
C VAL C 508 48.66 6.64 22.75
N TYR C 509 48.38 5.38 23.06
CA TYR C 509 47.22 4.71 22.53
C TYR C 509 46.54 4.19 23.79
N ALA C 510 47.22 3.27 24.47
CA ALA C 510 46.75 2.72 25.74
C ALA C 510 45.40 2.02 25.82
N GLY C 511 44.82 1.66 24.68
CA GLY C 511 43.55 0.97 24.72
C GLY C 511 43.71 -0.40 25.38
N PRO C 512 42.62 -1.06 25.79
CA PRO C 512 42.85 -2.36 26.41
C PRO C 512 43.57 -3.36 25.48
N CYS C 513 44.50 -4.12 26.08
CA CYS C 513 45.31 -5.13 25.41
C CYS C 513 46.21 -4.60 24.28
N SER C 514 46.50 -3.32 24.34
CA SER C 514 47.33 -2.68 23.34
C SER C 514 48.80 -2.80 23.72
N GLN C 515 49.66 -2.39 22.80
CA GLN C 515 51.09 -2.41 23.03
C GLN C 515 51.70 -1.35 22.16
N LYS C 516 52.04 -0.21 22.74
CA LYS C 516 52.66 0.84 21.96
C LYS C 516 54.16 0.69 21.93
N VAL C 517 54.71 0.06 22.97
CA VAL C 517 56.15 -0.15 23.06
C VAL C 517 56.58 -1.45 22.39
N ASP C 518 57.41 -1.34 21.35
CA ASP C 518 57.91 -2.51 20.65
C ASP C 518 59.20 -2.29 19.87
N THR C 519 59.69 -3.36 19.27
CA THR C 519 60.93 -3.34 18.51
C THR C 519 60.69 -3.33 17.01
N VAL C 520 59.60 -2.70 16.58
CA VAL C 520 59.25 -2.63 15.16
C VAL C 520 59.87 -1.39 14.55
N PHE C 521 60.53 -1.55 13.41
CA PHE C 521 61.12 -0.41 12.74
C PHE C 521 60.01 0.42 12.10
N ARG C 522 60.03 1.71 12.36
CA ARG C 522 59.04 2.59 11.79
C ARG C 522 59.66 3.88 11.34
N LEU C 523 59.10 4.42 10.29
CA LEU C 523 59.52 5.68 9.70
C LEU C 523 58.24 6.50 9.84
N SER C 524 58.09 7.20 10.97
CA SER C 524 56.87 7.96 11.23
C SER C 524 57.05 9.44 11.50
N TRP C 525 55.94 10.07 11.87
CA TRP C 525 55.93 11.49 12.19
C TRP C 525 56.88 11.73 13.37
N ALA C 526 57.03 10.73 14.24
CA ALA C 526 57.93 10.85 15.40
C ALA C 526 59.38 10.92 14.93
N THR C 527 59.72 10.06 13.97
CA THR C 527 61.05 10.02 13.39
C THR C 527 61.42 11.45 13.04
N TYR C 528 60.53 12.13 12.33
CA TYR C 528 60.77 13.51 11.94
C TYR C 528 60.84 14.46 13.16
N LEU C 529 59.95 14.27 14.14
CA LEU C 529 59.93 15.14 15.31
C LEU C 529 61.25 15.07 16.09
N ALA C 530 61.87 13.90 16.08
CA ALA C 530 63.13 13.67 16.76
C ALA C 530 64.33 14.14 15.92
N SER C 531 64.41 13.64 14.69
CA SER C 531 65.52 13.99 13.80
C SER C 531 65.66 15.46 13.42
N THR C 532 64.55 16.08 13.03
CA THR C 532 64.59 17.48 12.62
C THR C 532 64.25 18.48 13.70
N GLU C 533 63.27 18.18 14.54
CA GLU C 533 62.85 19.10 15.58
C GLU C 533 63.50 18.83 16.94
N ASN C 534 64.28 17.76 17.03
CA ASN C 534 64.96 17.42 18.28
C ASN C 534 64.00 17.29 19.45
N ILE C 535 62.94 16.53 19.22
CA ILE C 535 61.93 16.30 20.24
C ILE C 535 62.01 14.84 20.65
N ILE C 536 61.96 14.58 21.94
CA ILE C 536 61.99 13.21 22.39
C ILE C 536 60.54 12.76 22.28
N VAL C 537 60.32 11.56 21.76
CA VAL C 537 58.97 11.07 21.66
C VAL C 537 58.89 9.76 22.40
N ALA C 538 58.24 9.76 23.56
CA ALA C 538 58.12 8.55 24.36
C ALA C 538 56.74 7.89 24.25
N SER C 539 56.67 6.65 24.71
CA SER C 539 55.44 5.87 24.69
C SER C 539 55.60 4.95 25.87
N PHE C 540 54.50 4.53 26.45
CA PHE C 540 54.57 3.69 27.63
C PHE C 540 53.35 2.79 27.72
N ASP C 541 53.55 1.52 28.06
CA ASP C 541 52.43 0.61 28.18
C ASP C 541 52.21 0.30 29.65
N GLY C 542 51.23 0.98 30.25
CA GLY C 542 50.93 0.78 31.66
C GLY C 542 49.83 -0.25 31.84
N ARG C 543 49.00 -0.08 32.86
CA ARG C 543 47.93 -1.04 33.08
C ARG C 543 46.89 -1.01 31.96
N GLY C 544 46.44 -2.20 31.62
CA GLY C 544 45.47 -2.35 30.57
C GLY C 544 46.14 -2.86 29.30
N SER C 545 47.40 -2.49 29.09
CA SER C 545 48.09 -2.94 27.89
C SER C 545 48.05 -4.45 27.85
N GLY C 546 48.56 -5.02 26.76
CA GLY C 546 48.52 -6.46 26.64
C GLY C 546 49.84 -7.19 26.54
N TYR C 547 49.73 -8.49 26.31
CA TYR C 547 50.88 -9.36 26.15
C TYR C 547 51.72 -9.57 27.41
N GLN C 548 51.23 -9.10 28.54
CA GLN C 548 51.96 -9.24 29.79
C GLN C 548 51.20 -10.00 30.86
N GLY C 549 50.11 -10.66 30.49
CA GLY C 549 49.32 -11.41 31.46
C GLY C 549 48.03 -10.67 31.80
N ASP C 550 47.00 -11.41 32.19
CA ASP C 550 45.72 -10.79 32.51
C ASP C 550 45.79 -9.82 33.71
N LYS C 551 46.72 -10.05 34.62
CA LYS C 551 46.81 -9.19 35.78
C LYS C 551 46.93 -7.75 35.33
N ILE C 552 47.72 -7.52 34.29
CA ILE C 552 47.91 -6.18 33.79
C ILE C 552 46.83 -5.73 32.82
N MET C 553 46.40 -6.63 31.96
CA MET C 553 45.39 -6.31 30.95
C MET C 553 43.99 -6.04 31.51
N HIS C 554 43.58 -6.81 32.52
CA HIS C 554 42.26 -6.65 33.13
C HIS C 554 42.22 -5.62 34.26
N ALA C 555 43.32 -4.89 34.43
CA ALA C 555 43.35 -3.87 35.46
C ALA C 555 42.30 -2.81 35.13
N ILE C 556 41.98 -2.62 33.85
CA ILE C 556 40.97 -1.62 33.49
C ILE C 556 39.58 -2.16 33.19
N ASN C 557 39.35 -3.45 33.45
CA ASN C 557 38.04 -4.00 33.19
C ASN C 557 36.99 -3.15 33.93
N ARG C 558 35.97 -2.76 33.20
CA ARG C 558 34.86 -1.96 33.73
C ARG C 558 35.25 -0.59 34.24
N ARG C 559 36.42 -0.09 33.86
CA ARG C 559 36.79 1.22 34.34
C ARG C 559 37.77 1.96 33.44
N LEU C 560 37.51 1.93 32.14
CA LEU C 560 38.37 2.62 31.20
C LEU C 560 38.43 4.10 31.56
N GLY C 561 39.58 4.73 31.32
CA GLY C 561 39.71 6.14 31.63
C GLY C 561 40.36 6.33 32.98
N THR C 562 40.64 5.23 33.67
CA THR C 562 41.27 5.36 34.98
C THR C 562 42.78 5.03 34.99
N PHE C 563 43.14 3.78 35.27
CA PHE C 563 44.55 3.39 35.34
C PHE C 563 45.41 3.68 34.13
N GLU C 564 44.96 3.28 32.94
CA GLU C 564 45.77 3.53 31.74
C GLU C 564 46.05 5.02 31.57
N VAL C 565 45.09 5.85 31.97
CA VAL C 565 45.29 7.29 31.88
C VAL C 565 46.27 7.71 32.98
N GLU C 566 45.96 7.29 34.20
CA GLU C 566 46.79 7.60 35.36
C GLU C 566 48.25 7.18 35.18
N ASP C 567 48.48 5.96 34.69
CA ASP C 567 49.85 5.50 34.47
C ASP C 567 50.58 6.34 33.41
N GLN C 568 49.87 6.90 32.45
CA GLN C 568 50.54 7.73 31.46
C GLN C 568 51.15 8.95 32.14
N ILE C 569 50.48 9.43 33.19
CA ILE C 569 50.95 10.61 33.93
C ILE C 569 52.09 10.27 34.86
N GLU C 570 51.90 9.22 35.66
CA GLU C 570 52.91 8.80 36.61
C GLU C 570 54.25 8.54 35.91
N ALA C 571 54.19 7.94 34.72
CA ALA C 571 55.39 7.63 33.95
C ALA C 571 56.02 8.86 33.33
N THR C 572 55.21 9.77 32.80
CA THR C 572 55.77 10.97 32.19
C THR C 572 56.43 11.75 33.31
N ARG C 573 55.82 11.64 34.49
CA ARG C 573 56.29 12.30 35.69
C ARG C 573 57.72 11.82 35.93
N GLN C 574 57.91 10.51 35.94
CA GLN C 574 59.26 9.99 36.13
C GLN C 574 60.14 10.42 34.98
N PHE C 575 59.65 10.32 33.74
CA PHE C 575 60.45 10.73 32.59
C PHE C 575 61.02 12.12 32.80
N SER C 576 60.24 13.00 33.41
CA SER C 576 60.72 14.35 33.68
C SER C 576 61.77 14.37 34.79
N LYS C 577 61.77 13.35 35.65
CA LYS C 577 62.76 13.27 36.72
C LYS C 577 64.12 13.24 36.05
N MET C 578 64.21 12.46 34.97
CA MET C 578 65.43 12.31 34.20
C MET C 578 65.91 13.69 33.71
N GLY C 579 67.22 13.90 33.74
CA GLY C 579 67.79 15.18 33.37
C GLY C 579 67.75 15.72 31.96
N PHE C 580 67.41 14.90 30.97
CA PHE C 580 67.39 15.42 29.60
C PHE C 580 66.02 15.89 29.14
N VAL C 581 65.06 15.84 30.06
CA VAL C 581 63.69 16.27 29.77
C VAL C 581 63.44 17.69 30.28
N ASP C 582 62.96 18.55 29.40
CA ASP C 582 62.65 19.93 29.75
C ASP C 582 61.21 19.98 30.25
N ASP C 583 61.01 19.73 31.55
CA ASP C 583 59.67 19.71 32.14
C ASP C 583 58.75 20.91 31.82
N LYS C 584 59.29 21.97 31.27
CA LYS C 584 58.46 23.12 30.93
C LYS C 584 57.83 22.92 29.55
N ARG C 585 58.23 21.86 28.87
CA ARG C 585 57.73 21.58 27.54
C ARG C 585 57.43 20.13 27.26
N ILE C 586 56.37 19.62 27.86
CA ILE C 586 55.96 18.24 27.66
C ILE C 586 54.55 18.19 27.06
N ALA C 587 54.40 17.47 25.95
CA ALA C 587 53.11 17.35 25.30
C ALA C 587 52.68 15.90 25.16
N ILE C 588 51.43 15.68 24.79
CA ILE C 588 50.89 14.34 24.63
C ILE C 588 49.97 14.35 23.40
N TRP C 589 49.83 13.18 22.75
CA TRP C 589 48.97 13.04 21.59
C TRP C 589 48.60 11.59 21.34
N GLY C 590 47.51 11.39 20.61
CA GLY C 590 47.03 10.05 20.31
C GLY C 590 45.84 10.13 19.38
N TRP C 591 45.60 9.02 18.68
CA TRP C 591 44.52 8.88 17.70
C TRP C 591 43.54 7.83 18.22
N SER C 592 42.23 8.08 18.06
CA SER C 592 41.18 7.16 18.52
C SER C 592 41.23 7.02 20.05
N TYR C 593 41.45 5.79 20.55
CA TYR C 593 41.56 5.55 21.99
C TYR C 593 42.71 6.40 22.51
N GLY C 594 43.69 6.65 21.65
CA GLY C 594 44.81 7.46 22.06
C GLY C 594 44.32 8.88 22.20
N GLY C 595 43.31 9.21 21.40
CA GLY C 595 42.74 10.55 21.44
C GLY C 595 42.00 10.73 22.75
N TYR C 596 41.29 9.68 23.14
CA TYR C 596 40.55 9.66 24.39
C TYR C 596 41.51 9.88 25.56
N VAL C 597 42.50 8.99 25.69
CA VAL C 597 43.46 9.10 26.78
C VAL C 597 44.24 10.40 26.74
N THR C 598 44.55 10.89 25.55
CA THR C 598 45.25 12.16 25.45
C THR C 598 44.40 13.23 26.15
N SER C 599 43.11 13.20 25.84
CA SER C 599 42.19 14.16 26.42
C SER C 599 42.02 13.97 27.94
N MET C 600 41.79 12.73 28.36
CA MET C 600 41.64 12.42 29.79
C MET C 600 42.85 12.87 30.60
N VAL C 601 44.06 12.61 30.07
CA VAL C 601 45.28 13.03 30.75
C VAL C 601 45.31 14.56 30.80
N LEU C 602 45.06 15.22 29.67
CA LEU C 602 45.04 16.68 29.63
C LEU C 602 43.94 17.21 30.54
N GLY C 603 42.92 16.40 30.77
CA GLY C 603 41.83 16.84 31.63
C GLY C 603 42.07 16.53 33.10
N ALA C 604 43.13 15.77 33.38
CA ALA C 604 43.44 15.40 34.76
C ALA C 604 43.93 16.56 35.62
N GLY C 605 44.38 17.65 35.00
CA GLY C 605 44.86 18.75 35.79
C GLY C 605 46.06 18.32 36.63
N SER C 606 46.97 17.58 36.01
CA SER C 606 48.15 17.08 36.69
C SER C 606 49.28 18.06 36.64
N GLY C 607 49.10 19.14 35.89
CA GLY C 607 50.13 20.16 35.79
C GLY C 607 51.39 19.74 35.03
N VAL C 608 51.44 18.48 34.61
CA VAL C 608 52.61 17.97 33.90
C VAL C 608 52.66 18.28 32.41
N PHE C 609 51.51 18.29 31.76
CA PHE C 609 51.51 18.53 30.35
C PHE C 609 51.12 19.95 30.01
N LYS C 610 51.78 20.49 29.00
CA LYS C 610 51.56 21.85 28.55
C LYS C 610 50.51 21.93 27.45
N CYS C 611 50.52 20.96 26.54
CA CYS C 611 49.56 20.97 25.45
C CYS C 611 49.34 19.55 24.97
N GLY C 612 48.29 19.36 24.17
CA GLY C 612 48.00 18.03 23.66
C GLY C 612 47.25 18.07 22.36
N ILE C 613 47.07 16.90 21.77
CA ILE C 613 46.35 16.80 20.51
C ILE C 613 45.64 15.46 20.45
N ALA C 614 44.32 15.50 20.28
CA ALA C 614 43.53 14.28 20.19
C ALA C 614 42.96 14.25 18.78
N VAL C 615 43.03 13.07 18.15
CA VAL C 615 42.53 12.89 16.80
C VAL C 615 41.47 11.81 16.81
N ALA C 616 40.26 12.17 16.37
CA ALA C 616 39.14 11.23 16.33
C ALA C 616 39.07 10.44 17.64
N PRO C 617 39.07 11.15 18.78
CA PRO C 617 39.02 10.51 20.10
C PRO C 617 37.65 10.12 20.55
N VAL C 618 37.56 9.06 21.36
CA VAL C 618 36.28 8.70 21.93
C VAL C 618 36.17 9.76 23.04
N SER C 619 34.95 10.17 23.37
CA SER C 619 34.76 11.20 24.40
C SER C 619 33.79 10.72 25.47
N LYS C 620 32.87 9.86 25.06
CA LYS C 620 31.87 9.31 25.96
C LYS C 620 31.55 7.92 25.42
N TRP C 621 31.89 6.90 26.20
CA TRP C 621 31.70 5.50 25.80
C TRP C 621 30.32 5.07 25.35
N GLU C 622 29.31 5.85 25.68
CA GLU C 622 27.97 5.49 25.28
C GLU C 622 27.74 5.80 23.81
N TYR C 623 28.67 6.56 23.21
CA TYR C 623 28.60 6.89 21.79
C TYR C 623 29.28 5.81 20.97
N TYR C 624 30.11 4.99 21.59
CA TYR C 624 30.83 3.96 20.83
C TYR C 624 30.03 2.67 20.65
N ASP C 625 30.47 1.79 19.74
CA ASP C 625 29.71 0.57 19.50
C ASP C 625 29.67 -0.44 20.63
N SER C 626 28.61 -1.23 20.65
CA SER C 626 28.35 -2.25 21.67
C SER C 626 29.43 -3.30 21.93
N VAL C 627 29.77 -4.07 20.89
CA VAL C 627 30.75 -5.13 21.00
C VAL C 627 32.04 -4.74 21.70
N TYR C 628 32.65 -3.66 21.26
CA TYR C 628 33.89 -3.21 21.88
C TYR C 628 33.69 -2.62 23.26
N THR C 629 32.79 -1.65 23.39
CA THR C 629 32.54 -1.00 24.65
C THR C 629 32.04 -1.96 25.73
N GLU C 630 30.99 -2.71 25.40
CA GLU C 630 30.41 -3.64 26.35
C GLU C 630 31.39 -4.70 26.84
N ARG C 631 32.42 -4.97 26.05
CA ARG C 631 33.40 -5.98 26.40
C ARG C 631 34.23 -5.55 27.60
N TYR C 632 34.47 -4.25 27.71
CA TYR C 632 35.27 -3.72 28.81
C TYR C 632 34.46 -2.96 29.85
N MET C 633 33.27 -2.47 29.50
CA MET C 633 32.49 -1.66 30.45
C MET C 633 31.13 -2.21 30.83
N GLY C 634 30.77 -3.36 30.28
CA GLY C 634 29.46 -3.90 30.58
C GLY C 634 28.37 -2.97 30.04
N LEU C 635 27.16 -3.09 30.58
CA LEU C 635 26.05 -2.27 30.15
C LEU C 635 25.97 -0.94 30.90
N PRO C 636 25.64 0.14 30.18
CA PRO C 636 25.54 1.49 30.77
C PRO C 636 24.23 1.75 31.53
N THR C 637 23.76 0.75 32.26
CA THR C 637 22.52 0.88 33.03
C THR C 637 22.85 0.99 34.50
N PRO C 638 21.95 1.59 35.28
CA PRO C 638 22.21 1.73 36.71
C PRO C 638 22.34 0.38 37.43
N GLU C 639 21.73 -0.65 36.85
CA GLU C 639 21.81 -1.98 37.44
C GLU C 639 23.14 -2.66 37.09
N ASP C 640 23.88 -2.06 36.16
CA ASP C 640 25.16 -2.61 35.76
C ASP C 640 26.29 -1.61 36.03
N ASN C 641 26.88 -1.08 34.97
CA ASN C 641 28.00 -0.18 35.14
C ASN C 641 27.81 1.27 34.70
N LEU C 642 26.58 1.75 34.71
CA LEU C 642 26.30 3.13 34.30
C LEU C 642 27.11 4.17 35.06
N ASP C 643 27.50 3.88 36.29
CA ASP C 643 28.26 4.85 37.06
C ASP C 643 29.61 5.17 36.45
N TYR C 644 30.39 4.14 36.13
CA TYR C 644 31.70 4.35 35.55
C TYR C 644 31.65 4.85 34.12
N TYR C 645 30.49 4.73 33.50
CA TYR C 645 30.34 5.26 32.15
C TYR C 645 30.31 6.76 32.40
N ARG C 646 29.38 7.17 33.26
CA ARG C 646 29.17 8.58 33.58
C ARG C 646 30.41 9.39 33.99
N ASN C 647 31.27 8.83 34.84
CA ASN C 647 32.45 9.59 35.29
C ASN C 647 33.73 9.45 34.46
N SER C 648 33.62 8.80 33.31
CA SER C 648 34.76 8.61 32.44
C SER C 648 34.62 9.31 31.10
N THR C 649 33.69 10.23 30.98
CA THR C 649 33.54 10.95 29.71
C THR C 649 34.57 12.07 29.77
N VAL C 650 34.99 12.57 28.61
CA VAL C 650 35.96 13.64 28.62
C VAL C 650 35.34 14.95 29.11
N MET C 651 34.06 15.13 28.82
CA MET C 651 33.34 16.33 29.20
C MET C 651 33.39 16.58 30.69
N SER C 652 33.26 15.52 31.47
CA SER C 652 33.29 15.64 32.91
C SER C 652 34.55 16.35 33.40
N ARG C 653 35.59 16.41 32.57
CA ARG C 653 36.82 17.05 32.97
C ARG C 653 37.10 18.36 32.24
N ALA C 654 36.07 18.98 31.69
CA ALA C 654 36.28 20.21 30.93
C ALA C 654 36.92 21.39 31.64
N GLU C 655 36.54 21.64 32.89
CA GLU C 655 37.07 22.79 33.60
C GLU C 655 38.59 22.80 33.65
N ASN C 656 39.21 21.64 33.70
CA ASN C 656 40.66 21.59 33.76
C ASN C 656 41.39 21.86 32.46
N PHE C 657 40.69 21.82 31.34
CA PHE C 657 41.35 22.08 30.06
C PHE C 657 41.84 23.51 30.03
N LYS C 658 41.34 24.34 30.93
CA LYS C 658 41.77 25.73 30.93
C LYS C 658 43.26 25.82 31.22
N GLN C 659 43.82 24.73 31.75
CA GLN C 659 45.23 24.68 32.11
C GLN C 659 46.15 24.16 31.02
N VAL C 660 45.66 24.00 29.79
CA VAL C 660 46.49 23.47 28.72
C VAL C 660 46.06 23.92 27.33
N GLU C 661 46.99 23.87 26.36
CA GLU C 661 46.68 24.22 24.97
C GLU C 661 46.19 22.93 24.33
N TYR C 662 44.96 22.94 23.81
CA TYR C 662 44.36 21.75 23.24
C TYR C 662 44.04 21.87 21.76
N LEU C 663 44.33 20.81 21.01
CA LEU C 663 44.06 20.76 19.58
C LEU C 663 43.19 19.50 19.36
N LEU C 664 41.93 19.69 18.97
CA LEU C 664 40.99 18.57 18.75
C LEU C 664 40.73 18.44 17.26
N ILE C 665 40.91 17.22 16.73
CA ILE C 665 40.75 16.96 15.30
C ILE C 665 39.85 15.76 15.03
N HIS C 666 38.96 15.88 14.05
CA HIS C 666 38.07 14.77 13.73
C HIS C 666 37.72 14.78 12.24
N GLY C 667 37.48 13.60 11.67
CA GLY C 667 37.09 13.52 10.28
C GLY C 667 35.56 13.44 10.26
N THR C 668 34.92 14.36 9.53
CA THR C 668 33.46 14.42 9.50
C THR C 668 32.79 13.15 8.99
N ALA C 669 33.51 12.33 8.25
CA ALA C 669 32.92 11.09 7.76
C ALA C 669 33.42 9.88 8.55
N ASP C 670 33.76 10.08 9.82
CA ASP C 670 34.23 8.95 10.60
C ASP C 670 33.05 8.04 10.95
N ASP C 671 32.99 6.88 10.31
CA ASP C 671 31.94 5.89 10.55
C ASP C 671 32.24 5.11 11.83
N ASN C 672 33.50 5.19 12.27
CA ASN C 672 33.97 4.47 13.46
C ASN C 672 33.74 5.22 14.77
N VAL C 673 34.49 6.30 14.97
CA VAL C 673 34.32 7.14 16.14
C VAL C 673 33.62 8.31 15.49
N HIS C 674 32.31 8.30 15.56
CA HIS C 674 31.51 9.32 14.94
C HIS C 674 31.94 10.73 15.30
N PHE C 675 31.87 11.63 14.32
CA PHE C 675 32.24 13.02 14.53
C PHE C 675 31.51 13.50 15.78
N GLN C 676 30.36 12.90 16.04
CA GLN C 676 29.52 13.19 17.21
C GLN C 676 30.31 13.32 18.51
N GLN C 677 31.23 12.38 18.73
CA GLN C 677 32.07 12.36 19.91
C GLN C 677 32.79 13.68 20.10
N SER C 678 33.41 14.19 19.04
CA SER C 678 34.11 15.45 19.16
C SER C 678 33.16 16.61 19.22
N ALA C 679 31.97 16.43 18.69
CA ALA C 679 30.99 17.52 18.70
C ALA C 679 30.51 17.75 20.14
N GLN C 680 30.27 16.67 20.88
CA GLN C 680 29.79 16.80 22.24
C GLN C 680 30.92 17.28 23.15
N LEU C 681 32.16 16.96 22.73
CA LEU C 681 33.33 17.39 23.50
C LEU C 681 33.61 18.85 23.38
N SER C 682 33.61 19.37 22.20
CA SER C 682 33.91 20.77 22.06
C SER C 682 32.82 21.62 22.69
N LYS C 683 31.59 21.11 22.65
CA LYS C 683 30.45 21.82 23.22
C LYS C 683 30.66 21.97 24.75
N ALA C 684 31.02 20.88 25.42
CA ALA C 684 31.28 20.94 26.85
C ALA C 684 32.34 22.02 27.15
N LEU C 685 33.45 21.99 26.43
CA LEU C 685 34.51 22.97 26.59
C LEU C 685 33.97 24.38 26.36
N VAL C 686 33.18 24.55 25.30
CA VAL C 686 32.61 25.87 24.99
C VAL C 686 31.73 26.29 26.16
N ASP C 687 30.87 25.38 26.60
CA ASP C 687 30.00 25.65 27.74
C ASP C 687 30.84 26.02 28.96
N ALA C 688 32.02 25.40 29.07
CA ALA C 688 32.94 25.61 30.20
C ALA C 688 33.81 26.85 30.08
N GLY C 689 33.77 27.52 28.94
CA GLY C 689 34.57 28.70 28.76
C GLY C 689 36.05 28.39 28.56
N VAL C 690 36.34 27.25 27.96
CA VAL C 690 37.70 26.81 27.72
C VAL C 690 38.15 27.17 26.30
N ASP C 691 39.29 27.85 26.12
CA ASP C 691 39.70 28.11 24.74
C ASP C 691 40.53 26.94 24.24
N PHE C 692 40.32 26.59 22.98
CA PHE C 692 41.04 25.49 22.40
C PHE C 692 40.97 25.66 20.91
N GLN C 693 41.64 24.77 20.19
CA GLN C 693 41.63 24.86 18.75
C GLN C 693 41.01 23.64 18.17
N THR C 694 40.59 23.76 16.92
CA THR C 694 39.91 22.67 16.28
C THR C 694 40.32 22.47 14.83
N MET C 695 40.00 21.30 14.29
CA MET C 695 40.27 21.00 12.90
C MET C 695 39.39 19.86 12.43
N TRP C 696 38.43 20.19 11.56
CA TRP C 696 37.55 19.16 11.02
C TRP C 696 38.09 18.82 9.64
N TYR C 697 37.91 17.57 9.23
CA TYR C 697 38.37 17.17 7.91
C TYR C 697 37.20 16.61 7.10
N THR C 698 36.72 17.47 6.21
CA THR C 698 35.59 17.19 5.33
C THR C 698 35.67 15.89 4.52
N ASP C 699 34.82 14.94 4.91
CA ASP C 699 34.71 13.64 4.25
C ASP C 699 35.78 12.60 4.59
N GLU C 700 36.73 12.96 5.44
CA GLU C 700 37.75 11.97 5.82
C GLU C 700 37.12 11.03 6.86
N ASP C 701 37.52 9.76 6.86
CA ASP C 701 36.97 8.82 7.82
C ASP C 701 37.89 8.65 9.01
N HIS C 702 37.84 7.50 9.67
CA HIS C 702 38.66 7.30 10.85
C HIS C 702 40.14 7.40 10.60
N GLY C 703 40.55 7.13 9.36
CA GLY C 703 41.96 7.23 9.04
C GLY C 703 42.46 8.60 8.59
N ILE C 704 41.59 9.45 8.05
CA ILE C 704 42.03 10.76 7.55
C ILE C 704 43.18 10.28 6.65
N ALA C 705 42.79 9.30 5.84
CA ALA C 705 43.66 8.59 4.94
C ALA C 705 43.92 9.09 3.53
N SER C 706 43.22 10.10 3.06
CA SER C 706 43.52 10.56 1.71
C SER C 706 44.89 11.23 1.75
N ASN C 707 45.58 11.30 0.61
CA ASN C 707 46.92 11.91 0.60
C ASN C 707 46.95 13.35 1.07
N MET C 708 46.04 14.13 0.53
CA MET C 708 45.97 15.54 0.87
C MET C 708 45.67 15.74 2.34
N ALA C 709 44.71 14.98 2.86
CA ALA C 709 44.33 15.09 4.26
C ALA C 709 45.49 14.66 5.14
N HIS C 710 46.05 13.50 4.82
CA HIS C 710 47.19 12.94 5.53
C HIS C 710 48.29 13.97 5.70
N GLN C 711 48.66 14.61 4.61
CA GLN C 711 49.71 15.60 4.66
C GLN C 711 49.28 16.83 5.45
N HIS C 712 48.01 17.21 5.28
CA HIS C 712 47.47 18.37 5.98
C HIS C 712 47.47 18.22 7.51
N ILE C 713 46.92 17.13 8.03
CA ILE C 713 46.88 16.95 9.47
C ILE C 713 48.25 16.99 10.13
N TYR C 714 49.19 16.20 9.63
CA TYR C 714 50.55 16.17 10.19
C TYR C 714 51.22 17.52 10.01
N THR C 715 50.99 18.18 8.88
CA THR C 715 51.59 19.49 8.74
C THR C 715 50.94 20.37 9.80
N HIS C 716 49.61 20.30 9.91
CA HIS C 716 48.88 21.11 10.88
C HIS C 716 49.24 20.76 12.31
N MET C 717 49.38 19.48 12.61
CA MET C 717 49.77 19.08 13.96
C MET C 717 51.20 19.53 14.25
N SER C 718 52.05 19.48 13.23
CA SER C 718 53.45 19.89 13.40
C SER C 718 53.58 21.35 13.81
N HIS C 719 52.88 22.26 13.12
CA HIS C 719 52.97 23.68 13.47
C HIS C 719 52.52 23.91 14.90
N PHE C 720 51.48 23.19 15.30
CA PHE C 720 50.94 23.31 16.64
C PHE C 720 51.96 22.90 17.69
N LEU C 721 52.50 21.70 17.55
CA LEU C 721 53.51 21.21 18.50
C LEU C 721 54.70 22.16 18.56
N LYS C 722 55.12 22.65 17.41
CA LYS C 722 56.25 23.55 17.36
C LYS C 722 55.94 24.89 18.01
N GLN C 723 54.71 25.36 17.87
CA GLN C 723 54.32 26.62 18.49
C GLN C 723 54.33 26.46 20.01
N CYS C 724 53.67 25.40 20.48
CA CYS C 724 53.58 25.09 21.91
C CYS C 724 54.99 24.87 22.48
N PHE C 725 55.91 24.46 21.62
CA PHE C 725 57.28 24.20 22.02
C PHE C 725 58.24 25.35 21.71
N SER C 726 57.73 26.42 21.11
CA SER C 726 58.56 27.57 20.79
C SER C 726 59.64 27.17 19.78
N LEU C 727 59.33 26.21 18.92
CA LEU C 727 60.30 25.74 17.92
C LEU C 727 60.12 26.39 16.54
N PRO C 728 61.25 26.73 15.88
CA PRO C 728 61.19 27.35 14.54
C PRO C 728 60.99 26.34 13.41
N SER D 1 44.76 56.55 32.89
CA SER D 1 43.95 56.83 34.11
C SER D 1 42.70 55.96 34.19
N ARG D 2 41.74 56.19 33.29
CA ARG D 2 40.50 55.42 33.27
C ARG D 2 40.76 54.04 32.66
N ARG D 3 39.86 53.10 32.90
CA ARG D 3 40.02 51.76 32.35
C ARG D 3 39.66 51.85 30.88
N THR D 4 39.71 50.71 30.20
CA THR D 4 39.39 50.67 28.78
C THR D 4 38.21 49.71 28.61
N TYR D 5 37.49 49.85 27.49
CA TYR D 5 36.36 48.97 27.22
C TYR D 5 37.01 47.61 26.91
N THR D 6 36.85 46.67 27.83
CA THR D 6 37.48 45.36 27.67
C THR D 6 36.63 44.32 26.95
N LEU D 7 37.30 43.28 26.46
CA LEU D 7 36.61 42.21 25.77
C LEU D 7 35.49 41.69 26.67
N THR D 8 35.77 41.59 27.97
CA THR D 8 34.78 41.12 28.93
C THR D 8 33.60 42.07 29.04
N ASP D 9 33.86 43.38 28.96
CA ASP D 9 32.77 44.35 29.03
C ASP D 9 31.83 44.13 27.86
N TYR D 10 32.40 43.79 26.72
CA TYR D 10 31.60 43.56 25.53
C TYR D 10 30.82 42.24 25.63
N LEU D 11 31.47 41.19 26.11
CA LEU D 11 30.82 39.89 26.20
C LEU D 11 29.72 39.81 27.25
N LYS D 12 29.93 40.43 28.41
CA LYS D 12 28.94 40.40 29.48
C LYS D 12 28.09 41.67 29.55
N SER D 13 28.17 42.47 28.49
CA SER D 13 27.40 43.71 28.40
C SER D 13 27.41 44.53 29.67
N THR D 14 28.55 44.57 30.34
CA THR D 14 28.66 45.33 31.59
C THR D 14 28.05 46.73 31.46
N PHE D 15 28.09 47.27 30.25
CA PHE D 15 27.53 48.60 29.98
C PHE D 15 26.25 48.48 29.16
N ARG D 16 25.09 48.59 29.82
CA ARG D 16 23.80 48.46 29.15
C ARG D 16 23.31 49.73 28.47
N VAL D 17 22.89 49.59 27.22
CA VAL D 17 22.36 50.68 26.43
C VAL D 17 20.84 50.59 26.51
N LYS D 18 20.22 51.43 27.33
CA LYS D 18 18.77 51.38 27.49
C LYS D 18 18.03 51.85 26.25
N PHE D 19 16.78 51.40 26.14
CA PHE D 19 15.90 51.76 25.04
C PHE D 19 14.50 51.90 25.63
N TYR D 20 13.51 52.13 24.78
CA TYR D 20 12.16 52.31 25.27
C TYR D 20 11.19 51.73 24.23
N THR D 21 10.56 50.61 24.57
CA THR D 21 9.63 49.95 23.66
C THR D 21 8.17 50.12 24.08
N LEU D 22 7.40 50.78 23.23
CA LEU D 22 5.99 51.02 23.52
C LEU D 22 5.11 50.47 22.41
N GLN D 23 3.83 50.29 22.69
CA GLN D 23 2.90 49.81 21.70
C GLN D 23 1.75 50.79 21.65
N TRP D 24 1.53 51.38 20.48
CA TRP D 24 0.42 52.31 20.32
C TRP D 24 -0.87 51.48 20.28
N ILE D 25 -1.97 52.05 20.76
CA ILE D 25 -3.23 51.34 20.74
C ILE D 25 -4.38 52.30 20.47
N SER D 26 -4.03 53.48 20.00
CA SER D 26 -5.00 54.52 19.68
C SER D 26 -4.17 55.64 19.07
N ASP D 27 -4.73 56.84 19.00
CA ASP D 27 -3.96 57.94 18.45
C ASP D 27 -3.33 58.77 19.55
N HIS D 28 -3.61 58.42 20.80
CA HIS D 28 -3.03 59.16 21.91
C HIS D 28 -2.64 58.29 23.10
N GLU D 29 -2.63 56.98 22.91
CA GLU D 29 -2.29 56.07 23.99
C GLU D 29 -1.38 54.96 23.52
N TYR D 30 -0.40 54.61 24.34
CA TYR D 30 0.50 53.52 24.01
C TYR D 30 0.77 52.70 25.27
N LEU D 31 1.04 51.43 25.08
CA LEU D 31 1.32 50.56 26.22
C LEU D 31 2.82 50.56 26.46
N TYR D 32 3.21 50.39 27.72
CA TYR D 32 4.62 50.37 28.08
C TYR D 32 4.85 49.48 29.29
N LYS D 33 5.82 48.57 29.20
CA LYS D 33 6.12 47.69 30.32
C LYS D 33 7.17 48.37 31.20
N GLN D 34 6.87 48.49 32.50
CA GLN D 34 7.76 49.14 33.45
C GLN D 34 7.82 48.36 34.74
N GLU D 35 9.00 47.84 35.07
CA GLU D 35 9.16 47.06 36.29
C GLU D 35 8.19 45.89 36.26
N ASN D 36 8.01 45.35 35.06
CA ASN D 36 7.13 44.21 34.80
C ASN D 36 5.64 44.50 34.92
N ASN D 37 5.28 45.78 34.82
CA ASN D 37 3.89 46.16 34.86
C ASN D 37 3.60 46.66 33.47
N ILE D 38 2.35 46.52 33.04
CA ILE D 38 1.98 47.04 31.74
C ILE D 38 1.25 48.32 32.06
N LEU D 39 1.82 49.45 31.68
CA LEU D 39 1.21 50.75 31.95
C LEU D 39 0.57 51.28 30.68
N LEU D 40 -0.45 52.09 30.84
CA LEU D 40 -1.13 52.71 29.71
C LEU D 40 -0.89 54.19 29.81
N PHE D 41 -0.08 54.73 28.91
CA PHE D 41 0.24 56.14 28.94
C PHE D 41 -0.69 56.93 28.05
N ASN D 42 -0.71 58.24 28.28
CA ASN D 42 -1.54 59.13 27.50
C ASN D 42 -0.62 60.20 26.94
N ALA D 43 -0.48 60.25 25.62
CA ALA D 43 0.37 61.22 24.98
C ALA D 43 -0.06 62.65 25.34
N GLU D 44 0.87 63.58 25.22
CA GLU D 44 0.64 64.99 25.54
C GLU D 44 0.44 65.12 27.05
N TYR D 45 -0.63 64.52 27.57
CA TYR D 45 -0.91 64.58 29.00
C TYR D 45 0.26 63.99 29.78
N GLY D 46 0.88 62.95 29.23
CA GLY D 46 2.02 62.33 29.87
C GLY D 46 1.73 61.43 31.06
N ASN D 47 0.54 61.55 31.63
CA ASN D 47 0.17 60.71 32.78
C ASN D 47 0.06 59.27 32.33
N SER D 48 -0.01 58.36 33.28
CA SER D 48 -0.11 56.95 32.95
C SER D 48 -0.83 56.19 34.05
N SER D 49 -1.49 55.11 33.66
CA SER D 49 -2.22 54.29 34.61
C SER D 49 -1.83 52.82 34.50
N ILE D 50 -1.95 52.10 35.61
CA ILE D 50 -1.62 50.68 35.60
C ILE D 50 -2.65 49.98 34.73
N PHE D 51 -2.20 49.30 33.68
CA PHE D 51 -3.14 48.58 32.83
C PHE D 51 -3.15 47.13 33.30
N LEU D 52 -2.02 46.68 33.82
CA LEU D 52 -1.90 45.33 34.36
C LEU D 52 -0.72 45.28 35.33
N GLU D 53 -1.02 44.93 36.58
CA GLU D 53 -0.02 44.86 37.66
C GLU D 53 0.87 43.63 37.56
N ASN D 54 2.18 43.81 37.79
CA ASN D 54 3.12 42.70 37.73
C ASN D 54 2.71 41.55 38.64
N SER D 55 1.78 41.80 39.55
CA SER D 55 1.31 40.77 40.47
C SER D 55 0.50 39.76 39.68
N THR D 56 0.10 40.14 38.48
CA THR D 56 -0.69 39.28 37.62
C THR D 56 0.22 38.21 37.02
N PHE D 57 1.47 38.58 36.79
CA PHE D 57 2.46 37.67 36.24
C PHE D 57 2.82 36.58 37.24
N ASP D 58 3.24 36.99 38.43
CA ASP D 58 3.65 36.06 39.48
C ASP D 58 2.67 34.97 39.86
N GLU D 59 1.38 35.20 39.63
CA GLU D 59 0.38 34.19 39.96
C GLU D 59 0.35 33.11 38.89
N LEU D 60 0.90 33.44 37.73
CA LEU D 60 0.95 32.51 36.60
C LEU D 60 2.09 31.54 36.86
N GLY D 61 1.86 30.26 36.61
CA GLY D 61 2.90 29.26 36.84
C GLY D 61 3.89 29.06 35.70
N TYR D 62 4.50 30.15 35.25
CA TYR D 62 5.48 30.09 34.15
C TYR D 62 6.08 31.45 33.82
N SER D 63 7.14 31.42 33.01
CA SER D 63 7.82 32.65 32.57
C SER D 63 7.14 33.23 31.35
N THR D 64 6.38 34.29 31.56
CA THR D 64 5.68 34.96 30.47
C THR D 64 6.69 35.74 29.64
N ASN D 65 7.06 35.16 28.50
CA ASN D 65 8.04 35.80 27.64
C ASN D 65 7.51 36.96 26.77
N ASP D 66 6.20 37.04 26.56
CA ASP D 66 5.64 38.12 25.75
C ASP D 66 4.12 38.26 25.88
N TYR D 67 3.59 39.47 25.67
CA TYR D 67 2.16 39.69 25.80
C TYR D 67 1.54 40.52 24.66
N SER D 68 0.22 40.36 24.47
CA SER D 68 -0.52 41.09 23.44
C SER D 68 -1.96 41.35 23.89
N VAL D 69 -2.38 42.62 23.90
CA VAL D 69 -3.74 42.92 24.31
C VAL D 69 -4.69 43.05 23.13
N SER D 70 -5.90 42.50 23.27
CA SER D 70 -6.90 42.60 22.20
C SER D 70 -7.13 44.08 21.89
N PRO D 71 -7.29 44.42 20.61
CA PRO D 71 -7.50 45.85 20.32
C PRO D 71 -8.71 46.47 21.02
N ASP D 72 -9.64 45.66 21.51
CA ASP D 72 -10.80 46.23 22.20
C ASP D 72 -10.55 46.35 23.72
N ARG D 73 -9.30 46.11 24.12
CA ARG D 73 -8.86 46.18 25.51
C ARG D 73 -9.58 45.30 26.52
N GLN D 74 -10.14 44.19 26.07
CA GLN D 74 -10.86 43.31 26.96
C GLN D 74 -10.08 42.06 27.37
N PHE D 75 -9.12 41.69 26.55
CA PHE D 75 -8.34 40.50 26.85
C PHE D 75 -6.87 40.74 26.60
N ILE D 76 -6.04 39.88 27.18
CA ILE D 76 -4.62 39.99 26.96
C ILE D 76 -4.10 38.57 26.76
N LEU D 77 -3.23 38.42 25.77
CA LEU D 77 -2.63 37.16 25.41
C LEU D 77 -1.30 37.07 26.14
N PHE D 78 -1.00 35.90 26.72
CA PHE D 78 0.25 35.69 27.43
C PHE D 78 1.08 34.64 26.71
N GLU D 79 2.20 35.05 26.13
CA GLU D 79 3.05 34.12 25.41
C GLU D 79 4.08 33.48 26.34
N TYR D 80 4.06 32.15 26.40
CA TYR D 80 5.02 31.41 27.22
C TYR D 80 5.38 30.06 26.57
N ASN D 81 6.49 29.48 27.01
CA ASN D 81 6.98 28.22 26.47
C ASN D 81 7.56 28.44 25.09
N TYR D 82 8.13 29.62 24.91
CA TYR D 82 8.74 30.01 23.65
C TYR D 82 9.80 28.99 23.24
N VAL D 83 9.86 28.67 21.95
CA VAL D 83 10.83 27.71 21.44
C VAL D 83 11.23 28.12 20.02
N LYS D 84 12.27 28.93 19.94
CA LYS D 84 12.77 29.43 18.66
C LYS D 84 13.03 28.37 17.61
N GLN D 85 12.73 28.72 16.36
CA GLN D 85 13.00 27.82 15.25
C GLN D 85 14.01 28.56 14.37
N TRP D 86 13.57 29.15 13.27
CA TRP D 86 14.50 29.86 12.41
C TRP D 86 14.69 31.29 12.91
N ARG D 87 15.02 32.21 12.02
CA ARG D 87 15.26 33.58 12.43
C ARG D 87 14.05 34.28 13.04
N HIS D 88 12.87 34.03 12.49
CA HIS D 88 11.64 34.66 12.97
C HIS D 88 10.71 33.65 13.61
N SER D 89 10.58 32.50 12.94
CA SER D 89 9.71 31.42 13.40
C SER D 89 10.02 30.82 14.77
N TYR D 90 8.99 30.27 15.39
CA TYR D 90 9.08 29.63 16.70
C TYR D 90 7.68 29.27 17.15
N THR D 91 7.55 28.32 18.05
CA THR D 91 6.23 27.95 18.55
C THR D 91 6.13 28.34 20.00
N ALA D 92 4.91 28.41 20.50
CA ALA D 92 4.70 28.81 21.88
C ALA D 92 3.38 28.30 22.44
N SER D 93 3.14 28.65 23.69
CA SER D 93 1.92 28.28 24.36
C SER D 93 1.30 29.61 24.73
N TYR D 94 -0.03 29.63 24.75
CA TYR D 94 -0.70 30.87 25.07
C TYR D 94 -1.85 30.67 26.04
N ASP D 95 -2.08 31.72 26.82
CA ASP D 95 -3.18 31.76 27.78
C ASP D 95 -3.84 33.09 27.48
N ILE D 96 -5.17 33.09 27.52
CA ILE D 96 -5.93 34.29 27.29
C ILE D 96 -6.42 34.75 28.65
N TYR D 97 -6.24 36.03 28.93
CA TYR D 97 -6.65 36.62 30.19
C TYR D 97 -7.80 37.60 29.93
N ASP D 98 -8.85 37.45 30.73
CA ASP D 98 -10.03 38.30 30.66
C ASP D 98 -9.74 39.51 31.53
N LEU D 99 -9.53 40.66 30.90
CA LEU D 99 -9.22 41.86 31.65
C LEU D 99 -10.35 42.37 32.52
N ASN D 100 -11.59 42.16 32.09
CA ASN D 100 -12.74 42.63 32.86
C ASN D 100 -12.92 41.83 34.14
N LYS D 101 -13.07 40.53 34.02
CA LYS D 101 -13.25 39.71 35.21
C LYS D 101 -11.91 39.28 35.82
N ARG D 102 -10.83 39.84 35.30
CA ARG D 102 -9.47 39.54 35.76
C ARG D 102 -9.20 38.06 36.05
N GLN D 103 -9.63 37.19 35.15
CA GLN D 103 -9.44 35.74 35.31
C GLN D 103 -8.60 35.21 34.16
N LEU D 104 -8.18 33.95 34.26
CA LEU D 104 -7.38 33.35 33.20
C LEU D 104 -8.26 32.33 32.50
N ILE D 105 -8.87 32.71 31.39
CA ILE D 105 -9.73 31.80 30.64
C ILE D 105 -9.14 30.40 30.58
N THR D 106 -9.78 29.44 31.24
CA THR D 106 -9.25 28.07 31.28
C THR D 106 -9.96 27.00 30.47
N GLU D 107 -10.80 27.38 29.52
CA GLU D 107 -11.49 26.38 28.71
C GLU D 107 -11.43 26.78 27.24
N GLU D 108 -11.25 25.78 26.38
CA GLU D 108 -11.12 26.03 24.95
C GLU D 108 -9.85 26.85 24.77
N ARG D 109 -8.81 26.43 25.48
CA ARG D 109 -7.51 27.08 25.47
C ARG D 109 -6.85 27.04 24.09
N ILE D 110 -5.78 27.80 23.93
CA ILE D 110 -5.03 27.83 22.69
C ILE D 110 -4.11 26.63 22.82
N PRO D 111 -3.91 25.87 21.74
CA PRO D 111 -3.03 24.70 21.85
C PRO D 111 -1.55 25.00 22.05
N ASN D 112 -0.85 24.05 22.65
CA ASN D 112 0.58 24.20 22.84
C ASN D 112 1.21 23.90 21.49
N ASN D 113 2.26 24.62 21.17
CA ASN D 113 2.96 24.44 19.91
C ASN D 113 2.25 25.23 18.85
N THR D 114 1.86 26.43 19.22
CA THR D 114 1.20 27.29 18.29
C THR D 114 2.30 27.97 17.51
N GLN D 115 2.19 27.92 16.20
CA GLN D 115 3.18 28.50 15.31
C GLN D 115 3.02 30.01 15.16
N TRP D 116 1.79 30.48 15.25
CA TRP D 116 1.52 31.90 15.14
C TRP D 116 0.08 32.23 15.51
N ILE D 117 -0.10 33.37 16.17
CA ILE D 117 -1.41 33.81 16.59
C ILE D 117 -1.53 35.34 16.47
N THR D 118 -2.76 35.84 16.37
CA THR D 118 -2.96 37.28 16.24
C THR D 118 -4.42 37.73 16.37
N TRP D 119 -4.63 38.89 16.97
CA TRP D 119 -5.98 39.41 17.13
C TRP D 119 -6.46 40.04 15.82
N SER D 120 -7.77 40.15 15.69
CA SER D 120 -8.36 40.82 14.52
C SER D 120 -8.05 42.29 14.83
N PRO D 121 -7.98 43.16 13.80
CA PRO D 121 -7.68 44.57 14.03
C PRO D 121 -8.64 45.28 15.00
N VAL D 122 -9.85 44.74 15.14
CA VAL D 122 -10.82 45.33 16.05
C VAL D 122 -11.46 44.24 16.85
N GLY D 123 -12.08 44.60 17.97
CA GLY D 123 -12.71 43.60 18.81
C GLY D 123 -11.72 42.67 19.46
N HIS D 124 -12.03 41.37 19.46
CA HIS D 124 -11.16 40.39 20.08
C HIS D 124 -11.20 39.00 19.45
N LYS D 125 -11.25 38.95 18.12
CA LYS D 125 -11.26 37.67 17.45
C LYS D 125 -9.81 37.21 17.45
N LEU D 126 -9.61 35.92 17.18
CA LEU D 126 -8.27 35.35 17.12
C LEU D 126 -8.13 34.42 15.94
N ALA D 127 -6.93 34.39 15.37
CA ALA D 127 -6.61 33.51 14.24
C ALA D 127 -5.25 32.92 14.61
N TYR D 128 -5.09 31.61 14.48
CA TYR D 128 -3.80 31.01 14.81
C TYR D 128 -3.46 29.81 13.95
N VAL D 129 -2.17 29.55 13.81
CA VAL D 129 -1.69 28.42 13.02
C VAL D 129 -1.18 27.37 14.01
N TRP D 130 -1.54 26.11 13.77
CA TRP D 130 -1.15 24.99 14.63
C TRP D 130 -1.10 23.76 13.72
N ASN D 131 0.05 23.10 13.64
CA ASN D 131 0.19 21.93 12.76
C ASN D 131 -0.03 22.32 11.32
N ASN D 132 0.43 23.52 10.99
CA ASN D 132 0.30 24.08 9.66
C ASN D 132 -1.13 24.29 9.19
N ASP D 133 -2.05 24.44 10.13
CA ASP D 133 -3.44 24.70 9.81
C ASP D 133 -3.92 25.97 10.51
N ILE D 134 -4.97 26.58 9.96
CA ILE D 134 -5.55 27.81 10.50
C ILE D 134 -6.83 27.59 11.30
N TYR D 135 -6.89 28.22 12.47
CA TYR D 135 -8.04 28.13 13.36
C TYR D 135 -8.49 29.54 13.74
N VAL D 136 -9.80 29.77 13.71
CA VAL D 136 -10.34 31.07 14.06
C VAL D 136 -11.22 30.99 15.31
N LYS D 137 -10.91 31.81 16.31
CA LYS D 137 -11.67 31.86 17.55
C LYS D 137 -12.31 33.21 17.68
N ASN D 138 -13.65 33.25 17.61
CA ASN D 138 -14.41 34.50 17.72
C ASN D 138 -14.40 34.97 19.17
N GLU D 139 -14.73 34.06 20.08
CA GLU D 139 -14.73 34.38 21.50
C GLU D 139 -13.67 33.52 22.17
N PRO D 140 -12.90 34.12 23.09
CA PRO D 140 -11.83 33.47 23.84
C PRO D 140 -12.28 32.22 24.60
N ASN D 141 -13.53 32.21 25.03
CA ASN D 141 -14.06 31.07 25.77
C ASN D 141 -14.86 30.09 24.92
N LEU D 142 -14.81 30.24 23.59
CA LEU D 142 -15.54 29.32 22.72
C LEU D 142 -14.61 28.58 21.76
N SER D 143 -15.05 27.39 21.34
CA SER D 143 -14.28 26.54 20.43
C SER D 143 -13.80 27.29 19.22
N SER D 144 -12.62 26.94 18.74
CA SER D 144 -12.08 27.58 17.57
C SER D 144 -12.68 26.81 16.41
N GLN D 145 -12.68 27.42 15.22
CA GLN D 145 -13.23 26.81 14.01
C GLN D 145 -12.15 26.56 12.97
N ARG D 146 -11.85 25.29 12.67
CA ARG D 146 -10.82 24.95 11.68
C ARG D 146 -11.10 25.53 10.29
N ILE D 147 -10.06 26.05 9.65
CA ILE D 147 -10.17 26.68 8.32
C ILE D 147 -9.51 25.91 7.16
N THR D 148 -8.36 25.30 7.40
CA THR D 148 -7.69 24.52 6.37
C THR D 148 -7.49 23.10 6.90
N TRP D 149 -7.28 22.15 6.00
CA TRP D 149 -7.11 20.76 6.42
C TRP D 149 -5.92 20.12 5.71
N THR D 150 -5.26 20.91 4.86
CA THR D 150 -4.13 20.47 4.08
C THR D 150 -2.78 20.46 4.82
N GLY D 151 -2.69 21.18 5.94
CA GLY D 151 -1.44 21.27 6.69
C GLY D 151 -0.68 19.99 6.96
N LYS D 152 0.51 19.86 6.38
CA LYS D 152 1.37 18.68 6.58
C LYS D 152 2.83 19.10 6.73
N GLU D 153 3.49 18.59 7.76
CA GLU D 153 4.88 18.92 8.06
C GLU D 153 5.90 18.83 6.94
N ASN D 154 6.69 19.89 6.79
CA ASN D 154 7.71 19.95 5.75
C ASN D 154 7.16 19.80 4.34
N VAL D 155 5.90 20.18 4.14
CA VAL D 155 5.35 20.10 2.79
C VAL D 155 4.19 21.06 2.49
N ILE D 156 3.29 21.27 3.45
CA ILE D 156 2.18 22.19 3.24
C ILE D 156 2.00 23.10 4.45
N TYR D 157 2.19 24.40 4.24
CA TYR D 157 2.07 25.37 5.31
C TYR D 157 0.90 26.32 5.04
N ASN D 158 -0.03 26.40 6.00
CA ASN D 158 -1.20 27.27 5.90
C ASN D 158 -1.12 28.42 6.90
N GLY D 159 -0.99 29.65 6.39
CA GLY D 159 -0.96 30.79 7.29
C GLY D 159 0.38 31.11 7.92
N VAL D 160 1.40 30.34 7.56
CA VAL D 160 2.76 30.55 8.04
C VAL D 160 3.68 30.21 6.89
N THR D 161 4.77 30.97 6.76
CA THR D 161 5.76 30.78 5.70
C THR D 161 6.59 29.52 5.85
N ASP D 162 7.21 29.11 4.73
CA ASP D 162 8.12 27.96 4.75
C ASP D 162 9.51 28.57 5.01
N TRP D 163 10.57 27.77 4.98
CA TRP D 163 11.89 28.32 5.28
C TRP D 163 12.32 29.51 4.44
N VAL D 164 12.20 29.38 3.12
CA VAL D 164 12.62 30.46 2.23
C VAL D 164 11.74 31.71 2.21
N TYR D 165 10.44 31.58 2.43
CA TYR D 165 9.63 32.80 2.43
C TYR D 165 9.88 33.55 3.73
N GLU D 166 10.09 32.79 4.81
CA GLU D 166 10.36 33.40 6.11
C GLU D 166 11.65 34.22 6.02
N GLU D 167 12.72 33.57 5.62
CA GLU D 167 14.00 34.24 5.54
C GLU D 167 14.16 35.28 4.44
N GLU D 168 13.77 34.93 3.22
CA GLU D 168 13.95 35.81 2.07
C GLU D 168 12.86 36.75 1.57
N VAL D 169 11.59 36.42 1.74
CA VAL D 169 10.59 37.36 1.25
C VAL D 169 9.73 38.09 2.29
N PHE D 170 9.26 37.40 3.32
CA PHE D 170 8.43 38.04 4.34
C PHE D 170 9.14 38.49 5.59
N SER D 171 10.35 38.00 5.82
CA SER D 171 11.07 38.34 7.05
C SER D 171 10.13 38.13 8.22
N ALA D 172 9.34 37.07 8.11
CA ALA D 172 8.39 36.75 9.13
C ALA D 172 7.89 35.32 8.95
N TYR D 173 7.26 34.80 9.98
CA TYR D 173 6.75 33.46 9.97
C TYR D 173 5.25 33.47 9.69
N SER D 174 4.62 34.63 9.85
CA SER D 174 3.19 34.70 9.61
C SER D 174 2.77 34.97 8.16
N ALA D 175 1.71 34.29 7.74
CA ALA D 175 1.17 34.45 6.40
C ALA D 175 -0.37 34.56 6.55
N LEU D 176 -0.77 35.42 7.49
CA LEU D 176 -2.16 35.70 7.80
C LEU D 176 -2.33 37.21 7.77
N TRP D 177 -3.51 37.67 7.40
CA TRP D 177 -3.77 39.11 7.32
C TRP D 177 -5.25 39.40 7.49
N TRP D 178 -5.65 39.82 8.68
CA TRP D 178 -7.03 40.17 8.93
C TRP D 178 -7.34 41.42 8.11
N SER D 179 -8.59 41.59 7.70
CA SER D 179 -9.00 42.78 6.96
C SER D 179 -9.21 43.86 8.03
N PRO D 180 -9.20 45.14 7.65
CA PRO D 180 -9.39 46.21 8.63
C PRO D 180 -10.47 45.96 9.68
N ASN D 181 -11.65 45.51 9.24
CA ASN D 181 -12.73 45.25 10.20
C ASN D 181 -12.89 43.79 10.56
N GLY D 182 -11.87 42.99 10.26
CA GLY D 182 -11.89 41.59 10.61
C GLY D 182 -12.93 40.77 9.89
N THR D 183 -13.46 41.27 8.79
CA THR D 183 -14.45 40.48 8.08
C THR D 183 -13.74 39.32 7.43
N PHE D 184 -12.73 39.67 6.65
CA PHE D 184 -11.98 38.67 5.91
C PHE D 184 -10.67 38.29 6.61
N LEU D 185 -10.16 37.12 6.26
CA LEU D 185 -8.91 36.63 6.81
C LEU D 185 -8.04 36.12 5.66
N ALA D 186 -7.19 36.98 5.11
CA ALA D 186 -6.34 36.56 3.99
C ALA D 186 -5.18 35.72 4.51
N TYR D 187 -4.77 34.74 3.70
CA TYR D 187 -3.66 33.87 4.06
C TYR D 187 -3.02 33.21 2.86
N ALA D 188 -1.72 32.96 2.93
CA ALA D 188 -1.04 32.30 1.82
C ALA D 188 -0.83 30.85 2.23
N GLN D 189 -0.82 29.94 1.26
CA GLN D 189 -0.59 28.53 1.52
C GLN D 189 0.70 28.23 0.78
N PHE D 190 1.62 27.51 1.43
CA PHE D 190 2.92 27.16 0.83
C PHE D 190 3.13 25.67 0.59
N ASN D 191 3.48 25.33 -0.64
CA ASN D 191 3.69 23.94 -1.02
C ASN D 191 5.18 23.69 -1.26
N ASP D 192 5.79 22.89 -0.40
CA ASP D 192 7.21 22.57 -0.52
C ASP D 192 7.44 21.18 -1.10
N THR D 193 6.36 20.52 -1.50
CA THR D 193 6.43 19.17 -2.05
C THR D 193 7.63 18.84 -2.91
N GLU D 194 7.92 19.64 -3.92
CA GLU D 194 9.04 19.34 -4.81
C GLU D 194 10.36 20.03 -4.52
N VAL D 195 10.47 20.61 -3.32
CA VAL D 195 11.69 21.29 -2.91
C VAL D 195 12.61 20.29 -2.24
N PRO D 196 13.89 20.23 -2.67
CA PRO D 196 14.85 19.30 -2.07
C PRO D 196 15.05 19.61 -0.60
N LEU D 197 15.56 18.62 0.13
CA LEU D 197 15.80 18.80 1.55
C LEU D 197 17.27 18.96 1.90
N ILE D 198 17.54 19.94 2.74
CA ILE D 198 18.89 20.14 3.22
C ILE D 198 18.87 19.30 4.49
N GLU D 199 19.90 18.50 4.68
CA GLU D 199 19.96 17.68 5.86
C GLU D 199 21.29 17.93 6.57
N TYR D 200 21.23 18.10 7.89
CA TYR D 200 22.42 18.31 8.70
C TYR D 200 22.21 17.68 10.07
N SER D 201 23.27 17.52 10.83
CA SER D 201 23.12 16.90 12.14
C SER D 201 22.94 17.86 13.28
N PHE D 202 22.12 17.45 14.23
CA PHE D 202 21.92 18.24 15.44
C PHE D 202 22.24 17.22 16.53
N TYR D 203 23.26 17.55 17.34
CA TYR D 203 23.71 16.62 18.37
C TYR D 203 22.94 16.72 19.66
N SER D 204 22.49 17.91 20.01
CA SER D 204 21.69 18.05 21.23
C SER D 204 22.52 17.75 22.48
N ASP D 205 21.82 17.60 23.60
CA ASP D 205 22.46 17.32 24.88
C ASP D 205 23.25 16.00 24.85
N GLU D 206 24.34 16.02 25.59
CA GLU D 206 25.25 14.90 25.74
C GLU D 206 24.54 13.56 25.88
N SER D 207 23.46 13.53 26.64
CA SER D 207 22.72 12.28 26.84
C SER D 207 22.16 11.66 25.58
N LEU D 208 22.01 12.42 24.50
CA LEU D 208 21.45 11.90 23.25
C LEU D 208 22.39 10.92 22.59
N GLN D 209 22.11 9.64 22.73
CA GLN D 209 23.00 8.62 22.18
C GLN D 209 23.27 8.69 20.68
N TYR D 210 22.23 8.93 19.89
CA TYR D 210 22.38 9.06 18.44
C TYR D 210 22.05 10.48 18.02
N PRO D 211 22.83 11.04 17.08
CA PRO D 211 22.53 12.41 16.66
C PRO D 211 21.20 12.41 15.91
N LYS D 212 20.56 13.57 15.87
CA LYS D 212 19.26 13.73 15.20
C LYS D 212 19.48 14.35 13.82
N THR D 213 18.83 13.85 12.77
CA THR D 213 19.01 14.45 11.45
C THR D 213 17.92 15.48 11.14
N VAL D 214 18.30 16.73 11.10
CA VAL D 214 17.37 17.81 10.80
C VAL D 214 17.16 17.90 9.29
N ARG D 215 15.91 17.99 8.84
CA ARG D 215 15.67 18.17 7.42
C ARG D 215 14.67 19.29 7.16
N ILE D 216 15.09 20.20 6.28
CA ILE D 216 14.31 21.38 5.92
C ILE D 216 14.13 21.45 4.42
N PRO D 217 12.90 21.72 3.95
CA PRO D 217 12.72 21.82 2.49
C PRO D 217 13.37 23.16 2.21
N TYR D 218 14.56 23.14 1.61
CA TYR D 218 15.34 24.35 1.36
C TYR D 218 15.72 24.43 -0.11
N PRO D 219 15.23 25.45 -0.83
CA PRO D 219 15.57 25.56 -2.24
C PRO D 219 16.88 26.33 -2.46
N LYS D 220 17.86 25.64 -3.02
CA LYS D 220 19.14 26.25 -3.31
C LYS D 220 19.07 26.78 -4.75
N ALA D 221 20.00 27.63 -5.14
CA ALA D 221 20.01 28.21 -6.48
C ALA D 221 19.58 27.28 -7.62
N GLY D 222 18.64 27.78 -8.44
CA GLY D 222 18.14 27.02 -9.57
C GLY D 222 17.31 25.80 -9.25
N ALA D 223 17.06 25.55 -7.98
CA ALA D 223 16.27 24.37 -7.63
C ALA D 223 14.76 24.61 -7.63
N GLU D 224 13.99 23.53 -7.61
CA GLU D 224 12.55 23.65 -7.55
C GLU D 224 12.18 24.48 -6.32
N ASN D 225 11.47 25.59 -6.52
CA ASN D 225 11.06 26.41 -5.40
C ASN D 225 9.69 25.99 -4.93
N PRO D 226 9.31 26.40 -3.72
CA PRO D 226 7.97 26.01 -3.26
C PRO D 226 6.96 26.84 -4.06
N THR D 227 5.71 26.37 -4.16
CA THR D 227 4.70 27.14 -4.89
C THR D 227 3.78 27.84 -3.88
N VAL D 228 3.03 28.82 -4.32
CA VAL D 228 2.17 29.56 -3.42
C VAL D 228 0.75 29.81 -3.92
N LYS D 229 -0.17 29.90 -2.97
CA LYS D 229 -1.56 30.18 -3.27
C LYS D 229 -2.04 31.24 -2.28
N PHE D 230 -2.77 32.25 -2.74
CA PHE D 230 -3.26 33.26 -1.82
C PHE D 230 -4.74 33.01 -1.60
N PHE D 231 -5.27 33.40 -0.44
CA PHE D 231 -6.69 33.18 -0.16
C PHE D 231 -7.29 34.25 0.75
N VAL D 232 -8.56 34.58 0.47
CA VAL D 232 -9.29 35.52 1.29
C VAL D 232 -10.47 34.71 1.78
N VAL D 233 -10.65 34.66 3.08
CA VAL D 233 -11.74 33.91 3.65
C VAL D 233 -12.75 34.86 4.27
N ASP D 234 -14.02 34.59 4.00
CA ASP D 234 -15.08 35.41 4.56
C ASP D 234 -15.43 34.72 5.86
N THR D 235 -15.01 35.32 6.97
CA THR D 235 -15.22 34.73 8.27
C THR D 235 -16.65 34.77 8.73
N ARG D 236 -17.46 35.61 8.12
CA ARG D 236 -18.86 35.73 8.50
C ARG D 236 -19.68 34.44 8.40
N THR D 237 -19.34 33.56 7.47
CA THR D 237 -20.10 32.32 7.35
C THR D 237 -19.41 31.16 8.09
N LEU D 238 -18.54 31.49 9.02
CA LEU D 238 -17.82 30.46 9.78
C LEU D 238 -18.72 29.82 10.81
N SER D 239 -19.01 28.54 10.63
CA SER D 239 -19.86 27.78 11.54
C SER D 239 -19.52 26.31 11.37
N PRO D 240 -19.47 25.56 12.48
CA PRO D 240 -19.14 24.13 12.47
C PRO D 240 -19.78 23.29 11.36
N ASN D 241 -21.04 23.57 11.03
CA ASN D 241 -21.72 22.79 9.99
C ASN D 241 -21.71 23.48 8.63
N ALA D 242 -20.75 24.37 8.45
CA ALA D 242 -20.63 25.12 7.20
C ALA D 242 -19.23 25.06 6.60
N SER D 243 -19.19 24.94 5.27
CA SER D 243 -17.94 24.89 4.54
C SER D 243 -17.22 26.22 4.73
N VAL D 244 -16.04 26.35 4.15
CA VAL D 244 -15.33 27.62 4.27
C VAL D 244 -15.52 28.43 2.99
N THR D 245 -15.85 29.69 3.16
CA THR D 245 -16.01 30.54 1.99
C THR D 245 -14.69 31.23 1.74
N SER D 246 -14.05 30.89 0.64
CA SER D 246 -12.78 31.50 0.30
C SER D 246 -12.58 31.62 -1.18
N TYR D 247 -11.86 32.64 -1.58
CA TYR D 247 -11.60 32.87 -2.98
C TYR D 247 -10.09 32.92 -3.12
N GLN D 248 -9.58 32.27 -4.15
CA GLN D 248 -8.15 32.26 -4.38
C GLN D 248 -7.79 33.36 -5.37
N ILE D 249 -6.97 34.30 -4.94
CA ILE D 249 -6.58 35.37 -5.83
C ILE D 249 -5.30 34.95 -6.50
N VAL D 250 -5.38 34.79 -7.82
CA VAL D 250 -4.23 34.39 -8.60
C VAL D 250 -3.50 35.65 -9.06
N PRO D 251 -2.20 35.56 -9.35
CA PRO D 251 -1.53 36.79 -9.79
C PRO D 251 -1.84 37.11 -11.25
N PRO D 252 -1.58 38.35 -11.67
CA PRO D 252 -1.85 38.71 -13.06
C PRO D 252 -1.10 37.72 -13.95
N ALA D 253 -1.64 37.44 -15.15
CA ALA D 253 -1.04 36.49 -16.08
C ALA D 253 0.44 36.74 -16.39
N SER D 254 0.83 38.00 -16.55
CA SER D 254 2.23 38.32 -16.84
C SER D 254 3.18 37.66 -15.83
N VAL D 255 2.65 37.37 -14.65
CA VAL D 255 3.40 36.74 -13.58
C VAL D 255 3.03 35.27 -13.47
N LEU D 256 1.74 34.96 -13.63
CA LEU D 256 1.27 33.57 -13.53
C LEU D 256 2.01 32.72 -14.56
N ILE D 257 2.49 33.37 -15.61
CA ILE D 257 3.22 32.71 -16.70
C ILE D 257 4.24 31.70 -16.19
N GLY D 258 4.98 32.08 -15.15
CA GLY D 258 5.99 31.18 -14.61
C GLY D 258 6.25 31.30 -13.12
N ASP D 259 7.34 30.69 -12.66
CA ASP D 259 7.70 30.71 -11.25
C ASP D 259 7.59 32.11 -10.71
N HIS D 260 6.94 32.25 -9.56
CA HIS D 260 6.74 33.56 -8.95
C HIS D 260 6.68 33.52 -7.44
N TYR D 261 6.72 34.71 -6.87
CA TYR D 261 6.68 34.89 -5.43
C TYR D 261 5.64 35.92 -5.06
N LEU D 262 5.00 35.69 -3.92
CA LEU D 262 4.03 36.63 -3.36
C LEU D 262 4.89 37.39 -2.36
N CYS D 263 5.12 38.68 -2.59
CA CYS D 263 5.94 39.40 -1.64
C CYS D 263 5.27 40.56 -0.96
N GLY D 264 3.94 40.55 -0.91
CA GLY D 264 3.24 41.64 -0.28
C GLY D 264 1.73 41.53 -0.24
N VAL D 265 1.17 41.88 0.92
CA VAL D 265 -0.27 41.84 1.12
C VAL D 265 -0.66 43.06 1.94
N THR D 266 -1.42 43.96 1.34
CA THR D 266 -1.87 45.16 2.01
C THR D 266 -3.37 45.42 1.88
N TRP D 267 -4.07 45.40 3.01
CA TRP D 267 -5.50 45.69 3.00
C TRP D 267 -5.67 47.19 2.88
N VAL D 268 -6.55 47.63 1.98
CA VAL D 268 -6.80 49.05 1.76
C VAL D 268 -8.11 49.49 2.45
N THR D 269 -9.15 48.69 2.23
CA THR D 269 -10.47 48.93 2.82
C THR D 269 -11.00 47.53 3.08
N GLU D 270 -12.22 47.43 3.63
CA GLU D 270 -12.76 46.10 3.91
C GLU D 270 -13.11 45.37 2.63
N GLU D 271 -13.21 46.12 1.54
CA GLU D 271 -13.55 45.51 0.27
C GLU D 271 -12.51 45.67 -0.82
N ARG D 272 -11.27 45.98 -0.42
CA ARG D 272 -10.18 46.17 -1.35
C ARG D 272 -8.86 45.68 -0.78
N ILE D 273 -8.23 44.73 -1.48
CA ILE D 273 -6.95 44.20 -1.04
C ILE D 273 -5.89 44.40 -2.13
N SER D 274 -4.68 44.70 -1.70
CA SER D 274 -3.55 44.91 -2.59
C SER D 274 -2.51 43.81 -2.45
N LEU D 275 -2.30 43.02 -3.50
CA LEU D 275 -1.29 41.94 -3.46
C LEU D 275 -0.14 42.36 -4.33
N GLN D 276 1.07 41.98 -3.95
CA GLN D 276 2.26 42.31 -4.73
C GLN D 276 2.99 41.02 -5.09
N TRP D 277 3.21 40.78 -6.38
CA TRP D 277 3.89 39.57 -6.84
C TRP D 277 5.16 39.86 -7.60
N ILE D 278 6.04 38.87 -7.62
CA ILE D 278 7.30 39.02 -8.31
C ILE D 278 7.63 37.72 -9.04
N ARG D 279 8.29 37.83 -10.20
CA ARG D 279 8.69 36.67 -11.00
C ARG D 279 9.94 36.05 -10.38
N ARG D 280 10.13 34.76 -10.59
CA ARG D 280 11.30 34.11 -10.01
C ARG D 280 12.52 34.98 -10.28
N ALA D 281 12.60 35.55 -11.48
CA ALA D 281 13.70 36.46 -11.82
C ALA D 281 13.15 37.80 -11.31
N GLN D 282 13.63 38.23 -10.16
CA GLN D 282 13.14 39.45 -9.54
C GLN D 282 13.41 40.83 -10.17
N ASN D 283 13.23 40.94 -11.49
CA ASN D 283 13.42 42.22 -12.15
C ASN D 283 12.09 42.71 -12.73
N TYR D 284 11.05 41.91 -12.53
CA TYR D 284 9.69 42.23 -12.96
C TYR D 284 8.78 42.05 -11.76
N SER D 285 8.04 43.09 -11.41
CA SER D 285 7.15 43.03 -10.27
C SER D 285 5.83 43.72 -10.62
N ILE D 286 4.72 43.26 -10.06
CA ILE D 286 3.45 43.87 -10.38
C ILE D 286 2.53 43.94 -9.17
N ILE D 287 1.81 45.05 -9.04
CA ILE D 287 0.86 45.20 -7.93
C ILE D 287 -0.54 45.02 -8.51
N ASP D 288 -1.34 44.16 -7.88
CA ASP D 288 -2.70 43.89 -8.34
C ASP D 288 -3.75 44.18 -7.25
N ILE D 289 -4.34 45.38 -7.31
CA ILE D 289 -5.35 45.83 -6.37
C ILE D 289 -6.72 45.23 -6.66
N CYS D 290 -7.13 44.26 -5.86
CA CYS D 290 -8.39 43.57 -6.06
C CYS D 290 -9.57 44.09 -5.26
N ASP D 291 -10.74 44.10 -5.88
CA ASP D 291 -11.94 44.57 -5.20
C ASP D 291 -12.94 43.45 -4.93
N TYR D 292 -13.66 43.59 -3.81
CA TYR D 292 -14.65 42.62 -3.41
C TYR D 292 -15.94 42.85 -4.18
N ASP D 293 -16.51 41.77 -4.70
CA ASP D 293 -17.75 41.87 -5.45
C ASP D 293 -18.83 41.26 -4.60
N GLU D 294 -19.63 42.10 -3.97
CA GLU D 294 -20.70 41.64 -3.08
C GLU D 294 -21.66 40.61 -3.67
N SER D 295 -21.86 40.63 -4.98
CA SER D 295 -22.81 39.69 -5.58
C SER D 295 -22.28 38.29 -5.81
N THR D 296 -20.99 38.09 -5.60
CA THR D 296 -20.41 36.78 -5.85
C THR D 296 -19.41 36.32 -4.81
N GLY D 297 -18.83 37.27 -4.09
CA GLY D 297 -17.84 36.93 -3.09
C GLY D 297 -16.45 36.93 -3.70
N ARG D 298 -16.39 37.01 -5.03
CA ARG D 298 -15.12 37.02 -5.75
C ARG D 298 -14.29 38.27 -5.45
N TRP D 299 -12.99 38.18 -5.74
CA TRP D 299 -12.10 39.33 -5.56
C TRP D 299 -11.63 39.58 -6.97
N ILE D 300 -12.22 40.60 -7.59
CA ILE D 300 -11.94 40.90 -8.96
C ILE D 300 -10.83 41.88 -9.21
N SER D 301 -10.02 41.56 -10.22
CA SER D 301 -8.90 42.37 -10.60
C SER D 301 -9.11 43.00 -11.97
N SER D 302 -8.50 44.16 -12.19
CA SER D 302 -8.65 44.84 -13.45
C SER D 302 -7.35 45.49 -13.91
N VAL D 303 -7.03 45.27 -15.17
CA VAL D 303 -5.83 45.82 -15.76
C VAL D 303 -5.57 47.27 -15.34
N ALA D 304 -6.63 48.04 -15.15
CA ALA D 304 -6.45 49.43 -14.76
C ALA D 304 -5.74 49.51 -13.40
N ARG D 305 -6.18 48.64 -12.49
CA ARG D 305 -5.63 48.59 -11.15
C ARG D 305 -4.34 47.79 -11.01
N GLN D 306 -3.62 47.62 -12.10
CA GLN D 306 -2.37 46.89 -12.06
C GLN D 306 -1.21 47.79 -12.36
N HIS D 307 -0.20 47.76 -11.50
CA HIS D 307 0.98 48.59 -11.66
C HIS D 307 2.22 47.72 -11.76
N ILE D 308 2.83 47.75 -12.93
CA ILE D 308 4.03 46.98 -13.22
C ILE D 308 5.30 47.76 -12.90
N GLU D 309 6.21 47.12 -12.16
CA GLU D 309 7.48 47.74 -11.80
C GLU D 309 8.61 46.84 -12.31
N ILE D 310 9.58 47.40 -13.02
CA ILE D 310 10.68 46.57 -13.53
C ILE D 310 12.04 47.25 -13.50
N SER D 311 13.10 46.47 -13.45
CA SER D 311 14.44 47.02 -13.46
C SER D 311 15.19 46.55 -14.69
N THR D 312 15.95 47.45 -15.29
CA THR D 312 16.73 47.10 -16.47
C THR D 312 18.21 47.03 -16.10
N THR D 313 18.52 47.50 -14.90
CA THR D 313 19.89 47.53 -14.40
C THR D 313 20.12 46.52 -13.28
N GLY D 314 19.05 45.93 -12.76
CA GLY D 314 19.23 44.97 -11.70
C GLY D 314 17.96 44.24 -11.31
N TRP D 315 17.65 44.33 -10.02
CA TRP D 315 16.48 43.70 -9.46
C TRP D 315 15.58 44.79 -8.86
N VAL D 316 14.31 44.47 -8.68
CA VAL D 316 13.36 45.41 -8.11
C VAL D 316 13.51 45.57 -6.59
N GLY D 317 13.52 46.81 -6.11
CA GLY D 317 13.64 47.06 -4.69
C GLY D 317 15.07 47.00 -4.20
N ARG D 318 15.23 46.95 -2.88
CA ARG D 318 16.54 46.86 -2.24
C ARG D 318 16.84 45.41 -1.86
N PHE D 319 15.81 44.67 -1.50
CA PHE D 319 15.88 43.26 -1.10
C PHE D 319 14.57 42.64 -1.58
N ARG D 320 13.57 43.50 -1.69
CA ARG D 320 12.26 43.14 -2.18
C ARG D 320 11.64 44.48 -2.57
N PRO D 321 10.64 44.46 -3.45
CA PRO D 321 10.00 45.71 -3.85
C PRO D 321 9.34 46.48 -2.71
N ALA D 322 9.49 47.81 -2.73
CA ALA D 322 8.89 48.65 -1.72
C ALA D 322 7.40 48.35 -1.67
N GLU D 323 6.79 48.53 -0.52
CA GLU D 323 5.36 48.27 -0.40
C GLU D 323 4.50 49.51 -0.56
N PRO D 324 3.31 49.34 -1.15
CA PRO D 324 2.39 50.45 -1.37
C PRO D 324 1.71 50.97 -0.10
N HIS D 325 1.64 52.29 0.04
CA HIS D 325 0.98 52.96 1.16
C HIS D 325 -0.27 53.64 0.61
N PHE D 326 -1.44 53.07 0.86
CA PHE D 326 -2.69 53.63 0.34
C PHE D 326 -3.31 54.77 1.16
N THR D 327 -4.22 55.51 0.54
CA THR D 327 -4.91 56.59 1.21
C THR D 327 -6.15 56.02 1.86
N SER D 328 -6.63 56.69 2.89
CA SER D 328 -7.81 56.26 3.63
C SER D 328 -8.90 55.76 2.70
N ASP D 329 -9.24 56.54 1.69
CA ASP D 329 -10.28 56.17 0.75
C ASP D 329 -9.90 54.97 -0.11
N GLY D 330 -8.63 54.86 -0.46
CA GLY D 330 -8.18 53.73 -1.26
C GLY D 330 -8.08 53.97 -2.75
N ASN D 331 -8.12 55.22 -3.19
CA ASN D 331 -8.02 55.48 -4.62
C ASN D 331 -6.62 55.87 -5.07
N SER D 332 -5.75 56.16 -4.11
CA SER D 332 -4.38 56.49 -4.44
C SER D 332 -3.44 55.89 -3.40
N PHE D 333 -2.18 55.70 -3.79
CA PHE D 333 -1.19 55.16 -2.86
C PHE D 333 0.18 55.78 -3.16
N TYR D 334 1.07 55.70 -2.18
CA TYR D 334 2.42 56.24 -2.33
C TYR D 334 3.42 55.11 -2.16
N LYS D 335 4.36 54.99 -3.08
CA LYS D 335 5.34 53.92 -3.02
C LYS D 335 6.71 54.35 -3.54
N ILE D 336 7.75 53.80 -2.94
CA ILE D 336 9.12 54.11 -3.33
C ILE D 336 9.54 53.24 -4.49
N ILE D 337 10.04 53.87 -5.54
CA ILE D 337 10.53 53.17 -6.73
C ILE D 337 11.74 53.96 -7.18
N SER D 338 12.40 53.51 -8.24
CA SER D 338 13.61 54.21 -8.72
C SER D 338 13.36 55.32 -9.75
N ASN D 339 14.07 56.43 -9.57
CA ASN D 339 13.99 57.57 -10.48
C ASN D 339 14.39 57.11 -11.87
N GLU D 340 14.33 58.02 -12.82
CA GLU D 340 14.77 57.72 -14.17
C GLU D 340 16.27 57.95 -14.06
N GLU D 341 16.66 58.43 -12.90
CA GLU D 341 18.05 58.72 -12.59
C GLU D 341 18.60 57.70 -11.57
N GLY D 342 17.86 56.60 -11.41
CA GLY D 342 18.28 55.52 -10.53
C GLY D 342 18.24 55.73 -9.03
N TYR D 343 17.57 56.78 -8.58
CA TYR D 343 17.48 57.02 -7.14
C TYR D 343 16.09 56.69 -6.60
N LYS D 344 16.05 55.94 -5.51
CA LYS D 344 14.77 55.56 -4.95
C LYS D 344 14.04 56.68 -4.22
N HIS D 345 12.87 57.04 -4.77
CA HIS D 345 12.04 58.10 -4.22
C HIS D 345 10.55 57.75 -4.20
N ILE D 346 9.77 58.55 -3.49
CA ILE D 346 8.33 58.36 -3.36
C ILE D 346 7.55 58.81 -4.58
N CYS D 347 6.87 57.88 -5.24
CA CYS D 347 6.06 58.24 -6.41
C CYS D 347 4.60 58.15 -6.00
N HIS D 348 3.78 59.09 -6.48
CA HIS D 348 2.36 59.09 -6.17
C HIS D 348 1.60 58.37 -7.26
N PHE D 349 0.89 57.31 -6.90
CA PHE D 349 0.13 56.54 -7.88
C PHE D 349 -1.37 56.73 -7.72
N GLN D 350 -2.08 56.45 -8.80
CA GLN D 350 -3.52 56.53 -8.81
C GLN D 350 -3.93 55.06 -8.84
N THR D 351 -4.82 54.66 -7.96
CA THR D 351 -5.20 53.25 -7.94
C THR D 351 -5.52 52.63 -9.32
N ASP D 352 -5.87 53.43 -10.31
CA ASP D 352 -6.18 52.88 -11.65
C ASP D 352 -5.55 53.58 -12.87
N LYS D 353 -4.59 54.46 -12.62
CA LYS D 353 -3.88 55.17 -13.68
C LYS D 353 -2.47 54.60 -13.64
N SER D 354 -1.94 54.16 -14.78
CA SER D 354 -0.62 53.55 -14.77
C SER D 354 0.52 54.51 -14.48
N ASN D 355 0.29 55.81 -14.65
CA ASN D 355 1.33 56.79 -14.40
C ASN D 355 1.33 57.29 -12.95
N CYS D 356 2.51 57.68 -12.47
CA CYS D 356 2.64 58.21 -11.12
C CYS D 356 3.48 59.45 -11.20
N THR D 357 3.58 60.16 -10.08
CA THR D 357 4.36 61.37 -10.02
C THR D 357 5.29 61.36 -8.81
N PHE D 358 6.57 61.57 -9.06
CA PHE D 358 7.53 61.59 -7.98
C PHE D 358 7.34 62.83 -7.12
N ILE D 359 7.03 62.63 -5.85
CA ILE D 359 6.85 63.75 -4.94
C ILE D 359 8.16 64.11 -4.24
N THR D 360 9.20 63.29 -4.46
CA THR D 360 10.51 63.55 -3.87
C THR D 360 11.59 63.31 -4.93
N LYS D 361 12.73 63.99 -4.81
CA LYS D 361 13.80 63.80 -5.78
C LYS D 361 15.15 64.22 -5.23
N GLY D 362 16.21 63.75 -5.89
CA GLY D 362 17.57 64.08 -5.47
C GLY D 362 18.59 62.96 -5.50
N ALA D 363 19.83 63.26 -5.15
CA ALA D 363 20.88 62.25 -5.11
C ALA D 363 21.03 61.79 -3.66
N TRP D 364 19.98 61.14 -3.19
CA TRP D 364 19.89 60.58 -1.87
C TRP D 364 18.67 59.70 -2.02
N GLU D 365 18.30 58.97 -0.97
CA GLU D 365 17.13 58.11 -1.12
C GLU D 365 16.19 58.16 0.06
N VAL D 366 14.96 57.76 -0.22
CA VAL D 366 13.93 57.68 0.79
C VAL D 366 14.10 56.25 1.26
N ILE D 367 14.21 56.04 2.55
CA ILE D 367 14.38 54.70 3.07
C ILE D 367 13.01 54.06 3.16
N GLY D 368 12.04 54.84 3.61
CA GLY D 368 10.69 54.30 3.74
C GLY D 368 9.62 55.28 4.18
N ILE D 369 8.37 54.93 3.87
CA ILE D 369 7.20 55.73 4.22
C ILE D 369 6.77 55.30 5.62
N GLU D 370 6.71 56.25 6.55
CA GLU D 370 6.35 55.95 7.94
C GLU D 370 4.89 56.10 8.30
N ALA D 371 4.30 57.21 7.86
CA ALA D 371 2.90 57.47 8.14
C ALA D 371 2.30 58.25 6.98
N LEU D 372 0.97 58.21 6.89
CA LEU D 372 0.27 58.91 5.82
C LEU D 372 -1.05 59.40 6.36
N THR D 373 -1.26 60.71 6.29
CA THR D 373 -2.51 61.31 6.72
C THR D 373 -3.11 61.97 5.50
N SER D 374 -4.32 62.49 5.65
CA SER D 374 -5.02 63.14 4.54
C SER D 374 -4.39 64.45 4.10
N ASP D 375 -3.40 64.93 4.84
CA ASP D 375 -2.73 66.17 4.50
C ASP D 375 -1.21 66.02 4.39
N TYR D 376 -0.66 65.09 5.16
CA TYR D 376 0.78 64.86 5.20
C TYR D 376 1.21 63.43 4.98
N LEU D 377 2.46 63.27 4.61
CA LEU D 377 3.08 61.96 4.41
C LEU D 377 4.45 62.01 5.07
N TYR D 378 4.68 61.14 6.05
CA TYR D 378 5.95 61.09 6.76
C TYR D 378 6.87 60.00 6.23
N TYR D 379 8.12 60.36 5.97
CA TYR D 379 9.09 59.39 5.47
C TYR D 379 10.50 59.57 6.08
N ILE D 380 11.33 58.54 5.90
CA ILE D 380 12.69 58.56 6.39
C ILE D 380 13.64 58.55 5.21
N SER D 381 14.65 59.42 5.24
CA SER D 381 15.64 59.45 4.16
C SER D 381 17.03 59.83 4.69
N ASN D 382 18.04 59.75 3.82
CA ASN D 382 19.40 60.09 4.21
C ASN D 382 19.90 61.30 3.42
N GLU D 383 19.02 62.27 3.23
CA GLU D 383 19.35 63.47 2.48
C GLU D 383 20.22 64.44 3.29
N HIS D 384 19.89 64.56 4.57
CA HIS D 384 20.61 65.48 5.42
C HIS D 384 22.11 65.32 5.28
N LYS D 385 22.79 66.44 5.06
CA LYS D 385 24.25 66.44 4.90
C LYS D 385 24.69 65.43 3.86
N GLY D 386 23.83 65.21 2.87
CA GLY D 386 24.16 64.27 1.82
C GLY D 386 24.88 63.07 2.38
N MET D 387 24.54 62.71 3.62
CA MET D 387 25.14 61.57 4.31
C MET D 387 24.35 60.28 4.17
N PRO D 388 24.73 59.44 3.20
CA PRO D 388 24.02 58.17 2.97
C PRO D 388 23.82 57.31 4.22
N GLY D 389 24.72 57.46 5.19
CA GLY D 389 24.64 56.69 6.42
C GLY D 389 23.91 57.38 7.55
N GLY D 390 23.03 58.32 7.22
CA GLY D 390 22.26 59.03 8.22
C GLY D 390 20.78 58.76 8.04
N ARG D 391 19.98 59.06 9.05
CA ARG D 391 18.53 58.83 8.96
C ARG D 391 17.77 59.92 9.69
N ASN D 392 16.80 60.51 9.02
CA ASN D 392 16.00 61.57 9.60
C ASN D 392 14.55 61.48 9.17
N LEU D 393 13.66 62.03 9.98
CA LEU D 393 12.24 62.02 9.71
C LEU D 393 11.79 63.27 8.97
N TYR D 394 11.08 63.09 7.86
CA TYR D 394 10.61 64.23 7.09
C TYR D 394 9.10 64.18 6.92
N ARG D 395 8.51 65.35 6.74
CA ARG D 395 7.09 65.45 6.51
C ARG D 395 6.92 66.23 5.22
N ILE D 396 6.08 65.72 4.34
CA ILE D 396 5.83 66.37 3.06
C ILE D 396 4.34 66.63 2.92
N GLN D 397 4.00 67.80 2.39
CA GLN D 397 2.60 68.16 2.20
C GLN D 397 2.07 67.59 0.90
N LEU D 398 1.04 66.77 1.02
CA LEU D 398 0.41 66.11 -0.12
C LEU D 398 -0.19 67.09 -1.13
N ASN D 399 -0.60 68.26 -0.66
CA ASN D 399 -1.19 69.27 -1.54
C ASN D 399 -0.14 70.19 -2.18
N ASP D 400 1.12 70.05 -1.75
CA ASP D 400 2.22 70.86 -2.31
C ASP D 400 3.55 70.21 -1.95
N TYR D 401 4.11 69.45 -2.89
CA TYR D 401 5.36 68.77 -2.69
C TYR D 401 6.56 69.69 -2.57
N THR D 402 6.32 70.99 -2.38
CA THR D 402 7.41 71.94 -2.26
C THR D 402 7.74 72.17 -0.80
N LYS D 403 6.75 71.97 0.06
CA LYS D 403 6.94 72.16 1.49
C LYS D 403 7.22 70.84 2.20
N VAL D 404 8.51 70.59 2.43
CA VAL D 404 8.95 69.41 3.12
C VAL D 404 9.69 69.88 4.36
N THR D 405 9.36 69.30 5.50
CA THR D 405 10.02 69.71 6.72
C THR D 405 10.68 68.55 7.42
N CYS D 406 11.94 68.77 7.81
CA CYS D 406 12.68 67.73 8.49
C CYS D 406 12.46 67.85 9.98
N LEU D 407 11.66 66.94 10.52
CA LEU D 407 11.32 66.92 11.93
C LEU D 407 12.41 66.49 12.90
N SER D 408 13.48 65.85 12.42
CA SER D 408 14.55 65.38 13.32
C SER D 408 15.93 66.00 13.10
N CYS D 409 16.16 66.56 11.92
CA CYS D 409 17.43 67.18 11.58
C CYS D 409 18.11 67.99 12.68
N GLU D 410 17.37 68.96 13.20
CA GLU D 410 17.90 69.87 14.20
C GLU D 410 17.58 69.65 15.69
N LEU D 411 17.13 68.46 16.07
CA LEU D 411 16.83 68.23 17.47
C LEU D 411 18.12 68.13 18.28
N ASN D 412 19.12 67.45 17.73
CA ASN D 412 20.44 67.28 18.36
C ASN D 412 21.37 66.98 17.20
N PRO D 413 21.63 67.97 16.35
CA PRO D 413 22.50 67.81 15.18
C PRO D 413 23.82 67.09 15.42
N GLU D 414 24.32 67.16 16.65
CA GLU D 414 25.61 66.53 16.97
C GLU D 414 25.48 65.12 17.54
N ARG D 415 24.43 64.87 18.31
CA ARG D 415 24.22 63.56 18.92
C ARG D 415 23.29 62.65 18.13
N CYS D 416 22.39 63.24 17.36
CA CYS D 416 21.42 62.47 16.59
C CYS D 416 21.40 62.72 15.09
N GLN D 417 21.92 61.76 14.34
CA GLN D 417 21.95 61.87 12.88
C GLN D 417 21.36 60.62 12.27
N TYR D 418 20.84 59.74 13.10
CA TYR D 418 20.27 58.48 12.62
C TYR D 418 19.00 58.14 13.41
N TYR D 419 17.84 58.39 12.79
CA TYR D 419 16.57 58.11 13.45
C TYR D 419 15.69 57.09 12.74
N SER D 420 14.66 56.68 13.46
CA SER D 420 13.64 55.76 12.98
C SER D 420 12.46 56.20 13.86
N ALA D 421 11.24 56.12 13.35
CA ALA D 421 10.08 56.57 14.13
C ALA D 421 8.94 55.58 14.28
N SER D 422 8.01 55.94 15.15
CA SER D 422 6.84 55.13 15.45
C SER D 422 5.67 56.10 15.64
N PHE D 423 4.62 55.96 14.82
CA PHE D 423 3.47 56.86 14.91
C PHE D 423 2.27 56.29 15.61
N SER D 424 1.48 57.16 16.24
CA SER D 424 0.28 56.72 16.91
C SER D 424 -0.71 56.38 15.81
N ASN D 425 -1.81 55.72 16.18
CA ASN D 425 -2.80 55.29 15.20
C ASN D 425 -3.17 56.20 14.05
N LYS D 426 -3.43 57.48 14.30
CA LYS D 426 -3.79 58.36 13.20
C LYS D 426 -2.69 59.35 12.93
N ALA D 427 -1.51 59.06 13.49
CA ALA D 427 -0.35 59.91 13.31
C ALA D 427 -0.56 61.22 14.07
N LYS D 428 -1.22 61.16 15.21
CA LYS D 428 -1.47 62.35 16.00
C LYS D 428 -0.25 62.60 16.91
N TYR D 429 0.60 61.59 17.02
CA TYR D 429 1.80 61.63 17.85
C TYR D 429 2.82 60.65 17.27
N TYR D 430 4.10 60.89 17.54
CA TYR D 430 5.14 59.98 17.06
C TYR D 430 6.34 59.92 17.98
N GLN D 431 6.90 58.72 18.14
CA GLN D 431 8.07 58.51 18.97
C GLN D 431 9.28 58.54 18.04
N LEU D 432 10.30 59.32 18.39
CA LEU D 432 11.49 59.41 17.59
C LEU D 432 12.58 58.60 18.28
N ARG D 433 13.28 57.76 17.51
CA ARG D 433 14.36 56.94 18.06
C ARG D 433 15.69 57.37 17.49
N CYS D 434 16.58 57.85 18.35
CA CYS D 434 17.91 58.32 17.94
C CYS D 434 19.00 57.32 18.31
N PHE D 435 19.48 56.59 17.31
CA PHE D 435 20.48 55.55 17.51
C PHE D 435 21.96 55.89 17.41
N GLY D 436 22.27 57.15 17.13
CA GLY D 436 23.67 57.53 17.02
C GLY D 436 23.83 58.89 16.38
N PRO D 437 25.05 59.44 16.32
CA PRO D 437 26.28 58.84 16.83
C PRO D 437 26.39 58.89 18.36
N GLY D 438 25.63 59.80 18.97
CA GLY D 438 25.66 59.88 20.42
C GLY D 438 24.91 58.73 21.06
N LEU D 439 24.70 58.81 22.37
CA LEU D 439 23.99 57.74 23.04
C LEU D 439 22.53 57.76 22.61
N PRO D 440 21.97 56.59 22.30
CA PRO D 440 20.59 56.52 21.88
C PRO D 440 19.69 57.39 22.75
N LEU D 441 18.71 58.01 22.11
CA LEU D 441 17.78 58.91 22.78
C LEU D 441 16.38 58.73 22.21
N TYR D 442 15.42 58.41 23.07
CA TYR D 442 14.04 58.23 22.66
C TYR D 442 13.21 59.39 23.18
N THR D 443 12.33 59.90 22.34
CA THR D 443 11.51 61.04 22.70
C THR D 443 10.11 60.96 22.15
N LEU D 444 9.21 61.78 22.71
CA LEU D 444 7.81 61.79 22.27
C LEU D 444 7.47 63.14 21.66
N HIS D 445 6.85 63.12 20.49
CA HIS D 445 6.47 64.33 19.79
C HIS D 445 5.00 64.34 19.39
N SER D 446 4.46 65.55 19.24
CA SER D 446 3.07 65.77 18.85
C SER D 446 3.02 66.25 17.39
N SER D 447 2.33 65.51 16.54
CA SER D 447 2.23 65.86 15.13
C SER D 447 1.69 67.27 14.88
N SER D 448 1.02 67.84 15.87
CA SER D 448 0.44 69.17 15.76
C SER D 448 1.49 70.28 15.79
N SER D 449 2.08 70.51 16.96
CA SER D 449 3.10 71.55 17.12
C SER D 449 4.49 71.02 16.92
N ASP D 450 4.59 69.71 16.68
CA ASP D 450 5.87 69.05 16.46
C ASP D 450 6.82 69.28 17.63
N LYS D 451 6.30 69.80 18.74
CA LYS D 451 7.12 70.05 19.91
C LYS D 451 7.41 68.74 20.64
N GLU D 452 8.58 68.68 21.27
CA GLU D 452 8.98 67.50 22.01
C GLU D 452 8.24 67.47 23.33
N LEU D 453 7.29 66.54 23.46
CA LEU D 453 6.50 66.42 24.67
C LEU D 453 7.34 65.98 25.87
N ARG D 454 8.30 65.09 25.63
CA ARG D 454 9.16 64.63 26.72
C ARG D 454 10.19 63.60 26.31
N VAL D 455 11.19 63.44 27.17
CA VAL D 455 12.26 62.48 26.96
C VAL D 455 11.81 61.16 27.59
N LEU D 456 11.71 60.13 26.75
CA LEU D 456 11.30 58.80 27.20
C LEU D 456 12.48 58.02 27.78
N GLU D 457 13.65 58.25 27.21
CA GLU D 457 14.88 57.58 27.63
C GLU D 457 16.06 58.32 27.01
N ASP D 458 17.00 58.74 27.84
CA ASP D 458 18.15 59.48 27.35
C ASP D 458 19.48 58.77 27.64
N ASN D 459 19.40 57.63 28.32
CA ASN D 459 20.59 56.84 28.65
C ASN D 459 21.59 57.63 29.47
N SER D 460 21.11 58.58 30.25
CA SER D 460 21.97 59.40 31.09
C SER D 460 22.86 58.50 31.94
N ALA D 461 22.32 57.36 32.36
CA ALA D 461 23.08 56.42 33.18
C ALA D 461 24.30 55.95 32.40
N LEU D 462 24.07 55.39 31.22
CA LEU D 462 25.17 54.91 30.38
C LEU D 462 26.22 56.01 30.19
N ASP D 463 25.75 57.24 29.96
CA ASP D 463 26.63 58.38 29.76
C ASP D 463 27.59 58.63 30.93
N LYS D 464 27.12 58.35 32.15
CA LYS D 464 27.90 58.54 33.36
C LYS D 464 29.02 57.51 33.47
N MET D 465 28.71 56.27 33.12
CA MET D 465 29.67 55.18 33.17
C MET D 465 30.80 55.35 32.16
N LEU D 466 30.43 55.54 30.90
CA LEU D 466 31.40 55.66 29.82
C LEU D 466 32.39 56.80 29.93
N GLN D 467 32.03 57.86 30.63
CA GLN D 467 32.96 58.96 30.75
C GLN D 467 34.14 58.47 31.61
N ASP D 468 33.90 57.45 32.40
CA ASP D 468 34.93 56.89 33.25
C ASP D 468 35.65 55.73 32.54
N VAL D 469 35.69 55.77 31.21
CA VAL D 469 36.36 54.74 30.45
C VAL D 469 36.80 55.28 29.10
N GLN D 470 38.03 54.94 28.71
CA GLN D 470 38.61 55.40 27.47
C GLN D 470 37.92 54.84 26.24
N MET D 471 36.80 55.46 25.88
CA MET D 471 36.05 55.04 24.71
C MET D 471 36.77 55.48 23.44
N PRO D 472 36.74 54.64 22.40
CA PRO D 472 37.40 54.95 21.12
C PRO D 472 36.49 55.91 20.36
N SER D 473 37.03 56.61 19.37
CA SER D 473 36.19 57.52 18.60
C SER D 473 35.88 56.96 17.21
N LYS D 474 34.70 57.31 16.70
CA LYS D 474 34.30 56.84 15.38
C LYS D 474 34.19 58.00 14.40
N LYS D 475 35.04 57.98 13.39
CA LYS D 475 35.05 59.01 12.39
C LYS D 475 34.63 58.47 11.03
N LEU D 476 33.68 59.16 10.40
CA LEU D 476 33.21 58.79 9.07
C LEU D 476 33.86 59.77 8.11
N ASP D 477 34.17 59.30 6.91
CA ASP D 477 34.79 60.17 5.92
C ASP D 477 34.64 59.54 4.55
N VAL D 478 35.30 60.11 3.55
CA VAL D 478 35.17 59.59 2.20
C VAL D 478 36.51 59.44 1.49
N ILE D 479 36.52 58.63 0.43
CA ILE D 479 37.70 58.46 -0.40
C ILE D 479 37.13 58.28 -1.80
N ASN D 480 37.98 58.39 -2.80
CA ASN D 480 37.54 58.27 -4.18
C ASN D 480 38.03 57.01 -4.88
N LEU D 481 37.10 56.23 -5.42
CA LEU D 481 37.43 55.01 -6.15
C LEU D 481 36.65 55.05 -7.44
N HIS D 482 37.32 54.77 -8.55
CA HIS D 482 36.64 54.79 -9.83
C HIS D 482 35.89 56.12 -9.97
N GLY D 483 36.55 57.20 -9.54
CA GLY D 483 35.96 58.52 -9.62
C GLY D 483 34.66 58.76 -8.87
N THR D 484 34.44 58.02 -7.79
CA THR D 484 33.22 58.19 -7.00
C THR D 484 33.58 58.41 -5.54
N LYS D 485 32.64 58.95 -4.78
CA LYS D 485 32.87 59.22 -3.36
C LYS D 485 32.26 58.12 -2.50
N PHE D 486 33.07 57.16 -2.09
CA PHE D 486 32.55 56.08 -1.26
C PHE D 486 32.91 56.30 0.19
N TRP D 487 31.92 56.05 1.05
CA TRP D 487 32.07 56.25 2.48
C TRP D 487 32.71 55.11 3.25
N TYR D 488 33.39 55.47 4.32
CA TYR D 488 34.03 54.50 5.18
C TYR D 488 34.00 55.05 6.60
N GLN D 489 34.46 54.23 7.54
CA GLN D 489 34.51 54.62 8.94
C GLN D 489 35.65 53.89 9.62
N MET D 490 36.27 54.54 10.60
CA MET D 490 37.36 53.95 11.35
C MET D 490 37.09 54.14 12.82
N ILE D 491 37.14 53.05 13.57
CA ILE D 491 36.96 53.14 15.02
C ILE D 491 38.39 53.34 15.48
N LEU D 492 38.75 54.58 15.78
CA LEU D 492 40.11 54.90 16.21
C LEU D 492 40.28 54.70 17.69
N PRO D 493 41.44 54.15 18.09
CA PRO D 493 41.77 53.87 19.48
C PRO D 493 41.88 55.15 20.31
N PRO D 494 41.69 55.06 21.64
CA PRO D 494 41.79 56.24 22.51
C PRO D 494 43.10 56.99 22.28
N HIS D 495 43.11 58.27 22.64
CA HIS D 495 44.31 59.09 22.47
C HIS D 495 45.05 58.75 21.19
N PHE D 496 44.34 58.72 20.07
CA PHE D 496 44.96 58.40 18.80
C PHE D 496 46.21 59.25 18.59
N ASP D 497 47.21 58.67 17.95
CA ASP D 497 48.45 59.37 17.71
C ASP D 497 48.91 59.20 16.29
N LYS D 498 48.41 60.01 15.35
CA LYS D 498 48.87 59.86 13.99
C LYS D 498 50.38 59.96 14.15
N SER D 499 51.12 59.40 13.20
CA SER D 499 52.59 59.39 13.25
C SER D 499 53.06 58.03 13.76
N LYS D 500 52.30 57.49 14.71
CA LYS D 500 52.59 56.18 15.28
C LYS D 500 51.85 55.21 14.33
N LYS D 501 52.37 53.99 14.15
CA LYS D 501 51.75 53.02 13.23
C LYS D 501 50.88 51.90 13.83
N TYR D 502 49.56 52.03 13.68
CA TYR D 502 48.60 51.04 14.21
C TYR D 502 48.27 49.88 13.27
N PRO D 503 47.87 48.73 13.84
CA PRO D 503 47.51 47.59 12.99
C PRO D 503 46.10 47.91 12.53
N LEU D 504 45.70 47.41 11.38
CA LEU D 504 44.37 47.69 10.85
C LEU D 504 43.55 46.45 10.61
N LEU D 505 42.28 46.51 11.04
CA LEU D 505 41.35 45.42 10.87
C LEU D 505 40.19 45.95 10.06
N ILE D 506 39.89 45.29 8.95
CA ILE D 506 38.78 45.70 8.12
C ILE D 506 37.61 44.75 8.43
N GLU D 507 36.50 45.32 8.88
CA GLU D 507 35.29 44.56 9.18
C GLU D 507 34.47 44.81 7.94
N VAL D 508 34.01 43.75 7.31
CA VAL D 508 33.28 43.89 6.07
C VAL D 508 32.04 43.01 5.95
N TYR D 509 31.01 43.53 5.29
CA TYR D 509 29.83 42.74 5.02
C TYR D 509 29.76 42.74 3.50
N ALA D 510 29.55 43.92 2.92
CA ALA D 510 29.54 44.10 1.46
C ALA D 510 28.36 43.49 0.71
N GLY D 511 27.47 42.79 1.40
CA GLY D 511 26.34 42.21 0.71
C GLY D 511 25.63 43.25 -0.14
N PRO D 512 24.95 42.85 -1.21
CA PRO D 512 24.26 43.82 -2.07
C PRO D 512 23.24 44.68 -1.31
N CYS D 513 23.41 46.00 -1.39
CA CYS D 513 22.53 46.98 -0.74
C CYS D 513 22.80 47.12 0.75
N SER D 514 23.96 46.64 1.18
CA SER D 514 24.33 46.70 2.58
C SER D 514 24.92 48.07 2.92
N GLN D 515 25.13 48.29 4.20
CA GLN D 515 25.70 49.55 4.65
C GLN D 515 26.46 49.33 5.95
N LYS D 516 27.79 49.31 5.89
CA LYS D 516 28.61 49.13 7.09
C LYS D 516 28.94 50.47 7.67
N VAL D 517 28.96 51.49 6.82
CA VAL D 517 29.30 52.84 7.25
C VAL D 517 28.05 53.64 7.58
N ASP D 518 27.80 53.85 8.86
CA ASP D 518 26.63 54.61 9.33
C ASP D 518 26.98 55.38 10.59
N THR D 519 26.00 56.08 11.17
CA THR D 519 26.24 56.85 12.39
C THR D 519 25.57 56.23 13.59
N VAL D 520 25.33 54.94 13.56
CA VAL D 520 24.69 54.28 14.69
C VAL D 520 25.69 54.01 15.80
N PHE D 521 25.33 54.33 17.04
CA PHE D 521 26.22 54.08 18.17
C PHE D 521 26.20 52.59 18.51
N ARG D 522 27.39 51.97 18.59
CA ARG D 522 27.44 50.55 18.87
C ARG D 522 28.58 50.18 19.82
N LEU D 523 28.26 49.37 20.82
CA LEU D 523 29.24 48.91 21.77
C LEU D 523 29.53 47.55 21.20
N SER D 524 30.55 47.46 20.37
CA SER D 524 30.89 46.20 19.73
C SER D 524 32.20 45.60 20.15
N TRP D 525 32.59 44.58 19.40
CA TRP D 525 33.84 43.90 19.62
C TRP D 525 34.93 44.86 19.14
N ALA D 526 34.68 45.58 18.05
CA ALA D 526 35.66 46.52 17.52
C ALA D 526 35.96 47.59 18.57
N THR D 527 34.92 48.00 19.30
CA THR D 527 35.10 48.98 20.36
C THR D 527 36.24 48.50 21.25
N TYR D 528 36.12 47.27 21.76
CA TYR D 528 37.15 46.70 22.61
C TYR D 528 38.49 46.65 21.85
N LEU D 529 38.45 46.13 20.63
CA LEU D 529 39.67 46.02 19.81
C LEU D 529 40.43 47.33 19.72
N ALA D 530 39.71 48.44 19.59
CA ALA D 530 40.37 49.74 19.46
C ALA D 530 40.65 50.42 20.79
N SER D 531 39.74 50.30 21.76
CA SER D 531 39.93 50.94 23.07
C SER D 531 41.03 50.26 23.86
N THR D 532 41.03 48.94 23.82
CA THR D 532 42.00 48.17 24.56
C THR D 532 43.23 47.72 23.79
N GLU D 533 43.05 46.97 22.71
CA GLU D 533 44.18 46.49 21.93
C GLU D 533 44.79 47.53 21.00
N ASN D 534 44.22 48.73 20.96
CA ASN D 534 44.75 49.78 20.09
C ASN D 534 44.82 49.39 18.63
N ILE D 535 43.80 48.71 18.14
CA ILE D 535 43.77 48.32 16.74
C ILE D 535 42.72 49.19 16.05
N ILE D 536 43.03 49.68 14.86
CA ILE D 536 42.05 50.48 14.14
C ILE D 536 41.09 49.56 13.41
N VAL D 537 39.79 49.78 13.59
CA VAL D 537 38.80 48.95 12.91
C VAL D 537 38.05 49.78 11.89
N ALA D 538 38.15 49.40 10.62
CA ALA D 538 37.46 50.15 9.59
C ALA D 538 36.49 49.32 8.75
N SER D 539 35.48 50.01 8.23
CA SER D 539 34.45 49.39 7.37
C SER D 539 34.37 50.28 6.13
N PHE D 540 34.10 49.68 4.97
CA PHE D 540 34.03 50.42 3.72
C PHE D 540 32.90 49.96 2.82
N ASP D 541 32.08 50.90 2.34
CA ASP D 541 30.97 50.56 1.44
C ASP D 541 31.34 50.93 0.01
N GLY D 542 31.72 49.93 -0.78
CA GLY D 542 32.08 50.17 -2.17
C GLY D 542 30.96 49.82 -3.14
N ARG D 543 31.30 49.32 -4.32
CA ARG D 543 30.27 48.98 -5.30
C ARG D 543 29.36 47.89 -4.76
N GLY D 544 28.06 48.05 -4.99
CA GLY D 544 27.12 47.06 -4.51
C GLY D 544 26.39 47.50 -3.26
N SER D 545 26.95 48.45 -2.50
CA SER D 545 26.26 48.89 -1.29
C SER D 545 24.96 49.63 -1.63
N GLY D 546 24.12 49.88 -0.63
CA GLY D 546 22.86 50.55 -0.92
C GLY D 546 22.67 51.94 -0.36
N TYR D 547 21.52 52.54 -0.69
CA TYR D 547 21.14 53.88 -0.23
C TYR D 547 21.89 55.02 -0.93
N GLN D 548 22.50 54.70 -2.07
CA GLN D 548 23.27 55.68 -2.83
C GLN D 548 22.86 55.72 -4.30
N GLY D 549 21.77 55.05 -4.64
CA GLY D 549 21.33 55.02 -6.03
C GLY D 549 21.65 53.70 -6.70
N ASP D 550 20.88 53.35 -7.73
CA ASP D 550 21.08 52.09 -8.44
C ASP D 550 22.45 51.94 -9.13
N LYS D 551 23.02 53.03 -9.63
CA LYS D 551 24.31 52.96 -10.30
C LYS D 551 25.36 52.32 -9.38
N ILE D 552 25.31 52.64 -8.09
CA ILE D 552 26.26 52.06 -7.12
C ILE D 552 25.84 50.65 -6.77
N MET D 553 24.60 50.50 -6.36
CA MET D 553 24.08 49.20 -5.94
C MET D 553 24.12 48.12 -7.00
N HIS D 554 23.41 48.31 -8.11
CA HIS D 554 23.36 47.29 -9.17
C HIS D 554 24.66 47.00 -9.92
N ALA D 555 25.75 47.64 -9.52
CA ALA D 555 27.01 47.38 -10.21
C ALA D 555 27.41 45.91 -10.16
N ILE D 556 27.02 45.18 -9.12
CA ILE D 556 27.41 43.77 -9.03
C ILE D 556 26.31 42.80 -9.46
N ASN D 557 25.28 43.32 -10.12
CA ASN D 557 24.18 42.47 -10.57
C ASN D 557 24.74 41.39 -11.49
N ARG D 558 24.46 40.14 -11.16
CA ARG D 558 24.91 39.00 -11.95
C ARG D 558 26.42 38.75 -11.89
N ARG D 559 27.10 39.39 -10.96
CA ARG D 559 28.55 39.19 -10.82
C ARG D 559 28.98 39.35 -9.36
N LEU D 560 28.31 38.65 -8.46
CA LEU D 560 28.63 38.71 -7.03
C LEU D 560 30.04 38.22 -6.79
N GLY D 561 30.71 38.82 -5.81
CA GLY D 561 32.06 38.39 -5.52
C GLY D 561 33.09 39.00 -6.44
N THR D 562 32.76 40.15 -7.01
CA THR D 562 33.72 40.83 -7.88
C THR D 562 33.98 42.26 -7.39
N PHE D 563 33.34 43.23 -8.03
CA PHE D 563 33.55 44.62 -7.66
C PHE D 563 33.58 44.94 -6.18
N GLU D 564 32.64 44.37 -5.40
CA GLU D 564 32.58 44.68 -3.97
C GLU D 564 33.81 44.18 -3.23
N VAL D 565 34.30 42.99 -3.58
CA VAL D 565 35.48 42.48 -2.91
C VAL D 565 36.66 43.26 -3.50
N GLU D 566 36.65 43.49 -4.80
CA GLU D 566 37.70 44.25 -5.43
C GLU D 566 37.78 45.66 -4.83
N ASP D 567 36.63 46.20 -4.44
CA ASP D 567 36.57 47.53 -3.85
C ASP D 567 37.07 47.55 -2.41
N GLN D 568 37.02 46.40 -1.74
CA GLN D 568 37.50 46.32 -0.35
C GLN D 568 39.03 46.37 -0.37
N ILE D 569 39.61 45.71 -1.36
CA ILE D 569 41.06 45.68 -1.53
C ILE D 569 41.62 47.05 -1.91
N GLU D 570 41.05 47.68 -2.93
CA GLU D 570 41.53 49.00 -3.36
C GLU D 570 41.50 49.96 -2.18
N ALA D 571 40.38 49.96 -1.47
CA ALA D 571 40.19 50.83 -0.32
C ALA D 571 41.22 50.57 0.77
N THR D 572 41.42 49.30 1.12
CA THR D 572 42.40 48.97 2.15
C THR D 572 43.76 49.47 1.69
N ARG D 573 44.08 49.17 0.44
CA ARG D 573 45.35 49.58 -0.16
C ARG D 573 45.59 51.09 0.04
N GLN D 574 44.52 51.87 0.11
CA GLN D 574 44.68 53.30 0.35
C GLN D 574 44.95 53.50 1.83
N PHE D 575 44.13 52.89 2.68
CA PHE D 575 44.30 52.98 4.12
C PHE D 575 45.73 52.53 4.46
N SER D 576 46.18 51.51 3.75
CA SER D 576 47.51 50.97 3.98
C SER D 576 48.55 52.02 3.76
N LYS D 577 48.44 52.78 2.68
CA LYS D 577 49.42 53.81 2.38
C LYS D 577 49.30 55.08 3.20
N MET D 578 48.43 55.05 4.20
CA MET D 578 48.29 56.21 5.07
C MET D 578 49.38 56.09 6.13
N GLY D 579 49.65 57.18 6.84
CA GLY D 579 50.71 57.18 7.83
C GLY D 579 50.50 56.37 9.10
N PHE D 580 49.36 56.56 9.74
CA PHE D 580 49.04 55.88 10.99
C PHE D 580 48.69 54.41 10.85
N VAL D 581 48.86 53.88 9.65
CA VAL D 581 48.56 52.48 9.38
C VAL D 581 49.84 51.71 9.06
N ASP D 582 50.06 50.63 9.81
CA ASP D 582 51.21 49.75 9.65
C ASP D 582 50.85 48.68 8.64
N ASP D 583 51.07 48.96 7.35
CA ASP D 583 50.73 48.02 6.28
C ASP D 583 51.20 46.58 6.46
N LYS D 584 52.14 46.36 7.39
CA LYS D 584 52.66 45.02 7.64
C LYS D 584 51.74 44.25 8.58
N ARG D 585 50.62 44.87 8.93
CA ARG D 585 49.66 44.26 9.83
C ARG D 585 48.24 44.69 9.51
N ILE D 586 47.67 44.10 8.47
CA ILE D 586 46.30 44.40 8.06
C ILE D 586 45.49 43.11 7.97
N ALA D 587 44.35 43.07 8.67
CA ALA D 587 43.49 41.92 8.64
C ALA D 587 42.09 42.34 8.21
N ILE D 588 41.26 41.37 7.87
CA ILE D 588 39.90 41.60 7.42
C ILE D 588 39.04 40.45 7.93
N TRP D 589 37.86 40.75 8.46
CA TRP D 589 36.97 39.69 8.94
C TRP D 589 35.53 40.03 8.61
N GLY D 590 34.68 39.00 8.61
CA GLY D 590 33.28 39.20 8.31
C GLY D 590 32.41 38.00 8.62
N TRP D 591 31.10 38.21 8.56
CA TRP D 591 30.13 37.16 8.86
C TRP D 591 29.25 37.01 7.60
N SER D 592 28.72 35.81 7.37
CA SER D 592 27.84 35.52 6.22
C SER D 592 28.37 36.06 4.91
N TYR D 593 27.66 37.00 4.30
CA TYR D 593 28.13 37.58 3.04
C TYR D 593 29.50 38.16 3.31
N GLY D 594 29.69 38.68 4.52
CA GLY D 594 30.96 39.26 4.91
C GLY D 594 32.03 38.20 4.95
N GLY D 595 31.67 37.03 5.46
CA GLY D 595 32.61 35.93 5.54
C GLY D 595 33.08 35.55 4.15
N TYR D 596 32.13 35.54 3.23
CA TYR D 596 32.41 35.23 1.85
C TYR D 596 33.34 36.29 1.29
N VAL D 597 33.02 37.54 1.54
CA VAL D 597 33.85 38.62 1.04
C VAL D 597 35.22 38.62 1.66
N THR D 598 35.31 38.27 2.93
CA THR D 598 36.61 38.22 3.59
C THR D 598 37.45 37.17 2.85
N SER D 599 36.88 35.99 2.62
CA SER D 599 37.58 34.90 1.95
C SER D 599 38.05 35.20 0.53
N MET D 600 37.16 35.76 -0.28
CA MET D 600 37.50 36.11 -1.65
C MET D 600 38.67 37.08 -1.69
N VAL D 601 38.75 37.96 -0.70
CA VAL D 601 39.84 38.92 -0.63
C VAL D 601 41.13 38.23 -0.21
N LEU D 602 41.09 37.51 0.90
CA LEU D 602 42.27 36.80 1.35
C LEU D 602 42.80 35.97 0.19
N GLY D 603 41.90 35.37 -0.58
CA GLY D 603 42.33 34.53 -1.69
C GLY D 603 42.55 35.24 -3.00
N ALA D 604 42.62 36.57 -2.98
CA ALA D 604 42.85 37.32 -4.20
C ALA D 604 44.34 37.45 -4.47
N GLY D 605 45.15 37.07 -3.50
CA GLY D 605 46.59 37.18 -3.66
C GLY D 605 46.98 38.62 -3.95
N SER D 606 46.29 39.59 -3.34
CA SER D 606 46.60 41.01 -3.54
C SER D 606 47.73 41.43 -2.63
N GLY D 607 48.19 40.51 -1.80
CA GLY D 607 49.27 40.82 -0.88
C GLY D 607 49.01 41.93 0.13
N VAL D 608 47.79 42.46 0.18
CA VAL D 608 47.51 43.53 1.12
C VAL D 608 47.29 43.02 2.55
N PHE D 609 46.55 41.92 2.67
CA PHE D 609 46.19 41.36 3.97
C PHE D 609 47.05 40.23 4.53
N LYS D 610 47.39 40.35 5.81
CA LYS D 610 48.18 39.35 6.49
C LYS D 610 47.30 38.15 6.93
N CYS D 611 46.19 38.44 7.60
CA CYS D 611 45.30 37.39 8.07
C CYS D 611 43.83 37.75 7.93
N GLY D 612 42.97 36.73 8.04
CA GLY D 612 41.55 36.95 7.93
C GLY D 612 40.70 35.90 8.63
N ILE D 613 39.56 36.35 9.14
CA ILE D 613 38.61 35.48 9.83
C ILE D 613 37.29 35.50 9.04
N ALA D 614 36.77 34.32 8.76
CA ALA D 614 35.51 34.18 8.04
C ALA D 614 34.56 33.37 8.91
N VAL D 615 33.39 33.93 9.21
CA VAL D 615 32.41 33.23 10.03
C VAL D 615 31.18 32.90 9.18
N ALA D 616 30.80 31.62 9.14
CA ALA D 616 29.64 31.15 8.40
C ALA D 616 29.59 31.80 7.02
N PRO D 617 30.71 31.71 6.29
CA PRO D 617 30.79 32.30 4.96
C PRO D 617 30.08 31.51 3.89
N VAL D 618 29.70 32.20 2.82
CA VAL D 618 29.09 31.55 1.67
C VAL D 618 30.37 31.19 0.96
N SER D 619 30.42 30.07 0.26
CA SER D 619 31.65 29.75 -0.44
C SER D 619 31.38 29.51 -1.92
N LYS D 620 30.16 29.10 -2.21
CA LYS D 620 29.73 28.81 -3.57
C LYS D 620 28.24 29.10 -3.60
N TRP D 621 27.83 30.06 -4.43
CA TRP D 621 26.43 30.45 -4.50
C TRP D 621 25.46 29.35 -4.82
N GLU D 622 25.83 28.38 -5.62
CA GLU D 622 24.91 27.30 -5.88
C GLU D 622 24.46 26.66 -4.55
N TYR D 623 25.18 26.95 -3.46
CA TYR D 623 24.83 26.37 -2.15
C TYR D 623 23.80 27.19 -1.37
N TYR D 624 23.64 28.46 -1.72
CA TYR D 624 22.68 29.33 -1.04
C TYR D 624 21.27 29.21 -1.64
N ASP D 625 20.27 29.77 -0.95
CA ASP D 625 18.90 29.66 -1.46
C ASP D 625 18.61 30.45 -2.73
N SER D 626 17.61 29.97 -3.47
CA SER D 626 17.17 30.57 -4.73
C SER D 626 16.67 32.01 -4.68
N VAL D 627 15.71 32.27 -3.82
CA VAL D 627 15.15 33.61 -3.73
C VAL D 627 16.21 34.72 -3.64
N TYR D 628 17.18 34.55 -2.74
CA TYR D 628 18.25 35.54 -2.57
C TYR D 628 19.33 35.42 -3.66
N THR D 629 19.84 34.22 -3.88
CA THR D 629 20.90 34.02 -4.86
C THR D 629 20.50 34.35 -6.30
N GLU D 630 19.34 33.85 -6.71
CA GLU D 630 18.81 34.09 -8.06
C GLU D 630 18.43 35.54 -8.30
N ARG D 631 18.26 36.30 -7.22
CA ARG D 631 17.93 37.72 -7.31
C ARG D 631 19.13 38.55 -7.74
N TYR D 632 20.34 38.08 -7.46
CA TYR D 632 21.53 38.84 -7.86
C TYR D 632 22.36 38.08 -8.91
N MET D 633 22.19 36.77 -8.97
CA MET D 633 22.95 35.95 -9.91
C MET D 633 22.11 35.34 -11.02
N GLY D 634 20.79 35.35 -10.85
CA GLY D 634 19.94 34.75 -11.87
C GLY D 634 20.04 33.23 -11.76
N LEU D 635 19.99 32.54 -12.89
CA LEU D 635 20.05 31.09 -12.87
C LEU D 635 21.41 30.52 -13.25
N PRO D 636 21.88 29.52 -12.48
CA PRO D 636 23.16 28.82 -12.65
C PRO D 636 23.20 27.82 -13.79
N THR D 637 22.66 28.21 -14.95
CA THR D 637 22.67 27.34 -16.12
C THR D 637 23.55 27.96 -17.19
N PRO D 638 24.01 27.15 -18.14
CA PRO D 638 24.86 27.66 -19.21
C PRO D 638 24.17 28.72 -20.06
N GLU D 639 22.85 28.60 -20.21
CA GLU D 639 22.09 29.58 -21.00
C GLU D 639 21.82 30.87 -20.22
N ASP D 640 22.17 30.89 -18.93
CA ASP D 640 21.97 32.09 -18.15
C ASP D 640 23.27 32.67 -17.63
N ASN D 641 23.56 32.47 -16.34
CA ASN D 641 24.75 33.02 -15.73
C ASN D 641 25.71 32.00 -15.14
N LEU D 642 25.50 30.72 -15.43
CA LEU D 642 26.36 29.66 -14.90
C LEU D 642 27.84 30.01 -14.82
N ASP D 643 28.31 30.85 -15.73
CA ASP D 643 29.72 31.19 -15.74
C ASP D 643 30.23 32.09 -14.63
N TYR D 644 29.41 33.03 -14.16
CA TYR D 644 29.85 33.90 -13.07
C TYR D 644 29.63 33.18 -11.75
N TYR D 645 28.83 32.12 -11.80
CA TYR D 645 28.57 31.29 -10.66
C TYR D 645 29.85 30.54 -10.42
N ARG D 646 30.34 29.94 -11.51
CA ARG D 646 31.55 29.12 -11.53
C ARG D 646 32.82 29.80 -11.05
N ASN D 647 33.10 31.01 -11.50
CA ASN D 647 34.33 31.64 -11.10
C ASN D 647 34.20 32.58 -9.90
N SER D 648 33.08 32.49 -9.19
CA SER D 648 32.87 33.34 -8.02
C SER D 648 32.94 32.57 -6.68
N THR D 649 33.24 31.28 -6.77
CA THR D 649 33.37 30.44 -5.58
C THR D 649 34.69 30.81 -4.89
N VAL D 650 34.83 30.45 -3.62
CA VAL D 650 36.06 30.74 -2.89
C VAL D 650 37.08 29.66 -3.23
N MET D 651 36.60 28.43 -3.39
CA MET D 651 37.48 27.32 -3.72
C MET D 651 38.40 27.67 -4.88
N SER D 652 37.83 28.23 -5.93
CA SER D 652 38.63 28.58 -7.10
C SER D 652 39.83 29.47 -6.77
N ARG D 653 39.89 29.98 -5.54
CA ARG D 653 41.02 30.82 -5.15
C ARG D 653 41.84 30.21 -4.01
N ALA D 654 41.54 28.95 -3.68
CA ALA D 654 42.23 28.23 -2.62
C ALA D 654 43.74 28.35 -2.61
N GLU D 655 44.38 28.27 -3.77
CA GLU D 655 45.83 28.36 -3.81
C GLU D 655 46.40 29.62 -3.18
N ASN D 656 45.80 30.76 -3.49
CA ASN D 656 46.33 32.02 -2.94
C ASN D 656 46.28 32.10 -1.43
N PHE D 657 45.70 31.10 -0.78
CA PHE D 657 45.62 31.11 0.69
C PHE D 657 46.94 30.74 1.32
N LYS D 658 47.87 30.24 0.50
CA LYS D 658 49.21 29.88 0.97
C LYS D 658 49.94 31.13 1.45
N GLN D 659 49.43 32.30 1.04
CA GLN D 659 50.03 33.57 1.39
C GLN D 659 49.47 34.29 2.62
N VAL D 660 48.48 33.72 3.30
CA VAL D 660 47.89 34.40 4.44
C VAL D 660 47.51 33.48 5.59
N GLU D 661 47.34 34.06 6.78
CA GLU D 661 46.92 33.30 7.96
C GLU D 661 45.38 33.38 7.99
N TYR D 662 44.72 32.23 7.98
CA TYR D 662 43.25 32.21 7.91
C TYR D 662 42.50 31.39 8.97
N LEU D 663 41.46 32.01 9.53
CA LEU D 663 40.62 31.38 10.55
C LEU D 663 39.22 31.16 9.93
N LEU D 664 38.73 29.93 10.02
CA LEU D 664 37.43 29.57 9.45
C LEU D 664 36.46 29.00 10.51
N ILE D 665 35.45 29.78 10.86
CA ILE D 665 34.45 29.42 11.86
C ILE D 665 33.05 29.18 11.25
N HIS D 666 32.31 28.19 11.75
CA HIS D 666 30.98 27.93 11.21
C HIS D 666 30.15 27.06 12.16
N GLY D 667 28.88 27.42 12.36
CA GLY D 667 28.00 26.64 13.22
C GLY D 667 27.59 25.39 12.45
N THR D 668 27.60 24.23 13.10
CA THR D 668 27.25 22.97 12.43
C THR D 668 25.74 22.78 12.29
N ALA D 669 24.99 23.69 12.89
CA ALA D 669 23.54 23.67 12.87
C ALA D 669 23.04 24.94 12.20
N ASP D 670 23.82 25.45 11.26
CA ASP D 670 23.45 26.66 10.54
C ASP D 670 22.49 26.23 9.45
N ASP D 671 21.21 26.53 9.64
CA ASP D 671 20.17 26.20 8.67
C ASP D 671 20.16 27.19 7.52
N ASN D 672 20.71 28.37 7.76
CA ASN D 672 20.73 29.42 6.75
C ASN D 672 21.90 29.19 5.78
N VAL D 673 23.11 29.45 6.24
CA VAL D 673 24.30 29.21 5.43
C VAL D 673 24.78 27.87 5.98
N HIS D 674 24.43 26.81 5.26
CA HIS D 674 24.77 25.47 5.68
C HIS D 674 26.25 25.22 5.97
N PHE D 675 26.52 24.35 6.94
CA PHE D 675 27.87 24.03 7.31
C PHE D 675 28.58 23.57 6.04
N GLN D 676 27.83 22.86 5.20
CA GLN D 676 28.35 22.36 3.93
C GLN D 676 29.25 23.38 3.29
N GLN D 677 28.83 24.63 3.31
CA GLN D 677 29.61 25.70 2.70
C GLN D 677 31.07 25.79 3.17
N SER D 678 31.31 25.64 4.48
CA SER D 678 32.67 25.67 5.00
C SER D 678 33.29 24.29 4.80
N ALA D 679 32.49 23.24 4.97
CA ALA D 679 32.99 21.90 4.77
C ALA D 679 33.64 21.83 3.39
N GLN D 680 32.97 22.40 2.38
CA GLN D 680 33.48 22.38 1.03
C GLN D 680 34.72 23.26 0.80
N LEU D 681 34.71 24.37 1.49
CA LEU D 681 35.82 25.29 1.43
C LEU D 681 37.11 24.68 2.03
N SER D 682 37.12 24.17 3.27
CA SER D 682 38.28 23.54 3.89
C SER D 682 38.80 22.40 3.01
N LYS D 683 37.88 21.60 2.50
CA LYS D 683 38.29 20.49 1.65
C LYS D 683 39.15 21.03 0.50
N ALA D 684 38.69 22.12 -0.14
CA ALA D 684 39.44 22.72 -1.25
C ALA D 684 40.84 23.13 -0.77
N LEU D 685 40.89 23.84 0.34
CA LEU D 685 42.16 24.27 0.88
C LEU D 685 43.06 23.05 1.18
N VAL D 686 42.51 22.03 1.83
CA VAL D 686 43.30 20.85 2.14
C VAL D 686 43.86 20.21 0.86
N ASP D 687 43.08 20.24 -0.21
CA ASP D 687 43.49 19.65 -1.47
C ASP D 687 44.45 20.54 -2.24
N ALA D 688 44.63 21.77 -1.75
CA ALA D 688 45.55 22.69 -2.39
C ALA D 688 46.80 22.80 -1.53
N GLY D 689 46.90 21.92 -0.54
CA GLY D 689 48.04 21.91 0.35
C GLY D 689 48.24 23.18 1.16
N VAL D 690 47.13 23.89 1.39
CA VAL D 690 47.16 25.15 2.14
C VAL D 690 46.84 24.92 3.61
N ASP D 691 47.54 25.62 4.50
CA ASP D 691 47.28 25.47 5.92
C ASP D 691 46.45 26.63 6.43
N PHE D 692 45.46 26.31 7.25
CA PHE D 692 44.58 27.34 7.79
C PHE D 692 44.06 26.81 9.10
N GLN D 693 43.44 27.69 9.86
CA GLN D 693 42.88 27.33 11.15
C GLN D 693 41.37 27.24 11.06
N THR D 694 40.81 26.32 11.83
CA THR D 694 39.37 26.11 11.81
C THR D 694 38.75 26.18 13.21
N MET D 695 37.42 26.27 13.25
CA MET D 695 36.66 26.31 14.51
C MET D 695 35.20 26.06 14.26
N TRP D 696 34.73 24.86 14.61
CA TRP D 696 33.34 24.53 14.41
C TRP D 696 32.63 24.77 15.74
N TYR D 697 31.31 24.96 15.69
CA TYR D 697 30.52 25.17 16.91
C TYR D 697 29.31 24.22 16.93
N THR D 698 29.45 23.14 17.67
CA THR D 698 28.41 22.14 17.77
C THR D 698 27.02 22.71 18.08
N ASP D 699 26.14 22.53 17.11
CA ASP D 699 24.75 22.95 17.22
C ASP D 699 24.45 24.43 17.17
N GLU D 700 25.47 25.29 17.22
CA GLU D 700 25.18 26.71 17.10
C GLU D 700 24.71 26.90 15.67
N ASP D 701 23.92 27.94 15.40
CA ASP D 701 23.46 28.18 14.04
C ASP D 701 24.11 29.44 13.47
N HIS D 702 23.51 30.00 12.43
CA HIS D 702 24.06 31.17 11.76
C HIS D 702 24.46 32.33 12.68
N GLY D 703 23.73 32.48 13.77
CA GLY D 703 24.04 33.55 14.68
C GLY D 703 25.03 33.17 15.75
N ILE D 704 25.30 31.86 15.91
CA ILE D 704 26.23 31.37 16.93
C ILE D 704 26.00 32.26 18.14
N ALA D 705 24.74 32.29 18.58
CA ALA D 705 24.34 33.17 19.66
C ALA D 705 24.08 32.64 21.07
N SER D 706 24.28 31.35 21.33
CA SER D 706 24.08 30.92 22.71
C SER D 706 25.04 31.83 23.47
N ASN D 707 24.76 32.10 24.75
CA ASN D 707 25.66 32.98 25.48
C ASN D 707 27.06 32.43 25.59
N MET D 708 27.19 31.13 25.81
CA MET D 708 28.51 30.53 25.92
C MET D 708 29.28 30.59 24.61
N ALA D 709 28.62 30.22 23.52
CA ALA D 709 29.26 30.26 22.21
C ALA D 709 29.63 31.69 21.88
N HIS D 710 28.64 32.57 21.94
CA HIS D 710 28.87 33.97 21.65
C HIS D 710 30.18 34.47 22.24
N GLN D 711 30.49 34.07 23.46
CA GLN D 711 31.70 34.51 24.12
C GLN D 711 32.94 33.86 23.56
N HIS D 712 32.87 32.54 23.44
CA HIS D 712 33.97 31.74 22.95
C HIS D 712 34.49 32.21 21.59
N ILE D 713 33.60 32.43 20.63
CA ILE D 713 34.00 32.85 19.30
C ILE D 713 34.68 34.21 19.29
N TYR D 714 34.27 35.10 20.18
CA TYR D 714 34.92 36.39 20.20
C TYR D 714 36.24 36.31 20.95
N THR D 715 36.33 35.44 21.95
CA THR D 715 37.58 35.33 22.67
C THR D 715 38.56 34.68 21.68
N HIS D 716 38.09 33.61 21.05
CA HIS D 716 38.90 32.88 20.07
C HIS D 716 39.43 33.84 19.01
N MET D 717 38.54 34.54 18.30
CA MET D 717 38.94 35.46 17.25
C MET D 717 39.84 36.58 17.75
N SER D 718 39.71 36.91 19.03
CA SER D 718 40.53 37.95 19.62
C SER D 718 41.96 37.44 19.73
N HIS D 719 42.12 36.20 20.19
CA HIS D 719 43.43 35.59 20.32
C HIS D 719 44.11 35.55 18.96
N PHE D 720 43.42 34.96 17.98
CA PHE D 720 43.90 34.83 16.62
C PHE D 720 44.37 36.18 16.08
N LEU D 721 43.54 37.19 16.27
CA LEU D 721 43.89 38.52 15.80
C LEU D 721 45.17 39.04 16.48
N LYS D 722 45.24 38.91 17.80
CA LYS D 722 46.41 39.35 18.55
C LYS D 722 47.67 38.62 18.09
N GLN D 723 47.55 37.32 17.83
CA GLN D 723 48.70 36.57 17.36
C GLN D 723 49.20 37.22 16.08
N CYS D 724 48.36 37.16 15.05
CA CYS D 724 48.69 37.72 13.74
C CYS D 724 49.23 39.15 13.77
N PHE D 725 48.72 39.98 14.67
CA PHE D 725 49.19 41.36 14.78
C PHE D 725 50.39 41.49 15.69
N SER D 726 50.89 40.35 16.16
CA SER D 726 52.05 40.33 17.03
C SER D 726 51.75 41.13 18.29
N LEU D 727 50.52 41.07 18.76
CA LEU D 727 50.15 41.79 19.97
C LEU D 727 50.13 40.88 21.19
N PRO D 728 50.71 41.34 22.31
CA PRO D 728 50.74 40.56 23.54
C PRO D 728 49.36 40.30 24.14
#